data_9GCG
#
_entry.id   9GCG
#
_cell.length_a   1.00
_cell.length_b   1.00
_cell.length_c   1.00
_cell.angle_alpha   90.00
_cell.angle_beta   90.00
_cell.angle_gamma   90.00
#
_symmetry.space_group_name_H-M   'P 1'
#
loop_
_entity.id
_entity.type
_entity.pdbx_description
1 polymer 'RuvB-like 1'
2 polymer 'RuvB-like 2'
3 polymer 'INO80 complex subunit C'
4 polymer 'Chromatin-remodeling ATPase INO80'
5 polymer 'INO80 complex subunit B'
6 polymer 'Actin-related protein 5'
7 polymer 'Nucleosomal DNA Strand 1 (152-MER)'
8 polymer 'Nucleosomal DNA Strand 2 (152-MER)'
9 polymer 'Histone H3.1'
10 polymer 'Histone H4'
11 polymer 'Histone H2A.Z'
12 polymer 'Histone H2B type 2-E'
13 polymer 'Histone H2A.Z'
14 non-polymer "ADENOSINE-5'-DIPHOSPHATE"
15 non-polymer "ADENOSINE-5'-TRIPHOSPHATE"
16 non-polymer 'ZINC ION'
#
loop_
_entity_poly.entity_id
_entity_poly.type
_entity_poly.pdbx_seq_one_letter_code
_entity_poly.pdbx_strand_id
1 'polypeptide(L)'
;MKIEEVKSTTKTQRIASHSHVKGLGLDESGLAKQAASGLVGQENAREACGVIVELIKSKKMAGRAVLLAGPPGTGKTALA
LAIAQELGSKVPFCPMVGSEVYSTEIKKTEVLMENFRRAIGLRIKETKEVYEGEVTELTPCETENPMGGYGKTISHVIIG
LKTAKGTKQLKLDPSIFESLQKERVEAGDVIYIEANSGAVKRQGRCDTYATEFDLEAEEYVPLPKGDVHKKKEIIQDVTL
HDLDVANARPQGGQDILSMMGQLMKPKKTEITDKLRGEINKVVNKYIDQGIAELVPGVLFVDEVHMLDIECFTYLHRALE
SSIAPIVIFASNRGNCVIRGTEDITSPHGIPLDLLDRVMIIRTMLYTPQEMKQIIKIRAQTEGINISEEALNHLGEIGTK
TTLRYSVQLLTPANLLAKINGKDSIEKEHVEEISELFYDAKSSAKILADQQDKYMK
;
C,A,B
2 'polypeptide(L)'
;MATVTATTKVPEIRDVTRIERIGAHSHIRGLGLDDALEPRQASQGMVGQLAARRAAGVVLEMIREGKIAGRAVLIAGQPG
TGKTAIAMGMAQALGPDTPFTAIAGSEIFSLEMSKTEALTQAFRRSIGVRIKEETEIIEGEVVEIQIDRPATGTGSKVGK
LTLKTTEMETIYDLGTKMIESLTKDKVQAGDVITIDKATGKISKLGRSFTRARDYDAMGSQTKFVQCPDGELQKRKEVVH
TVSLHEIDVINSRTQGFLALFSGDTGEIKSEVREQINAKVAEWREEGKAEIIPGVLFIDEVHMLDIESFSFLNRALESDM
APVLIMATNRGITRIRGTSYQSPHGIPIDLLDRLLIVSTTPYSEKDTKQILRIRCEEEDVEMSEDAYTVLTRIGLETSLR
YAIQLITAASLVCRKRKGTEVQVDDIKRVYSLFLDESRSTQYMKEYQDAFLFNELKGETMDTS
;
E,D,F
3 'polypeptide(L)'
;MAAQIPIVATTSTPGIVRNSKKRPASPSHNGSSGGGYGASKKKKASASSFAQGISMEAMSENKMVPSEFSTGPVEKAAKP
LPFKDPNFVHSGHGGAVAGKKNRTWKNLKQILASERALPWQLNDPNYFSIDAPPSFKPAKKYSDVSGLLANYTDPQSKLR
FSTIEEFSYIRRLPSDVVTGYLALRKATSIVP
;
I
4 'polypeptide(L)'
;MASELGARDDGGCTELAKPLYLQYLERALRLDHFLRQTSAIFNRNISSDDSEDGLDDSNPLLPQSGDPLIQVKEEPPNSL
LGETSGAGSSGMLNTYSLNGVLQSESKCDKGNLYNFSKLKKSRKWLKSILLSDESSEADSQSEDDDEEELNLSREELHNM
LRLHKYKKLHQNKYSKDKELQQYQYYSAGLLSTYDPFYEQQRHLLGPKKKKFKEEKKLKAKLKKVKKKRRRDEELSSEES
PRRHHHQTKVFAKFSHDAPPPGTKKKHLSIEQLNARRRKVWLSIVKKELPKANKQKASARNLFLTNSRKLAHQCMKEVRR
AALQAQKNCKETLPRARRLTKEMLLYWKKYEKVEKEHRKRAEKEALEQRKLDEEMREAKRQQRKLNFLITQTELYAHFMS
RKRDMGHDGIQEEILRKLEDSSTQRQIDIGGGVVVNITQEDYDSNHFKAQALKNAENAYHIHQARTRSFDEDAKESRAAA
LRAANKSGTGFGESYSLANPSIRAGEDIPQPTIFNGKLKGYQLKGMNWLANLYEQGINGILADEMGLGKTVQSIALLAHL
AERENIWGPFLIISPASTLNNWHQEFTRFVPKFKVLPYWGNPHDRKVIRRFWSQKTLYTQDAPFHVVITSYQLVVQDVKY
FQRVKWQYMVLDEAQALKSSSSVRWKILLQFQCRNRLLLTGTPIQNTMAELWALLHFIMPTLFDSHEEFNEWFSKDIESH
AENKSAIDENQLSRLHMILKPFMLRRIKKDVENELSDKIEILMYCQLTSRQKLLYQALKNKISIEDLLQSSMGSTQQAQN
TTSSLMNLVMQFRKVCNHPELFERQETWSPFHISLKPYHISKFIYRHGQIRVFNHSRDRWLRVLSPFAPDYIQRSLFHRK
GINEESCFSFLRFIDISPAEMANLMLQGLLARWLALFLSLKASYRLHQLRSWGAPEGESHQRYLRNKDFLLGVNFPLSFP
NLCSCPLLKSLVFSSHCKAVSGYSDQVVHQRRSATSSLRRCLLTELPSFLCVASPRVTAVPLDSYCNDRSAEYERRVLKE
GGSLAAKQCLLNGAPELAADWLNRRSQFFPEPAGGLWSIRPQNGWSFIRIPGKESLITDSGKLYALDVLLTRLKSQGHRV
LIYSQMTRMIDLLEEYMVYRKHTYMRLDGSSKISERRDMVADFQNRNDIFVFLLSTRAGGLGINLTAADTVIFYDSDWNP
TVDQQAMDRAHRLGQTKQVTVYRLICKGTIEERILQRAKEKSEIQRMVISGGNFKPDTLKPKEVVSLLLDDEELEKKLRL
RQEEKRQQEETNRVKERKRKREKYAEKKKKEDELDGKRRKEGVNLVIPFVPSADNSNLSADGDDSFISVDSAMPSPFSEI
SISSELHTGSIPLDESSSDMLVIVDDPASSAPQSRATNSPASITGSVSDTVNGISIQEMPAAGRGHSARSRGRPKGSGST
AKGAGKGRSRKSTAGSAAAMAGAKAGAAAASAAAYAAYGYNVSKGISASSPLQTSLVRPAGLADFGPSSASSPLSSPLSK
GNNVPGNPKNLHMTSSLAPDSLVRKQGKGTNPSGGR
;
G
5 'polypeptide(L)'
;MSKLWRRGSTSGAMEAPEPGEALELSLAGAHGHGVHKKKHKKHKKKHKKKHHQEEDAGPTQPSPAKPQLKLKIKLGGQVL
GTKSVPTFTVIPEGPRSPSPLMVVDNEEEPMEGVPLEQYRAWLDEDSNLSPSPLRDLSGGLGGQEEEEEQRWLDALEKGE
LDDNGDLKKEINERLLTARQRALLQKARSQPSPMLPLPVAEGCPPPALTEEMLLKREERARKRRLQAARRAEEHKNQTIE
RLTKTAATSGRGGRGGARGERRGGRAAAPAPMVRYCSGAQGSTLSFPPGVPAPTAVSQRPSPSGPPPRCSVPGCPHPRRY
ACSRTGQALCSLQCYRINLQMRLGGPEGPGSPLLAT
;
H
6 'polypeptide(L)'
;MAANVFPFRDARAAPDPVLEAGPVAHGPLPVPLVLDNGSFQVRAGWACPGQDPGPEPRLQFRAVCARGRGGARGASGPQV
GNALGSLEPLRWMLRSPFDRNVPVNLELQELLLDYSFQHLGVSSQGCVDHPIVLTEAVCNPLYSRQMMSELLFECYGIPK
VAYGIDSLFSFYHNKPKNSMCSGLIISSGYQCTHVLPILEGRLDAKNCKRINLGGSQAAGYLQRLLQLKYPGHLAAITLS
RMEEILHEHSYIAEDYVEELHKWRCPDYYENNVHKMQLPFSSKLLGSTLTSEEKQERRQQQLRRLQELNARRREEKLQLD
QERLDRLLYVQELLEDGQMDQFHKALIELNMDSPEELQSYIQKLSIAVEQAKQKILQAEVNLEVDVVDSKPETPDLEQLE
PSLEDVESMNDFDPLFSEETPGVEKPVTTVQPVFNLAAYHQLFVGTERIRAPEIIFQPSLIGEEQAGIAETLQYILDRYP
KDIQEMLVQNVFLTGGNTMYPGMKARMEKELLEMRPFRSSFQVQLASNPVLDAWYGARDWALNHLDDNEVWITRKEYEEK
GGEYLKEHCASNIYVPIRLPKQASRSSDAQASSKGSAAGGGGAGEQA
;
J
7 'polydeoxyribonucleotide'
;(DC)(DA)(DA)(DT)(DA)(DT)(DC)(DC)(DC)(DG)(DA)(DG)(DT)(DA)(DC)(DA)(DT)(DG)(DC)(DA)
(DC)(DA)(DG)(DG)(DA)(DT)(DG)(DT)(DA)(DT)(DA)(DT)(DA)(DT)(DC)(DT)(DG)(DA)(DC)(DA)
(DC)(DG)(DT)(DG)(DC)(DC)(DT)(DG)(DG)(DA)(DG)(DA)(DC)(DT)(DA)(DG)(DG)(DG)(DA)(DG)
(DT)(DA)(DA)(DT)(DC)(DC)(DC)(DC)(DT)(DT)(DG)(DG)(DC)(DG)(DG)(DT)(DT)(DA)(DA)(DA)
(DA)(DC)(DG)(DC)(DG)(DG)(DG)(DG)(DG)(DA)(DC)(DA)(DG)(DC)(DG)(DC)(DG)(DT)(DA)(DC)
(DG)(DT)(DG)(DC)(DG)(DT)(DT)(DT)(DA)(DA)(DG)(DC)(DG)(DG)(DT)(DG)(DC)(DT)(DA)(DG)
(DA)(DG)(DC)(DT)(DG)(DT)(DC)(DT)(DA)(DC)(DG)(DA)(DC)(DC)(DA)(DA)(DT)(DT)(DG)(DA)
(DG)(DC)(DG)(DG)(DC)(DC)(DT)(DC)(DG)(DG)(DC)(DA)
;
K
8 'polydeoxyribonucleotide'
;(DT)(DG)(DC)(DC)(DG)(DA)(DG)(DG)(DC)(DC)(DG)(DC)(DT)(DC)(DA)(DA)(DT)(DT)(DG)(DG)
(DT)(DC)(DG)(DT)(DA)(DG)(DA)(DC)(DA)(DG)(DC)(DT)(DC)(DT)(DA)(DG)(DC)(DA)(DC)(DC)
(DG)(DC)(DT)(DT)(DA)(DA)(DA)(DC)(DG)(DC)(DA)(DC)(DG)(DT)(DA)(DC)(DG)(DC)(DG)(DC)
(DT)(DG)(DT)(DC)(DC)(DC)(DC)(DC)(DG)(DC)(DG)(DT)(DT)(DT)(DT)(DA)(DA)(DC)(DC)(DG)
(DC)(DC)(DA)(DA)(DG)(DG)(DG)(DG)(DA)(DT)(DT)(DA)(DC)(DT)(DC)(DC)(DC)(DT)(DA)(DG)
(DT)(DC)(DT)(DC)(DC)(DA)(DG)(DG)(DC)(DA)(DC)(DG)(DT)(DG)(DT)(DC)(DA)(DG)(DA)(DT)
(DA)(DT)(DA)(DT)(DA)(DC)(DA)(DT)(DC)(DC)(DT)(DG)(DT)(DG)(DC)(DA)(DT)(DG)(DT)(DA)
(DC)(DT)(DC)(DG)(DG)(DG)(DA)(DT)(DA)(DT)(DT)(DG)
;
L
9 'polypeptide(L)'
;MARTKQTARKSTGGKAPRKQLATKAARKSAPATGGVKKPHRYRPGTVALREIRRYQKSTELLIRKLPFQRLVREIAQDFK
TDLRFQSSAVMALQEACEAYLVGLFEDTNLCAIHAKRVTIMPKDIQLARRIRGERA
;
M,Q
10 'polypeptide(L)'
;SGRGKGGKGLGKGGAKRHRKVLRDNIQGITKPAIRRLARRGGVKRISGLIYEETRGVLKVFLENVIRDAVTYTEHAKRKT
VTAMDVVYALKRQGRTLYGFGG
;
N,R
11 'polypeptide(L)'
;AGGKAGKDSGKAKTKAVSRSQRAGLQFPVGRIHRHLKSRTTSHGRVGATAAVYSAAILEYLTAEVLELAGNASKDLKVKR
ITPRHLQLAIRGDEELDSLIKATIAGGGVIPHIHKSLIGKKGQQKTV
;
O
12 'polypeptide(L)'
;PEPAKSAPAPKKGSKKAVTKAQKKDGKKRKRSRKESYSIYVYKVLKQVHPDTGISSKAMGIMNSFVNDIFERIAGEASRL
AHYNKRSTITSREIQTAVRLLLPGELAKHAVSEGTKAVTKYTSSK
;
P,T
13 'polypeptide(L)'
;AGGKAGKDSGKAKTKAVSRSQRAGLQFPVGRIHRHLKSRTTSHGRVGATAAVYSAAILEYLTAEVLELAGNASKDLKVKR
ITPRHLQLAIRGDEELDSLIKATIAGGGVLPHIHKSLIGKKGQQKTV
;
S
#
loop_
_chem_comp.id
_chem_comp.type
_chem_comp.name
_chem_comp.formula
ADP non-polymer ADENOSINE-5'-DIPHOSPHATE 'C10 H15 N5 O10 P2'
ATP non-polymer ADENOSINE-5'-TRIPHOSPHATE 'C10 H16 N5 O13 P3'
DA DNA linking 2'-DEOXYADENOSINE-5'-MONOPHOSPHATE 'C10 H14 N5 O6 P'
DC DNA linking 2'-DEOXYCYTIDINE-5'-MONOPHOSPHATE 'C9 H14 N3 O7 P'
DG DNA linking 2'-DEOXYGUANOSINE-5'-MONOPHOSPHATE 'C10 H14 N5 O7 P'
DT DNA linking THYMIDINE-5'-MONOPHOSPHATE 'C10 H15 N2 O8 P'
ZN non-polymer 'ZINC ION' 'Zn 2'
#
# COMPACT_ATOMS: atom_id res chain seq x y z
N THR A 12 44.36 15.75 46.07
CA THR A 12 45.42 16.18 45.11
C THR A 12 45.59 15.15 43.99
N GLN A 13 46.22 15.59 42.89
CA GLN A 13 46.32 14.82 41.65
C GLN A 13 47.21 13.59 41.84
N ARG A 14 46.86 12.47 41.17
CA ARG A 14 47.66 11.26 41.33
C ARG A 14 48.91 11.34 40.45
N ILE A 15 49.87 10.47 40.82
CA ILE A 15 51.22 10.44 40.29
C ILE A 15 51.36 9.29 39.29
N ALA A 16 52.11 9.56 38.22
CA ALA A 16 52.27 8.64 37.11
C ALA A 16 53.75 8.54 36.66
N SER A 17 53.99 7.67 35.67
CA SER A 17 55.34 7.29 35.29
C SER A 17 56.13 8.43 34.61
N HIS A 18 55.45 9.56 34.29
CA HIS A 18 56.13 10.70 33.72
C HIS A 18 55.83 12.04 34.42
N SER A 19 55.35 12.01 35.67
CA SER A 19 54.81 13.22 36.27
C SER A 19 55.88 14.30 36.55
N HIS A 20 57.15 13.90 36.57
CA HIS A 20 58.22 14.84 36.86
C HIS A 20 58.74 15.55 35.62
N VAL A 21 58.44 15.08 34.42
CA VAL A 21 59.00 15.71 33.24
C VAL A 21 58.31 17.05 32.98
N LYS A 22 59.09 18.14 33.15
CA LYS A 22 58.55 19.49 33.07
C LYS A 22 59.10 20.33 31.89
N GLY A 23 60.12 19.83 31.18
CA GLY A 23 60.68 20.53 30.02
C GLY A 23 61.96 19.86 29.53
N LEU A 24 62.61 20.44 28.50
CA LEU A 24 63.87 19.91 27.99
C LEU A 24 65.07 20.37 28.84
N GLY A 25 64.96 21.56 29.46
CA GLY A 25 66.00 22.03 30.36
C GLY A 25 67.27 22.38 29.59
N LEU A 26 67.20 23.49 28.84
CA LEU A 26 68.31 23.97 28.02
C LEU A 26 68.73 25.37 28.49
N ASP A 27 69.99 25.71 28.21
CA ASP A 27 70.48 27.09 28.26
C ASP A 27 69.81 27.95 27.19
N GLU A 28 69.92 29.27 27.28
CA GLU A 28 69.53 30.16 26.18
C GLU A 28 70.30 29.85 24.88
N SER A 29 71.54 29.39 25.02
CA SER A 29 72.40 28.99 23.91
C SER A 29 71.96 27.66 23.29
N GLY A 30 70.98 26.96 23.87
CA GLY A 30 70.44 25.73 23.29
C GLY A 30 71.21 24.45 23.66
N LEU A 31 72.32 24.60 24.38
CA LEU A 31 73.04 23.48 25.00
C LEU A 31 72.20 22.92 26.16
N ALA A 32 72.31 21.63 26.43
CA ALA A 32 71.57 21.01 27.52
C ALA A 32 72.27 21.21 28.87
N LYS A 33 71.48 21.28 29.95
CA LYS A 33 72.00 21.15 31.31
C LYS A 33 72.01 19.68 31.76
N GLN A 34 72.97 19.31 32.62
CA GLN A 34 73.09 17.94 33.12
C GLN A 34 71.82 17.48 33.82
N ALA A 35 71.19 18.37 34.62
CA ALA A 35 69.92 18.05 35.28
C ALA A 35 69.08 19.31 35.42
N ALA A 36 67.90 19.31 34.78
CA ALA A 36 67.02 20.48 34.75
C ALA A 36 65.63 20.09 34.28
N SER A 37 64.61 20.80 34.78
CA SER A 37 63.21 20.56 34.44
C SER A 37 62.82 19.08 34.54
N GLY A 38 63.48 18.36 35.45
CA GLY A 38 63.09 17.00 35.77
C GLY A 38 63.89 15.95 35.00
N LEU A 39 64.53 16.34 33.88
CA LEU A 39 65.30 15.43 33.06
C LEU A 39 66.76 15.42 33.51
N VAL A 40 67.44 14.28 33.31
CA VAL A 40 68.89 14.21 33.43
C VAL A 40 69.52 13.49 32.22
N GLY A 41 70.73 13.89 31.84
CA GLY A 41 71.46 13.16 30.81
C GLY A 41 70.87 13.28 29.41
N GLN A 42 71.24 12.32 28.52
CA GLN A 42 70.83 12.29 27.13
C GLN A 42 71.12 13.59 26.38
N GLU A 43 72.21 14.31 26.68
CA GLU A 43 72.28 15.71 26.29
C GLU A 43 72.11 15.92 24.79
N ASN A 44 72.79 15.14 23.93
CA ASN A 44 72.67 15.33 22.49
C ASN A 44 71.22 15.14 22.01
N ALA A 45 70.51 14.16 22.56
CA ALA A 45 69.11 13.92 22.20
C ALA A 45 68.19 15.03 22.71
N ARG A 46 68.50 15.60 23.87
CA ARG A 46 67.74 16.72 24.36
C ARG A 46 68.04 17.96 23.52
N GLU A 47 69.30 18.17 23.12
CA GLU A 47 69.65 19.28 22.24
C GLU A 47 68.91 19.18 20.90
N ALA A 48 68.82 17.92 20.38
CA ALA A 48 68.10 17.62 19.14
C ALA A 48 66.62 17.96 19.27
N CYS A 49 65.99 17.54 20.36
CA CYS A 49 64.61 17.90 20.58
C CYS A 49 64.44 19.41 20.72
N GLY A 50 65.46 20.11 21.25
CA GLY A 50 65.49 21.56 21.26
C GLY A 50 65.25 22.11 19.85
N VAL A 51 65.98 21.58 18.83
CA VAL A 51 65.84 22.02 17.46
C VAL A 51 64.42 21.75 16.96
N ILE A 52 63.87 20.57 17.28
CA ILE A 52 62.54 20.19 16.84
C ILE A 52 61.47 21.12 17.43
N VAL A 53 61.62 21.57 18.69
CA VAL A 53 60.69 22.52 19.27
C VAL A 53 60.71 23.80 18.44
N GLU A 54 61.89 24.28 18.03
CA GLU A 54 61.97 25.50 17.23
C GLU A 54 61.32 25.30 15.86
N LEU A 55 61.49 24.09 15.30
CA LEU A 55 60.86 23.74 14.03
C LEU A 55 59.34 23.81 14.13
N ILE A 56 58.75 23.25 15.18
CA ILE A 56 57.31 23.28 15.37
C ILE A 56 56.83 24.70 15.63
N LYS A 57 57.55 25.49 16.44
CA LYS A 57 57.15 26.86 16.70
C LYS A 57 57.29 27.80 15.48
N SER A 58 58.10 27.42 14.47
CA SER A 58 58.34 28.27 13.31
C SER A 58 57.12 28.46 12.41
N LYS A 59 56.20 27.46 12.40
CA LYS A 59 55.02 27.39 11.55
C LYS A 59 55.35 27.37 10.04
N LYS A 60 56.62 27.19 9.65
CA LYS A 60 56.98 27.22 8.23
C LYS A 60 56.61 25.93 7.50
N MET A 61 56.71 24.79 8.19
CA MET A 61 56.91 23.50 7.54
C MET A 61 55.74 22.54 7.75
N ALA A 62 55.63 21.58 6.82
CA ALA A 62 54.62 20.53 6.88
C ALA A 62 55.29 19.16 6.75
N GLY A 63 54.76 18.18 7.45
CA GLY A 63 55.04 16.80 7.12
C GLY A 63 56.42 16.31 7.56
N ARG A 64 57.30 17.21 8.05
CA ARG A 64 58.63 16.72 8.44
C ARG A 64 58.51 15.84 9.67
N ALA A 65 59.38 14.85 9.81
CA ALA A 65 59.18 13.84 10.85
C ALA A 65 60.50 13.32 11.41
N VAL A 66 60.43 12.81 12.65
CA VAL A 66 61.58 12.36 13.43
C VAL A 66 61.23 11.04 14.08
N LEU A 67 62.21 10.17 14.24
CA LEU A 67 62.05 8.89 14.91
C LEU A 67 62.99 8.88 16.10
N LEU A 68 62.43 8.71 17.30
CA LEU A 68 63.29 8.48 18.44
C LEU A 68 63.63 7.01 18.58
N ALA A 69 64.88 6.64 18.38
CA ALA A 69 65.26 5.24 18.35
C ALA A 69 66.23 4.88 19.45
N GLY A 70 65.95 3.76 20.15
CA GLY A 70 66.79 3.37 21.27
C GLY A 70 66.18 2.30 22.15
N PRO A 71 66.98 1.57 22.95
CA PRO A 71 66.47 0.41 23.69
C PRO A 71 65.35 0.71 24.67
N PRO A 72 64.69 -0.30 25.25
CA PRO A 72 63.71 -0.11 26.31
C PRO A 72 64.25 0.72 27.48
N GLY A 73 63.42 1.66 27.94
CA GLY A 73 63.67 2.41 29.16
C GLY A 73 64.87 3.31 29.01
N THR A 74 64.93 4.03 27.89
CA THR A 74 66.03 4.98 27.67
C THR A 74 65.55 6.41 27.54
N GLY A 75 64.24 6.68 27.42
CA GLY A 75 63.74 8.02 27.65
C GLY A 75 63.07 8.60 26.43
N LYS A 76 62.84 7.80 25.39
CA LYS A 76 62.20 8.31 24.19
C LYS A 76 60.78 8.82 24.40
N THR A 77 59.99 8.14 25.25
CA THR A 77 58.66 8.64 25.58
C THR A 77 58.74 9.90 26.43
N ALA A 78 59.63 9.91 27.41
CA ALA A 78 59.84 11.09 28.24
C ALA A 78 60.17 12.31 27.39
N LEU A 79 61.12 12.17 26.45
CA LEU A 79 61.51 13.28 25.59
C LEU A 79 60.34 13.76 24.72
N ALA A 80 59.54 12.84 24.20
CA ALA A 80 58.41 13.24 23.39
C ALA A 80 57.44 14.05 24.22
N LEU A 81 57.22 13.66 25.49
CA LEU A 81 56.33 14.40 26.39
C LEU A 81 56.93 15.75 26.74
N ALA A 82 58.24 15.80 26.91
CA ALA A 82 58.90 17.06 27.22
C ALA A 82 58.65 18.09 26.12
N ILE A 83 58.66 17.70 24.84
CA ILE A 83 58.37 18.63 23.76
C ILE A 83 56.99 19.29 23.92
N ALA A 84 56.00 18.52 24.38
CA ALA A 84 54.69 19.09 24.60
C ALA A 84 54.71 20.12 25.73
N GLN A 85 55.60 20.01 26.73
CA GLN A 85 55.72 21.00 27.77
C GLN A 85 56.32 22.31 27.23
N GLU A 86 57.31 22.21 26.34
CA GLU A 86 57.94 23.39 25.75
C GLU A 86 56.98 24.17 24.85
N LEU A 87 56.08 23.46 24.17
CA LEU A 87 55.10 24.11 23.32
C LEU A 87 53.94 24.68 24.13
N GLY A 88 53.56 23.98 25.23
CA GLY A 88 52.48 24.40 26.11
C GLY A 88 51.10 24.14 25.52
N SER A 89 50.04 24.58 26.22
CA SER A 89 48.68 24.11 25.97
C SER A 89 48.05 24.66 24.68
N LYS A 90 48.61 25.72 24.10
CA LYS A 90 47.90 26.48 23.07
C LYS A 90 48.00 25.85 21.68
N VAL A 91 48.91 24.87 21.50
CA VAL A 91 49.10 24.17 20.23
C VAL A 91 48.87 22.66 20.40
N PRO A 92 48.06 22.05 19.50
CA PRO A 92 47.58 20.69 19.71
C PRO A 92 48.70 19.69 19.58
N PHE A 93 48.85 18.86 20.60
CA PHE A 93 49.73 17.72 20.55
C PHE A 93 48.84 16.50 20.73
N CYS A 94 48.85 15.62 19.75
CA CYS A 94 47.92 14.51 19.68
C CYS A 94 48.70 13.20 19.87
N PRO A 95 48.51 12.47 20.99
CA PRO A 95 49.11 11.17 21.17
C PRO A 95 48.29 10.05 20.57
N MET A 96 48.98 9.03 20.06
CA MET A 96 48.42 7.80 19.50
C MET A 96 49.41 6.66 19.69
N VAL A 97 48.94 5.40 19.67
CA VAL A 97 49.85 4.25 19.61
C VAL A 97 49.64 3.55 18.29
N GLY A 98 50.66 2.85 17.77
CA GLY A 98 50.54 2.13 16.52
C GLY A 98 49.35 1.18 16.46
N SER A 99 49.03 0.55 17.61
CA SER A 99 47.92 -0.38 17.67
C SER A 99 46.52 0.24 17.54
N GLU A 100 46.37 1.55 17.48
CA GLU A 100 45.08 2.17 17.36
C GLU A 100 44.54 2.06 15.94
N VAL A 101 45.32 1.73 14.92
CA VAL A 101 44.81 1.84 13.56
C VAL A 101 43.80 0.73 13.25
N TYR A 102 43.81 -0.39 14.01
CA TYR A 102 43.06 -1.57 13.63
C TYR A 102 41.58 -1.54 14.05
N SER A 103 40.82 -0.51 13.63
CA SER A 103 39.43 -0.33 14.02
C SER A 103 38.49 -1.36 13.38
N THR A 104 37.32 -1.59 13.99
CA THR A 104 36.25 -2.40 13.40
C THR A 104 35.23 -1.60 12.59
N GLU A 105 35.29 -0.29 12.66
CA GLU A 105 34.31 0.56 12.01
C GLU A 105 34.86 1.10 10.70
N ILE A 106 36.18 1.21 10.59
CA ILE A 106 36.75 2.05 9.54
C ILE A 106 38.15 1.55 9.13
N LYS A 107 38.51 1.81 7.86
CA LYS A 107 39.77 1.28 7.31
C LYS A 107 41.01 1.92 7.93
N LYS A 108 42.12 1.15 7.96
CA LYS A 108 43.37 1.58 8.56
C LYS A 108 43.76 2.99 8.09
N THR A 109 43.70 3.28 6.78
CA THR A 109 44.27 4.54 6.29
C THR A 109 43.40 5.73 6.71
N GLU A 110 42.14 5.48 7.05
CA GLU A 110 41.30 6.58 7.51
C GLU A 110 41.64 6.95 8.94
N VAL A 111 41.95 5.96 9.78
CA VAL A 111 42.38 6.24 11.14
C VAL A 111 43.61 7.16 11.09
N LEU A 112 44.60 6.86 10.25
CA LEU A 112 45.76 7.74 10.16
C LEU A 112 45.36 9.13 9.68
N MET A 113 44.49 9.21 8.66
CA MET A 113 44.17 10.51 8.13
C MET A 113 43.37 11.37 9.12
N GLU A 114 42.52 10.76 9.94
CA GLU A 114 41.86 11.51 11.00
C GLU A 114 42.90 12.09 11.95
N ASN A 115 43.85 11.28 12.44
CA ASN A 115 44.84 11.78 13.36
C ASN A 115 45.69 12.91 12.75
N PHE A 116 46.04 12.82 11.49
CA PHE A 116 46.73 13.92 10.86
C PHE A 116 45.88 15.19 10.87
N ARG A 117 44.56 15.10 10.87
CA ARG A 117 43.72 16.30 10.89
C ARG A 117 43.38 16.74 12.32
N ARG A 118 43.61 15.89 13.33
CA ARG A 118 43.46 16.27 14.73
C ARG A 118 44.59 17.20 15.18
N ALA A 119 45.76 17.01 14.63
CA ALA A 119 46.94 17.76 15.02
C ALA A 119 47.04 19.10 14.30
N ILE A 120 45.95 19.64 13.75
CA ILE A 120 45.93 21.00 13.24
C ILE A 120 44.77 21.77 13.83
N GLY A 121 45.02 22.92 14.50
CA GLY A 121 43.97 23.67 15.18
C GLY A 121 43.64 25.01 14.53
N LEU A 122 42.40 25.47 14.70
CA LEU A 122 42.01 26.86 14.49
C LEU A 122 41.72 27.49 15.84
N ARG A 123 42.01 28.78 15.96
CA ARG A 123 41.57 29.62 17.06
C ARG A 123 40.79 30.76 16.44
N ILE A 124 39.50 30.86 16.75
CA ILE A 124 38.58 31.80 16.10
C ILE A 124 37.73 32.52 17.15
N LYS A 125 37.48 33.84 16.96
CA LYS A 125 36.96 34.66 18.06
C LYS A 125 35.76 35.50 17.65
N GLU A 126 34.74 35.51 18.54
CA GLU A 126 33.47 36.14 18.22
C GLU A 126 32.75 36.65 19.48
N THR A 127 31.97 37.73 19.28
CA THR A 127 31.09 38.33 20.28
C THR A 127 29.82 37.49 20.48
N LYS A 128 29.41 37.37 21.75
CA LYS A 128 28.08 36.91 22.07
C LYS A 128 27.32 38.06 22.74
N GLU A 129 26.04 38.25 22.35
CA GLU A 129 25.18 39.21 23.02
C GLU A 129 23.82 38.57 23.29
N VAL A 130 23.29 38.77 24.52
CA VAL A 130 22.01 38.20 24.92
C VAL A 130 21.28 39.13 25.90
N TYR A 131 19.95 39.13 25.82
CA TYR A 131 19.09 39.81 26.79
C TYR A 131 18.38 38.77 27.66
N GLU A 132 18.36 38.95 28.98
CA GLU A 132 17.67 38.00 29.84
C GLU A 132 17.15 38.69 31.11
N GLY A 133 16.10 38.07 31.71
CA GLY A 133 15.49 38.59 32.94
C GLY A 133 14.10 38.02 33.16
N GLU A 134 13.55 38.25 34.36
CA GLU A 134 12.15 37.94 34.62
C GLU A 134 11.26 38.96 33.91
N VAL A 135 10.22 38.49 33.20
CA VAL A 135 9.34 39.39 32.44
C VAL A 135 8.24 39.92 33.36
N THR A 136 8.26 41.25 33.56
CA THR A 136 7.36 41.94 34.46
C THR A 136 6.12 42.44 33.72
N GLU A 137 6.25 42.76 32.43
CA GLU A 137 5.15 43.30 31.64
C GLU A 137 5.29 42.94 30.17
N LEU A 138 4.16 42.74 29.50
CA LEU A 138 4.08 42.77 28.04
C LEU A 138 3.05 43.83 27.69
N THR A 139 3.51 44.88 27.00
CA THR A 139 2.73 46.09 26.78
C THR A 139 2.76 46.38 25.29
N PRO A 140 1.84 45.76 24.50
CA PRO A 140 1.63 46.10 23.09
C PRO A 140 1.13 47.53 23.01
N CYS A 141 1.83 48.32 22.19
CA CYS A 141 1.64 49.75 22.16
C CYS A 141 0.99 50.18 20.84
N GLU A 142 -0.17 50.85 20.92
CA GLU A 142 -0.90 51.30 19.75
C GLU A 142 -0.43 52.70 19.31
N THR A 143 -0.56 52.97 17.99
CA THR A 143 -0.41 54.33 17.48
C THR A 143 -1.69 55.12 17.75
N GLU A 144 -1.58 56.47 17.72
CA GLU A 144 -2.67 57.38 18.03
C GLU A 144 -3.86 57.20 17.08
N ASN A 145 -3.54 56.99 15.79
CA ASN A 145 -4.51 56.66 14.75
C ASN A 145 -4.07 55.36 14.08
N PRO A 146 -5.02 54.50 13.62
CA PRO A 146 -4.69 53.37 12.76
C PRO A 146 -4.36 53.85 11.35
N MET A 147 -3.73 52.99 10.54
CA MET A 147 -3.63 53.24 9.11
C MET A 147 -5.02 53.14 8.46
N GLY A 148 -5.17 53.74 7.27
CA GLY A 148 -6.49 53.93 6.65
C GLY A 148 -7.27 52.62 6.49
N GLY A 149 -8.51 52.59 7.02
CA GLY A 149 -9.40 51.45 6.87
C GLY A 149 -9.22 50.38 7.97
N TYR A 150 -8.12 50.48 8.73
CA TYR A 150 -7.84 49.50 9.78
C TYR A 150 -8.42 49.94 11.12
N GLY A 151 -8.65 48.95 12.01
CA GLY A 151 -9.26 49.18 13.31
C GLY A 151 -8.26 49.65 14.36
N LYS A 152 -7.12 48.95 14.46
CA LYS A 152 -6.00 49.37 15.28
C LYS A 152 -4.66 48.92 14.67
N THR A 153 -3.59 49.67 15.00
CA THR A 153 -2.23 49.35 14.57
C THR A 153 -1.26 49.49 15.75
N ILE A 154 -0.36 48.52 15.82
CA ILE A 154 0.62 48.39 16.89
C ILE A 154 1.99 48.72 16.29
N SER A 155 2.69 49.70 16.88
CA SER A 155 4.01 50.11 16.42
C SER A 155 5.12 49.24 17.01
N HIS A 156 4.93 48.80 18.25
CA HIS A 156 5.94 48.04 18.96
C HIS A 156 5.32 47.35 20.17
N VAL A 157 6.06 46.38 20.71
CA VAL A 157 5.79 45.85 22.02
C VAL A 157 6.84 46.38 22.99
N ILE A 158 6.42 46.67 24.23
CA ILE A 158 7.37 46.87 25.32
C ILE A 158 7.38 45.62 26.19
N ILE A 159 8.59 45.14 26.49
CA ILE A 159 8.80 44.07 27.44
C ILE A 159 9.68 44.62 28.56
N GLY A 160 9.22 44.46 29.80
CA GLY A 160 10.01 44.90 30.92
C GLY A 160 10.73 43.72 31.56
N LEU A 161 12.07 43.76 31.51
CA LEU A 161 12.88 42.70 32.09
C LEU A 161 13.56 43.16 33.38
N LYS A 162 13.61 42.27 34.38
CA LYS A 162 14.35 42.55 35.62
C LYS A 162 15.33 41.43 35.99
N THR A 163 16.43 41.86 36.63
CA THR A 163 17.51 41.01 37.12
C THR A 163 17.97 41.49 38.51
N ALA A 164 18.93 40.78 39.11
CA ALA A 164 19.40 41.13 40.44
C ALA A 164 20.10 42.50 40.48
N LYS A 165 20.45 43.05 39.31
CA LYS A 165 21.12 44.33 39.21
C LYS A 165 20.15 45.50 38.99
N GLY A 166 18.99 45.25 38.35
CA GLY A 166 18.05 46.31 38.02
C GLY A 166 16.90 45.87 37.13
N THR A 167 16.20 46.84 36.52
CA THR A 167 15.07 46.59 35.62
C THR A 167 15.16 47.58 34.44
N LYS A 168 14.78 47.15 33.21
CA LYS A 168 14.53 48.10 32.14
C LYS A 168 13.56 47.58 31.09
N GLN A 169 12.93 48.53 30.38
CA GLN A 169 12.09 48.24 29.24
C GLN A 169 12.95 48.02 28.00
N LEU A 170 12.61 46.96 27.24
CA LEU A 170 13.07 46.78 25.87
C LEU A 170 11.89 47.04 24.94
N LYS A 171 12.15 47.75 23.83
CA LYS A 171 11.13 48.02 22.82
C LYS A 171 11.40 47.14 21.60
N LEU A 172 10.40 46.40 21.12
CA LEU A 172 10.59 45.35 20.12
C LEU A 172 9.58 45.45 18.97
N ASP A 173 9.95 44.86 17.83
CA ASP A 173 9.09 44.74 16.67
C ASP A 173 7.84 43.92 16.99
N PRO A 174 6.62 44.32 16.52
CA PRO A 174 5.38 43.59 16.74
C PRO A 174 5.40 42.10 16.42
N SER A 175 6.24 41.68 15.47
CA SER A 175 6.36 40.28 15.09
C SER A 175 6.86 39.41 16.23
N ILE A 176 7.40 39.99 17.31
CA ILE A 176 7.80 39.20 18.47
C ILE A 176 6.58 38.51 19.09
N PHE A 177 5.40 39.11 18.97
CA PHE A 177 4.26 38.69 19.76
C PHE A 177 3.84 37.25 19.42
N GLU A 178 3.95 36.83 18.15
CA GLU A 178 3.64 35.45 17.77
C GLU A 178 4.51 34.47 18.55
N SER A 179 5.83 34.72 18.56
CA SER A 179 6.77 33.86 19.26
C SER A 179 6.48 33.76 20.77
N LEU A 180 6.04 34.88 21.37
CA LEU A 180 5.71 34.93 22.77
C LEU A 180 4.39 34.24 23.09
N GLN A 181 3.71 33.62 22.12
CA GLN A 181 2.62 32.72 22.43
C GLN A 181 2.85 31.30 21.90
N LYS A 182 3.86 31.10 21.03
CA LYS A 182 4.36 29.76 20.72
C LYS A 182 5.07 29.21 21.95
N GLU A 183 6.04 29.96 22.47
CA GLU A 183 6.50 29.75 23.84
C GLU A 183 5.38 30.17 24.78
N ARG A 184 5.16 29.41 25.86
CA ARG A 184 4.05 29.69 26.76
C ARG A 184 4.48 30.70 27.81
N VAL A 185 4.98 31.85 27.35
CA VAL A 185 5.45 32.95 28.21
C VAL A 185 4.28 33.62 28.94
N GLU A 186 4.47 33.80 30.25
CA GLU A 186 3.52 34.57 31.07
C GLU A 186 4.30 35.35 32.13
N ALA A 187 3.70 36.44 32.63
CA ALA A 187 4.42 37.34 33.52
C ALA A 187 4.91 36.63 34.80
N GLY A 188 6.20 36.80 35.12
CA GLY A 188 6.85 36.06 36.19
C GLY A 188 7.72 34.89 35.70
N ASP A 189 7.67 34.56 34.42
CA ASP A 189 8.69 33.76 33.76
C ASP A 189 10.01 34.51 33.62
N VAL A 190 11.12 33.76 33.52
CA VAL A 190 12.39 34.30 33.06
C VAL A 190 12.70 33.74 31.68
N ILE A 191 13.13 34.62 30.77
CA ILE A 191 13.35 34.31 29.36
C ILE A 191 14.70 34.86 28.88
N TYR A 192 15.14 34.44 27.68
CA TYR A 192 16.26 35.09 27.02
C TYR A 192 16.03 35.31 25.52
N ILE A 193 16.72 36.33 24.99
CA ILE A 193 16.67 36.72 23.60
C ILE A 193 18.09 36.80 23.04
N GLU A 194 18.35 36.08 21.93
CA GLU A 194 19.67 36.05 21.32
C GLU A 194 19.84 37.26 20.39
N ALA A 195 20.75 38.18 20.75
CA ALA A 195 20.75 39.51 20.16
C ALA A 195 21.19 39.54 18.70
N ASN A 196 21.88 38.48 18.26
CA ASN A 196 22.32 38.33 16.88
C ASN A 196 21.26 37.69 15.98
N SER A 197 20.08 37.28 16.52
CA SER A 197 19.13 36.43 15.82
C SER A 197 17.66 36.84 16.05
N GLY A 198 17.36 37.38 17.22
CA GLY A 198 16.03 37.90 17.49
C GLY A 198 15.08 36.85 18.08
N ALA A 199 15.52 35.59 18.17
CA ALA A 199 14.69 34.53 18.71
C ALA A 199 14.58 34.65 20.22
N VAL A 200 13.42 34.23 20.78
CA VAL A 200 13.18 34.24 22.22
C VAL A 200 12.89 32.84 22.77
N LYS A 201 13.40 32.54 23.97
CA LYS A 201 13.26 31.23 24.60
C LYS A 201 12.88 31.39 26.07
N ARG A 202 11.95 30.55 26.56
CA ARG A 202 11.58 30.53 27.97
C ARG A 202 12.54 29.63 28.76
N GLN A 203 12.90 30.01 29.99
CA GLN A 203 13.62 29.13 30.88
C GLN A 203 12.71 28.51 31.95
N GLY A 204 11.80 29.31 32.53
CA GLY A 204 10.82 28.82 33.50
C GLY A 204 10.30 29.93 34.42
N ARG A 205 9.39 29.61 35.35
CA ARG A 205 8.99 30.56 36.39
C ARG A 205 10.18 30.88 37.28
N CYS A 206 10.29 32.16 37.66
CA CYS A 206 11.29 32.60 38.60
C CYS A 206 11.14 31.95 39.98
N ASP A 207 12.27 31.63 40.61
CA ASP A 207 12.37 31.07 41.94
C ASP A 207 11.58 31.85 43.01
N THR A 208 11.34 33.14 42.78
CA THR A 208 10.55 34.00 43.67
C THR A 208 9.18 33.35 43.98
N TYR A 209 8.60 32.62 43.03
CA TYR A 209 7.23 32.15 43.15
C TYR A 209 7.14 30.68 43.59
N ALA A 210 8.24 30.08 44.03
CA ALA A 210 8.29 28.64 44.33
C ALA A 210 7.33 28.22 45.44
N THR A 211 6.81 29.19 46.20
CA THR A 211 5.98 28.98 47.39
C THR A 211 4.48 29.05 47.10
N GLU A 212 4.07 29.39 45.86
CA GLU A 212 2.67 29.74 45.64
C GLU A 212 1.73 28.54 45.59
N PHE A 213 2.26 27.31 45.57
CA PHE A 213 1.50 26.08 45.79
C PHE A 213 2.37 25.11 46.60
N ASP A 214 1.76 24.10 47.23
CA ASP A 214 2.50 23.03 47.90
C ASP A 214 3.22 22.11 46.90
N LEU A 215 2.66 21.96 45.69
CA LEU A 215 3.25 21.19 44.60
C LEU A 215 3.03 21.93 43.30
N GLU A 216 4.08 22.03 42.47
CA GLU A 216 3.82 22.32 41.06
C GLU A 216 4.80 21.53 40.19
N ALA A 217 4.33 21.14 39.00
CA ALA A 217 5.09 20.28 38.09
C ALA A 217 6.02 21.07 37.18
N GLU A 218 6.70 22.12 37.72
CA GLU A 218 7.71 22.86 36.98
C GLU A 218 8.95 23.09 37.85
N GLU A 219 10.17 22.94 37.28
CA GLU A 219 11.34 23.34 38.03
C GLU A 219 11.54 24.86 37.92
N TYR A 220 11.64 25.52 39.07
CA TYR A 220 11.87 26.95 39.13
C TYR A 220 13.36 27.24 38.93
N VAL A 221 13.66 28.42 38.36
CA VAL A 221 15.02 28.83 38.08
C VAL A 221 15.35 30.17 38.72
N PRO A 222 16.59 30.34 39.23
CA PRO A 222 16.93 31.53 39.99
C PRO A 222 16.99 32.77 39.11
N LEU A 223 16.74 33.92 39.73
CA LEU A 223 16.77 35.20 39.03
C LEU A 223 18.15 35.44 38.43
N PRO A 224 18.27 35.84 37.14
CA PRO A 224 19.54 36.26 36.56
C PRO A 224 20.27 37.35 37.32
N LYS A 225 21.59 37.21 37.39
CA LYS A 225 22.42 38.22 38.04
C LYS A 225 23.31 38.93 37.02
N GLY A 226 23.64 40.19 37.33
CA GLY A 226 24.18 41.08 36.31
C GLY A 226 23.09 41.75 35.48
N ASP A 227 23.51 42.46 34.42
CA ASP A 227 22.64 43.39 33.71
C ASP A 227 21.60 42.66 32.85
N VAL A 228 20.56 43.38 32.41
CA VAL A 228 19.56 42.86 31.50
C VAL A 228 20.20 42.52 30.15
N HIS A 229 21.14 43.37 29.70
CA HIS A 229 21.83 43.18 28.43
C HIS A 229 23.29 42.82 28.63
N LYS A 230 23.72 41.69 28.04
CA LYS A 230 25.04 41.12 28.30
C LYS A 230 25.82 40.96 27.00
N LYS A 231 27.14 41.17 27.09
CA LYS A 231 28.05 41.08 25.95
C LYS A 231 29.39 40.53 26.43
N LYS A 232 30.00 39.65 25.63
CA LYS A 232 31.39 39.24 25.88
C LYS A 232 32.01 38.75 24.58
N GLU A 233 33.35 38.85 24.50
CA GLU A 233 34.10 38.23 23.42
C GLU A 233 34.77 36.97 23.94
N ILE A 234 34.67 35.88 23.16
CA ILE A 234 35.22 34.60 23.53
C ILE A 234 36.08 34.09 22.37
N ILE A 235 37.17 33.38 22.70
CA ILE A 235 38.01 32.71 21.72
C ILE A 235 37.77 31.19 21.78
N GLN A 236 37.30 30.63 20.66
CA GLN A 236 36.92 29.23 20.56
C GLN A 236 37.89 28.48 19.68
N ASP A 237 38.33 27.28 20.12
CA ASP A 237 39.40 26.59 19.43
C ASP A 237 39.03 25.13 19.13
N VAL A 238 39.26 24.73 17.87
CA VAL A 238 38.73 23.53 17.26
C VAL A 238 39.78 22.94 16.33
N THR A 239 39.79 21.64 16.16
CA THR A 239 40.71 21.00 15.20
C THR A 239 40.00 20.98 13.86
N LEU A 240 40.77 20.76 12.79
CA LEU A 240 40.18 20.53 11.49
C LEU A 240 39.38 19.24 11.52
N HIS A 241 39.82 18.23 12.28
CA HIS A 241 39.02 17.00 12.41
C HIS A 241 37.60 17.24 12.97
N ASP A 242 37.44 18.22 13.85
CA ASP A 242 36.13 18.58 14.36
C ASP A 242 35.25 19.19 13.27
N LEU A 243 35.80 19.99 12.38
CA LEU A 243 35.03 20.48 11.25
C LEU A 243 34.69 19.35 10.29
N ASP A 244 35.60 18.38 10.07
CA ASP A 244 35.34 17.22 9.22
C ASP A 244 34.08 16.49 9.73
N VAL A 245 34.09 16.10 11.01
CA VAL A 245 33.00 15.29 11.56
C VAL A 245 31.68 16.06 11.61
N ALA A 246 31.70 17.32 12.04
CA ALA A 246 30.47 18.10 12.18
C ALA A 246 29.79 18.37 10.82
N ASN A 247 30.56 18.35 9.72
CA ASN A 247 29.99 18.46 8.40
C ASN A 247 29.56 17.10 7.86
N ALA A 248 30.24 16.04 8.25
CA ALA A 248 29.94 14.73 7.69
C ALA A 248 28.71 14.08 8.31
N ARG A 249 28.26 14.53 9.48
CA ARG A 249 27.09 14.02 10.15
C ARG A 249 26.44 15.18 10.89
N PRO A 250 25.54 15.96 10.24
CA PRO A 250 24.94 17.14 10.86
C PRO A 250 24.09 16.86 12.09
N GLN A 251 23.77 17.96 12.79
CA GLN A 251 22.96 17.90 14.02
C GLN A 251 21.87 18.97 14.02
N GLY A 252 20.98 18.94 15.02
CA GLY A 252 19.90 19.91 15.10
C GLY A 252 18.78 19.56 14.11
N GLY A 253 18.44 18.27 14.13
CA GLY A 253 17.43 17.75 13.23
C GLY A 253 15.99 18.18 13.55
N GLN A 254 15.27 18.60 12.51
CA GLN A 254 13.83 18.61 12.50
C GLN A 254 13.38 17.97 11.18
N ASP A 255 13.86 16.75 10.91
CA ASP A 255 13.55 16.05 9.67
C ASP A 255 13.84 14.57 9.83
N ILE A 256 13.22 13.76 8.95
CA ILE A 256 13.21 12.32 9.15
C ILE A 256 14.65 11.81 9.04
N LEU A 257 15.42 12.39 8.11
CA LEU A 257 16.80 11.96 7.87
C LEU A 257 17.66 12.15 9.11
N SER A 258 17.53 13.33 9.74
CA SER A 258 18.27 13.63 10.97
C SER A 258 17.83 12.76 12.12
N MET A 259 16.54 12.70 12.39
CA MET A 259 16.05 12.01 13.56
C MET A 259 16.25 10.50 13.46
N MET A 260 16.04 9.95 12.26
CA MET A 260 16.35 8.56 12.04
C MET A 260 17.86 8.34 12.29
N GLY A 261 18.67 9.24 11.75
CA GLY A 261 20.11 9.17 11.90
C GLY A 261 20.62 9.31 13.33
N GLN A 262 19.74 9.76 14.23
CA GLN A 262 20.10 10.04 15.61
C GLN A 262 19.51 9.03 16.59
N LEU A 263 18.45 8.33 16.17
CA LEU A 263 18.00 7.12 16.85
C LEU A 263 18.89 5.91 16.53
N MET A 264 19.40 5.81 15.30
CA MET A 264 20.35 4.78 14.90
C MET A 264 21.69 4.88 15.62
N LYS A 265 22.38 3.72 15.77
CA LYS A 265 23.68 3.62 16.42
C LYS A 265 24.72 4.39 15.62
N PRO A 266 25.44 5.40 16.17
CA PRO A 266 26.41 6.16 15.37
C PRO A 266 27.64 5.30 15.15
N LYS A 267 28.26 5.53 14.00
CA LYS A 267 29.42 4.79 13.54
C LYS A 267 30.29 5.75 12.74
N LYS A 268 31.62 5.59 12.82
CA LYS A 268 32.54 6.40 12.04
C LYS A 268 32.38 6.01 10.58
N THR A 269 32.72 6.95 9.67
CA THR A 269 32.60 6.69 8.24
C THR A 269 33.81 7.25 7.49
N GLU A 270 34.09 6.67 6.31
CA GLU A 270 35.23 7.10 5.51
C GLU A 270 34.93 8.47 4.87
N ILE A 271 35.27 9.54 5.59
CA ILE A 271 35.08 10.91 5.16
C ILE A 271 35.75 11.12 3.79
N THR A 272 35.04 11.76 2.85
CA THR A 272 35.54 11.87 1.48
C THR A 272 36.56 12.99 1.35
N ASP A 273 37.45 12.85 0.36
CA ASP A 273 38.43 13.87 0.10
C ASP A 273 37.80 15.16 -0.42
N LYS A 274 36.60 15.09 -1.00
CA LYS A 274 35.89 16.33 -1.34
C LYS A 274 35.60 17.19 -0.09
N LEU A 275 35.11 16.61 1.01
CA LEU A 275 34.78 17.40 2.18
C LEU A 275 36.03 18.03 2.76
N ARG A 276 37.13 17.25 2.89
CA ARG A 276 38.38 17.82 3.29
C ARG A 276 38.78 19.00 2.38
N GLY A 277 38.59 18.86 1.08
CA GLY A 277 38.82 19.93 0.14
C GLY A 277 38.00 21.18 0.45
N GLU A 278 36.70 21.04 0.63
CA GLU A 278 35.83 22.19 0.82
C GLU A 278 36.13 22.91 2.14
N ILE A 279 36.42 22.14 3.21
CA ILE A 279 36.76 22.76 4.48
C ILE A 279 38.05 23.54 4.34
N ASN A 280 39.04 23.00 3.63
CA ASN A 280 40.28 23.73 3.41
C ASN A 280 39.97 25.04 2.68
N LYS A 281 39.04 25.06 1.72
CA LYS A 281 38.73 26.25 0.94
C LYS A 281 38.14 27.36 1.82
N VAL A 282 37.24 27.00 2.73
CA VAL A 282 36.55 28.03 3.52
C VAL A 282 37.42 28.50 4.68
N VAL A 283 38.20 27.66 5.37
CA VAL A 283 39.05 28.16 6.46
C VAL A 283 40.12 29.10 5.91
N ASN A 284 40.58 28.91 4.67
CA ASN A 284 41.48 29.87 4.06
C ASN A 284 40.81 31.24 3.89
N LYS A 285 39.53 31.28 3.51
CA LYS A 285 38.83 32.56 3.38
C LYS A 285 38.80 33.33 4.70
N TYR A 286 38.61 32.62 5.83
CA TYR A 286 38.56 33.24 7.13
C TYR A 286 39.96 33.65 7.61
N ILE A 287 40.98 32.87 7.30
CA ILE A 287 42.34 33.22 7.66
C ILE A 287 42.76 34.46 6.90
N ASP A 288 42.40 34.55 5.62
CA ASP A 288 42.66 35.73 4.80
C ASP A 288 41.98 36.99 5.35
N GLN A 289 40.75 36.84 5.84
CA GLN A 289 40.00 37.97 6.40
C GLN A 289 40.42 38.32 7.83
N GLY A 290 41.39 37.60 8.40
CA GLY A 290 41.85 37.92 9.75
C GLY A 290 40.86 37.55 10.86
N ILE A 291 39.87 36.71 10.53
CA ILE A 291 38.88 36.23 11.49
C ILE A 291 39.49 35.14 12.38
N ALA A 292 40.39 34.30 11.85
CA ALA A 292 40.83 33.08 12.50
C ALA A 292 42.33 32.83 12.38
N GLU A 293 42.95 32.23 13.38
CA GLU A 293 44.38 31.92 13.40
C GLU A 293 44.55 30.41 13.32
N LEU A 294 45.38 29.92 12.41
CA LEU A 294 45.79 28.53 12.41
C LEU A 294 46.93 28.24 13.39
N VAL A 295 46.89 27.07 14.05
CA VAL A 295 48.01 26.56 14.82
C VAL A 295 48.31 25.13 14.39
N PRO A 296 49.20 24.91 13.42
CA PRO A 296 49.74 23.59 13.13
C PRO A 296 50.43 22.98 14.34
N GLY A 297 50.07 21.72 14.64
CA GLY A 297 50.54 21.05 15.84
C GLY A 297 51.39 19.80 15.56
N VAL A 298 51.36 18.83 16.46
CA VAL A 298 52.21 17.67 16.45
C VAL A 298 51.36 16.42 16.58
N LEU A 299 51.69 15.37 15.83
CA LEU A 299 51.12 14.04 16.07
C LEU A 299 52.21 13.14 16.57
N PHE A 300 52.02 12.58 17.77
CA PHE A 300 52.99 11.66 18.31
C PHE A 300 52.49 10.23 18.14
N VAL A 301 52.96 9.54 17.09
CA VAL A 301 52.67 8.14 16.90
C VAL A 301 53.66 7.35 17.70
N ASP A 302 53.25 6.86 18.84
CA ASP A 302 54.12 5.99 19.63
C ASP A 302 54.03 4.53 19.16
N GLU A 303 54.99 3.70 19.57
CA GLU A 303 55.03 2.28 19.30
C GLU A 303 54.82 1.94 17.82
N VAL A 304 55.53 2.64 16.93
CA VAL A 304 55.33 2.62 15.48
C VAL A 304 55.47 1.22 14.90
N HIS A 305 56.29 0.39 15.52
CA HIS A 305 56.56 -0.93 15.02
C HIS A 305 55.33 -1.85 14.98
N MET A 306 54.18 -1.38 15.50
CA MET A 306 52.92 -2.10 15.39
C MET A 306 52.11 -1.77 14.13
N LEU A 307 52.48 -0.73 13.37
CA LEU A 307 51.78 -0.46 12.14
C LEU A 307 52.06 -1.57 11.10
N ASP A 308 51.14 -1.72 10.14
CA ASP A 308 51.21 -2.72 9.09
C ASP A 308 51.88 -2.12 7.83
N ILE A 309 52.42 -2.94 6.92
CA ILE A 309 53.03 -2.38 5.71
C ILE A 309 52.08 -1.56 4.84
N GLU A 310 50.78 -1.86 4.87
CA GLU A 310 49.81 -1.01 4.20
C GLU A 310 49.80 0.40 4.81
N CYS A 311 49.96 0.48 6.13
CA CYS A 311 49.97 1.76 6.82
C CYS A 311 51.23 2.57 6.47
N PHE A 312 52.39 1.93 6.59
CA PHE A 312 53.62 2.61 6.27
C PHE A 312 53.54 3.15 4.84
N THR A 313 53.06 2.33 3.91
CA THR A 313 53.06 2.74 2.52
C THR A 313 52.04 3.84 2.30
N TYR A 314 51.08 4.05 3.20
CA TYR A 314 50.22 5.22 3.13
C TYR A 314 50.98 6.44 3.66
N LEU A 315 51.73 6.29 4.74
CA LEU A 315 52.48 7.42 5.31
C LEU A 315 53.41 8.09 4.29
N HIS A 316 53.93 7.36 3.30
CA HIS A 316 54.76 7.94 2.26
C HIS A 316 54.01 9.06 1.54
N ARG A 317 52.72 8.89 1.31
CA ARG A 317 51.93 9.93 0.71
C ARG A 317 51.59 11.00 1.76
N ALA A 318 51.19 10.59 2.95
CA ALA A 318 50.70 11.52 3.95
C ALA A 318 51.77 12.55 4.39
N LEU A 319 53.01 12.11 4.62
CA LEU A 319 54.07 12.97 5.10
C LEU A 319 54.54 13.92 4.00
N GLU A 320 54.15 13.69 2.75
CA GLU A 320 54.60 14.55 1.67
C GLU A 320 53.56 15.61 1.34
N SER A 321 52.41 15.58 1.99
CA SER A 321 51.35 16.54 1.78
C SER A 321 51.76 17.89 2.34
N SER A 322 51.39 18.96 1.63
CA SER A 322 51.66 20.33 2.05
C SER A 322 50.92 20.78 3.31
N ILE A 323 49.98 19.94 3.81
CA ILE A 323 49.11 20.24 4.92
C ILE A 323 49.55 19.59 6.23
N ALA A 324 50.21 18.46 6.18
CA ALA A 324 50.40 17.63 7.35
C ALA A 324 51.11 18.33 8.52
N PRO A 325 50.85 17.85 9.76
CA PRO A 325 51.55 18.33 10.93
C PRO A 325 52.96 17.76 11.01
N ILE A 326 53.75 18.21 11.97
CA ILE A 326 54.99 17.52 12.34
C ILE A 326 54.66 16.17 13.00
N VAL A 327 55.31 15.08 12.56
CA VAL A 327 55.06 13.79 13.16
C VAL A 327 56.26 13.31 13.95
N ILE A 328 56.04 12.85 15.17
CA ILE A 328 57.07 12.20 15.96
C ILE A 328 56.75 10.71 16.09
N PHE A 329 57.71 9.88 15.76
CA PHE A 329 57.62 8.43 15.82
C PHE A 329 58.51 7.90 16.93
N ALA A 330 58.21 6.71 17.46
CA ALA A 330 59.16 6.04 18.35
C ALA A 330 59.20 4.54 18.16
N SER A 331 60.31 3.87 18.51
CA SER A 331 60.45 2.43 18.36
C SER A 331 61.52 1.88 19.25
N ASN A 332 61.39 0.60 19.64
CA ASN A 332 62.37 -0.06 20.49
C ASN A 332 62.91 -1.33 19.85
N ARG A 333 62.58 -1.56 18.57
CA ARG A 333 62.90 -2.84 17.95
C ARG A 333 64.28 -2.80 17.31
N GLY A 334 64.94 -3.97 17.24
CA GLY A 334 66.16 -4.14 16.45
C GLY A 334 65.84 -4.44 14.98
N ASN A 335 66.30 -5.59 14.46
CA ASN A 335 66.18 -5.93 13.06
C ASN A 335 64.93 -6.79 12.80
N CYS A 336 63.73 -6.36 13.19
CA CYS A 336 62.54 -7.21 13.14
C CYS A 336 61.93 -7.39 11.75
N VAL A 337 61.02 -8.38 11.60
CA VAL A 337 60.19 -8.50 10.41
C VAL A 337 59.08 -7.44 10.37
N ILE A 338 58.83 -6.81 9.21
CA ILE A 338 57.79 -5.82 9.09
C ILE A 338 56.45 -6.52 9.12
N ARG A 339 55.51 -6.06 9.96
CA ARG A 339 54.17 -6.62 10.04
C ARG A 339 53.47 -6.55 8.67
N GLY A 340 52.73 -7.62 8.33
CA GLY A 340 52.00 -7.68 7.06
C GLY A 340 52.84 -8.13 5.87
N THR A 341 54.02 -8.69 6.20
CA THR A 341 54.89 -9.38 5.25
C THR A 341 55.39 -10.64 5.96
N GLU A 342 55.94 -11.60 5.22
CA GLU A 342 56.31 -12.89 5.80
C GLU A 342 57.72 -12.85 6.41
N ASP A 343 58.67 -12.32 5.65
CA ASP A 343 60.08 -12.56 5.90
C ASP A 343 60.92 -11.27 5.92
N ILE A 344 60.36 -10.11 5.58
CA ILE A 344 61.17 -8.93 5.29
C ILE A 344 61.65 -8.25 6.58
N THR A 345 62.89 -8.56 7.00
CA THR A 345 63.51 -7.93 8.14
C THR A 345 64.01 -6.55 7.77
N SER A 346 63.92 -5.62 8.73
CA SER A 346 64.41 -4.26 8.52
C SER A 346 64.75 -3.59 9.85
N PRO A 347 65.67 -2.60 9.87
CA PRO A 347 65.95 -1.82 11.07
C PRO A 347 64.74 -1.16 11.71
N HIS A 348 64.73 -1.14 13.04
CA HIS A 348 63.67 -0.55 13.86
C HIS A 348 62.29 -1.14 13.60
N GLY A 349 62.15 -2.21 12.80
CA GLY A 349 60.85 -2.74 12.35
C GLY A 349 60.08 -1.87 11.33
N ILE A 350 60.77 -0.97 10.66
CA ILE A 350 60.18 0.00 9.74
C ILE A 350 60.73 -0.26 8.32
N PRO A 351 59.96 -0.06 7.22
CA PRO A 351 60.52 -0.18 5.88
C PRO A 351 61.60 0.85 5.57
N LEU A 352 62.63 0.42 4.83
CA LEU A 352 63.76 1.30 4.51
C LEU A 352 63.32 2.57 3.79
N ASP A 353 62.29 2.46 2.94
CA ASP A 353 61.86 3.58 2.12
C ASP A 353 60.98 4.56 2.90
N LEU A 354 60.49 4.23 4.11
CA LEU A 354 59.95 5.24 5.04
C LEU A 354 61.09 5.78 5.88
N LEU A 355 61.99 4.90 6.31
CA LEU A 355 63.07 5.30 7.18
C LEU A 355 64.04 6.26 6.49
N ASP A 356 63.95 6.38 5.15
CA ASP A 356 64.64 7.39 4.37
C ASP A 356 64.02 8.79 4.50
N ARG A 357 62.77 8.87 4.97
CA ARG A 357 62.07 10.15 5.05
C ARG A 357 62.04 10.75 6.46
N VAL A 358 62.78 10.17 7.43
CA VAL A 358 62.77 10.67 8.79
C VAL A 358 64.18 11.01 9.27
N MET A 359 64.30 12.09 10.05
CA MET A 359 65.54 12.33 10.76
C MET A 359 65.57 11.49 12.04
N ILE A 360 66.49 10.56 12.15
CA ILE A 360 66.61 9.78 13.37
C ILE A 360 67.31 10.56 14.48
N ILE A 361 66.76 10.51 15.70
CA ILE A 361 67.41 10.96 16.93
C ILE A 361 67.73 9.74 17.78
N ARG A 362 68.99 9.57 18.16
CA ARG A 362 69.38 8.34 18.83
C ARG A 362 69.44 8.53 20.35
N THR A 363 68.93 7.53 21.10
CA THR A 363 68.79 7.62 22.54
C THR A 363 69.52 6.44 23.21
N MET A 364 70.13 6.66 24.39
CA MET A 364 71.25 5.85 24.88
C MET A 364 71.05 5.36 26.32
N LEU A 365 71.72 4.24 26.69
CA LEU A 365 71.60 3.70 28.04
C LEU A 365 72.19 4.64 29.09
N TYR A 366 71.64 4.58 30.31
CA TYR A 366 72.12 5.41 31.42
C TYR A 366 73.26 4.72 32.19
N THR A 367 74.18 5.55 32.73
CA THR A 367 75.27 5.09 33.59
C THR A 367 74.79 4.98 35.03
N PRO A 368 75.50 4.18 35.89
CA PRO A 368 75.09 3.99 37.29
C PRO A 368 74.88 5.25 38.12
N GLN A 369 75.65 6.31 37.83
CA GLN A 369 75.45 7.59 38.49
C GLN A 369 74.13 8.26 38.06
N GLU A 370 73.81 8.23 36.76
CA GLU A 370 72.60 8.85 36.24
C GLU A 370 71.36 8.16 36.82
N MET A 371 71.36 6.84 36.92
CA MET A 371 70.19 6.16 37.47
C MET A 371 69.96 6.64 38.89
N LYS A 372 71.02 6.74 39.71
CA LYS A 372 70.91 7.20 41.08
C LYS A 372 70.24 8.57 41.11
N GLN A 373 70.65 9.44 40.21
CA GLN A 373 70.12 10.79 40.17
C GLN A 373 68.64 10.81 39.79
N ILE A 374 68.20 9.98 38.86
CA ILE A 374 66.79 9.86 38.49
C ILE A 374 65.96 9.27 39.64
N ILE A 375 66.42 8.20 40.30
CA ILE A 375 65.71 7.58 41.41
C ILE A 375 65.44 8.60 42.54
N LYS A 376 66.40 9.48 42.86
CA LYS A 376 66.16 10.56 43.78
C LYS A 376 65.05 11.50 43.28
N ILE A 377 65.00 11.85 41.98
CA ILE A 377 63.97 12.71 41.43
C ILE A 377 62.60 12.03 41.47
N ARG A 378 62.55 10.72 41.28
CA ARG A 378 61.30 9.98 41.50
C ARG A 378 60.86 10.06 42.97
N ALA A 379 61.73 9.71 43.91
CA ALA A 379 61.37 9.71 45.32
C ALA A 379 60.84 11.08 45.77
N GLN A 380 61.49 12.18 45.43
CA GLN A 380 61.04 13.48 45.91
C GLN A 380 59.85 14.03 45.12
N THR A 381 59.33 13.32 44.09
CA THR A 381 58.07 13.69 43.44
C THR A 381 56.92 12.73 43.79
N GLU A 382 57.26 11.48 44.09
CA GLU A 382 56.35 10.46 44.59
C GLU A 382 56.08 10.66 46.08
N GLY A 383 56.77 11.63 46.73
CA GLY A 383 56.52 12.10 48.10
C GLY A 383 57.18 11.23 49.18
N ILE A 384 58.39 10.73 48.91
CA ILE A 384 59.06 9.72 49.73
C ILE A 384 60.43 10.25 50.19
N ASN A 385 60.79 9.92 51.44
CA ASN A 385 62.09 10.29 52.02
C ASN A 385 63.00 9.07 52.04
N ILE A 386 64.26 9.17 51.55
CA ILE A 386 65.17 8.03 51.59
C ILE A 386 66.54 8.40 52.15
N SER A 387 67.10 7.51 52.99
CA SER A 387 68.47 7.66 53.50
C SER A 387 69.50 7.31 52.43
N GLU A 388 70.67 7.94 52.51
CA GLU A 388 71.68 7.81 51.47
C GLU A 388 72.18 6.38 51.35
N GLU A 389 72.29 5.68 52.48
CA GLU A 389 72.76 4.30 52.47
C GLU A 389 71.74 3.37 51.82
N ALA A 390 70.46 3.77 51.75
CA ALA A 390 69.44 3.03 51.02
C ALA A 390 69.47 3.37 49.53
N LEU A 391 69.61 4.65 49.18
CA LEU A 391 69.69 5.05 47.77
C LEU A 391 70.92 4.44 47.09
N ASN A 392 72.05 4.38 47.77
CA ASN A 392 73.24 3.70 47.26
C ASN A 392 73.05 2.18 47.13
N HIS A 393 72.00 1.59 47.71
CA HIS A 393 71.60 0.23 47.42
C HIS A 393 70.65 0.17 46.22
N LEU A 394 69.68 1.07 46.16
CA LEU A 394 68.68 1.05 45.11
C LEU A 394 69.29 1.39 43.75
N GLY A 395 70.23 2.33 43.66
CA GLY A 395 70.92 2.61 42.40
C GLY A 395 71.76 1.43 41.94
N GLU A 396 72.27 0.63 42.90
CA GLU A 396 73.06 -0.56 42.61
C GLU A 396 72.14 -1.65 42.05
N ILE A 397 70.97 -1.88 42.66
CA ILE A 397 69.98 -2.79 42.10
C ILE A 397 69.62 -2.39 40.68
N GLY A 398 69.44 -1.09 40.44
CA GLY A 398 69.18 -0.56 39.12
C GLY A 398 70.25 -0.99 38.10
N THR A 399 71.53 -0.89 38.49
CA THR A 399 72.64 -1.24 37.62
C THR A 399 72.64 -2.74 37.32
N LYS A 400 72.26 -3.60 38.29
CA LYS A 400 72.18 -5.04 38.06
C LYS A 400 70.93 -5.48 37.28
N THR A 401 69.88 -4.63 37.21
CA THR A 401 68.58 -5.01 36.68
C THR A 401 68.09 -4.03 35.60
N THR A 402 67.27 -3.02 35.96
CA THR A 402 66.75 -2.06 35.00
C THR A 402 66.35 -0.76 35.71
N LEU A 403 66.24 0.37 35.03
CA LEU A 403 65.81 1.59 35.68
C LEU A 403 64.39 1.42 36.19
N ARG A 404 63.50 0.86 35.34
CA ARG A 404 62.09 0.79 35.70
C ARG A 404 61.92 -0.07 36.96
N TYR A 405 62.51 -1.25 37.06
CA TYR A 405 62.40 -2.06 38.26
C TYR A 405 62.97 -1.37 39.51
N SER A 406 64.12 -0.74 39.44
CA SER A 406 64.65 -0.06 40.60
C SER A 406 63.79 1.15 41.01
N VAL A 407 63.10 1.83 40.09
CA VAL A 407 62.14 2.85 40.47
C VAL A 407 60.86 2.25 41.03
N GLN A 408 60.46 1.07 40.57
CA GLN A 408 59.22 0.42 40.96
C GLN A 408 59.16 0.10 42.46
N LEU A 409 60.31 -0.15 43.09
CA LEU A 409 60.37 -0.53 44.47
C LEU A 409 60.13 0.63 45.46
N LEU A 410 60.15 1.90 45.03
CA LEU A 410 60.07 3.02 45.96
C LEU A 410 58.78 2.98 46.77
N THR A 411 57.61 3.00 46.13
CA THR A 411 56.37 3.03 46.89
C THR A 411 56.20 1.81 47.80
N PRO A 412 56.29 0.55 47.36
CA PRO A 412 56.24 -0.59 48.28
C PRO A 412 57.23 -0.53 49.43
N ALA A 413 58.44 -0.02 49.23
CA ALA A 413 59.38 0.17 50.34
C ALA A 413 58.84 1.17 51.34
N ASN A 414 58.27 2.28 50.86
CA ASN A 414 57.69 3.28 51.74
C ASN A 414 56.56 2.66 52.56
N LEU A 415 55.72 1.83 51.94
CA LEU A 415 54.60 1.23 52.64
C LEU A 415 55.11 0.31 53.75
N LEU A 416 56.08 -0.52 53.44
CA LEU A 416 56.65 -1.40 54.45
C LEU A 416 57.29 -0.61 55.59
N ALA A 417 57.98 0.49 55.27
CA ALA A 417 58.57 1.37 56.26
C ALA A 417 57.50 1.95 57.18
N LYS A 418 56.40 2.40 56.59
CA LYS A 418 55.32 3.02 57.34
C LYS A 418 54.62 2.01 58.26
N ILE A 419 54.39 0.80 57.79
CA ILE A 419 53.84 -0.29 58.60
C ILE A 419 54.77 -0.62 59.79
N ASN A 420 56.09 -0.59 59.56
CA ASN A 420 57.08 -0.77 60.63
C ASN A 420 57.45 0.53 61.36
N GLY A 421 56.66 1.61 61.18
CA GLY A 421 56.68 2.79 62.03
C GLY A 421 57.81 3.78 61.76
N LYS A 422 58.35 3.87 60.52
CA LYS A 422 59.41 4.84 60.20
C LYS A 422 59.03 5.78 59.05
N ASP A 423 59.56 7.01 59.11
CA ASP A 423 59.20 8.10 58.21
C ASP A 423 60.07 8.17 56.94
N SER A 424 61.04 7.25 56.82
CA SER A 424 61.93 7.22 55.66
C SER A 424 62.34 5.79 55.32
N ILE A 425 62.66 5.54 54.04
CA ILE A 425 63.21 4.27 53.61
C ILE A 425 64.59 4.10 54.24
N GLU A 426 64.90 2.86 54.65
CA GLU A 426 66.21 2.49 55.13
C GLU A 426 66.69 1.23 54.38
N LYS A 427 67.98 0.92 54.49
CA LYS A 427 68.59 -0.22 53.82
C LYS A 427 67.75 -1.49 54.04
N GLU A 428 67.31 -1.76 55.27
CA GLU A 428 66.64 -3.02 55.59
C GLU A 428 65.26 -3.14 54.93
N HIS A 429 64.70 -2.03 54.43
CA HIS A 429 63.43 -2.05 53.72
C HIS A 429 63.63 -2.56 52.30
N VAL A 430 64.58 -1.96 51.57
CA VAL A 430 64.73 -2.27 50.16
C VAL A 430 65.21 -3.71 49.98
N GLU A 431 66.06 -4.22 50.87
CA GLU A 431 66.49 -5.61 50.77
C GLU A 431 65.41 -6.61 51.25
N GLU A 432 64.31 -6.13 51.86
CA GLU A 432 63.13 -6.94 52.11
C GLU A 432 62.18 -6.92 50.89
N ILE A 433 61.88 -5.77 50.32
CA ILE A 433 61.05 -5.68 49.12
C ILE A 433 61.67 -6.45 47.94
N SER A 434 62.98 -6.43 47.80
CA SER A 434 63.68 -7.20 46.78
C SER A 434 63.48 -8.72 46.93
N GLU A 435 63.13 -9.18 48.12
CA GLU A 435 62.87 -10.59 48.38
C GLU A 435 61.42 -10.97 48.03
N LEU A 436 60.52 -9.96 47.96
CA LEU A 436 59.10 -10.18 47.69
C LEU A 436 58.83 -10.24 46.18
N PHE A 437 59.40 -9.29 45.43
CA PHE A 437 59.11 -9.12 44.02
C PHE A 437 60.33 -9.42 43.13
N TYR A 438 60.22 -10.41 42.24
CA TYR A 438 61.21 -10.65 41.21
C TYR A 438 61.16 -9.64 40.07
N ASP A 439 62.18 -9.69 39.19
CA ASP A 439 62.23 -8.90 37.95
C ASP A 439 62.19 -9.80 36.71
N ALA A 440 62.22 -9.20 35.50
CA ALA A 440 62.14 -9.98 34.27
C ALA A 440 63.28 -11.00 34.12
N LYS A 441 64.50 -10.57 34.50
CA LYS A 441 65.73 -11.35 34.36
C LYS A 441 65.68 -12.56 35.29
N SER A 442 65.34 -12.33 36.57
CA SER A 442 65.37 -13.39 37.57
C SER A 442 64.20 -14.34 37.37
N SER A 443 63.04 -13.84 36.93
CA SER A 443 61.88 -14.70 36.69
C SER A 443 62.16 -15.68 35.55
N ALA A 444 62.75 -15.19 34.47
CA ALA A 444 63.05 -16.04 33.32
C ALA A 444 63.99 -17.18 33.73
N LYS A 445 64.92 -16.93 34.65
CA LYS A 445 65.80 -17.97 35.18
C LYS A 445 64.98 -19.06 35.89
N ILE A 446 64.02 -18.66 36.70
CA ILE A 446 63.15 -19.60 37.42
C ILE A 446 62.37 -20.45 36.42
N LEU A 447 61.89 -19.86 35.32
CA LEU A 447 61.16 -20.62 34.32
C LEU A 447 62.08 -21.67 33.69
N ALA A 448 63.29 -21.27 33.29
CA ALA A 448 64.19 -22.16 32.58
C ALA A 448 64.61 -23.38 33.45
N ASP A 449 64.73 -23.22 34.77
CA ASP A 449 65.06 -24.32 35.66
C ASP A 449 63.88 -25.27 35.90
N GLN A 450 62.68 -24.94 35.40
CA GLN A 450 61.46 -25.64 35.75
C GLN A 450 60.58 -25.90 34.53
N GLN A 451 61.16 -25.90 33.31
CA GLN A 451 60.40 -25.75 32.07
C GLN A 451 59.44 -26.93 31.83
N ASP A 452 59.60 -28.03 32.58
CA ASP A 452 58.70 -29.17 32.43
C ASP A 452 57.37 -29.02 33.18
N LYS A 453 57.13 -27.90 33.89
CA LYS A 453 55.92 -27.68 34.67
C LYS A 453 55.18 -26.37 34.35
N TYR A 454 55.15 -25.87 33.10
CA TYR A 454 54.39 -24.67 32.76
C TYR A 454 53.42 -24.85 31.46
N ASP B 15 54.24 36.42 7.33
CA ASP B 15 53.45 36.76 8.55
C ASP B 15 52.36 35.71 8.77
N VAL B 16 51.23 35.85 8.07
CA VAL B 16 50.07 34.98 8.22
C VAL B 16 50.38 33.60 7.64
N THR B 17 49.88 32.55 8.31
CA THR B 17 50.07 31.16 7.92
C THR B 17 48.74 30.60 7.42
N ARG B 18 48.73 30.10 6.17
CA ARG B 18 47.55 29.48 5.60
C ARG B 18 47.60 27.98 5.86
N ILE B 19 46.57 27.26 5.43
CA ILE B 19 46.47 25.84 5.77
C ILE B 19 47.52 25.07 4.97
N GLU B 20 47.79 25.44 3.71
CA GLU B 20 48.90 24.86 2.93
C GLU B 20 50.23 25.56 3.25
N ARG B 21 51.29 24.78 3.50
CA ARG B 21 52.61 25.25 3.93
C ARG B 21 53.75 24.71 3.03
N ILE B 22 55.01 24.86 3.44
CA ILE B 22 56.13 24.23 2.74
C ILE B 22 56.15 22.74 3.05
N GLY B 23 56.06 21.89 2.02
CA GLY B 23 56.14 20.44 2.17
C GLY B 23 57.17 19.82 1.23
N ALA B 24 57.08 18.51 0.98
CA ALA B 24 58.17 17.79 0.30
C ALA B 24 58.34 18.15 -1.19
N HIS B 25 57.27 18.58 -1.85
CA HIS B 25 57.27 18.81 -3.28
C HIS B 25 56.73 20.20 -3.62
N SER B 26 56.70 21.12 -2.64
CA SER B 26 56.12 22.44 -2.85
C SER B 26 56.86 23.28 -3.89
N HIS B 27 58.13 22.98 -4.21
CA HIS B 27 58.87 23.78 -5.16
C HIS B 27 58.56 23.49 -6.62
N ILE B 28 57.97 22.33 -6.91
CA ILE B 28 57.66 21.96 -8.30
C ILE B 28 56.45 22.71 -8.84
N ARG B 29 56.56 23.33 -10.02
CA ARG B 29 55.47 24.13 -10.56
C ARG B 29 55.12 23.79 -12.00
N GLY B 30 55.66 22.67 -12.52
CA GLY B 30 55.40 22.23 -13.88
C GLY B 30 56.40 21.16 -14.34
N LEU B 31 56.73 21.09 -15.62
CA LEU B 31 57.83 20.24 -16.06
C LEU B 31 58.95 21.03 -16.77
N GLY B 32 58.72 22.30 -17.13
CA GLY B 32 59.78 23.14 -17.69
C GLY B 32 60.13 22.80 -19.13
N LEU B 33 59.17 22.23 -19.86
CA LEU B 33 59.35 21.93 -21.28
C LEU B 33 59.18 23.20 -22.10
N ASP B 34 59.88 23.30 -23.26
CA ASP B 34 59.68 24.39 -24.20
C ASP B 34 58.54 24.10 -25.18
N ASP B 35 58.24 25.02 -26.10
CA ASP B 35 57.11 24.86 -27.03
C ASP B 35 57.29 23.70 -28.01
N ALA B 36 58.55 23.29 -28.26
CA ALA B 36 58.86 22.12 -29.09
C ALA B 36 58.93 20.82 -28.28
N LEU B 37 58.49 20.89 -27.02
CA LEU B 37 58.39 19.78 -26.07
C LEU B 37 59.76 19.18 -25.75
N GLU B 38 60.81 20.02 -25.68
CA GLU B 38 62.13 19.63 -25.18
C GLU B 38 62.35 20.16 -23.76
N PRO B 39 62.86 19.35 -22.81
CA PRO B 39 63.09 19.78 -21.42
C PRO B 39 64.31 20.67 -21.26
N ARG B 40 64.09 21.84 -20.63
CA ARG B 40 65.14 22.76 -20.21
C ARG B 40 65.87 22.17 -19.01
N GLN B 41 67.14 22.57 -18.84
CA GLN B 41 68.01 21.95 -17.83
C GLN B 41 67.49 22.22 -16.41
N ALA B 42 66.99 23.43 -16.19
CA ALA B 42 66.43 23.82 -14.90
C ALA B 42 65.37 24.91 -15.11
N SER B 43 64.11 24.59 -14.79
CA SER B 43 62.99 25.52 -14.99
C SER B 43 61.76 24.99 -14.25
N GLN B 44 60.85 25.90 -13.87
CA GLN B 44 59.62 25.57 -13.15
C GLN B 44 59.88 24.62 -11.97
N GLY B 45 61.10 24.71 -11.40
CA GLY B 45 61.47 24.04 -10.17
C GLY B 45 61.84 22.58 -10.38
N MET B 46 62.06 22.15 -11.64
CA MET B 46 62.60 20.81 -11.91
C MET B 46 63.91 20.90 -12.66
N VAL B 47 64.83 19.97 -12.31
CA VAL B 47 66.18 19.98 -12.83
C VAL B 47 66.66 18.58 -13.19
N GLY B 48 67.49 18.49 -14.23
CA GLY B 48 67.98 17.19 -14.67
C GLY B 48 66.86 16.27 -15.19
N GLN B 49 67.12 14.96 -15.18
CA GLN B 49 66.10 13.96 -15.50
C GLN B 49 65.47 14.16 -16.89
N LEU B 50 66.27 14.46 -17.91
CA LEU B 50 65.76 14.92 -19.20
C LEU B 50 64.87 13.86 -19.91
N ALA B 51 65.28 12.60 -19.85
CA ALA B 51 64.60 11.53 -20.55
C ALA B 51 63.15 11.36 -20.08
N ALA B 52 62.93 11.19 -18.76
CA ALA B 52 61.60 10.93 -18.25
C ALA B 52 60.70 12.17 -18.35
N ARG B 53 61.25 13.36 -18.22
CA ARG B 53 60.51 14.60 -18.37
C ARG B 53 60.02 14.77 -19.82
N ARG B 54 60.79 14.36 -20.83
CA ARG B 54 60.30 14.33 -22.19
C ARG B 54 59.07 13.43 -22.30
N ALA B 55 59.16 12.18 -21.80
CA ALA B 55 58.06 11.23 -21.88
C ALA B 55 56.82 11.74 -21.15
N ALA B 56 57.01 12.33 -19.98
CA ALA B 56 55.92 12.96 -19.26
C ALA B 56 55.23 14.06 -20.07
N GLY B 57 56.01 14.84 -20.85
CA GLY B 57 55.46 15.82 -21.77
C GLY B 57 54.52 15.20 -22.81
N VAL B 58 54.92 14.07 -23.39
CA VAL B 58 54.11 13.39 -24.40
C VAL B 58 52.81 12.87 -23.79
N VAL B 59 52.82 12.25 -22.61
CA VAL B 59 51.58 11.71 -22.05
C VAL B 59 50.68 12.85 -21.57
N LEU B 60 51.27 13.94 -21.09
CA LEU B 60 50.50 15.11 -20.73
C LEU B 60 49.78 15.67 -21.96
N GLU B 61 50.45 15.71 -23.12
CA GLU B 61 49.87 16.17 -24.37
C GLU B 61 48.69 15.28 -24.80
N MET B 62 48.85 13.98 -24.62
CA MET B 62 47.80 13.01 -24.90
C MET B 62 46.59 13.23 -23.99
N ILE B 63 46.82 13.55 -22.71
CA ILE B 63 45.72 13.78 -21.77
C ILE B 63 44.93 15.03 -22.19
N ARG B 64 45.62 16.09 -22.59
CA ARG B 64 44.95 17.32 -22.97
C ARG B 64 44.10 17.14 -24.24
N GLU B 65 44.54 16.30 -25.18
CA GLU B 65 43.79 16.01 -26.38
C GLU B 65 42.47 15.30 -26.08
N GLY B 66 42.48 14.29 -25.20
CA GLY B 66 41.24 13.73 -24.65
C GLY B 66 40.55 12.69 -25.55
N LYS B 67 41.13 12.38 -26.71
CA LYS B 67 40.46 11.58 -27.72
C LYS B 67 40.33 10.11 -27.30
N ILE B 68 41.38 9.60 -26.64
CA ILE B 68 41.55 8.15 -26.54
C ILE B 68 41.57 7.71 -25.08
N ALA B 69 40.78 6.66 -24.78
CA ALA B 69 40.45 6.20 -23.44
C ALA B 69 41.41 5.13 -22.98
N GLY B 70 41.60 5.05 -21.66
CA GLY B 70 42.22 3.88 -21.04
C GLY B 70 43.73 3.76 -21.26
N ARG B 71 44.37 4.88 -21.65
CA ARG B 71 45.82 4.85 -21.81
C ARG B 71 46.49 4.74 -20.45
N ALA B 72 47.54 3.92 -20.35
CA ALA B 72 48.20 3.67 -19.07
C ALA B 72 49.71 3.84 -19.20
N VAL B 73 50.32 4.41 -18.15
CA VAL B 73 51.75 4.70 -18.12
C VAL B 73 52.28 4.31 -16.75
N LEU B 74 53.46 3.68 -16.73
CA LEU B 74 54.10 3.36 -15.48
C LEU B 74 55.45 4.08 -15.43
N ILE B 75 55.72 4.76 -14.31
CA ILE B 75 56.97 5.45 -14.06
C ILE B 75 57.79 4.58 -13.12
N ALA B 76 59.05 4.31 -13.48
CA ALA B 76 59.87 3.40 -12.71
C ALA B 76 61.27 3.97 -12.44
N GLY B 77 61.96 3.36 -11.46
CA GLY B 77 63.32 3.75 -11.14
C GLY B 77 63.66 3.64 -9.66
N GLN B 78 64.90 3.96 -9.34
CA GLN B 78 65.41 3.83 -8.00
C GLN B 78 64.57 4.67 -7.04
N PRO B 79 64.63 4.38 -5.73
CA PRO B 79 64.10 5.30 -4.71
C PRO B 79 64.79 6.66 -4.80
N GLY B 80 63.99 7.72 -4.60
CA GLY B 80 64.49 9.08 -4.48
C GLY B 80 65.04 9.64 -5.79
N THR B 81 64.32 9.41 -6.90
CA THR B 81 64.79 9.93 -8.19
C THR B 81 63.69 10.65 -8.98
N GLY B 82 62.70 11.16 -8.24
CA GLY B 82 61.77 12.13 -8.80
C GLY B 82 60.60 11.46 -9.51
N LYS B 83 60.25 10.21 -9.15
CA LYS B 83 59.09 9.55 -9.70
C LYS B 83 57.86 10.34 -9.28
N THR B 84 57.73 10.57 -7.99
CA THR B 84 56.58 11.28 -7.48
C THR B 84 56.69 12.73 -7.91
N ALA B 85 57.89 13.29 -7.92
CA ALA B 85 58.12 14.66 -8.36
C ALA B 85 57.61 14.89 -9.78
N ILE B 86 57.90 14.02 -10.75
CA ILE B 86 57.40 14.18 -12.12
C ILE B 86 55.87 14.09 -12.14
N ALA B 87 55.27 13.17 -11.37
CA ALA B 87 53.81 13.09 -11.28
C ALA B 87 53.21 14.39 -10.75
N MET B 88 53.79 15.00 -9.71
CA MET B 88 53.37 16.29 -9.22
C MET B 88 53.64 17.37 -10.25
N GLY B 89 54.74 17.25 -10.99
CA GLY B 89 55.08 18.20 -12.01
C GLY B 89 53.99 18.30 -13.08
N MET B 90 53.59 17.14 -13.61
CA MET B 90 52.54 17.16 -14.59
C MET B 90 51.19 17.54 -13.99
N ALA B 91 50.94 17.17 -12.74
CA ALA B 91 49.70 17.55 -12.08
C ALA B 91 49.57 19.06 -11.95
N GLN B 92 50.69 19.78 -11.80
CA GLN B 92 50.68 21.24 -11.81
C GLN B 92 50.43 21.78 -13.22
N ALA B 93 51.13 21.20 -14.21
CA ALA B 93 51.09 21.69 -15.58
C ALA B 93 49.71 21.51 -16.18
N LEU B 94 49.02 20.43 -15.78
CA LEU B 94 47.71 20.10 -16.30
C LEU B 94 46.65 21.07 -15.80
N GLY B 95 46.93 21.82 -14.74
CA GLY B 95 46.05 22.89 -14.32
C GLY B 95 44.95 22.39 -13.38
N PRO B 96 44.20 23.32 -12.74
CA PRO B 96 43.19 22.95 -11.76
C PRO B 96 41.85 22.51 -12.36
N ASP B 97 41.60 22.92 -13.61
CA ASP B 97 40.28 22.83 -14.24
C ASP B 97 39.98 21.42 -14.76
N THR B 98 40.96 20.50 -14.70
CA THR B 98 40.92 19.15 -15.26
C THR B 98 41.20 18.14 -14.15
N PRO B 99 40.28 17.22 -13.83
CA PRO B 99 40.43 16.38 -12.65
C PRO B 99 41.66 15.49 -12.64
N PHE B 100 42.39 15.54 -11.53
CA PHE B 100 43.58 14.73 -11.32
C PHE B 100 43.46 14.12 -9.93
N THR B 101 43.39 12.79 -9.84
CA THR B 101 43.09 12.12 -8.58
C THR B 101 44.35 11.41 -8.11
N ALA B 102 44.73 11.59 -6.85
CA ALA B 102 45.83 10.81 -6.28
C ALA B 102 45.31 9.78 -5.27
N ILE B 103 45.90 8.61 -5.31
CA ILE B 103 45.64 7.51 -4.39
C ILE B 103 47.01 6.89 -4.08
N ALA B 104 47.25 6.51 -2.85
CA ALA B 104 48.31 5.54 -2.60
C ALA B 104 47.67 4.16 -2.68
N GLY B 105 48.41 3.15 -3.13
CA GLY B 105 47.81 1.86 -3.42
C GLY B 105 47.13 1.23 -2.21
N SER B 106 47.48 1.67 -1.00
CA SER B 106 46.93 1.10 0.22
C SER B 106 45.47 1.49 0.43
N GLU B 107 45.00 2.55 -0.24
CA GLU B 107 43.79 3.22 0.20
C GLU B 107 42.52 2.54 -0.31
N ILE B 108 42.65 1.49 -1.14
CA ILE B 108 41.50 0.79 -1.69
C ILE B 108 41.05 -0.35 -0.78
N PHE B 109 41.81 -0.70 0.25
CA PHE B 109 41.43 -1.80 1.11
C PHE B 109 40.38 -1.35 2.15
N SER B 110 39.18 -1.07 1.66
CA SER B 110 38.07 -0.55 2.46
C SER B 110 37.43 -1.63 3.34
N LEU B 111 36.78 -1.19 4.44
CA LEU B 111 35.86 -2.03 5.20
C LEU B 111 34.41 -1.86 4.77
N GLU B 112 34.14 -0.80 4.01
CA GLU B 112 32.78 -0.43 3.66
C GLU B 112 32.36 -1.03 2.31
N MET B 113 33.34 -1.29 1.42
CA MET B 113 33.05 -1.76 0.08
C MET B 113 34.20 -2.60 -0.47
N SER B 114 33.93 -3.42 -1.49
CA SER B 114 34.92 -4.33 -2.05
C SER B 114 35.99 -3.60 -2.87
N LYS B 115 37.10 -4.30 -3.18
CA LYS B 115 38.24 -3.67 -3.86
C LYS B 115 37.86 -3.18 -5.26
N THR B 116 37.05 -3.95 -5.97
CA THR B 116 36.65 -3.60 -7.32
C THR B 116 35.70 -2.41 -7.29
N GLU B 117 34.92 -2.26 -6.23
CA GLU B 117 34.14 -1.05 -6.08
C GLU B 117 35.05 0.16 -5.86
N ALA B 118 36.02 0.05 -4.94
CA ALA B 118 36.91 1.15 -4.64
C ALA B 118 37.65 1.67 -5.87
N LEU B 119 38.12 0.77 -6.75
CA LEU B 119 38.78 1.14 -7.98
C LEU B 119 37.78 1.75 -8.94
N THR B 120 36.55 1.22 -9.01
CA THR B 120 35.55 1.78 -9.88
C THR B 120 35.24 3.21 -9.46
N GLN B 121 35.16 3.46 -8.16
CA GLN B 121 34.94 4.81 -7.69
C GLN B 121 36.13 5.69 -8.04
N ALA B 122 37.37 5.23 -7.81
CA ALA B 122 38.53 6.03 -8.17
C ALA B 122 38.60 6.38 -9.67
N PHE B 123 38.18 5.48 -10.55
CA PHE B 123 38.07 5.78 -11.96
C PHE B 123 37.01 6.86 -12.14
N ARG B 124 35.78 6.63 -11.70
CA ARG B 124 34.66 7.49 -12.05
C ARG B 124 34.79 8.87 -11.40
N ARG B 125 35.61 8.97 -10.36
CA ARG B 125 35.92 10.24 -9.74
C ARG B 125 36.88 11.08 -10.57
N SER B 126 37.46 10.50 -11.62
CA SER B 126 38.50 11.13 -12.42
C SER B 126 38.05 11.50 -13.83
N ILE B 127 36.74 11.40 -14.12
CA ILE B 127 36.17 11.92 -15.34
C ILE B 127 35.21 13.05 -14.96
N GLY B 128 35.44 14.25 -15.45
CA GLY B 128 34.59 15.37 -15.09
C GLY B 128 33.47 15.57 -16.09
N VAL B 129 32.31 16.00 -15.62
CA VAL B 129 31.25 16.56 -16.44
C VAL B 129 31.16 18.03 -16.08
N ARG B 130 31.30 18.92 -17.06
CA ARG B 130 31.38 20.33 -16.77
C ARG B 130 30.14 21.02 -17.32
N ILE B 131 29.45 21.74 -16.45
CA ILE B 131 28.16 22.35 -16.75
C ILE B 131 28.26 23.85 -16.48
N LYS B 132 28.15 24.66 -17.54
CA LYS B 132 27.95 26.07 -17.34
C LYS B 132 26.46 26.28 -17.08
N GLU B 133 26.16 27.20 -16.15
CA GLU B 133 24.79 27.50 -15.78
C GLU B 133 24.62 29.01 -15.66
N GLU B 134 23.55 29.53 -16.28
CA GLU B 134 23.18 30.93 -16.12
C GLU B 134 21.74 31.05 -15.63
N THR B 135 21.53 31.97 -14.67
CA THR B 135 20.19 32.32 -14.19
C THR B 135 20.07 33.84 -14.06
N GLU B 136 18.81 34.32 -14.01
CA GLU B 136 18.55 35.75 -13.84
C GLU B 136 18.26 36.06 -12.38
N ILE B 137 18.93 37.09 -11.84
CA ILE B 137 18.77 37.47 -10.44
C ILE B 137 18.31 38.93 -10.32
N ILE B 138 17.55 39.22 -9.26
CA ILE B 138 17.27 40.58 -8.85
C ILE B 138 18.09 40.87 -7.60
N GLU B 139 18.74 42.05 -7.55
CA GLU B 139 19.67 42.34 -6.48
C GLU B 139 19.51 43.79 -6.04
N GLY B 140 19.04 43.99 -4.79
CA GLY B 140 18.64 45.30 -4.33
C GLY B 140 18.57 45.42 -2.80
N GLU B 141 18.29 46.64 -2.35
CA GLU B 141 18.07 46.96 -0.96
C GLU B 141 16.57 47.02 -0.70
N VAL B 142 16.10 46.31 0.35
CA VAL B 142 14.69 46.23 0.66
C VAL B 142 14.20 47.54 1.27
N VAL B 143 13.27 48.22 0.57
CA VAL B 143 12.65 49.45 1.05
C VAL B 143 11.47 49.11 1.95
N GLU B 144 10.61 48.16 1.54
CA GLU B 144 9.49 47.75 2.39
C GLU B 144 9.01 46.33 2.07
N ILE B 145 8.27 45.78 3.03
CA ILE B 145 7.57 44.51 2.88
C ILE B 145 6.15 44.66 3.44
N GLN B 146 5.15 44.21 2.68
CA GLN B 146 3.78 44.02 3.16
C GLN B 146 3.43 42.53 3.08
N ILE B 147 2.99 41.93 4.20
CA ILE B 147 2.40 40.60 4.18
C ILE B 147 0.99 40.72 4.74
N ASP B 148 0.00 40.24 3.96
CA ASP B 148 -1.38 40.16 4.36
C ASP B 148 -1.79 38.71 4.58
N ARG B 149 -2.43 38.47 5.75
CA ARG B 149 -2.82 37.17 6.23
C ARG B 149 -4.34 37.13 6.46
N PRO B 150 -5.03 36.01 6.17
CA PRO B 150 -6.48 35.94 6.33
C PRO B 150 -6.91 35.94 7.80
N ALA B 151 -8.05 36.59 8.06
CA ALA B 151 -8.64 36.67 9.39
C ALA B 151 -9.11 35.30 9.89
N THR B 152 -9.40 34.35 8.98
CA THR B 152 -9.51 32.93 9.30
C THR B 152 -9.10 32.11 8.06
N GLY B 153 -10.04 31.92 7.12
CA GLY B 153 -9.74 31.54 5.73
C GLY B 153 -8.97 30.24 5.54
N THR B 154 -8.36 30.14 4.33
CA THR B 154 -7.68 28.93 3.85
C THR B 154 -6.16 29.02 4.03
N GLY B 155 -5.61 30.24 4.20
CA GLY B 155 -4.18 30.47 4.34
C GLY B 155 -3.52 31.09 3.11
N SER B 156 -4.32 31.70 2.20
CA SER B 156 -3.83 32.21 0.92
C SER B 156 -3.18 33.60 1.04
N LYS B 157 -2.02 33.66 1.72
CA LYS B 157 -1.36 34.93 2.06
C LYS B 157 -0.94 35.68 0.80
N VAL B 158 -0.94 37.02 0.86
CA VAL B 158 -0.58 37.85 -0.28
C VAL B 158 0.26 39.04 0.18
N GLY B 159 1.01 39.69 -0.72
CA GLY B 159 1.95 40.71 -0.29
C GLY B 159 2.57 41.52 -1.42
N LYS B 160 3.32 42.56 -1.03
CA LYS B 160 4.06 43.43 -1.92
C LYS B 160 5.41 43.79 -1.30
N LEU B 161 6.45 43.90 -2.15
CA LEU B 161 7.81 44.22 -1.70
C LEU B 161 8.43 45.25 -2.62
N THR B 162 9.29 46.13 -2.07
CA THR B 162 9.93 47.18 -2.88
C THR B 162 11.44 47.15 -2.70
N LEU B 163 12.15 47.33 -3.82
CA LEU B 163 13.59 47.17 -3.88
C LEU B 163 14.21 48.40 -4.52
N LYS B 164 15.38 48.77 -4.01
CA LYS B 164 16.08 49.98 -4.41
C LYS B 164 17.53 49.66 -4.76
N THR B 165 18.06 50.50 -5.65
CA THR B 165 19.48 50.64 -5.96
C THR B 165 19.83 52.13 -5.93
N THR B 166 21.10 52.46 -6.17
CA THR B 166 21.50 53.87 -6.19
C THR B 166 20.89 54.61 -7.39
N GLU B 167 20.35 53.90 -8.40
CA GLU B 167 19.87 54.51 -9.64
C GLU B 167 18.37 54.29 -9.93
N MET B 168 17.75 53.26 -9.33
CA MET B 168 16.43 52.78 -9.70
C MET B 168 15.74 52.16 -8.47
N GLU B 169 14.40 52.17 -8.44
CA GLU B 169 13.65 51.38 -7.47
C GLU B 169 12.31 50.95 -8.07
N THR B 170 11.78 49.79 -7.61
CA THR B 170 10.47 49.34 -8.07
C THR B 170 9.80 48.36 -7.10
N ILE B 171 8.52 48.09 -7.40
CA ILE B 171 7.56 47.37 -6.57
C ILE B 171 7.23 46.04 -7.24
N TYR B 172 7.15 44.97 -6.43
CA TYR B 172 6.78 43.63 -6.90
C TYR B 172 5.57 43.11 -6.15
N ASP B 173 4.56 42.69 -6.92
CA ASP B 173 3.39 41.95 -6.44
C ASP B 173 3.78 40.47 -6.30
N LEU B 174 3.53 39.87 -5.12
CA LEU B 174 4.24 38.67 -4.71
C LEU B 174 3.36 37.44 -4.76
N GLY B 175 3.92 36.36 -5.30
CA GLY B 175 3.24 35.08 -5.38
C GLY B 175 3.26 34.31 -4.07
N THR B 176 2.31 33.38 -3.96
CA THR B 176 2.03 32.61 -2.76
C THR B 176 3.10 31.55 -2.46
N LYS B 177 3.80 31.00 -3.47
CA LYS B 177 4.90 30.07 -3.24
C LYS B 177 6.14 30.84 -2.78
N MET B 178 6.26 32.10 -3.21
CA MET B 178 7.47 32.87 -2.98
C MET B 178 7.44 33.46 -1.58
N ILE B 179 6.31 33.99 -1.11
CA ILE B 179 6.19 34.66 0.19
C ILE B 179 6.72 33.81 1.34
N GLU B 180 6.51 32.48 1.33
CA GLU B 180 7.05 31.61 2.37
C GLU B 180 8.57 31.71 2.50
N SER B 181 9.31 31.99 1.41
CA SER B 181 10.76 32.08 1.47
C SER B 181 11.23 33.33 2.21
N LEU B 182 10.66 34.50 1.88
CA LEU B 182 10.97 35.76 2.55
C LEU B 182 10.71 35.64 4.06
N THR B 183 9.56 35.06 4.42
CA THR B 183 9.14 34.96 5.81
C THR B 183 9.93 33.90 6.55
N LYS B 184 10.33 32.80 5.89
CA LYS B 184 11.18 31.78 6.48
C LYS B 184 12.55 32.35 6.90
N ASP B 185 13.19 33.11 6.00
CA ASP B 185 14.51 33.67 6.23
C ASP B 185 14.47 35.06 6.90
N LYS B 186 13.27 35.57 7.20
CA LYS B 186 13.03 36.73 8.06
C LYS B 186 13.78 37.97 7.55
N VAL B 187 13.66 38.21 6.24
CA VAL B 187 14.13 39.44 5.61
C VAL B 187 13.25 40.61 6.07
N GLN B 188 13.89 41.78 6.25
CA GLN B 188 13.21 42.99 6.70
C GLN B 188 13.82 44.21 6.03
N ALA B 189 13.14 45.35 6.12
CA ALA B 189 13.61 46.57 5.47
C ALA B 189 15.03 46.93 5.94
N GLY B 190 15.85 47.39 5.01
CA GLY B 190 17.24 47.71 5.31
C GLY B 190 18.20 46.59 4.90
N ASP B 191 17.69 45.35 4.74
CA ASP B 191 18.50 44.26 4.22
C ASP B 191 18.78 44.46 2.72
N VAL B 192 19.98 44.03 2.29
CA VAL B 192 20.29 43.92 0.87
C VAL B 192 20.25 42.43 0.51
N ILE B 193 19.51 42.12 -0.57
CA ILE B 193 19.25 40.75 -0.95
C ILE B 193 19.43 40.50 -2.44
N THR B 194 19.65 39.22 -2.74
CA THR B 194 19.76 38.69 -4.10
C THR B 194 18.78 37.54 -4.24
N ILE B 195 17.88 37.66 -5.23
CA ILE B 195 16.78 36.74 -5.46
C ILE B 195 17.03 36.02 -6.78
N ASP B 196 17.03 34.68 -6.77
CA ASP B 196 17.15 33.91 -8.00
C ASP B 196 15.75 33.55 -8.50
N LYS B 197 15.34 34.12 -9.66
CA LYS B 197 13.95 34.07 -10.09
C LYS B 197 13.53 32.64 -10.42
N ALA B 198 14.43 31.90 -11.09
CA ALA B 198 14.12 30.57 -11.57
C ALA B 198 14.01 29.57 -10.43
N THR B 199 14.88 29.72 -9.41
CA THR B 199 15.00 28.77 -8.32
C THR B 199 14.01 29.08 -7.20
N GLY B 200 13.69 30.37 -7.02
CA GLY B 200 12.84 30.85 -5.93
C GLY B 200 13.57 30.91 -4.60
N LYS B 201 14.91 31.08 -4.62
CA LYS B 201 15.72 31.15 -3.42
C LYS B 201 16.21 32.57 -3.15
N ILE B 202 16.09 32.98 -1.88
CA ILE B 202 16.59 34.26 -1.38
C ILE B 202 18.01 34.07 -0.85
N SER B 203 18.82 35.13 -0.92
CA SER B 203 20.11 35.19 -0.25
C SER B 203 20.38 36.62 0.20
N LYS B 204 21.13 36.79 1.30
CA LYS B 204 21.27 38.08 1.95
C LYS B 204 22.74 38.50 2.05
N LEU B 205 23.04 39.77 1.71
CA LEU B 205 24.38 40.30 1.77
C LEU B 205 24.67 40.98 3.12
N GLY B 206 23.65 41.67 3.67
CA GLY B 206 23.79 42.37 4.95
C GLY B 206 22.89 43.59 5.04
N ARG B 207 22.94 44.32 6.17
CA ARG B 207 22.19 45.56 6.31
C ARG B 207 22.91 46.67 5.57
N SER B 208 22.13 47.54 4.92
CA SER B 208 22.61 48.82 4.41
C SER B 208 22.94 49.76 5.57
N PHE B 209 23.91 50.66 5.38
CA PHE B 209 24.48 51.47 6.44
C PHE B 209 23.48 52.48 7.04
N THR B 210 22.47 52.90 6.28
CA THR B 210 21.69 54.10 6.59
C THR B 210 20.65 53.88 7.70
N ARG B 211 19.74 52.89 7.55
CA ARG B 211 18.48 52.89 8.30
C ARG B 211 18.58 52.29 9.69
N ALA B 212 19.64 51.54 10.00
CA ALA B 212 19.81 50.85 11.27
C ALA B 212 19.93 51.81 12.47
N ARG B 213 20.05 53.13 12.20
CA ARG B 213 20.02 54.18 13.20
C ARG B 213 18.62 54.37 13.80
N ASP B 214 17.57 54.03 13.03
CA ASP B 214 16.17 54.29 13.35
C ASP B 214 15.48 52.99 13.79
N TYR B 215 15.93 52.44 14.93
CA TYR B 215 15.69 51.02 15.24
C TYR B 215 15.26 50.79 16.70
N ASP B 216 14.69 49.59 16.92
CA ASP B 216 14.22 49.12 18.23
C ASP B 216 15.40 48.55 19.06
N ALA B 217 15.12 47.90 20.21
CA ALA B 217 16.13 47.08 20.88
C ALA B 217 16.52 45.89 19.99
N MET B 218 17.78 45.46 20.06
CA MET B 218 18.42 44.76 18.95
C MET B 218 17.86 43.34 18.71
N GLY B 219 17.56 43.09 17.43
CA GLY B 219 17.32 41.76 16.89
C GLY B 219 18.46 41.21 16.03
N SER B 220 19.43 42.06 15.63
CA SER B 220 20.62 41.60 14.93
C SER B 220 21.82 42.52 15.20
N GLN B 221 23.05 41.97 15.17
CA GLN B 221 24.28 42.73 15.41
C GLN B 221 25.44 42.13 14.61
N THR B 222 25.65 42.66 13.39
CA THR B 222 26.55 42.12 12.36
C THR B 222 27.10 43.25 11.49
N LYS B 223 28.09 42.92 10.64
CA LYS B 223 28.76 43.89 9.77
C LYS B 223 27.86 44.34 8.62
N PHE B 224 27.90 45.65 8.34
CA PHE B 224 27.13 46.28 7.27
C PHE B 224 27.71 46.02 5.88
N VAL B 225 26.95 46.39 4.84
CA VAL B 225 27.39 46.27 3.44
C VAL B 225 26.79 47.41 2.62
N GLN B 226 27.42 47.75 1.49
CA GLN B 226 26.99 48.87 0.65
C GLN B 226 25.80 48.48 -0.25
N CYS B 227 24.99 49.48 -0.62
CA CYS B 227 23.88 49.34 -1.55
C CYS B 227 24.35 48.97 -2.96
N PRO B 228 23.63 48.08 -3.70
CA PRO B 228 23.94 47.80 -5.11
C PRO B 228 23.63 48.96 -6.06
N ASP B 229 24.27 48.90 -7.24
CA ASP B 229 24.31 49.99 -8.21
C ASP B 229 23.75 49.59 -9.58
N GLY B 230 23.25 50.59 -10.32
CA GLY B 230 22.82 50.42 -11.70
C GLY B 230 21.52 49.62 -11.85
N GLU B 231 21.48 48.67 -12.81
CA GLU B 231 20.26 47.95 -13.13
C GLU B 231 19.88 46.96 -12.02
N LEU B 232 18.60 46.96 -11.65
CA LEU B 232 18.07 46.18 -10.54
C LEU B 232 18.03 44.68 -10.86
N GLN B 233 17.86 44.31 -12.13
CA GLN B 233 17.92 42.92 -12.59
C GLN B 233 19.20 42.65 -13.39
N LYS B 234 19.90 41.53 -13.08
CA LYS B 234 21.16 41.17 -13.73
C LYS B 234 21.30 39.65 -13.85
N ARG B 235 22.13 39.17 -14.78
CA ARG B 235 22.34 37.73 -14.99
C ARG B 235 23.58 37.27 -14.23
N LYS B 236 23.55 36.02 -13.73
CA LYS B 236 24.73 35.40 -13.11
C LYS B 236 25.11 34.10 -13.83
N GLU B 237 26.41 33.76 -13.75
CA GLU B 237 26.99 32.61 -14.40
C GLU B 237 27.88 31.86 -13.42
N VAL B 238 27.71 30.53 -13.40
CA VAL B 238 28.57 29.65 -12.61
C VAL B 238 29.00 28.47 -13.49
N VAL B 239 30.24 28.00 -13.32
CA VAL B 239 30.66 26.76 -13.95
C VAL B 239 30.88 25.70 -12.88
N HIS B 240 30.15 24.59 -13.03
CA HIS B 240 30.23 23.49 -12.10
C HIS B 240 31.01 22.37 -12.78
N THR B 241 31.98 21.78 -12.07
CA THR B 241 32.57 20.54 -12.53
C THR B 241 32.14 19.47 -11.54
N VAL B 242 31.52 18.43 -12.09
CA VAL B 242 30.94 17.34 -11.31
C VAL B 242 31.50 16.02 -11.83
N SER B 243 32.15 15.21 -11.00
CA SER B 243 32.66 13.92 -11.46
C SER B 243 31.52 12.96 -11.77
N LEU B 244 31.78 11.95 -12.59
CA LEU B 244 30.80 10.89 -12.79
C LEU B 244 30.45 10.22 -11.47
N HIS B 245 31.40 10.15 -10.55
CA HIS B 245 31.14 9.49 -9.29
C HIS B 245 30.06 10.19 -8.48
N GLU B 246 30.10 11.51 -8.38
CA GLU B 246 29.09 12.17 -7.60
C GLU B 246 27.73 12.13 -8.29
N ILE B 247 27.68 12.08 -9.61
CA ILE B 247 26.42 11.83 -10.30
C ILE B 247 25.87 10.43 -9.99
N ASP B 248 26.70 9.41 -9.89
CA ASP B 248 26.26 8.09 -9.45
C ASP B 248 25.70 8.14 -8.02
N VAL B 249 26.34 8.87 -7.10
CA VAL B 249 25.91 8.88 -5.72
C VAL B 249 24.57 9.59 -5.57
N ILE B 250 24.42 10.77 -6.20
CA ILE B 250 23.19 11.53 -6.15
C ILE B 250 22.02 10.64 -6.57
N ASN B 251 22.24 9.79 -7.57
CA ASN B 251 21.19 9.00 -8.19
C ASN B 251 20.98 7.64 -7.52
N SER B 252 21.80 7.30 -6.54
CA SER B 252 21.68 6.01 -5.87
C SER B 252 20.44 5.91 -4.95
N ARG B 253 19.95 7.06 -4.43
CA ARG B 253 18.76 7.11 -3.59
C ARG B 253 18.18 8.53 -3.55
N THR B 254 16.88 8.71 -3.17
CA THR B 254 16.32 10.05 -3.03
C THR B 254 17.00 10.80 -1.88
N GLN B 255 17.30 12.10 -2.13
CA GLN B 255 17.88 12.99 -1.14
C GLN B 255 19.18 12.44 -0.53
N GLY B 256 20.08 11.93 -1.38
CA GLY B 256 21.29 11.27 -0.92
C GLY B 256 22.53 12.15 -0.76
N PHE B 257 22.33 13.47 -0.73
CA PHE B 257 23.41 14.43 -0.98
C PHE B 257 24.55 14.32 0.03
N LEU B 258 24.25 14.02 1.28
CA LEU B 258 25.27 13.99 2.31
C LEU B 258 26.31 12.92 2.02
N ALA B 259 26.01 11.91 1.21
CA ALA B 259 26.99 10.86 0.96
C ALA B 259 28.17 11.36 0.13
N LEU B 260 28.02 12.52 -0.53
CA LEU B 260 29.13 13.18 -1.21
C LEU B 260 30.23 13.66 -0.26
N PHE B 261 29.87 13.99 0.98
CA PHE B 261 30.82 14.34 2.02
C PHE B 261 31.08 13.17 2.98
N SER B 262 30.05 12.42 3.34
CA SER B 262 30.09 11.43 4.39
C SER B 262 30.84 10.17 3.99
N GLY B 263 30.84 9.85 2.70
CA GLY B 263 31.45 8.60 2.21
C GLY B 263 30.72 7.30 2.58
N ASP B 264 29.43 7.41 2.92
CA ASP B 264 28.68 6.28 3.45
C ASP B 264 28.09 5.36 2.38
N THR B 265 28.10 5.74 1.08
CA THR B 265 27.43 4.98 0.04
C THR B 265 28.17 3.76 -0.42
N GLY B 266 27.65 2.57 -0.09
CA GLY B 266 28.37 1.34 -0.39
C GLY B 266 27.88 0.61 -1.64
N GLU B 267 28.83 0.02 -2.39
CA GLU B 267 28.58 -0.86 -3.52
C GLU B 267 27.35 -0.42 -4.35
N ILE B 268 27.47 0.71 -5.05
CA ILE B 268 26.44 1.26 -5.91
C ILE B 268 26.02 0.25 -6.99
N LYS B 269 24.69 0.19 -7.23
CA LYS B 269 24.08 -0.73 -8.18
C LYS B 269 24.63 -0.48 -9.58
N SER B 270 24.98 -1.55 -10.30
CA SER B 270 25.51 -1.42 -11.66
C SER B 270 24.52 -0.71 -12.59
N GLU B 271 23.23 -1.01 -12.42
CA GLU B 271 22.14 -0.44 -13.20
C GLU B 271 22.11 1.09 -13.17
N VAL B 272 22.49 1.67 -12.03
CA VAL B 272 22.58 3.11 -11.91
C VAL B 272 23.69 3.66 -12.79
N ARG B 273 24.86 3.04 -12.79
CA ARG B 273 25.97 3.56 -13.57
C ARG B 273 25.66 3.43 -15.05
N GLU B 274 25.09 2.29 -15.49
CA GLU B 274 24.74 2.09 -16.89
C GLU B 274 23.80 3.20 -17.35
N GLN B 275 22.84 3.53 -16.48
CA GLN B 275 21.85 4.55 -16.77
C GLN B 275 22.50 5.93 -16.86
N ILE B 276 23.46 6.22 -15.99
CA ILE B 276 24.18 7.49 -16.02
C ILE B 276 25.09 7.57 -17.25
N ASN B 277 25.79 6.50 -17.62
CA ASN B 277 26.64 6.53 -18.79
C ASN B 277 25.87 6.91 -20.05
N ALA B 278 24.64 6.41 -20.18
CA ALA B 278 23.77 6.78 -21.27
C ALA B 278 23.41 8.26 -21.21
N LYS B 279 22.92 8.72 -20.06
CA LYS B 279 22.42 10.09 -19.92
C LYS B 279 23.51 11.14 -20.11
N VAL B 280 24.73 10.84 -19.68
CA VAL B 280 25.87 11.71 -19.90
C VAL B 280 26.12 11.88 -21.40
N ALA B 281 26.04 10.79 -22.16
CA ALA B 281 26.26 10.88 -23.59
C ALA B 281 25.19 11.75 -24.24
N GLU B 282 23.93 11.60 -23.82
CA GLU B 282 22.86 12.43 -24.36
C GLU B 282 23.14 13.91 -24.08
N TRP B 283 23.56 14.27 -22.85
CA TRP B 283 23.88 15.65 -22.55
C TRP B 283 25.00 16.19 -23.44
N ARG B 284 25.99 15.35 -23.78
CA ARG B 284 27.09 15.74 -24.65
C ARG B 284 26.56 16.15 -26.02
N GLU B 285 25.73 15.27 -26.63
CA GLU B 285 25.18 15.50 -27.95
C GLU B 285 24.21 16.70 -27.97
N GLU B 286 23.51 16.93 -26.86
CA GLU B 286 22.61 18.06 -26.71
C GLU B 286 23.35 19.38 -26.47
N GLY B 287 24.65 19.32 -26.15
CA GLY B 287 25.43 20.49 -25.79
C GLY B 287 25.14 21.04 -24.39
N LYS B 288 24.47 20.25 -23.55
CA LYS B 288 24.08 20.68 -22.22
C LYS B 288 25.26 20.62 -21.24
N ALA B 289 26.20 19.69 -21.49
CA ALA B 289 27.37 19.48 -20.65
C ALA B 289 28.58 19.03 -21.46
N GLU B 290 29.78 19.30 -20.97
CA GLU B 290 31.01 18.87 -21.60
C GLU B 290 31.63 17.75 -20.77
N ILE B 291 31.90 16.59 -21.37
CA ILE B 291 32.71 15.60 -20.66
C ILE B 291 34.21 15.92 -20.81
N ILE B 292 34.96 15.83 -19.70
CA ILE B 292 36.39 16.17 -19.69
C ILE B 292 37.18 15.05 -19.01
N PRO B 293 37.86 14.19 -19.79
CA PRO B 293 38.73 13.18 -19.24
C PRO B 293 39.86 13.77 -18.43
N GLY B 294 40.15 13.11 -17.30
CA GLY B 294 41.25 13.49 -16.43
C GLY B 294 42.18 12.30 -16.24
N VAL B 295 42.85 12.25 -15.08
CA VAL B 295 43.93 11.32 -14.78
C VAL B 295 43.69 10.71 -13.40
N LEU B 296 44.04 9.46 -13.27
CA LEU B 296 44.16 8.80 -11.96
C LEU B 296 45.62 8.44 -11.76
N PHE B 297 46.19 8.93 -10.67
CA PHE B 297 47.54 8.58 -10.27
C PHE B 297 47.51 7.62 -9.08
N ILE B 298 47.98 6.41 -9.25
CA ILE B 298 48.14 5.51 -8.13
C ILE B 298 49.61 5.44 -7.83
N ASP B 299 50.00 6.06 -6.71
CA ASP B 299 51.34 5.89 -6.17
C ASP B 299 51.52 4.57 -5.43
N GLU B 300 52.74 4.07 -5.37
CA GLU B 300 53.07 2.83 -4.69
C GLU B 300 52.21 1.65 -5.18
N VAL B 301 52.02 1.53 -6.50
CA VAL B 301 51.01 0.66 -7.04
C VAL B 301 51.24 -0.81 -6.73
N HIS B 302 52.45 -1.16 -6.34
CA HIS B 302 52.76 -2.53 -6.01
C HIS B 302 52.05 -3.06 -4.77
N MET B 303 51.26 -2.19 -4.10
CA MET B 303 50.43 -2.61 -2.99
C MET B 303 49.21 -3.42 -3.41
N LEU B 304 48.79 -3.34 -4.67
CA LEU B 304 47.54 -3.99 -5.06
C LEU B 304 47.66 -5.54 -5.04
N ASP B 305 46.60 -6.22 -4.60
CA ASP B 305 46.45 -7.66 -4.74
C ASP B 305 46.27 -8.04 -6.20
N ILE B 306 46.54 -9.31 -6.53
CA ILE B 306 46.29 -9.78 -7.88
C ILE B 306 44.81 -9.72 -8.32
N GLU B 307 43.87 -9.78 -7.37
CA GLU B 307 42.47 -9.53 -7.71
C GLU B 307 42.23 -8.12 -8.23
N SER B 308 42.93 -7.14 -7.66
CA SER B 308 42.85 -5.76 -8.10
C SER B 308 43.49 -5.57 -9.48
N PHE B 309 44.64 -6.20 -9.69
CA PHE B 309 45.29 -6.16 -11.00
C PHE B 309 44.36 -6.76 -12.03
N SER B 310 43.74 -7.91 -11.71
CA SER B 310 42.87 -8.58 -12.67
C SER B 310 41.65 -7.74 -13.01
N PHE B 311 41.19 -6.90 -12.09
CA PHE B 311 40.10 -5.99 -12.40
C PHE B 311 40.61 -4.95 -13.37
N LEU B 312 41.79 -4.37 -13.13
CA LEU B 312 42.31 -3.32 -13.97
C LEU B 312 42.43 -3.79 -15.43
N ASN B 313 42.83 -5.06 -15.66
CA ASN B 313 43.00 -5.58 -17.01
C ASN B 313 41.83 -5.12 -17.91
N ARG B 314 40.60 -5.39 -17.46
CA ARG B 314 39.37 -5.32 -18.24
C ARG B 314 38.59 -4.04 -17.93
N ALA B 315 38.77 -3.45 -16.75
CA ALA B 315 38.20 -2.16 -16.39
C ALA B 315 38.78 -1.05 -17.26
N LEU B 316 40.02 -1.22 -17.72
CA LEU B 316 40.74 -0.20 -18.49
C LEU B 316 40.27 -0.06 -19.94
N GLU B 317 39.30 -0.90 -20.35
CA GLU B 317 38.94 -1.08 -21.75
C GLU B 317 37.62 -0.39 -22.11
N SER B 318 37.03 0.35 -21.18
CA SER B 318 35.79 1.07 -21.40
C SER B 318 36.04 2.44 -22.03
N ASP B 319 35.10 2.96 -22.83
CA ASP B 319 35.27 4.28 -23.43
C ASP B 319 35.14 5.43 -22.44
N MET B 320 34.75 5.12 -21.19
CA MET B 320 34.73 6.14 -20.14
C MET B 320 35.98 6.09 -19.26
N ALA B 321 37.01 5.33 -19.61
CA ALA B 321 38.15 5.16 -18.72
C ALA B 321 39.00 6.44 -18.76
N PRO B 322 39.60 6.88 -17.63
CA PRO B 322 40.52 8.02 -17.66
C PRO B 322 41.91 7.53 -18.04
N VAL B 323 42.85 8.46 -18.20
CA VAL B 323 44.26 8.09 -18.33
C VAL B 323 44.81 7.70 -16.97
N LEU B 324 45.57 6.60 -16.92
CA LEU B 324 46.06 6.07 -15.65
C LEU B 324 47.59 6.14 -15.57
N ILE B 325 48.11 6.63 -14.43
CA ILE B 325 49.54 6.75 -14.21
C ILE B 325 49.88 6.02 -12.92
N MET B 326 50.99 5.31 -12.92
CA MET B 326 51.40 4.53 -11.76
C MET B 326 52.89 4.73 -11.50
N ALA B 327 53.30 4.58 -10.26
CA ALA B 327 54.70 4.72 -9.93
C ALA B 327 55.10 3.62 -8.99
N THR B 328 56.37 3.19 -9.06
CA THR B 328 56.84 2.09 -8.23
C THR B 328 58.35 2.11 -8.16
N ASN B 329 58.88 1.55 -7.06
CA ASN B 329 60.30 1.50 -6.81
C ASN B 329 60.84 0.08 -6.62
N ARG B 330 60.18 -0.92 -7.22
CA ARG B 330 60.37 -2.32 -6.88
C ARG B 330 61.09 -3.07 -7.99
N GLY B 331 62.04 -3.95 -7.59
CA GLY B 331 62.73 -4.90 -8.44
C GLY B 331 61.81 -6.08 -8.80
N ILE B 332 62.39 -7.15 -9.29
CA ILE B 332 61.66 -8.39 -9.43
C ILE B 332 61.26 -8.83 -8.02
N THR B 333 59.95 -8.90 -7.72
CA THR B 333 59.43 -9.17 -6.37
C THR B 333 58.12 -9.94 -6.46
N ARG B 334 57.69 -10.58 -5.35
CA ARG B 334 56.48 -11.42 -5.46
C ARG B 334 55.20 -10.61 -5.33
N ILE B 335 54.28 -10.72 -6.32
CA ILE B 335 53.08 -9.92 -6.50
C ILE B 335 52.19 -10.16 -5.30
N ARG B 336 51.77 -9.05 -4.64
CA ARG B 336 51.13 -9.14 -3.32
C ARG B 336 49.90 -10.04 -3.39
N GLY B 337 49.78 -10.93 -2.39
CA GLY B 337 48.71 -11.93 -2.37
C GLY B 337 48.91 -13.18 -3.23
N THR B 338 50.13 -13.40 -3.74
CA THR B 338 50.49 -14.62 -4.50
C THR B 338 51.92 -15.08 -4.23
N SER B 339 52.29 -16.20 -4.90
CA SER B 339 53.66 -16.73 -4.81
C SER B 339 54.59 -16.20 -5.93
N TYR B 340 54.00 -15.71 -7.03
CA TYR B 340 54.76 -15.51 -8.26
C TYR B 340 55.63 -14.25 -8.23
N GLN B 341 56.91 -14.37 -8.60
CA GLN B 341 57.78 -13.21 -8.81
C GLN B 341 57.45 -12.51 -10.15
N SER B 342 57.57 -11.19 -10.21
CA SER B 342 57.46 -10.50 -11.49
C SER B 342 58.10 -9.11 -11.47
N PRO B 343 58.39 -8.49 -12.64
CA PRO B 343 58.87 -7.11 -12.76
C PRO B 343 57.95 -6.13 -12.09
N HIS B 344 58.52 -5.17 -11.37
CA HIS B 344 57.75 -4.18 -10.65
C HIS B 344 56.72 -4.74 -9.64
N GLY B 345 56.72 -6.05 -9.39
CA GLY B 345 55.72 -6.71 -8.56
C GLY B 345 54.31 -6.58 -9.14
N ILE B 346 54.17 -6.38 -10.45
CA ILE B 346 52.91 -6.35 -11.17
C ILE B 346 52.84 -7.57 -12.12
N PRO B 347 51.70 -8.26 -12.28
CA PRO B 347 51.65 -9.38 -13.22
C PRO B 347 51.71 -8.92 -14.68
N ILE B 348 52.30 -9.75 -15.53
CA ILE B 348 52.56 -9.43 -16.95
C ILE B 348 51.27 -9.15 -17.73
N ASP B 349 50.13 -9.75 -17.37
CA ASP B 349 48.81 -9.44 -17.93
C ASP B 349 48.59 -7.93 -18.03
N LEU B 350 48.96 -7.21 -16.96
CA LEU B 350 48.75 -5.78 -16.86
C LEU B 350 49.96 -5.02 -17.40
N LEU B 351 51.16 -5.54 -17.13
CA LEU B 351 52.36 -4.83 -17.53
C LEU B 351 52.50 -4.76 -19.05
N ASP B 352 51.85 -5.68 -19.78
CA ASP B 352 51.81 -5.70 -21.23
C ASP B 352 50.90 -4.59 -21.79
N ARG B 353 49.99 -4.05 -20.97
CA ARG B 353 48.96 -3.15 -21.44
C ARG B 353 49.37 -1.69 -21.36
N LEU B 354 50.63 -1.41 -20.99
CA LEU B 354 51.05 -0.04 -20.71
C LEU B 354 52.45 0.27 -21.23
N LEU B 355 52.80 1.55 -21.21
CA LEU B 355 54.13 2.03 -21.61
C LEU B 355 54.94 2.38 -20.38
N ILE B 356 56.19 1.92 -20.30
CA ILE B 356 57.03 2.20 -19.15
C ILE B 356 57.98 3.36 -19.44
N VAL B 357 58.03 4.36 -18.55
CA VAL B 357 59.02 5.43 -18.53
C VAL B 357 59.99 5.15 -17.39
N SER B 358 61.31 5.25 -17.62
CA SER B 358 62.25 4.93 -16.54
C SER B 358 63.14 6.13 -16.20
N THR B 359 63.61 6.18 -14.95
CA THR B 359 64.35 7.32 -14.40
C THR B 359 65.77 6.91 -13.95
N THR B 360 66.65 7.93 -13.87
CA THR B 360 68.09 7.74 -13.75
C THR B 360 68.61 8.37 -12.45
N PRO B 361 69.62 7.75 -11.79
CA PRO B 361 70.25 8.34 -10.62
C PRO B 361 70.95 9.65 -10.94
N TYR B 362 71.11 10.51 -9.91
CA TYR B 362 71.69 11.83 -10.12
C TYR B 362 73.22 11.84 -9.99
N SER B 363 73.81 12.92 -10.53
CA SER B 363 75.23 13.25 -10.43
C SER B 363 75.48 14.31 -9.35
N GLU B 364 76.76 14.68 -9.13
CA GLU B 364 77.07 15.88 -8.38
C GLU B 364 76.35 17.12 -8.91
N LYS B 365 76.43 17.29 -10.22
CA LYS B 365 76.11 18.56 -10.86
C LYS B 365 74.64 18.89 -10.63
N ASP B 366 73.75 17.90 -10.75
CA ASP B 366 72.32 18.08 -10.53
C ASP B 366 71.93 17.88 -9.06
N THR B 367 72.61 17.06 -8.28
CA THR B 367 72.31 17.00 -6.85
C THR B 367 72.54 18.34 -6.16
N LYS B 368 73.66 19.02 -6.45
CA LYS B 368 73.86 20.40 -5.99
C LYS B 368 72.77 21.35 -6.50
N GLN B 369 72.33 21.22 -7.73
CA GLN B 369 71.32 22.10 -8.27
C GLN B 369 69.97 21.88 -7.60
N ILE B 370 69.62 20.65 -7.23
CA ILE B 370 68.41 20.39 -6.45
C ILE B 370 68.47 21.10 -5.08
N LEU B 371 69.60 21.04 -4.39
CA LEU B 371 69.74 21.71 -3.11
C LEU B 371 69.62 23.21 -3.29
N ARG B 372 70.18 23.76 -4.37
CA ARG B 372 70.11 25.19 -4.61
C ARG B 372 68.66 25.62 -4.77
N ILE B 373 67.86 24.88 -5.55
CA ILE B 373 66.47 25.27 -5.76
C ILE B 373 65.63 25.01 -4.51
N ARG B 374 66.07 24.14 -3.60
CA ARG B 374 65.35 23.90 -2.35
C ARG B 374 65.55 25.01 -1.33
N CYS B 375 66.76 25.54 -1.19
CA CYS B 375 67.00 26.64 -0.28
C CYS B 375 66.26 27.90 -0.71
N GLU B 376 66.02 28.12 -2.00
CA GLU B 376 65.22 29.23 -2.49
C GLU B 376 63.78 29.14 -2.00
N GLU B 377 63.24 27.94 -1.82
CA GLU B 377 61.87 27.74 -1.37
C GLU B 377 61.71 27.82 0.15
N GLU B 378 62.70 27.33 0.92
CA GLU B 378 62.66 27.41 2.38
C GLU B 378 63.23 28.72 2.95
N ASP B 379 63.57 29.71 2.09
CA ASP B 379 64.07 31.04 2.44
C ASP B 379 65.39 30.98 3.21
N VAL B 380 66.41 30.27 2.68
CA VAL B 380 67.71 30.11 3.34
C VAL B 380 68.85 30.64 2.45
N GLU B 381 69.86 31.26 3.08
CA GLU B 381 71.13 31.57 2.44
C GLU B 381 72.24 30.68 3.02
N MET B 382 73.11 30.19 2.12
CA MET B 382 74.28 29.42 2.53
C MET B 382 75.48 29.86 1.67
N SER B 383 76.70 29.67 2.22
CA SER B 383 77.92 29.90 1.46
C SER B 383 78.13 28.76 0.44
N GLU B 384 78.90 29.06 -0.62
CA GLU B 384 79.26 28.04 -1.59
C GLU B 384 80.06 26.90 -0.98
N ASP B 385 80.80 27.19 0.10
CA ASP B 385 81.52 26.18 0.86
C ASP B 385 80.52 25.22 1.53
N ALA B 386 79.47 25.78 2.14
CA ALA B 386 78.43 24.97 2.77
C ALA B 386 77.72 24.08 1.75
N TYR B 387 77.33 24.63 0.58
CA TYR B 387 76.74 23.81 -0.48
C TYR B 387 77.68 22.69 -0.92
N THR B 388 78.99 22.94 -0.96
CA THR B 388 79.97 21.95 -1.37
C THR B 388 79.96 20.78 -0.39
N VAL B 389 79.95 21.06 0.93
CA VAL B 389 79.91 20.00 1.92
C VAL B 389 78.60 19.26 1.84
N LEU B 390 77.49 20.00 1.77
CA LEU B 390 76.18 19.37 1.78
C LEU B 390 75.99 18.45 0.57
N THR B 391 76.50 18.86 -0.59
CA THR B 391 76.41 18.02 -1.77
C THR B 391 77.15 16.70 -1.58
N ARG B 392 78.32 16.70 -0.92
CA ARG B 392 79.01 15.47 -0.62
C ARG B 392 78.17 14.56 0.30
N ILE B 393 77.58 15.14 1.35
CA ILE B 393 76.70 14.38 2.24
C ILE B 393 75.57 13.76 1.41
N GLY B 394 75.01 14.53 0.48
CA GLY B 394 73.93 14.07 -0.40
C GLY B 394 74.34 13.06 -1.47
N LEU B 395 75.55 12.48 -1.41
CA LEU B 395 75.93 11.38 -2.27
C LEU B 395 76.52 10.24 -1.43
N GLU B 396 77.21 10.58 -0.33
CA GLU B 396 77.59 9.60 0.70
C GLU B 396 76.34 8.91 1.29
N THR B 397 75.25 9.68 1.35
CA THR B 397 73.95 9.33 1.93
C THR B 397 72.87 9.87 0.98
N SER B 398 71.62 9.39 1.11
CA SER B 398 70.57 9.73 0.14
C SER B 398 70.23 11.23 0.02
N LEU B 399 69.57 11.61 -1.09
CA LEU B 399 69.23 12.98 -1.40
C LEU B 399 68.25 13.53 -0.37
N ARG B 400 67.27 12.73 0.05
CA ARG B 400 66.27 13.20 1.01
C ARG B 400 66.92 13.63 2.33
N TYR B 401 67.94 12.92 2.80
CA TYR B 401 68.64 13.30 4.01
C TYR B 401 69.32 14.64 3.87
N ALA B 402 70.03 14.85 2.78
CA ALA B 402 70.66 16.15 2.57
C ALA B 402 69.61 17.24 2.57
N ILE B 403 68.47 17.06 1.88
CA ILE B 403 67.39 18.04 1.88
C ILE B 403 66.92 18.32 3.30
N GLN B 404 66.83 17.28 4.14
CA GLN B 404 66.34 17.39 5.52
C GLN B 404 67.29 18.20 6.42
N LEU B 405 68.57 18.29 6.08
CA LEU B 405 69.47 19.07 6.89
C LEU B 405 69.28 20.56 6.67
N ILE B 406 68.68 21.01 5.58
CA ILE B 406 68.67 22.41 5.28
C ILE B 406 67.88 23.21 6.34
N THR B 407 66.69 22.75 6.75
CA THR B 407 65.97 23.49 7.78
C THR B 407 66.72 23.42 9.11
N ALA B 408 67.17 22.25 9.54
CA ALA B 408 67.95 22.09 10.76
C ALA B 408 69.18 23.01 10.81
N ALA B 409 69.90 23.13 9.70
CA ALA B 409 70.99 24.07 9.60
C ALA B 409 70.52 25.52 9.75
N SER B 410 69.44 25.92 9.11
CA SER B 410 68.94 27.27 9.26
C SER B 410 68.55 27.58 10.69
N LEU B 411 67.96 26.61 11.42
CA LEU B 411 67.52 26.84 12.78
C LEU B 411 68.72 26.98 13.71
N VAL B 412 69.72 26.09 13.57
CA VAL B 412 70.90 26.19 14.40
C VAL B 412 71.65 27.49 14.13
N CYS B 413 71.73 27.93 12.88
CA CYS B 413 72.23 29.25 12.53
C CYS B 413 71.48 30.37 13.27
N ARG B 414 70.15 30.35 13.20
CA ARG B 414 69.37 31.42 13.77
C ARG B 414 69.47 31.45 15.30
N LYS B 415 69.57 30.28 15.97
CA LYS B 415 69.74 30.20 17.42
C LYS B 415 70.99 30.97 17.88
N ARG B 416 72.10 30.86 17.11
CA ARG B 416 73.36 31.53 17.44
C ARG B 416 73.45 32.92 16.79
N LYS B 417 72.32 33.47 16.34
CA LYS B 417 72.18 34.83 15.82
C LYS B 417 73.01 35.05 14.54
N GLY B 418 73.23 33.98 13.75
CA GLY B 418 73.79 34.11 12.42
C GLY B 418 72.76 34.57 11.38
N THR B 419 73.23 34.84 10.16
CA THR B 419 72.38 35.30 9.06
C THR B 419 72.71 34.61 7.73
N GLU B 420 73.55 33.58 7.77
CA GLU B 420 73.89 32.76 6.61
C GLU B 420 74.49 31.45 7.14
N VAL B 421 74.02 30.32 6.61
CA VAL B 421 74.47 29.03 7.10
C VAL B 421 75.93 28.83 6.74
N GLN B 422 76.75 28.46 7.72
CA GLN B 422 78.16 28.14 7.52
C GLN B 422 78.38 26.63 7.64
N VAL B 423 79.55 26.19 7.17
CA VAL B 423 79.87 24.78 7.10
C VAL B 423 79.85 24.13 8.50
N ASP B 424 80.22 24.86 9.56
CA ASP B 424 80.21 24.30 10.91
C ASP B 424 78.80 24.10 11.46
N ASP B 425 77.82 24.89 10.98
CA ASP B 425 76.40 24.64 11.26
C ASP B 425 75.96 23.28 10.71
N ILE B 426 76.35 23.00 9.47
CA ILE B 426 76.01 21.75 8.83
C ILE B 426 76.72 20.62 9.53
N LYS B 427 78.01 20.76 9.86
CA LYS B 427 78.70 19.70 10.59
C LYS B 427 78.06 19.43 11.96
N ARG B 428 77.59 20.49 12.63
CA ARG B 428 76.85 20.38 13.88
C ARG B 428 75.60 19.54 13.69
N VAL B 429 74.71 19.97 12.80
CA VAL B 429 73.45 19.25 12.53
C VAL B 429 73.72 17.81 12.11
N TYR B 430 74.68 17.58 11.24
CA TYR B 430 75.03 16.26 10.76
C TYR B 430 75.44 15.34 11.91
N SER B 431 76.00 15.90 12.99
CA SER B 431 76.37 15.10 14.16
C SER B 431 75.16 14.81 15.06
N LEU B 432 74.11 15.61 14.93
CA LEU B 432 72.97 15.61 15.85
C LEU B 432 71.85 14.70 15.38
N PHE B 433 71.47 14.76 14.09
CA PHE B 433 70.44 13.92 13.51
C PHE B 433 71.02 12.87 12.57
N LEU B 434 70.75 11.60 12.81
CA LEU B 434 71.40 10.55 12.04
C LEU B 434 70.75 10.29 10.67
N ASP B 435 71.59 9.86 9.72
CA ASP B 435 71.20 9.06 8.57
C ASP B 435 70.87 7.62 9.02
N GLU B 436 70.07 6.92 8.22
CA GLU B 436 69.75 5.52 8.46
C GLU B 436 71.03 4.69 8.56
N SER B 437 71.98 4.88 7.64
CA SER B 437 73.16 4.00 7.60
C SER B 437 73.98 4.03 8.90
N ARG B 438 74.14 5.24 9.47
CA ARG B 438 74.83 5.44 10.73
C ARG B 438 74.02 4.88 11.88
N SER B 439 72.70 5.10 11.87
CA SER B 439 71.83 4.57 12.90
C SER B 439 71.92 3.04 12.97
N THR B 440 71.79 2.41 11.80
CA THR B 440 71.87 0.97 11.67
C THR B 440 73.23 0.46 12.13
N GLN B 441 74.30 1.24 11.92
CA GLN B 441 75.62 0.87 12.41
C GLN B 441 75.65 0.86 13.93
N TYR B 442 75.18 1.93 14.61
CA TYR B 442 75.15 1.92 16.07
C TYR B 442 74.24 0.83 16.66
N MET B 443 73.22 0.43 15.92
CA MET B 443 72.36 -0.65 16.35
C MET B 443 73.09 -2.01 16.39
N LYS B 444 74.28 -2.14 15.78
CA LYS B 444 75.06 -3.37 15.87
C LYS B 444 75.76 -3.53 17.23
N GLU B 445 76.22 -2.44 17.85
CA GLU B 445 77.04 -2.56 19.04
C GLU B 445 76.19 -2.71 20.31
N TYR B 446 74.89 -2.40 20.24
CA TYR B 446 73.95 -2.66 21.33
C TYR B 446 73.00 -3.81 20.97
N GLN B 447 73.49 -4.85 20.28
CA GLN B 447 72.63 -5.86 19.70
C GLN B 447 71.70 -6.53 20.72
N ASP B 448 72.14 -6.75 21.96
CA ASP B 448 71.31 -7.41 22.94
C ASP B 448 70.27 -6.49 23.60
N ALA B 449 70.43 -5.16 23.49
CA ALA B 449 69.62 -4.20 24.24
C ALA B 449 68.35 -3.77 23.49
N PHE B 450 68.36 -3.77 22.16
CA PHE B 450 67.14 -3.60 21.36
C PHE B 450 66.29 -4.87 21.32
N LEU B 451 64.99 -4.75 21.01
CA LEU B 451 64.11 -5.91 21.00
C LEU B 451 64.09 -6.68 19.67
N PHE B 452 63.93 -8.02 19.80
CA PHE B 452 63.63 -8.95 18.71
C PHE B 452 64.57 -8.86 17.50
N ASN B 453 65.88 -8.90 17.73
CA ASN B 453 66.83 -9.00 16.62
C ASN B 453 66.80 -10.38 15.91
N LYS C 84 -89.38 -27.08 37.68
CA LYS C 84 -88.42 -27.99 36.99
C LYS C 84 -87.17 -27.20 36.59
N ASP C 85 -87.26 -26.47 35.47
CA ASP C 85 -86.14 -25.68 34.97
C ASP C 85 -85.85 -24.52 35.93
N PRO C 86 -84.57 -24.10 36.08
CA PRO C 86 -84.18 -22.97 36.95
C PRO C 86 -85.03 -21.70 36.85
N ASN C 87 -85.38 -21.26 35.63
CA ASN C 87 -86.19 -20.06 35.42
C ASN C 87 -86.68 -20.00 33.96
N PHE C 88 -87.72 -19.17 33.70
CA PHE C 88 -88.19 -18.83 32.36
C PHE C 88 -88.35 -17.33 32.12
N VAL C 89 -88.52 -16.50 33.17
CA VAL C 89 -88.71 -15.06 32.99
C VAL C 89 -87.35 -14.32 32.98
N HIS C 90 -86.51 -14.70 32.00
CA HIS C 90 -85.13 -14.23 31.89
C HIS C 90 -85.06 -12.73 31.57
N SER C 91 -84.11 -12.04 32.20
CA SER C 91 -84.00 -10.60 32.09
C SER C 91 -83.40 -10.16 30.74
N GLY C 92 -83.71 -8.92 30.33
CA GLY C 92 -83.05 -8.27 29.20
C GLY C 92 -81.70 -7.65 29.60
N HIS C 93 -80.61 -8.41 29.42
CA HIS C 93 -79.27 -7.98 29.85
C HIS C 93 -78.67 -6.91 28.93
N GLY C 94 -78.91 -7.02 27.59
CA GLY C 94 -78.33 -6.10 26.61
C GLY C 94 -78.44 -6.46 25.12
N GLY C 95 -79.21 -7.49 24.69
CA GLY C 95 -79.25 -7.89 23.28
C GLY C 95 -79.86 -6.84 22.33
N ALA C 96 -79.70 -7.05 21.01
CA ALA C 96 -80.11 -6.09 19.97
C ALA C 96 -81.61 -6.14 19.63
N VAL C 97 -82.46 -5.97 20.66
CA VAL C 97 -83.91 -5.89 20.51
C VAL C 97 -84.31 -4.46 20.12
N ALA C 98 -83.58 -3.46 20.63
CA ALA C 98 -84.02 -2.07 20.61
C ALA C 98 -83.48 -1.28 19.40
N GLY C 99 -82.58 -1.88 18.59
CA GLY C 99 -81.95 -1.17 17.48
C GLY C 99 -81.12 -2.07 16.54
N LYS C 100 -80.54 -1.43 15.50
CA LYS C 100 -79.80 -2.10 14.43
C LYS C 100 -78.42 -2.62 14.89
N LYS C 101 -78.01 -2.37 16.15
CA LYS C 101 -76.63 -2.55 16.62
C LYS C 101 -76.24 -4.01 16.76
N ASN C 102 -74.96 -4.28 17.04
CA ASN C 102 -74.43 -5.64 16.86
C ASN C 102 -75.13 -6.62 17.82
N ARG C 103 -75.31 -7.84 17.30
CA ARG C 103 -76.43 -8.75 17.58
C ARG C 103 -76.55 -9.16 19.05
N THR C 104 -75.55 -9.86 19.61
CA THR C 104 -75.62 -10.38 20.99
C THR C 104 -75.15 -9.30 21.96
N TRP C 105 -73.88 -8.92 21.78
CA TRP C 105 -73.25 -7.89 22.57
C TRP C 105 -71.99 -7.43 21.83
N LYS C 106 -71.44 -6.30 22.30
CA LYS C 106 -70.19 -5.75 21.81
C LYS C 106 -69.09 -6.82 21.80
N ASN C 107 -68.22 -6.74 20.78
CA ASN C 107 -67.01 -7.57 20.72
C ASN C 107 -65.99 -7.08 21.74
N LEU C 108 -64.99 -7.93 22.01
CA LEU C 108 -64.06 -7.67 23.09
C LEU C 108 -63.33 -6.33 22.90
N LYS C 109 -62.89 -6.04 21.68
CA LYS C 109 -62.25 -4.76 21.36
C LYS C 109 -63.09 -3.54 21.76
N GLN C 110 -64.41 -3.61 21.53
CA GLN C 110 -65.36 -2.55 21.90
C GLN C 110 -65.50 -2.45 23.42
N ILE C 111 -65.51 -3.59 24.11
CA ILE C 111 -65.53 -3.62 25.58
C ILE C 111 -64.31 -2.90 26.11
N LEU C 112 -63.12 -3.29 25.63
CA LEU C 112 -61.87 -2.71 26.07
C LEU C 112 -61.82 -1.21 25.80
N ALA C 113 -62.36 -0.76 24.65
CA ALA C 113 -62.45 0.66 24.34
C ALA C 113 -63.26 1.44 25.39
N SER C 114 -64.19 0.76 26.08
CA SER C 114 -64.99 1.34 27.15
C SER C 114 -64.34 1.17 28.54
N GLU C 115 -63.33 0.30 28.67
CA GLU C 115 -62.60 0.10 29.92
C GLU C 115 -61.45 1.10 30.06
N ARG C 116 -60.87 1.52 28.94
CA ARG C 116 -59.83 2.55 28.90
C ARG C 116 -60.32 3.95 29.32
N ALA C 117 -61.63 4.13 29.51
CA ALA C 117 -62.20 5.40 29.93
C ALA C 117 -62.13 5.63 31.45
N LEU C 118 -61.92 4.54 32.22
CA LEU C 118 -62.08 4.55 33.68
C LEU C 118 -60.93 5.25 34.41
N PRO C 119 -61.14 5.69 35.68
CA PRO C 119 -60.09 6.32 36.49
C PRO C 119 -59.10 5.34 37.11
N TRP C 120 -58.31 4.69 36.24
CA TRP C 120 -57.21 3.85 36.66
C TRP C 120 -56.05 4.69 37.21
N GLN C 121 -55.18 4.04 38.01
CA GLN C 121 -53.94 4.63 38.53
C GLN C 121 -52.75 3.70 38.25
N LEU C 122 -51.52 4.23 38.43
CA LEU C 122 -50.33 3.72 37.76
C LEU C 122 -49.92 2.31 38.22
N ASN C 123 -50.36 1.88 39.41
CA ASN C 123 -50.02 0.57 39.94
C ASN C 123 -51.06 -0.51 39.59
N ASP C 124 -52.20 -0.13 39.00
CA ASP C 124 -53.37 -1.00 38.94
C ASP C 124 -53.22 -2.11 37.90
N PRO C 125 -53.44 -3.40 38.26
CA PRO C 125 -53.61 -4.47 37.28
C PRO C 125 -54.81 -4.18 36.37
N ASN C 126 -54.85 -4.88 35.24
CA ASN C 126 -55.73 -4.54 34.12
C ASN C 126 -55.80 -5.73 33.15
N TYR C 127 -56.66 -5.69 32.12
CA TYR C 127 -56.61 -6.65 31.02
C TYR C 127 -55.87 -6.06 29.81
N PHE C 128 -55.75 -4.73 29.68
CA PHE C 128 -55.08 -4.20 28.50
C PHE C 128 -53.62 -3.82 28.73
N SER C 129 -52.98 -4.24 29.85
CA SER C 129 -51.56 -3.97 30.07
C SER C 129 -50.76 -5.20 30.57
N ILE C 130 -51.30 -6.38 30.35
CA ILE C 130 -50.64 -7.65 30.66
C ILE C 130 -49.93 -8.26 29.44
N ASP C 131 -50.03 -7.64 28.25
CA ASP C 131 -49.47 -8.22 27.04
C ASP C 131 -47.96 -8.34 27.18
N ALA C 132 -47.38 -9.48 26.77
CA ALA C 132 -45.92 -9.66 26.76
C ALA C 132 -45.26 -8.68 25.77
N PRO C 133 -43.96 -8.32 25.94
CA PRO C 133 -43.33 -7.32 25.07
C PRO C 133 -42.91 -7.94 23.75
N PRO C 134 -42.59 -7.14 22.71
CA PRO C 134 -42.05 -7.70 21.47
C PRO C 134 -40.68 -8.30 21.76
N SER C 135 -40.25 -9.28 20.95
CA SER C 135 -38.92 -9.85 21.10
C SER C 135 -37.82 -8.85 20.72
N PHE C 136 -36.65 -8.99 21.35
CA PHE C 136 -35.51 -8.10 21.14
C PHE C 136 -34.63 -8.61 20.00
N LYS C 137 -34.46 -9.95 19.93
CA LYS C 137 -33.60 -10.62 18.97
C LYS C 137 -34.21 -10.57 17.58
N PRO C 138 -33.39 -10.60 16.50
CA PRO C 138 -33.92 -10.73 15.16
C PRO C 138 -34.37 -12.19 14.97
N ALA C 139 -35.34 -12.35 14.07
CA ALA C 139 -36.05 -13.60 13.85
C ALA C 139 -35.18 -14.60 13.08
N LYS C 140 -35.26 -15.91 13.41
CA LYS C 140 -34.66 -16.93 12.54
C LYS C 140 -35.43 -17.07 11.21
N LYS C 141 -34.77 -17.60 10.16
CA LYS C 141 -35.36 -17.68 8.83
C LYS C 141 -35.46 -19.13 8.39
N TYR C 142 -36.58 -19.77 8.70
CA TYR C 142 -36.84 -21.12 8.25
C TYR C 142 -37.51 -21.10 6.88
N SER C 143 -37.23 -22.14 6.07
CA SER C 143 -37.84 -22.33 4.76
C SER C 143 -39.35 -22.52 4.85
N ASP C 144 -40.08 -22.13 3.81
CA ASP C 144 -41.53 -22.27 3.81
C ASP C 144 -41.94 -23.73 3.69
N VAL C 145 -41.42 -24.42 2.67
CA VAL C 145 -42.03 -25.64 2.16
C VAL C 145 -41.53 -26.89 2.91
N SER C 146 -40.50 -26.76 3.77
CA SER C 146 -40.00 -27.90 4.54
C SER C 146 -39.71 -27.57 6.02
N GLY C 147 -39.42 -26.32 6.33
CA GLY C 147 -39.15 -25.89 7.69
C GLY C 147 -37.67 -25.94 8.07
N LEU C 148 -36.83 -26.44 7.17
CA LEU C 148 -35.38 -26.47 7.42
C LEU C 148 -34.83 -25.04 7.35
N LEU C 149 -33.65 -24.77 7.94
CA LEU C 149 -33.05 -23.44 7.90
C LEU C 149 -32.80 -22.96 6.47
N ALA C 150 -33.14 -21.70 6.21
CA ALA C 150 -33.05 -21.16 4.85
C ALA C 150 -31.99 -20.08 4.76
N ASN C 151 -30.92 -20.39 4.03
CA ASN C 151 -29.92 -19.42 3.66
C ASN C 151 -30.46 -18.44 2.60
N TYR C 152 -31.48 -18.86 1.84
CA TYR C 152 -31.82 -18.24 0.57
C TYR C 152 -33.27 -17.77 0.47
N THR C 153 -33.53 -16.70 -0.30
CA THR C 153 -34.89 -16.32 -0.68
C THR C 153 -34.97 -16.02 -2.17
N ASP C 154 -36.04 -16.46 -2.84
CA ASP C 154 -36.19 -16.31 -4.28
C ASP C 154 -36.65 -14.89 -4.64
N PRO C 155 -35.97 -14.13 -5.52
CA PRO C 155 -36.33 -12.74 -5.79
C PRO C 155 -37.69 -12.45 -6.42
N GLN C 156 -38.37 -13.49 -6.95
CA GLN C 156 -39.64 -13.29 -7.66
C GLN C 156 -40.85 -13.74 -6.83
N SER C 157 -40.81 -14.96 -6.31
CA SER C 157 -41.87 -15.48 -5.47
C SER C 157 -41.78 -15.01 -4.02
N LYS C 158 -40.57 -14.67 -3.57
CA LYS C 158 -40.29 -14.16 -2.22
C LYS C 158 -40.46 -15.23 -1.16
N LEU C 159 -40.59 -16.51 -1.57
CA LEU C 159 -40.46 -17.61 -0.61
C LEU C 159 -39.00 -17.88 -0.26
N ARG C 160 -38.75 -18.67 0.79
CA ARG C 160 -37.41 -18.92 1.26
C ARG C 160 -37.16 -20.42 1.43
N PHE C 161 -35.93 -20.86 1.11
CA PHE C 161 -35.62 -22.26 0.84
C PHE C 161 -34.18 -22.61 1.20
N SER C 162 -33.89 -23.92 1.27
CA SER C 162 -32.69 -24.41 1.93
C SER C 162 -31.70 -24.99 0.92
N THR C 163 -32.21 -25.59 -0.16
CA THR C 163 -31.41 -26.44 -1.04
C THR C 163 -31.85 -26.27 -2.50
N ILE C 164 -31.10 -26.93 -3.41
CA ILE C 164 -31.38 -26.84 -4.83
C ILE C 164 -32.69 -27.55 -5.21
N GLU C 165 -32.96 -28.74 -4.67
CA GLU C 165 -34.19 -29.45 -4.98
C GLU C 165 -35.41 -28.63 -4.53
N GLU C 166 -35.33 -27.93 -3.39
CA GLU C 166 -36.40 -27.04 -2.96
C GLU C 166 -36.60 -25.86 -3.92
N PHE C 167 -35.52 -25.31 -4.49
CA PHE C 167 -35.66 -24.27 -5.50
C PHE C 167 -36.29 -24.80 -6.79
N SER C 168 -36.00 -26.07 -7.15
CA SER C 168 -36.67 -26.68 -8.28
C SER C 168 -38.16 -26.84 -7.99
N TYR C 169 -38.51 -27.23 -6.74
CA TYR C 169 -39.87 -27.49 -6.31
C TYR C 169 -40.74 -26.24 -6.35
N ILE C 170 -40.29 -25.16 -5.71
CA ILE C 170 -41.05 -23.93 -5.64
C ILE C 170 -41.38 -23.35 -7.01
N ARG C 171 -40.47 -23.44 -7.97
CA ARG C 171 -40.71 -22.86 -9.29
C ARG C 171 -41.84 -23.55 -10.07
N ARG C 172 -42.27 -24.74 -9.61
CA ARG C 172 -43.35 -25.50 -10.22
C ARG C 172 -44.69 -25.32 -9.50
N LEU C 173 -44.77 -24.43 -8.51
CA LEU C 173 -46.01 -24.18 -7.77
C LEU C 173 -46.84 -23.12 -8.47
N PRO C 174 -48.20 -23.23 -8.40
CA PRO C 174 -49.11 -22.19 -8.87
C PRO C 174 -49.18 -21.03 -7.90
N SER C 175 -49.55 -19.85 -8.41
CA SER C 175 -49.69 -18.61 -7.62
C SER C 175 -50.47 -18.79 -6.31
N ASP C 176 -51.52 -19.63 -6.32
CA ASP C 176 -52.41 -19.80 -5.19
C ASP C 176 -51.69 -20.35 -3.96
N VAL C 177 -50.88 -21.40 -4.12
CA VAL C 177 -50.20 -21.96 -2.95
C VAL C 177 -49.01 -21.08 -2.53
N VAL C 178 -48.41 -20.36 -3.49
CA VAL C 178 -47.37 -19.38 -3.17
C VAL C 178 -47.93 -18.29 -2.26
N THR C 179 -49.01 -17.61 -2.63
CA THR C 179 -49.56 -16.58 -1.75
C THR C 179 -50.06 -17.24 -0.46
N GLY C 180 -50.53 -18.50 -0.56
CA GLY C 180 -50.95 -19.29 0.59
C GLY C 180 -49.86 -19.48 1.65
N TYR C 181 -48.64 -19.81 1.24
CA TYR C 181 -47.51 -19.89 2.17
C TYR C 181 -47.14 -18.53 2.78
N LEU C 182 -47.02 -17.47 1.96
CA LEU C 182 -46.69 -16.13 2.45
C LEU C 182 -47.71 -15.63 3.48
N ALA C 183 -48.98 -15.98 3.33
CA ALA C 183 -50.02 -15.59 4.26
C ALA C 183 -49.84 -16.21 5.66
N LEU C 184 -49.09 -17.31 5.80
CA LEU C 184 -48.78 -17.83 7.13
C LEU C 184 -47.87 -16.90 7.95
N ARG C 185 -47.21 -15.93 7.32
CA ARG C 185 -46.22 -15.09 7.99
C ARG C 185 -46.59 -13.60 7.93
N LYS C 186 -47.85 -13.28 7.66
CA LYS C 186 -48.34 -11.93 7.40
C LYS C 186 -47.30 -11.06 6.66
N ALA C 187 -46.72 -11.65 5.61
CA ALA C 187 -45.84 -10.93 4.71
C ALA C 187 -46.66 -10.00 3.82
N THR C 188 -45.99 -9.17 3.01
CA THR C 188 -46.65 -8.24 2.10
C THR C 188 -47.96 -8.83 1.57
N SER C 189 -47.95 -10.10 1.16
CA SER C 189 -49.17 -10.77 0.73
C SER C 189 -50.39 -10.34 1.54
N ILE C 190 -51.44 -9.85 0.84
CA ILE C 190 -52.73 -9.50 1.44
C ILE C 190 -53.86 -10.14 0.60
N THR D 12 1.50 -40.80 14.93
CA THR D 12 2.41 -41.17 16.05
C THR D 12 3.72 -40.38 15.96
N GLN D 13 4.50 -40.43 17.04
CA GLN D 13 5.84 -39.83 17.10
C GLN D 13 6.81 -40.55 16.16
N ARG D 14 7.71 -39.80 15.49
CA ARG D 14 8.71 -40.41 14.61
C ARG D 14 9.81 -41.10 15.42
N ILE D 15 10.26 -42.27 14.97
CA ILE D 15 11.35 -42.96 15.63
C ILE D 15 12.67 -42.33 15.18
N ALA D 16 13.64 -42.20 16.11
CA ALA D 16 14.91 -41.55 15.81
C ALA D 16 16.09 -42.21 16.54
N SER D 17 17.29 -41.63 16.42
CA SER D 17 18.55 -42.35 16.67
C SER D 17 18.75 -42.77 18.13
N HIS D 18 18.04 -42.12 19.06
CA HIS D 18 18.16 -42.48 20.47
C HIS D 18 16.84 -42.80 21.17
N SER D 19 15.74 -43.01 20.43
CA SER D 19 14.45 -43.02 21.09
C SER D 19 14.26 -44.29 21.95
N HIS D 20 15.15 -45.26 21.86
CA HIS D 20 15.00 -46.44 22.71
C HIS D 20 15.53 -46.27 24.14
N VAL D 21 16.49 -45.37 24.36
CA VAL D 21 17.03 -45.17 25.71
C VAL D 21 16.03 -44.35 26.55
N LYS D 22 15.64 -44.91 27.72
CA LYS D 22 14.63 -44.34 28.61
C LYS D 22 15.15 -43.95 29.99
N GLY D 23 16.43 -44.22 30.28
CA GLY D 23 17.07 -43.87 31.54
C GLY D 23 18.38 -44.61 31.75
N LEU D 24 19.07 -44.37 32.84
CA LEU D 24 20.28 -45.12 33.15
C LEU D 24 19.94 -46.53 33.62
N GLY D 25 18.80 -46.75 34.26
CA GLY D 25 18.40 -48.13 34.54
C GLY D 25 19.25 -48.79 35.63
N LEU D 26 19.76 -48.00 36.57
CA LEU D 26 20.48 -48.51 37.72
C LEU D 26 19.50 -49.10 38.74
N ASP D 27 19.94 -50.09 39.53
CA ASP D 27 19.14 -50.57 40.66
C ASP D 27 19.22 -49.59 41.84
N GLU D 28 18.42 -49.80 42.89
CA GLU D 28 18.30 -48.85 43.99
C GLU D 28 19.62 -48.66 44.76
N SER D 29 20.55 -49.62 44.68
CA SER D 29 21.85 -49.51 45.34
C SER D 29 22.82 -48.61 44.57
N GLY D 30 22.48 -48.25 43.33
CA GLY D 30 23.32 -47.42 42.46
C GLY D 30 24.11 -48.23 41.42
N LEU D 31 24.18 -49.57 41.56
CA LEU D 31 24.85 -50.44 40.59
C LEU D 31 24.03 -50.59 39.31
N ALA D 32 24.71 -50.92 38.21
CA ALA D 32 24.03 -51.11 36.93
C ALA D 32 23.55 -52.56 36.74
N LYS D 33 22.43 -52.69 36.01
CA LYS D 33 21.90 -53.94 35.49
C LYS D 33 22.44 -54.20 34.08
N GLN D 34 22.57 -55.46 33.67
CA GLN D 34 23.10 -55.82 32.35
C GLN D 34 22.33 -55.15 31.21
N ALA D 35 21.00 -55.12 31.30
CA ALA D 35 20.15 -54.64 30.21
C ALA D 35 18.82 -54.14 30.79
N ALA D 36 18.55 -52.84 30.62
CA ALA D 36 17.51 -52.15 31.36
C ALA D 36 17.31 -50.75 30.81
N SER D 37 16.09 -50.25 30.89
CA SER D 37 15.71 -48.91 30.44
C SER D 37 16.22 -48.59 29.04
N GLY D 38 16.44 -49.61 28.20
CA GLY D 38 16.81 -49.42 26.81
C GLY D 38 18.30 -49.22 26.56
N LEU D 39 19.14 -49.54 27.57
CA LEU D 39 20.60 -49.58 27.44
C LEU D 39 21.08 -50.99 27.72
N VAL D 40 22.23 -51.40 27.15
CA VAL D 40 22.88 -52.65 27.54
C VAL D 40 24.39 -52.49 27.72
N GLY D 41 25.00 -53.32 28.57
CA GLY D 41 26.43 -53.23 28.81
C GLY D 41 26.84 -51.97 29.59
N GLN D 42 28.13 -51.65 29.54
CA GLN D 42 28.68 -50.38 30.03
C GLN D 42 28.46 -50.15 31.52
N GLU D 43 28.46 -51.19 32.33
CA GLU D 43 28.18 -51.04 33.74
C GLU D 43 29.10 -50.00 34.39
N ASN D 44 30.42 -50.18 34.28
CA ASN D 44 31.37 -49.35 35.03
C ASN D 44 31.28 -47.87 34.60
N ALA D 45 30.90 -47.63 33.35
CA ALA D 45 30.89 -46.32 32.76
C ALA D 45 29.58 -45.62 33.01
N ARG D 46 28.48 -46.36 33.27
CA ARG D 46 27.16 -45.74 33.42
C ARG D 46 26.68 -45.77 34.87
N GLU D 47 27.31 -46.56 35.74
CA GLU D 47 27.20 -46.34 37.18
C GLU D 47 27.69 -44.93 37.55
N ALA D 48 28.75 -44.44 36.90
CA ALA D 48 29.29 -43.09 37.07
C ALA D 48 28.28 -41.99 36.78
N CYS D 49 27.44 -42.16 35.77
CA CYS D 49 26.39 -41.19 35.53
C CYS D 49 25.39 -41.13 36.69
N GLY D 50 25.19 -42.24 37.41
CA GLY D 50 24.34 -42.28 38.59
C GLY D 50 24.77 -41.25 39.64
N VAL D 51 26.07 -41.20 39.90
CA VAL D 51 26.67 -40.23 40.82
C VAL D 51 26.49 -38.79 40.32
N ILE D 52 26.60 -38.56 39.03
CA ILE D 52 26.39 -37.24 38.48
C ILE D 52 24.92 -36.84 38.66
N VAL D 53 23.97 -37.75 38.47
CA VAL D 53 22.57 -37.44 38.65
C VAL D 53 22.31 -37.05 40.10
N GLU D 54 22.91 -37.76 41.07
CA GLU D 54 22.74 -37.37 42.45
C GLU D 54 23.34 -35.98 42.72
N LEU D 55 24.46 -35.68 42.09
CA LEU D 55 25.08 -34.37 42.23
C LEU D 55 24.19 -33.24 41.70
N ILE D 56 23.55 -33.41 40.54
CA ILE D 56 22.66 -32.41 39.98
C ILE D 56 21.39 -32.28 40.82
N LYS D 57 20.81 -33.39 41.29
CA LYS D 57 19.67 -33.34 42.22
C LYS D 57 19.99 -32.72 43.59
N SER D 58 21.26 -32.71 44.02
CA SER D 58 21.66 -32.13 45.31
C SER D 58 21.55 -30.59 45.37
N LYS D 59 21.57 -29.93 44.21
CA LYS D 59 21.50 -28.49 44.04
C LYS D 59 22.62 -27.66 44.71
N LYS D 60 23.53 -28.25 45.51
CA LYS D 60 24.49 -27.44 46.29
C LYS D 60 25.58 -26.81 45.42
N MET D 61 26.03 -27.54 44.40
CA MET D 61 27.24 -27.19 43.65
C MET D 61 26.99 -26.29 42.45
N ALA D 62 28.08 -25.66 41.98
CA ALA D 62 28.07 -24.82 40.78
C ALA D 62 29.33 -25.07 39.97
N GLY D 63 29.21 -25.04 38.64
CA GLY D 63 30.34 -25.06 37.74
C GLY D 63 31.09 -26.41 37.66
N ARG D 64 30.72 -27.41 38.47
CA ARG D 64 31.40 -28.69 38.39
C ARG D 64 31.18 -29.29 36.99
N ALA D 65 32.17 -30.07 36.46
CA ALA D 65 32.10 -30.50 35.07
C ALA D 65 32.64 -31.93 34.84
N VAL D 66 32.15 -32.57 33.75
CA VAL D 66 32.40 -33.98 33.46
C VAL D 66 32.79 -34.13 32.01
N LEU D 67 33.73 -35.05 31.70
CA LEU D 67 34.06 -35.41 30.32
C LEU D 67 33.80 -36.89 30.08
N LEU D 68 32.98 -37.20 29.07
CA LEU D 68 32.83 -38.54 28.55
C LEU D 68 33.80 -38.71 27.38
N ALA D 69 34.64 -39.74 27.47
CA ALA D 69 35.66 -39.97 26.46
C ALA D 69 35.63 -41.41 25.96
N GLY D 70 35.86 -41.58 24.66
CA GLY D 70 35.96 -42.91 24.07
C GLY D 70 35.64 -42.88 22.56
N PRO D 71 36.02 -43.94 21.82
CA PRO D 71 35.90 -43.97 20.37
C PRO D 71 34.50 -43.73 19.86
N PRO D 72 34.33 -43.45 18.56
CA PRO D 72 33.01 -43.35 17.92
C PRO D 72 32.16 -44.60 18.10
N GLY D 73 30.85 -44.36 18.29
CA GLY D 73 29.84 -45.40 18.41
C GLY D 73 29.89 -46.18 19.73
N THR D 74 30.43 -45.57 20.80
CA THR D 74 30.53 -46.29 22.06
C THR D 74 29.52 -45.78 23.11
N GLY D 75 28.64 -44.85 22.80
CA GLY D 75 27.51 -44.59 23.68
C GLY D 75 27.52 -43.25 24.42
N LYS D 76 28.43 -42.35 24.06
CA LYS D 76 28.64 -41.12 24.81
C LYS D 76 27.41 -40.21 24.79
N THR D 77 26.78 -40.00 23.66
CA THR D 77 25.60 -39.16 23.62
C THR D 77 24.38 -39.97 24.13
N ALA D 78 24.32 -41.27 23.96
CA ALA D 78 23.26 -42.05 24.56
C ALA D 78 23.26 -41.88 26.08
N LEU D 79 24.42 -41.98 26.75
CA LEU D 79 24.48 -41.78 28.17
C LEU D 79 24.10 -40.34 28.54
N ALA D 80 24.54 -39.37 27.77
CA ALA D 80 24.21 -37.99 28.10
C ALA D 80 22.71 -37.74 28.02
N LEU D 81 22.02 -38.34 27.07
CA LEU D 81 20.57 -38.21 26.96
C LEU D 81 19.86 -39.05 28.02
N ALA D 82 20.43 -40.19 28.40
CA ALA D 82 19.87 -40.98 29.48
C ALA D 82 19.81 -40.13 30.77
N ILE D 83 20.82 -39.29 31.06
CA ILE D 83 20.78 -38.39 32.21
C ILE D 83 19.60 -37.43 32.10
N ALA D 84 19.32 -36.87 30.95
CA ALA D 84 18.19 -35.96 30.82
C ALA D 84 16.85 -36.66 31.13
N GLN D 85 16.73 -37.97 30.87
CA GLN D 85 15.57 -38.76 31.26
C GLN D 85 15.48 -38.88 32.78
N GLU D 86 16.59 -39.18 33.46
CA GLU D 86 16.54 -39.39 34.89
C GLU D 86 16.24 -38.10 35.66
N LEU D 87 16.59 -36.95 35.11
CA LEU D 87 16.23 -35.68 35.71
C LEU D 87 14.79 -35.32 35.39
N GLY D 88 14.36 -35.55 34.14
CA GLY D 88 12.99 -35.25 33.72
C GLY D 88 12.73 -33.76 33.52
N SER D 89 11.55 -33.37 33.01
CA SER D 89 11.35 -32.01 32.46
C SER D 89 11.30 -30.87 33.49
N LYS D 90 11.38 -31.20 34.78
CA LYS D 90 11.50 -30.24 35.87
C LYS D 90 12.78 -29.42 35.77
N VAL D 91 13.87 -30.01 35.26
CA VAL D 91 15.22 -29.47 35.33
C VAL D 91 15.71 -29.16 33.93
N PRO D 92 16.18 -27.94 33.64
CA PRO D 92 16.68 -27.60 32.30
C PRO D 92 17.87 -28.43 31.86
N PHE D 93 17.82 -28.87 30.61
CA PHE D 93 18.92 -29.59 29.98
C PHE D 93 19.11 -29.00 28.61
N CYS D 94 20.19 -28.24 28.45
CA CYS D 94 20.45 -27.51 27.23
C CYS D 94 21.55 -28.21 26.43
N PRO D 95 21.26 -28.88 25.30
CA PRO D 95 22.29 -29.41 24.42
C PRO D 95 22.79 -28.35 23.44
N MET D 96 24.12 -28.42 23.18
CA MET D 96 24.74 -27.62 22.14
C MET D 96 25.91 -28.37 21.52
N VAL D 97 26.26 -28.00 20.29
CA VAL D 97 27.37 -28.54 19.52
C VAL D 97 28.48 -27.51 19.51
N GLY D 98 29.73 -27.93 19.73
CA GLY D 98 30.85 -27.00 19.77
C GLY D 98 30.86 -25.96 18.63
N SER D 99 30.51 -26.40 17.44
CA SER D 99 30.54 -25.58 16.25
C SER D 99 29.51 -24.44 16.26
N GLU D 100 28.66 -24.38 17.29
CA GLU D 100 27.65 -23.34 17.37
C GLU D 100 28.23 -22.01 17.83
N VAL D 101 29.45 -22.04 18.38
CA VAL D 101 30.09 -20.88 18.95
C VAL D 101 30.37 -19.82 17.91
N TYR D 102 30.59 -20.21 16.65
CA TYR D 102 31.08 -19.28 15.64
C TYR D 102 29.93 -18.51 15.01
N SER D 103 29.29 -17.63 15.79
CA SER D 103 28.23 -16.76 15.30
C SER D 103 28.77 -15.64 14.43
N THR D 104 27.90 -14.96 13.67
CA THR D 104 28.29 -13.75 12.93
C THR D 104 27.72 -12.48 13.56
N GLU D 105 27.07 -12.60 14.73
CA GLU D 105 26.42 -11.44 15.35
C GLU D 105 27.10 -11.07 16.68
N ILE D 106 27.73 -12.06 17.32
CA ILE D 106 28.29 -11.86 18.65
C ILE D 106 29.61 -12.61 18.81
N LYS D 107 30.46 -12.13 19.72
CA LYS D 107 31.70 -12.80 20.03
C LYS D 107 31.50 -14.20 20.60
N LYS D 108 32.48 -15.06 20.38
CA LYS D 108 32.47 -16.44 20.78
C LYS D 108 32.16 -16.60 22.27
N THR D 109 32.75 -15.79 23.16
CA THR D 109 32.50 -16.00 24.59
C THR D 109 31.08 -15.59 24.97
N GLU D 110 30.43 -14.73 24.18
CA GLU D 110 29.04 -14.38 24.45
C GLU D 110 28.11 -15.59 24.24
N VAL D 111 28.36 -16.37 23.20
CA VAL D 111 27.60 -17.57 22.97
C VAL D 111 27.83 -18.56 24.10
N LEU D 112 29.04 -18.65 24.65
CA LEU D 112 29.24 -19.53 25.78
C LEU D 112 28.38 -19.03 26.94
N MET D 113 28.39 -17.72 27.20
CA MET D 113 27.77 -17.21 28.41
C MET D 113 26.26 -17.30 28.33
N GLU D 114 25.67 -17.05 27.15
CA GLU D 114 24.23 -17.25 26.96
C GLU D 114 23.86 -18.70 27.29
N ASN D 115 24.58 -19.67 26.74
CA ASN D 115 24.25 -21.06 26.94
C ASN D 115 24.47 -21.46 28.39
N PHE D 116 25.45 -20.90 29.09
CA PHE D 116 25.59 -21.16 30.53
C PHE D 116 24.40 -20.66 31.34
N ARG D 117 23.78 -19.53 30.94
CA ARG D 117 22.61 -18.99 31.60
C ARG D 117 21.37 -19.84 31.30
N ARG D 118 21.22 -20.36 30.07
CA ARG D 118 20.07 -21.14 29.67
C ARG D 118 19.88 -22.37 30.55
N ALA D 119 20.93 -22.88 31.16
CA ALA D 119 20.82 -24.11 31.92
C ALA D 119 20.39 -23.88 33.38
N ILE D 120 19.90 -22.66 33.73
CA ILE D 120 19.39 -22.38 35.06
C ILE D 120 17.96 -21.80 35.01
N GLY D 121 17.01 -22.47 35.68
CA GLY D 121 15.59 -22.18 35.52
C GLY D 121 14.94 -21.63 36.79
N LEU D 122 14.07 -20.63 36.60
CA LEU D 122 13.05 -20.24 37.54
C LEU D 122 11.79 -21.04 37.29
N ARG D 123 11.16 -21.49 38.36
CA ARG D 123 9.92 -22.26 38.36
C ARG D 123 8.93 -21.50 39.24
N ILE D 124 7.84 -21.05 38.65
CA ILE D 124 6.87 -20.11 39.24
C ILE D 124 5.47 -20.77 39.25
N LYS D 125 4.62 -20.46 40.24
CA LYS D 125 3.25 -20.98 40.24
C LYS D 125 2.20 -19.88 40.22
N GLU D 126 1.09 -20.14 39.51
CA GLU D 126 -0.04 -19.21 39.47
C GLU D 126 -1.34 -19.92 39.13
N THR D 127 -2.47 -19.30 39.52
CA THR D 127 -3.78 -19.85 39.22
C THR D 127 -4.31 -19.23 37.93
N LYS D 128 -4.28 -19.97 36.83
CA LYS D 128 -4.87 -19.55 35.56
C LYS D 128 -6.40 -19.48 35.65
N GLU D 129 -6.98 -18.34 35.30
CA GLU D 129 -8.40 -18.04 35.53
C GLU D 129 -9.01 -17.41 34.27
N VAL D 130 -10.10 -18.01 33.78
CA VAL D 130 -10.61 -17.73 32.44
C VAL D 130 -12.11 -17.49 32.51
N TYR D 131 -12.57 -16.41 31.84
CA TYR D 131 -13.98 -16.14 31.66
C TYR D 131 -14.29 -16.14 30.19
N GLU D 132 -15.37 -16.82 29.74
CA GLU D 132 -15.74 -16.79 28.32
C GLU D 132 -17.23 -16.95 28.09
N GLY D 133 -17.75 -16.45 26.94
CA GLY D 133 -19.18 -16.42 26.66
C GLY D 133 -19.63 -15.18 25.87
N GLU D 134 -20.92 -15.12 25.55
CA GLU D 134 -21.49 -13.97 24.87
C GLU D 134 -21.56 -12.78 25.84
N VAL D 135 -21.24 -11.57 25.33
CA VAL D 135 -21.35 -10.34 26.09
C VAL D 135 -22.81 -9.90 26.15
N THR D 136 -23.42 -9.95 27.35
CA THR D 136 -24.79 -9.50 27.53
C THR D 136 -24.87 -8.00 27.72
N GLU D 137 -23.94 -7.40 28.47
CA GLU D 137 -23.90 -5.95 28.58
C GLU D 137 -22.50 -5.43 28.86
N LEU D 138 -22.25 -4.17 28.41
CA LEU D 138 -21.11 -3.37 28.83
C LEU D 138 -21.62 -2.05 29.42
N THR D 139 -21.22 -1.75 30.68
CA THR D 139 -21.63 -0.50 31.34
C THR D 139 -20.48 0.10 32.13
N PRO D 140 -19.89 1.22 31.65
CA PRO D 140 -18.92 1.97 32.44
C PRO D 140 -19.53 2.70 33.66
N CYS D 141 -18.67 2.97 34.66
CA CYS D 141 -19.02 3.71 35.87
C CYS D 141 -18.25 5.05 35.96
N GLY D 151 -17.93 12.04 40.63
CA GLY D 151 -17.33 11.31 39.49
C GLY D 151 -17.12 12.22 38.27
N LYS D 152 -16.32 11.74 37.30
CA LYS D 152 -16.00 12.50 36.10
C LYS D 152 -15.61 11.58 34.93
N THR D 153 -14.79 10.54 35.21
CA THR D 153 -14.25 9.61 34.23
C THR D 153 -14.34 8.16 34.75
N ILE D 154 -14.19 7.19 33.83
CA ILE D 154 -14.46 5.78 34.07
C ILE D 154 -13.61 5.22 35.22
N SER D 155 -14.28 4.79 36.30
CA SER D 155 -13.65 4.20 37.47
C SER D 155 -13.49 2.69 37.30
N HIS D 156 -14.54 2.05 36.76
CA HIS D 156 -14.54 0.64 36.41
C HIS D 156 -15.57 0.38 35.33
N VAL D 157 -15.54 -0.83 34.71
CA VAL D 157 -16.58 -1.22 33.78
C VAL D 157 -17.17 -2.57 34.19
N ILE D 158 -18.50 -2.64 34.23
CA ILE D 158 -19.22 -3.89 34.48
C ILE D 158 -19.47 -4.58 33.14
N ILE D 159 -19.29 -5.90 33.13
CA ILE D 159 -19.55 -6.69 31.93
C ILE D 159 -20.32 -7.95 32.36
N GLY D 160 -21.28 -8.35 31.53
CA GLY D 160 -22.00 -9.59 31.75
C GLY D 160 -21.68 -10.62 30.68
N LEU D 161 -21.59 -11.88 31.10
CA LEU D 161 -21.27 -12.97 30.19
C LEU D 161 -22.31 -14.08 30.31
N LYS D 162 -22.58 -14.77 29.20
CA LYS D 162 -23.49 -15.91 29.17
C LYS D 162 -22.95 -17.08 28.37
N THR D 163 -23.18 -18.31 28.89
CA THR D 163 -22.99 -19.54 28.14
C THR D 163 -24.17 -20.50 28.37
N ALA D 164 -24.19 -21.63 27.69
CA ALA D 164 -25.19 -22.65 27.92
C ALA D 164 -25.08 -23.35 29.27
N LYS D 165 -24.29 -22.84 30.21
CA LYS D 165 -24.24 -23.38 31.57
C LYS D 165 -24.63 -22.29 32.56
N GLY D 166 -24.83 -21.03 32.10
CA GLY D 166 -25.28 -19.98 32.99
C GLY D 166 -24.81 -18.58 32.62
N THR D 167 -24.90 -17.67 33.61
CA THR D 167 -24.55 -16.26 33.45
C THR D 167 -23.64 -15.81 34.61
N LYS D 168 -22.78 -14.80 34.35
CA LYS D 168 -22.00 -14.11 35.37
C LYS D 168 -21.88 -12.62 35.06
N GLN D 169 -21.56 -11.85 36.11
CA GLN D 169 -21.09 -10.47 35.96
C GLN D 169 -19.68 -10.33 36.49
N LEU D 170 -18.89 -9.44 35.83
CA LEU D 170 -17.52 -9.15 36.20
C LEU D 170 -17.33 -7.64 36.33
N LYS D 171 -16.25 -7.27 37.06
CA LYS D 171 -15.88 -5.88 37.27
C LYS D 171 -14.47 -5.59 36.73
N LEU D 172 -14.40 -5.05 35.52
CA LEU D 172 -13.16 -4.81 34.79
C LEU D 172 -12.50 -3.48 35.17
N ASP D 173 -11.17 -3.44 35.11
CA ASP D 173 -10.43 -2.19 35.20
C ASP D 173 -10.33 -1.49 33.84
N PRO D 174 -10.02 -0.18 33.80
CA PRO D 174 -9.99 0.56 32.54
C PRO D 174 -8.93 0.12 31.52
N SER D 175 -7.88 -0.59 31.98
CA SER D 175 -6.88 -1.17 31.08
C SER D 175 -7.49 -2.31 30.27
N ILE D 176 -8.25 -3.19 30.93
CA ILE D 176 -8.96 -4.23 30.22
C ILE D 176 -10.01 -3.61 29.30
N PHE D 177 -10.72 -2.58 29.75
CA PHE D 177 -11.71 -1.95 28.90
C PHE D 177 -11.09 -1.38 27.61
N GLU D 178 -9.90 -0.78 27.72
CA GLU D 178 -9.19 -0.30 26.55
C GLU D 178 -8.91 -1.45 25.56
N SER D 179 -8.54 -2.63 26.10
CA SER D 179 -8.26 -3.80 25.28
C SER D 179 -9.52 -4.36 24.58
N LEU D 180 -10.67 -4.43 25.27
CA LEU D 180 -11.94 -4.76 24.65
C LEU D 180 -12.28 -3.78 23.53
N GLN D 181 -12.04 -2.49 23.76
CA GLN D 181 -12.35 -1.50 22.76
C GLN D 181 -11.47 -1.69 21.52
N LYS D 182 -10.19 -2.02 21.73
CA LYS D 182 -9.23 -2.23 20.66
C LYS D 182 -9.58 -3.45 19.81
N GLU D 183 -10.05 -4.53 20.43
CA GLU D 183 -10.57 -5.72 19.74
C GLU D 183 -11.92 -5.48 19.01
N ARG D 184 -12.46 -4.26 19.10
CA ARG D 184 -13.74 -3.91 18.48
C ARG D 184 -14.88 -4.76 19.03
N VAL D 185 -14.85 -5.11 20.32
CA VAL D 185 -15.93 -5.83 20.99
C VAL D 185 -17.14 -4.93 21.26
N GLU D 186 -18.34 -5.51 21.02
CA GLU D 186 -19.63 -4.90 21.33
C GLU D 186 -20.57 -5.99 21.87
N ALA D 187 -21.75 -5.59 22.38
CA ALA D 187 -22.65 -6.56 22.99
C ALA D 187 -23.14 -7.60 21.98
N GLY D 188 -23.17 -8.87 22.38
CA GLY D 188 -23.52 -9.97 21.52
C GLY D 188 -22.32 -10.70 20.92
N ASP D 189 -21.11 -10.15 21.06
CA ASP D 189 -19.90 -10.85 20.68
C ASP D 189 -19.56 -11.96 21.66
N VAL D 190 -18.80 -12.96 21.22
CA VAL D 190 -18.35 -14.04 22.10
C VAL D 190 -16.87 -13.84 22.41
N ILE D 191 -16.51 -13.84 23.69
CA ILE D 191 -15.25 -13.27 24.18
C ILE D 191 -14.56 -14.27 25.08
N TYR D 192 -13.23 -14.22 25.09
CA TYR D 192 -12.39 -14.94 26.04
C TYR D 192 -11.55 -13.90 26.78
N ILE D 193 -11.70 -13.85 28.10
CA ILE D 193 -10.88 -13.03 29.00
C ILE D 193 -10.04 -14.00 29.83
N GLU D 194 -8.75 -13.71 29.97
CA GLU D 194 -7.90 -14.38 30.94
C GLU D 194 -7.49 -13.39 32.02
N ALA D 195 -7.88 -13.67 33.26
CA ALA D 195 -7.92 -12.65 34.28
C ALA D 195 -6.54 -12.30 34.83
N ASN D 196 -5.60 -13.26 34.73
CA ASN D 196 -4.22 -13.08 35.18
C ASN D 196 -3.45 -12.16 34.23
N SER D 197 -3.42 -12.57 32.98
CA SER D 197 -2.62 -11.93 31.96
C SER D 197 -3.20 -10.57 31.56
N GLY D 198 -4.50 -10.38 31.73
CA GLY D 198 -5.14 -9.28 31.05
C GLY D 198 -5.27 -9.51 29.54
N ALA D 199 -5.20 -10.79 29.12
CA ALA D 199 -5.40 -11.14 27.72
C ALA D 199 -6.89 -11.14 27.36
N VAL D 200 -7.22 -10.60 26.18
CA VAL D 200 -8.60 -10.46 25.72
C VAL D 200 -8.65 -10.91 24.26
N LYS D 201 -9.58 -11.80 23.90
CA LYS D 201 -9.70 -12.30 22.53
C LYS D 201 -11.15 -12.29 22.09
N ARG D 202 -11.41 -11.67 20.93
CA ARG D 202 -12.71 -11.76 20.30
C ARG D 202 -12.78 -13.06 19.52
N GLN D 203 -13.93 -13.78 19.55
CA GLN D 203 -14.06 -15.03 18.84
C GLN D 203 -15.19 -15.00 17.82
N GLY D 204 -15.73 -13.82 17.47
CA GLY D 204 -16.87 -13.73 16.57
C GLY D 204 -18.15 -13.27 17.27
N ARG D 205 -19.20 -13.04 16.49
CA ARG D 205 -20.51 -12.70 17.01
C ARG D 205 -21.25 -13.98 17.40
N CYS D 206 -22.11 -13.90 18.41
CA CYS D 206 -22.93 -15.04 18.80
C CYS D 206 -24.01 -15.32 17.75
N ASP D 207 -24.22 -16.59 17.40
CA ASP D 207 -25.08 -16.95 16.27
C ASP D 207 -26.55 -16.59 16.50
N THR D 208 -27.00 -16.24 17.71
CA THR D 208 -28.37 -15.78 17.91
C THR D 208 -28.62 -14.51 17.10
N TYR D 209 -27.58 -13.73 16.81
CA TYR D 209 -27.73 -12.53 15.99
C TYR D 209 -27.38 -12.77 14.51
N ALA D 210 -27.20 -14.04 14.09
CA ALA D 210 -26.75 -14.35 12.74
C ALA D 210 -27.75 -13.95 11.65
N THR D 211 -28.95 -13.46 12.03
CA THR D 211 -29.98 -13.11 11.07
C THR D 211 -30.23 -11.60 11.00
N GLU D 212 -29.38 -10.83 11.68
CA GLU D 212 -29.41 -9.36 11.70
C GLU D 212 -29.36 -8.77 10.29
N PHE D 213 -28.61 -9.43 9.40
CA PHE D 213 -28.55 -9.19 7.97
C PHE D 213 -28.39 -10.53 7.25
N ASP D 214 -28.66 -10.57 5.94
CA ASP D 214 -28.43 -11.76 5.14
C ASP D 214 -26.94 -11.92 4.78
N LEU D 215 -26.33 -10.84 4.27
CA LEU D 215 -24.89 -10.72 4.10
C LEU D 215 -24.30 -9.61 4.95
N GLU D 216 -23.40 -10.06 5.83
CA GLU D 216 -22.53 -9.13 6.53
C GLU D 216 -21.20 -9.83 6.79
N ALA D 217 -20.12 -9.04 6.86
CA ALA D 217 -18.76 -9.54 6.83
C ALA D 217 -18.33 -10.30 8.10
N GLU D 218 -19.15 -10.42 9.14
CA GLU D 218 -18.69 -11.06 10.37
C GLU D 218 -18.68 -12.58 10.28
N GLU D 219 -18.03 -13.20 11.26
CA GLU D 219 -18.10 -14.65 11.39
C GLU D 219 -18.84 -14.94 12.70
N TYR D 220 -19.83 -15.85 12.60
CA TYR D 220 -20.72 -16.13 13.69
C TYR D 220 -20.35 -17.48 14.27
N VAL D 221 -20.33 -17.56 15.60
CA VAL D 221 -20.06 -18.81 16.31
C VAL D 221 -21.19 -19.15 17.25
N PRO D 222 -21.42 -20.44 17.54
CA PRO D 222 -22.44 -20.82 18.50
C PRO D 222 -22.06 -20.41 19.91
N LEU D 223 -23.09 -20.21 20.74
CA LEU D 223 -22.92 -19.93 22.16
C LEU D 223 -22.15 -21.07 22.84
N PRO D 224 -21.09 -20.76 23.62
CA PRO D 224 -20.26 -21.81 24.22
C PRO D 224 -21.01 -22.77 25.12
N LYS D 225 -20.66 -24.04 25.06
CA LYS D 225 -21.33 -25.05 25.86
C LYS D 225 -20.59 -25.31 27.17
N GLY D 226 -19.41 -24.70 27.33
CA GLY D 226 -18.63 -24.88 28.54
C GLY D 226 -19.03 -23.88 29.62
N ASP D 227 -18.35 -24.05 30.77
CA ASP D 227 -18.51 -23.19 31.93
C ASP D 227 -18.17 -21.73 31.63
N VAL D 228 -18.84 -20.80 32.31
CA VAL D 228 -18.60 -19.38 32.14
C VAL D 228 -17.22 -19.05 32.68
N HIS D 229 -16.79 -19.78 33.71
CA HIS D 229 -15.62 -19.44 34.52
C HIS D 229 -14.87 -20.71 34.88
N LYS D 230 -13.53 -20.68 34.68
CA LYS D 230 -12.69 -21.85 34.96
C LYS D 230 -11.41 -21.45 35.68
N LYS D 231 -10.95 -22.34 36.58
CA LYS D 231 -9.73 -22.15 37.35
C LYS D 231 -8.81 -23.36 37.19
N LYS D 232 -7.50 -23.11 37.04
CA LYS D 232 -6.48 -24.14 37.11
C LYS D 232 -5.31 -23.62 37.94
N GLU D 233 -4.51 -24.56 38.47
CA GLU D 233 -3.17 -24.24 38.95
C GLU D 233 -2.18 -24.64 37.86
N ILE D 234 -1.34 -23.68 37.45
CA ILE D 234 -0.35 -23.90 36.41
C ILE D 234 1.03 -23.51 36.93
N ILE D 235 2.04 -24.07 36.27
CA ILE D 235 3.43 -23.84 36.62
C ILE D 235 4.14 -23.27 35.40
N GLN D 236 4.81 -22.14 35.58
CA GLN D 236 5.55 -21.45 34.54
C GLN D 236 7.05 -21.72 34.64
N ASP D 237 7.71 -22.16 33.55
CA ASP D 237 9.14 -22.34 33.51
C ASP D 237 9.78 -21.23 32.67
N VAL D 238 10.83 -20.59 33.19
CA VAL D 238 11.56 -19.55 32.48
C VAL D 238 13.03 -19.62 32.93
N THR D 239 14.05 -19.40 32.06
CA THR D 239 15.45 -19.51 32.48
C THR D 239 16.01 -18.11 32.77
N LEU D 240 17.18 -18.02 33.42
CA LEU D 240 17.80 -16.72 33.62
C LEU D 240 18.10 -16.03 32.30
N HIS D 241 18.48 -16.81 31.28
CA HIS D 241 18.74 -16.28 29.95
C HIS D 241 17.51 -15.56 29.39
N ASP D 242 16.30 -16.08 29.64
CA ASP D 242 15.10 -15.43 29.14
C ASP D 242 14.94 -14.05 29.76
N LEU D 243 15.25 -13.92 31.07
CA LEU D 243 15.20 -12.62 31.72
C LEU D 243 16.22 -11.65 31.12
N ASP D 244 17.48 -12.10 30.90
CA ASP D 244 18.54 -11.30 30.30
C ASP D 244 18.09 -10.73 28.96
N VAL D 245 17.62 -11.60 28.06
CA VAL D 245 17.33 -11.23 26.69
C VAL D 245 16.13 -10.31 26.61
N ALA D 246 15.11 -10.58 27.46
CA ALA D 246 13.91 -9.77 27.43
C ALA D 246 14.17 -8.35 27.95
N ASN D 247 15.07 -8.20 28.93
CA ASN D 247 15.27 -6.94 29.62
C ASN D 247 16.35 -6.07 28.99
N ALA D 248 17.29 -6.66 28.24
CA ALA D 248 18.44 -5.90 27.72
C ALA D 248 18.06 -4.83 26.69
N ARG D 249 17.53 -5.24 25.55
CA ARG D 249 17.06 -4.30 24.55
C ARG D 249 15.64 -3.88 24.92
N PRO D 250 15.17 -2.65 24.61
CA PRO D 250 13.76 -2.29 24.77
C PRO D 250 12.84 -3.36 24.16
N GLN D 251 11.85 -3.80 24.94
CA GLN D 251 10.81 -4.70 24.45
C GLN D 251 10.01 -3.91 23.42
N GLY D 252 9.67 -4.56 22.29
CA GLY D 252 9.11 -3.85 21.14
C GLY D 252 7.74 -3.22 21.43
N GLY D 253 6.92 -3.93 22.21
CA GLY D 253 5.63 -3.40 22.64
C GLY D 253 4.57 -3.45 21.54
N GLN D 254 4.93 -3.93 20.35
CA GLN D 254 4.02 -4.00 19.22
C GLN D 254 3.20 -5.30 19.25
N ASP D 255 1.89 -5.22 19.54
CA ASP D 255 0.94 -6.24 19.11
C ASP D 255 0.65 -6.02 17.62
N ILE D 256 1.72 -5.97 16.82
CA ILE D 256 1.71 -5.27 15.53
C ILE D 256 1.13 -3.86 15.77
N LEU D 257 0.10 -3.45 15.01
CA LEU D 257 -0.66 -2.21 15.18
C LEU D 257 0.19 -0.93 15.28
N SER D 258 1.46 -0.94 14.86
CA SER D 258 2.35 0.19 15.11
C SER D 258 3.54 0.13 14.16
N MET D 259 3.59 1.02 13.15
CA MET D 259 4.47 0.80 12.01
C MET D 259 5.94 1.07 12.36
N MET D 260 6.23 1.72 13.47
CA MET D 260 7.60 1.92 13.89
C MET D 260 8.33 0.58 14.06
N GLY D 261 7.63 -0.50 14.42
CA GLY D 261 8.25 -1.81 14.56
C GLY D 261 8.82 -2.38 13.25
N GLN D 262 8.50 -1.76 12.12
CA GLN D 262 8.89 -2.24 10.80
C GLN D 262 10.34 -1.86 10.47
N LEU D 263 10.82 -0.72 11.00
CA LEU D 263 12.07 -0.08 10.58
C LEU D 263 13.30 -0.82 11.16
N MET D 264 13.36 -0.99 12.49
CA MET D 264 14.58 -1.48 13.14
C MET D 264 14.54 -3.01 13.20
N LYS D 265 15.34 -3.66 12.33
CA LYS D 265 15.51 -5.10 12.35
C LYS D 265 16.23 -5.53 13.63
N PRO D 266 15.89 -6.73 14.16
CA PRO D 266 16.54 -7.24 15.35
C PRO D 266 17.94 -7.72 14.99
N LYS D 267 18.78 -7.77 16.03
CA LYS D 267 20.00 -8.55 15.98
C LYS D 267 20.39 -8.95 17.40
N LYS D 268 21.19 -10.00 17.53
CA LYS D 268 21.75 -10.36 18.82
C LYS D 268 22.84 -9.35 19.17
N THR D 269 23.15 -9.25 20.48
CA THR D 269 24.07 -8.23 20.97
C THR D 269 24.76 -8.73 22.23
N GLU D 270 25.98 -8.22 22.49
CA GLU D 270 26.74 -8.51 23.68
C GLU D 270 26.00 -8.00 24.91
N ILE D 271 25.41 -8.89 25.71
CA ILE D 271 24.72 -8.45 26.92
C ILE D 271 25.80 -7.98 27.90
N THR D 272 25.58 -6.80 28.50
CA THR D 272 26.57 -6.18 29.38
C THR D 272 26.68 -6.94 30.71
N ASP D 273 27.79 -6.85 31.43
CA ASP D 273 27.91 -7.51 32.72
C ASP D 273 26.97 -6.93 33.77
N LYS D 274 26.77 -5.60 33.73
CA LYS D 274 25.95 -4.89 34.70
C LYS D 274 24.51 -5.40 34.76
N LEU D 275 23.96 -5.74 33.60
CA LEU D 275 22.59 -6.19 33.53
C LEU D 275 22.42 -7.55 34.15
N ARG D 276 23.33 -8.48 33.87
CA ARG D 276 23.26 -9.76 34.53
C ARG D 276 23.38 -9.63 36.06
N GLY D 277 24.19 -8.68 36.53
CA GLY D 277 24.24 -8.34 37.95
C GLY D 277 22.89 -7.96 38.55
N GLU D 278 22.15 -7.04 37.91
CA GLU D 278 20.84 -6.64 38.40
C GLU D 278 19.85 -7.80 38.33
N ILE D 279 19.90 -8.61 37.27
CA ILE D 279 18.97 -9.70 37.17
C ILE D 279 19.23 -10.65 38.31
N ASN D 280 20.49 -10.94 38.63
CA ASN D 280 20.73 -11.83 39.76
C ASN D 280 20.10 -11.27 41.05
N LYS D 281 20.25 -9.93 41.26
CA LYS D 281 19.78 -9.28 42.48
C LYS D 281 18.27 -9.28 42.57
N VAL D 282 17.55 -9.09 41.46
CA VAL D 282 16.09 -9.15 41.49
C VAL D 282 15.57 -10.57 41.68
N VAL D 283 16.15 -11.59 41.05
CA VAL D 283 15.71 -12.97 41.25
C VAL D 283 15.95 -13.41 42.69
N ASN D 284 17.05 -13.00 43.32
CA ASN D 284 17.22 -13.31 44.73
C ASN D 284 16.09 -12.75 45.59
N LYS D 285 15.55 -11.57 45.25
CA LYS D 285 14.44 -10.98 45.99
C LYS D 285 13.22 -11.89 45.93
N TYR D 286 12.88 -12.42 44.75
CA TYR D 286 11.69 -13.20 44.57
C TYR D 286 11.84 -14.59 45.18
N ILE D 287 13.00 -15.21 45.19
CA ILE D 287 13.11 -16.51 45.83
C ILE D 287 13.19 -16.37 47.36
N ASP D 288 13.46 -15.17 47.91
CA ASP D 288 13.23 -14.90 49.32
C ASP D 288 11.75 -14.76 49.67
N GLN D 289 10.97 -14.14 48.78
CA GLN D 289 9.53 -13.96 48.99
C GLN D 289 8.69 -15.22 48.73
N GLY D 290 9.31 -16.33 48.31
CA GLY D 290 8.57 -17.56 48.04
C GLY D 290 7.79 -17.56 46.71
N ILE D 291 7.84 -16.49 45.91
CA ILE D 291 7.12 -16.40 44.65
C ILE D 291 7.71 -17.34 43.59
N ALA D 292 9.04 -17.57 43.62
CA ALA D 292 9.72 -18.45 42.66
C ALA D 292 10.61 -19.49 43.36
N GLU D 293 10.96 -20.57 42.64
CA GLU D 293 12.01 -21.45 43.10
C GLU D 293 13.00 -21.71 41.97
N LEU D 294 14.20 -22.15 42.37
CA LEU D 294 15.32 -22.23 41.45
C LEU D 294 15.65 -23.68 41.16
N VAL D 295 15.88 -23.98 39.87
CA VAL D 295 16.39 -25.26 39.43
C VAL D 295 17.67 -25.04 38.62
N PRO D 296 18.84 -25.19 39.26
CA PRO D 296 20.08 -25.49 38.56
C PRO D 296 19.95 -26.77 37.71
N GLY D 297 20.27 -26.59 36.41
CA GLY D 297 20.18 -27.66 35.41
C GLY D 297 21.53 -28.07 34.86
N VAL D 298 21.54 -28.59 33.61
CA VAL D 298 22.71 -29.14 32.96
C VAL D 298 22.91 -28.49 31.61
N LEU D 299 24.15 -28.20 31.25
CA LEU D 299 24.51 -27.81 29.89
C LEU D 299 25.36 -28.92 29.29
N PHE D 300 24.91 -29.45 28.16
CA PHE D 300 25.64 -30.50 27.48
C PHE D 300 26.34 -29.92 26.25
N VAL D 301 27.64 -29.60 26.40
CA VAL D 301 28.44 -29.17 25.26
C VAL D 301 28.99 -30.43 24.62
N ASP D 302 28.25 -30.93 23.65
CA ASP D 302 28.66 -32.06 22.86
C ASP D 302 29.66 -31.59 21.78
N GLU D 303 30.42 -32.55 21.25
CA GLU D 303 31.35 -32.29 20.15
C GLU D 303 32.41 -31.29 20.59
N VAL D 304 32.97 -31.44 21.80
CA VAL D 304 33.65 -30.32 22.48
C VAL D 304 34.92 -29.93 21.78
N HIS D 305 35.57 -30.91 21.16
CA HIS D 305 36.85 -30.73 20.46
C HIS D 305 36.79 -29.75 19.27
N MET D 306 35.59 -29.27 18.96
CA MET D 306 35.41 -28.26 17.95
C MET D 306 35.53 -26.84 18.51
N LEU D 307 35.73 -26.70 19.82
CA LEU D 307 35.99 -25.40 20.41
C LEU D 307 37.41 -24.94 20.10
N ASP D 308 37.56 -23.61 20.06
CA ASP D 308 38.81 -22.91 19.82
C ASP D 308 39.63 -22.77 21.12
N ILE D 309 40.92 -22.51 21.03
CA ILE D 309 41.75 -22.26 22.21
C ILE D 309 41.29 -21.01 23.01
N GLU D 310 40.70 -19.99 22.35
CA GLU D 310 40.19 -18.85 23.08
C GLU D 310 39.05 -19.26 24.03
N CYS D 311 38.14 -20.05 23.46
CA CYS D 311 36.98 -20.54 24.16
C CYS D 311 37.38 -21.50 25.25
N PHE D 312 38.24 -22.45 24.96
CA PHE D 312 38.74 -23.32 26.00
C PHE D 312 39.34 -22.54 27.16
N THR D 313 40.01 -21.41 26.90
CA THR D 313 40.57 -20.62 27.99
C THR D 313 39.47 -19.92 28.77
N TYR D 314 38.43 -19.41 28.09
CA TYR D 314 37.35 -18.75 28.80
C TYR D 314 36.59 -19.71 29.73
N LEU D 315 36.46 -20.98 29.38
CA LEU D 315 35.88 -21.97 30.27
C LEU D 315 36.60 -22.07 31.61
N HIS D 316 37.91 -21.77 31.68
CA HIS D 316 38.60 -21.83 32.95
C HIS D 316 38.03 -20.80 33.91
N ARG D 317 37.39 -19.73 33.43
CA ARG D 317 36.78 -18.71 34.26
C ARG D 317 35.33 -19.12 34.55
N ALA D 318 34.55 -19.48 33.52
CA ALA D 318 33.13 -19.74 33.73
C ALA D 318 32.88 -20.99 34.57
N LEU D 319 33.68 -22.02 34.50
CA LEU D 319 33.50 -23.19 35.34
C LEU D 319 33.87 -22.92 36.82
N GLU D 320 34.52 -21.81 37.14
CA GLU D 320 34.85 -21.49 38.53
C GLU D 320 33.74 -20.68 39.21
N SER D 321 32.88 -20.05 38.40
CA SER D 321 31.93 -19.07 38.90
C SER D 321 30.87 -19.73 39.79
N SER D 322 30.58 -19.14 40.94
CA SER D 322 29.73 -19.75 41.95
C SER D 322 28.24 -19.61 41.58
N ILE D 323 27.91 -19.43 40.28
CA ILE D 323 26.56 -19.48 39.78
C ILE D 323 26.31 -20.55 38.69
N ALA D 324 27.37 -21.06 38.07
CA ALA D 324 27.29 -21.84 36.86
C ALA D 324 26.60 -23.19 37.03
N PRO D 325 25.99 -23.74 35.95
CA PRO D 325 25.34 -25.05 35.95
C PRO D 325 26.34 -26.16 35.99
N ILE D 326 25.90 -27.41 36.12
CA ILE D 326 26.77 -28.54 35.81
C ILE D 326 26.99 -28.62 34.29
N VAL D 327 28.25 -28.85 33.83
CA VAL D 327 28.55 -28.94 32.42
C VAL D 327 29.05 -30.33 32.06
N ILE D 328 28.48 -30.92 31.00
CA ILE D 328 28.92 -32.22 30.49
C ILE D 328 29.53 -32.02 29.11
N PHE D 329 30.75 -32.58 28.94
CA PHE D 329 31.49 -32.57 27.69
C PHE D 329 31.62 -33.99 27.13
N ALA D 330 31.76 -34.10 25.80
CA ALA D 330 32.05 -35.38 25.19
C ALA D 330 32.95 -35.22 23.96
N SER D 331 33.85 -36.19 23.73
CA SER D 331 34.82 -36.13 22.64
C SER D 331 35.27 -37.54 22.27
N ASN D 332 35.72 -37.68 21.01
CA ASN D 332 36.05 -38.97 20.41
C ASN D 332 37.47 -38.99 19.79
N ARG D 333 38.21 -37.89 19.92
CA ARG D 333 39.52 -37.71 19.32
C ARG D 333 40.61 -38.35 20.18
N GLY D 334 41.70 -38.70 19.51
CA GLY D 334 42.88 -39.25 20.14
C GLY D 334 43.78 -38.12 20.61
N ASN D 335 44.99 -37.99 20.03
CA ASN D 335 45.94 -36.98 20.46
C ASN D 335 46.02 -35.87 19.42
N CYS D 336 44.89 -35.32 18.94
CA CYS D 336 44.94 -34.39 17.83
C CYS D 336 45.40 -32.97 18.19
N VAL D 337 45.63 -32.15 17.15
CA VAL D 337 46.00 -30.74 17.30
C VAL D 337 44.84 -29.92 17.85
N ILE D 338 45.14 -29.01 18.81
CA ILE D 338 44.14 -28.10 19.36
C ILE D 338 43.88 -27.04 18.31
N ARG D 339 42.60 -26.84 18.01
CA ARG D 339 42.14 -25.83 17.06
C ARG D 339 42.65 -24.46 17.46
N GLY D 340 43.10 -23.67 16.49
CA GLY D 340 43.62 -22.33 16.75
C GLY D 340 45.08 -22.25 17.24
N THR D 341 45.75 -23.37 17.54
CA THR D 341 47.15 -23.33 17.96
C THR D 341 48.14 -23.64 16.82
N GLU D 342 47.64 -24.20 15.72
CA GLU D 342 48.40 -24.68 14.55
C GLU D 342 49.50 -25.72 14.84
N ASP D 343 49.67 -26.17 16.08
CA ASP D 343 50.91 -26.85 16.45
C ASP D 343 50.67 -27.86 17.57
N ILE D 344 50.02 -27.42 18.66
CA ILE D 344 50.02 -28.14 19.91
C ILE D 344 49.01 -29.31 19.88
N THR D 345 49.49 -30.52 20.10
CA THR D 345 48.63 -31.68 20.31
C THR D 345 48.28 -31.79 21.79
N SER D 346 47.11 -32.37 22.09
CA SER D 346 46.72 -32.67 23.47
C SER D 346 45.67 -33.77 23.52
N PRO D 347 45.58 -34.59 24.57
CA PRO D 347 44.56 -35.66 24.65
C PRO D 347 43.13 -35.18 24.42
N HIS D 348 42.32 -36.00 23.76
CA HIS D 348 40.93 -35.71 23.43
C HIS D 348 40.70 -34.40 22.65
N GLY D 349 41.76 -33.72 22.20
CA GLY D 349 41.70 -32.42 21.55
C GLY D 349 41.40 -31.25 22.47
N ILE D 350 41.54 -31.46 23.78
CA ILE D 350 41.25 -30.48 24.81
C ILE D 350 42.57 -30.05 25.48
N PRO D 351 42.80 -28.75 25.75
CA PRO D 351 44.03 -28.28 26.43
C PRO D 351 44.23 -28.86 27.81
N LEU D 352 45.49 -29.21 28.15
CA LEU D 352 45.74 -29.86 29.44
C LEU D 352 45.26 -29.01 30.64
N ASP D 353 45.32 -27.69 30.47
CA ASP D 353 44.96 -26.71 31.49
C ASP D 353 43.50 -26.89 31.90
N LEU D 354 42.62 -27.21 30.93
CA LEU D 354 41.20 -27.43 31.16
C LEU D 354 40.94 -28.88 31.53
N LEU D 355 41.68 -29.81 30.94
CA LEU D 355 41.48 -31.22 31.22
C LEU D 355 41.76 -31.55 32.70
N ASP D 356 42.49 -30.68 33.42
CA ASP D 356 42.69 -30.81 34.85
C ASP D 356 41.55 -30.21 35.68
N ARG D 357 40.50 -29.69 35.04
CA ARG D 357 39.31 -29.20 35.74
C ARG D 357 38.06 -30.10 35.59
N VAL D 358 38.15 -31.27 34.94
CA VAL D 358 37.00 -32.13 34.70
C VAL D 358 37.29 -33.54 35.22
N MET D 359 36.25 -34.24 35.66
CA MET D 359 36.40 -35.65 35.96
C MET D 359 36.12 -36.43 34.68
N ILE D 360 36.90 -37.50 34.43
CA ILE D 360 36.82 -38.22 33.15
C ILE D 360 36.19 -39.59 33.32
N ILE D 361 35.21 -39.90 32.47
CA ILE D 361 34.53 -41.20 32.41
C ILE D 361 34.88 -41.86 31.07
N ARG D 362 35.50 -43.04 31.09
CA ARG D 362 35.87 -43.71 29.85
C ARG D 362 34.72 -44.57 29.33
N THR D 363 34.68 -44.75 28.01
CA THR D 363 33.58 -45.41 27.31
C THR D 363 34.13 -46.50 26.41
N MET D 364 33.57 -47.72 26.43
CA MET D 364 34.30 -48.87 25.91
C MET D 364 33.60 -49.55 24.73
N LEU D 365 34.39 -50.17 23.84
CA LEU D 365 33.87 -50.83 22.65
C LEU D 365 33.07 -52.08 23.01
N TYR D 366 32.08 -52.38 22.14
CA TYR D 366 31.11 -53.45 22.37
C TYR D 366 31.61 -54.80 21.88
N THR D 367 31.35 -55.88 22.64
CA THR D 367 31.58 -57.24 22.18
C THR D 367 30.42 -57.69 21.30
N PRO D 368 30.56 -58.73 20.45
CA PRO D 368 29.51 -59.09 19.49
C PRO D 368 28.13 -59.35 20.09
N GLN D 369 28.10 -59.95 21.30
CA GLN D 369 26.87 -60.27 22.01
C GLN D 369 26.16 -58.98 22.44
N GLU D 370 26.88 -57.94 22.83
CA GLU D 370 26.30 -56.64 23.14
C GLU D 370 25.60 -56.10 21.89
N MET D 371 26.27 -56.11 20.73
CA MET D 371 25.68 -55.55 19.53
C MET D 371 24.39 -56.30 19.17
N LYS D 372 24.34 -57.62 19.36
CA LYS D 372 23.13 -58.38 19.07
C LYS D 372 21.97 -57.83 19.90
N GLN D 373 22.19 -57.57 21.19
CA GLN D 373 21.14 -57.03 22.04
C GLN D 373 20.70 -55.62 21.62
N ILE D 374 21.63 -54.75 21.28
CA ILE D 374 21.32 -53.43 20.78
C ILE D 374 20.48 -53.54 19.49
N ILE D 375 20.87 -54.41 18.54
CA ILE D 375 20.15 -54.62 17.29
C ILE D 375 18.71 -55.07 17.58
N LYS D 376 18.52 -56.04 18.49
CA LYS D 376 17.18 -56.51 18.80
C LYS D 376 16.33 -55.40 19.43
N ILE D 377 16.90 -54.63 20.36
CA ILE D 377 16.22 -53.49 20.99
C ILE D 377 15.88 -52.39 19.98
N ARG D 378 16.73 -52.13 19.01
CA ARG D 378 16.40 -51.22 17.94
C ARG D 378 15.28 -51.78 17.09
N ALA D 379 15.34 -53.06 16.70
CA ALA D 379 14.32 -53.66 15.87
C ALA D 379 12.92 -53.52 16.49
N GLN D 380 12.77 -53.90 17.77
CA GLN D 380 11.46 -53.87 18.41
C GLN D 380 11.02 -52.45 18.77
N THR D 381 11.95 -51.47 18.78
CA THR D 381 11.60 -50.05 18.90
C THR D 381 11.06 -49.52 17.59
N GLU D 382 11.75 -49.90 16.50
CA GLU D 382 11.51 -49.37 15.17
C GLU D 382 10.25 -50.01 14.57
N GLY D 383 9.80 -51.16 15.12
CA GLY D 383 8.55 -51.83 14.76
C GLY D 383 8.72 -53.06 13.87
N ILE D 384 9.92 -53.65 13.75
CA ILE D 384 10.21 -54.66 12.75
C ILE D 384 10.29 -56.03 13.41
N ASN D 385 9.62 -57.03 12.83
CA ASN D 385 9.85 -58.43 13.23
C ASN D 385 11.07 -59.01 12.53
N ILE D 386 11.93 -59.71 13.26
CA ILE D 386 13.14 -60.29 12.68
C ILE D 386 13.32 -61.71 13.22
N SER D 387 13.60 -62.64 12.31
CA SER D 387 13.87 -64.03 12.64
C SER D 387 15.27 -64.19 13.20
N GLU D 388 15.46 -65.20 14.06
CA GLU D 388 16.74 -65.46 14.72
C GLU D 388 17.87 -65.66 13.71
N GLU D 389 17.57 -66.34 12.60
CA GLU D 389 18.58 -66.65 11.60
C GLU D 389 19.08 -65.37 10.90
N ALA D 390 18.22 -64.35 10.78
CA ALA D 390 18.61 -63.07 10.20
C ALA D 390 19.34 -62.20 11.22
N LEU D 391 18.89 -62.23 12.48
CA LEU D 391 19.52 -61.42 13.52
C LEU D 391 20.97 -61.84 13.77
N ASN D 392 21.26 -63.15 13.71
CA ASN D 392 22.64 -63.63 13.77
C ASN D 392 23.51 -63.08 12.62
N HIS D 393 22.90 -62.83 11.45
CA HIS D 393 23.62 -62.29 10.32
C HIS D 393 23.93 -60.79 10.48
N LEU D 394 22.96 -59.98 10.94
CA LEU D 394 23.28 -58.61 11.31
C LEU D 394 24.29 -58.52 12.47
N GLY D 395 24.28 -59.49 13.39
CA GLY D 395 25.30 -59.55 14.42
C GLY D 395 26.68 -59.72 13.81
N GLU D 396 26.83 -60.66 12.87
CA GLU D 396 28.11 -60.89 12.23
C GLU D 396 28.55 -59.64 11.46
N ILE D 397 27.66 -59.07 10.65
CA ILE D 397 28.02 -57.94 9.82
C ILE D 397 28.43 -56.75 10.68
N GLY D 398 27.88 -56.61 11.89
CA GLY D 398 28.28 -55.57 12.82
C GLY D 398 29.72 -55.72 13.27
N THR D 399 30.24 -56.93 13.43
CA THR D 399 31.64 -57.12 13.81
C THR D 399 32.56 -56.75 12.63
N LYS D 400 32.13 -56.97 11.39
CA LYS D 400 32.94 -56.65 10.21
C LYS D 400 32.98 -55.15 9.98
N THR D 401 31.85 -54.49 10.20
CA THR D 401 31.66 -53.08 9.94
C THR D 401 31.61 -52.37 11.30
N THR D 402 30.45 -51.78 11.65
CA THR D 402 30.28 -51.07 12.91
C THR D 402 28.82 -51.12 13.34
N LEU D 403 28.55 -51.01 14.64
CA LEU D 403 27.20 -51.10 15.17
C LEU D 403 26.27 -50.07 14.50
N ARG D 404 26.75 -48.83 14.34
CA ARG D 404 25.96 -47.78 13.75
C ARG D 404 25.57 -48.16 12.31
N TYR D 405 26.22 -49.14 11.64
CA TYR D 405 25.89 -49.53 10.27
C TYR D 405 24.90 -50.70 10.28
N SER D 406 25.08 -51.72 11.12
CA SER D 406 24.08 -52.79 11.22
C SER D 406 22.69 -52.28 11.58
N VAL D 407 22.59 -51.33 12.52
CA VAL D 407 21.32 -50.73 12.86
C VAL D 407 20.72 -49.89 11.70
N GLN D 408 21.48 -49.46 10.68
CA GLN D 408 20.88 -48.80 9.54
C GLN D 408 20.11 -49.80 8.64
N LEU D 409 20.52 -51.06 8.54
CA LEU D 409 20.02 -51.99 7.53
C LEU D 409 18.63 -52.55 7.88
N LEU D 410 18.20 -52.44 9.13
CA LEU D 410 16.94 -52.96 9.59
C LEU D 410 15.78 -52.41 8.77
N THR D 411 15.66 -51.08 8.66
CA THR D 411 14.49 -50.58 7.95
C THR D 411 14.45 -50.98 6.47
N PRO D 412 15.50 -50.73 5.64
CA PRO D 412 15.51 -51.18 4.26
C PRO D 412 15.25 -52.68 4.08
N ALA D 413 15.73 -53.53 4.97
CA ALA D 413 15.44 -54.95 4.91
C ALA D 413 13.95 -55.19 5.11
N ASN D 414 13.35 -54.52 6.10
CA ASN D 414 11.92 -54.65 6.29
C ASN D 414 11.13 -54.21 5.05
N LEU D 415 11.55 -53.11 4.43
CA LEU D 415 10.84 -52.57 3.30
C LEU D 415 10.91 -53.53 2.09
N LEU D 416 11.98 -54.29 1.88
CA LEU D 416 12.04 -55.35 0.87
C LEU D 416 11.22 -56.57 1.26
N ALA D 417 11.25 -56.98 2.53
CA ALA D 417 10.38 -58.05 3.01
C ALA D 417 8.91 -57.71 2.69
N LYS D 418 8.49 -56.48 2.95
CA LYS D 418 7.14 -56.01 2.68
C LYS D 418 6.80 -56.04 1.18
N ILE D 419 7.72 -55.57 0.31
CA ILE D 419 7.53 -55.62 -1.14
C ILE D 419 7.36 -57.07 -1.64
N ASN D 420 8.13 -58.00 -1.08
CA ASN D 420 8.00 -59.42 -1.37
C ASN D 420 6.92 -60.13 -0.53
N GLY D 421 6.04 -59.38 0.15
CA GLY D 421 4.81 -59.89 0.75
C GLY D 421 5.00 -60.69 2.04
N LYS D 422 6.10 -60.45 2.79
CA LYS D 422 6.36 -61.17 4.04
C LYS D 422 6.52 -60.21 5.23
N ASP D 423 6.20 -60.72 6.43
CA ASP D 423 6.05 -59.90 7.62
C ASP D 423 7.38 -59.67 8.34
N SER D 424 8.35 -60.60 8.15
CA SER D 424 9.51 -60.72 9.04
C SER D 424 10.81 -60.79 8.25
N ILE D 425 11.89 -60.18 8.77
CA ILE D 425 13.19 -60.22 8.12
C ILE D 425 13.71 -61.66 8.13
N GLU D 426 14.17 -62.13 6.96
CA GLU D 426 14.81 -63.43 6.78
C GLU D 426 16.14 -63.25 6.05
N LYS D 427 17.02 -64.27 6.09
CA LYS D 427 18.43 -64.10 5.74
C LYS D 427 18.60 -63.41 4.39
N GLU D 428 17.85 -63.82 3.36
CA GLU D 428 18.01 -63.30 2.01
C GLU D 428 17.66 -61.81 1.89
N HIS D 429 16.90 -61.25 2.84
CA HIS D 429 16.56 -59.84 2.82
C HIS D 429 17.76 -59.00 3.27
N VAL D 430 18.36 -59.35 4.40
CA VAL D 430 19.53 -58.62 4.86
C VAL D 430 20.70 -58.89 3.91
N GLU D 431 20.81 -60.11 3.36
CA GLU D 431 21.87 -60.43 2.40
C GLU D 431 21.74 -59.59 1.12
N GLU D 432 20.52 -59.38 0.62
CA GLU D 432 20.30 -58.52 -0.54
C GLU D 432 20.67 -57.08 -0.20
N ILE D 433 20.19 -56.56 0.92
CA ILE D 433 20.47 -55.18 1.29
C ILE D 433 21.97 -54.92 1.44
N SER D 434 22.71 -55.88 2.00
CA SER D 434 24.16 -55.77 2.18
C SER D 434 24.90 -55.51 0.86
N GLU D 435 24.40 -56.10 -0.25
CA GLU D 435 25.00 -55.92 -1.57
C GLU D 435 24.62 -54.58 -2.22
N LEU D 436 23.61 -53.90 -1.68
CA LEU D 436 22.98 -52.77 -2.33
C LEU D 436 23.43 -51.44 -1.68
N PHE D 437 23.75 -51.45 -0.35
CA PHE D 437 24.22 -50.27 0.38
C PHE D 437 25.60 -50.47 1.06
N TYR D 438 26.62 -49.71 0.66
CA TYR D 438 27.97 -49.92 1.18
C TYR D 438 28.26 -49.15 2.47
N ASP D 439 29.30 -49.67 3.15
CA ASP D 439 29.95 -49.16 4.35
C ASP D 439 31.10 -48.20 3.99
N ALA D 440 31.53 -47.34 4.91
CA ALA D 440 32.65 -46.44 4.65
C ALA D 440 33.97 -47.20 4.50
N LYS D 441 34.18 -48.32 5.20
CA LYS D 441 35.41 -49.10 5.08
C LYS D 441 35.51 -49.74 3.69
N SER D 442 34.45 -50.38 3.22
CA SER D 442 34.48 -51.08 1.95
C SER D 442 34.45 -50.10 0.77
N SER D 443 33.75 -48.97 0.91
CA SER D 443 33.82 -47.93 -0.12
C SER D 443 35.22 -47.31 -0.22
N ALA D 444 35.91 -47.13 0.90
CA ALA D 444 37.28 -46.63 0.85
C ALA D 444 38.21 -47.57 0.10
N LYS D 445 37.96 -48.89 0.16
CA LYS D 445 38.74 -49.86 -0.59
C LYS D 445 38.57 -49.68 -2.10
N ILE D 446 37.37 -49.33 -2.54
CA ILE D 446 37.11 -48.99 -3.93
C ILE D 446 37.87 -47.73 -4.32
N LEU D 447 37.90 -46.71 -3.48
CA LEU D 447 38.59 -45.47 -3.81
C LEU D 447 40.11 -45.65 -3.91
N ALA D 448 40.69 -46.57 -3.13
CA ALA D 448 42.11 -46.89 -3.23
C ALA D 448 42.48 -47.60 -4.54
N ASP D 449 41.53 -48.35 -5.15
CA ASP D 449 41.77 -49.08 -6.38
C ASP D 449 41.61 -48.18 -7.61
N GLN D 450 40.47 -47.50 -7.76
CA GLN D 450 40.20 -46.65 -8.91
C GLN D 450 40.75 -45.25 -8.66
N GLN D 451 41.92 -45.17 -8.02
CA GLN D 451 42.49 -43.95 -7.43
C GLN D 451 42.61 -42.77 -8.40
N ASP D 452 42.94 -43.06 -9.67
CA ASP D 452 43.27 -42.01 -10.62
C ASP D 452 42.02 -41.42 -11.28
N LYS D 453 40.80 -41.88 -10.93
CA LYS D 453 39.62 -41.50 -11.69
C LYS D 453 38.71 -40.45 -11.00
N TYR D 454 39.03 -39.99 -9.77
CA TYR D 454 38.11 -39.18 -9.00
C TYR D 454 38.54 -37.61 -8.77
N LYS E 2 23.54 32.59 -51.80
CA LYS E 2 24.72 33.46 -52.08
C LYS E 2 25.86 33.10 -51.12
N ILE E 3 25.74 33.49 -49.84
CA ILE E 3 26.67 33.10 -48.79
C ILE E 3 26.25 31.73 -48.25
N GLU E 4 27.22 30.89 -47.83
CA GLU E 4 26.96 29.54 -47.37
C GLU E 4 27.65 29.27 -46.02
N GLU E 5 26.94 28.58 -45.11
CA GLU E 5 27.37 28.41 -43.72
C GLU E 5 27.00 27.02 -43.19
N VAL E 6 27.79 26.53 -42.21
CA VAL E 6 27.64 25.21 -41.62
C VAL E 6 27.95 25.29 -40.12
N LYS E 7 27.24 24.50 -39.27
CA LYS E 7 27.56 24.42 -37.84
C LYS E 7 27.43 23.00 -37.27
N SER E 8 28.47 22.57 -36.53
CA SER E 8 28.55 21.30 -35.82
C SER E 8 29.82 21.27 -34.95
N THR E 9 29.68 21.21 -33.60
CA THR E 9 30.83 21.36 -32.69
C THR E 9 30.86 20.36 -31.53
N THR E 10 29.89 19.43 -31.42
CA THR E 10 29.85 18.46 -30.33
C THR E 10 30.94 17.39 -30.51
N LYS E 11 31.77 17.21 -29.47
CA LYS E 11 32.96 16.38 -29.55
C LYS E 11 32.60 14.90 -29.68
N THR E 12 33.21 14.22 -30.67
CA THR E 12 32.85 12.84 -31.01
C THR E 12 33.35 11.86 -29.94
N GLN E 13 32.73 10.67 -29.95
CA GLN E 13 32.92 9.63 -28.95
C GLN E 13 34.37 9.15 -28.86
N ARG E 14 34.80 8.83 -27.62
CA ARG E 14 36.18 8.46 -27.33
C ARG E 14 36.51 7.09 -27.90
N ILE E 15 37.74 6.93 -28.40
CA ILE E 15 38.19 5.67 -28.95
C ILE E 15 38.70 4.78 -27.83
N ALA E 16 38.44 3.47 -27.88
CA ALA E 16 38.96 2.55 -26.87
C ALA E 16 39.36 1.20 -27.46
N SER E 17 39.77 0.27 -26.61
CA SER E 17 40.64 -0.85 -26.99
C SER E 17 39.99 -1.84 -27.94
N HIS E 18 38.64 -1.91 -28.00
CA HIS E 18 38.00 -2.80 -28.98
C HIS E 18 36.98 -2.10 -29.88
N SER E 19 37.07 -0.78 -30.00
CA SER E 19 36.10 -0.02 -30.77
C SER E 19 36.23 -0.27 -32.28
N HIS E 20 37.27 -0.95 -32.76
CA HIS E 20 37.33 -1.35 -34.16
C HIS E 20 36.50 -2.59 -34.49
N VAL E 21 36.15 -3.43 -33.49
CA VAL E 21 35.41 -4.66 -33.71
C VAL E 21 33.93 -4.37 -33.98
N LYS E 22 33.39 -4.88 -35.11
CA LYS E 22 32.00 -4.63 -35.50
C LYS E 22 31.20 -5.91 -35.71
N GLY E 23 31.83 -7.09 -35.55
CA GLY E 23 31.17 -8.38 -35.70
C GLY E 23 32.12 -9.48 -36.19
N LEU E 24 31.65 -10.72 -36.35
CA LEU E 24 32.57 -11.82 -36.63
C LEU E 24 33.08 -11.81 -38.07
N GLY E 25 32.33 -11.20 -39.01
CA GLY E 25 32.75 -11.17 -40.40
C GLY E 25 32.80 -12.54 -41.09
N LEU E 26 31.90 -13.45 -40.69
CA LEU E 26 31.71 -14.71 -41.40
C LEU E 26 30.95 -14.49 -42.71
N ASP E 27 31.09 -15.45 -43.66
CA ASP E 27 30.25 -15.50 -44.85
C ASP E 27 29.05 -16.42 -44.60
N GLU E 28 28.09 -16.42 -45.55
CA GLU E 28 26.79 -17.05 -45.37
C GLU E 28 26.90 -18.57 -45.17
N SER E 29 27.96 -19.19 -45.68
CA SER E 29 28.16 -20.63 -45.56
C SER E 29 28.68 -21.03 -44.17
N GLY E 30 29.07 -20.04 -43.34
CA GLY E 30 29.62 -20.31 -42.02
C GLY E 30 31.16 -20.25 -41.95
N LEU E 31 31.84 -20.11 -43.09
CA LEU E 31 33.29 -19.94 -43.15
C LEU E 31 33.70 -18.51 -42.79
N ALA E 32 34.94 -18.34 -42.34
CA ALA E 32 35.47 -17.03 -41.96
C ALA E 32 36.21 -16.36 -43.13
N LYS E 33 35.85 -15.10 -43.43
CA LYS E 33 36.64 -14.25 -44.32
C LYS E 33 37.97 -13.88 -43.66
N GLN E 34 39.02 -13.67 -44.47
CA GLN E 34 40.35 -13.33 -43.97
C GLN E 34 40.36 -12.03 -43.17
N ALA E 35 39.60 -11.02 -43.63
CA ALA E 35 39.54 -9.74 -42.93
C ALA E 35 38.20 -9.07 -43.20
N ALA E 36 37.42 -8.85 -42.13
CA ALA E 36 36.09 -8.28 -42.24
C ALA E 36 35.59 -7.77 -40.90
N SER E 37 34.80 -6.68 -40.97
CA SER E 37 34.16 -6.05 -39.81
C SER E 37 35.15 -5.79 -38.68
N GLY E 38 36.43 -5.56 -39.03
CA GLY E 38 37.42 -5.17 -38.04
C GLY E 38 38.27 -6.34 -37.51
N LEU E 39 37.88 -7.60 -37.76
CA LEU E 39 38.70 -8.73 -37.33
C LEU E 39 39.54 -9.28 -38.47
N VAL E 40 40.71 -9.87 -38.13
CA VAL E 40 41.55 -10.62 -39.05
C VAL E 40 42.07 -11.91 -38.40
N GLY E 41 42.35 -12.95 -39.16
CA GLY E 41 42.88 -14.17 -38.55
C GLY E 41 41.86 -14.94 -37.68
N GLN E 42 42.40 -15.86 -36.86
CA GLN E 42 41.64 -16.67 -35.90
C GLN E 42 40.46 -17.44 -36.53
N GLU E 43 40.66 -17.99 -37.72
CA GLU E 43 39.52 -18.56 -38.44
C GLU E 43 38.81 -19.65 -37.64
N ASN E 44 39.49 -20.65 -37.08
CA ASN E 44 38.74 -21.70 -36.35
C ASN E 44 37.92 -21.12 -35.18
N ALA E 45 38.47 -20.14 -34.46
CA ALA E 45 37.77 -19.55 -33.35
C ALA E 45 36.60 -18.68 -33.80
N ARG E 46 36.71 -17.96 -34.93
CA ARG E 46 35.60 -17.20 -35.45
C ARG E 46 34.51 -18.11 -35.99
N GLU E 47 34.89 -19.21 -36.65
CA GLU E 47 33.91 -20.18 -37.11
C GLU E 47 33.15 -20.81 -35.94
N ALA E 48 33.87 -21.11 -34.85
CA ALA E 48 33.26 -21.65 -33.62
C ALA E 48 32.26 -20.66 -33.00
N CYS E 49 32.61 -19.38 -32.96
CA CYS E 49 31.67 -18.34 -32.53
C CYS E 49 30.46 -18.16 -33.46
N GLY E 50 30.65 -18.48 -34.73
CA GLY E 50 29.52 -18.55 -35.64
C GLY E 50 28.48 -19.60 -35.26
N VAL E 51 28.90 -20.76 -34.71
CA VAL E 51 27.97 -21.77 -34.19
C VAL E 51 27.26 -21.22 -32.96
N ILE E 52 27.99 -20.52 -32.08
CA ILE E 52 27.43 -20.07 -30.81
C ILE E 52 26.40 -18.96 -31.04
N VAL E 53 26.57 -18.05 -31.99
CA VAL E 53 25.52 -17.07 -32.26
C VAL E 53 24.23 -17.72 -32.76
N GLU E 54 24.30 -18.90 -33.39
CA GLU E 54 23.10 -19.67 -33.71
C GLU E 54 22.52 -20.34 -32.46
N LEU E 55 23.38 -20.92 -31.62
CA LEU E 55 22.95 -21.52 -30.36
C LEU E 55 22.17 -20.53 -29.49
N ILE E 56 22.60 -19.26 -29.40
CA ILE E 56 21.85 -18.21 -28.71
C ILE E 56 20.51 -17.94 -29.40
N LYS E 57 20.50 -17.69 -30.70
CA LYS E 57 19.29 -17.25 -31.37
C LYS E 57 18.23 -18.36 -31.50
N SER E 58 18.64 -19.63 -31.35
CA SER E 58 17.72 -20.77 -31.34
C SER E 58 16.69 -20.73 -30.20
N LYS E 59 17.04 -20.10 -29.07
CA LYS E 59 16.25 -20.07 -27.83
C LYS E 59 15.99 -21.47 -27.22
N LYS E 60 16.61 -22.53 -27.71
CA LYS E 60 16.26 -23.88 -27.29
C LYS E 60 16.88 -24.23 -25.93
N MET E 61 18.02 -23.62 -25.59
CA MET E 61 18.93 -24.23 -24.62
C MET E 61 19.12 -23.40 -23.34
N ALA E 62 19.56 -24.09 -22.28
CA ALA E 62 19.91 -23.45 -21.04
C ALA E 62 21.21 -24.05 -20.49
N GLY E 63 22.10 -23.17 -19.99
CA GLY E 63 23.24 -23.64 -19.22
C GLY E 63 24.36 -24.24 -20.06
N ARG E 64 24.29 -24.10 -21.39
CA ARG E 64 25.43 -24.42 -22.23
C ARG E 64 26.54 -23.39 -21.95
N ALA E 65 27.82 -23.86 -21.90
CA ALA E 65 28.91 -22.96 -21.59
C ALA E 65 30.16 -23.25 -22.42
N VAL E 66 30.87 -22.18 -22.83
CA VAL E 66 32.05 -22.27 -23.68
C VAL E 66 33.21 -21.54 -23.01
N LEU E 67 34.43 -22.02 -23.20
CA LEU E 67 35.63 -21.36 -22.69
C LEU E 67 36.54 -20.96 -23.85
N LEU E 68 36.78 -19.68 -24.01
CA LEU E 68 37.83 -19.20 -24.90
C LEU E 68 39.18 -19.33 -24.20
N ALA E 69 40.12 -20.11 -24.75
CA ALA E 69 41.42 -20.26 -24.11
C ALA E 69 42.56 -20.05 -25.08
N GLY E 70 43.61 -19.40 -24.60
CA GLY E 70 44.80 -19.15 -25.44
C GLY E 70 45.68 -18.08 -24.87
N PRO E 71 46.97 -18.01 -25.25
CA PRO E 71 47.89 -17.06 -24.64
C PRO E 71 47.52 -15.60 -24.64
N PRO E 72 48.04 -14.82 -23.67
CA PRO E 72 47.68 -13.43 -23.56
C PRO E 72 47.91 -12.71 -24.84
N GLY E 73 46.95 -11.90 -25.28
CA GLY E 73 47.19 -11.06 -26.46
C GLY E 73 46.75 -11.69 -27.74
N THR E 74 45.88 -12.68 -27.67
CA THR E 74 45.49 -13.42 -28.86
C THR E 74 44.10 -13.02 -29.35
N GLY E 75 43.26 -12.37 -28.56
CA GLY E 75 42.01 -11.81 -29.08
C GLY E 75 40.74 -12.45 -28.49
N LYS E 76 40.83 -13.03 -27.27
CA LYS E 76 39.73 -13.73 -26.63
C LYS E 76 38.58 -12.77 -26.38
N THR E 77 38.82 -11.64 -25.74
CA THR E 77 37.72 -10.75 -25.43
C THR E 77 37.29 -9.99 -26.67
N ALA E 78 38.16 -9.83 -27.67
CA ALA E 78 37.73 -9.27 -28.94
C ALA E 78 36.65 -10.13 -29.58
N LEU E 79 36.79 -11.46 -29.53
CA LEU E 79 35.76 -12.36 -30.06
C LEU E 79 34.47 -12.26 -29.25
N ALA E 80 34.54 -12.28 -27.91
CA ALA E 80 33.32 -12.18 -27.13
C ALA E 80 32.60 -10.86 -27.40
N LEU E 81 33.32 -9.76 -27.59
CA LEU E 81 32.74 -8.49 -27.99
C LEU E 81 32.18 -8.56 -29.41
N ALA E 82 32.81 -9.32 -30.32
CA ALA E 82 32.23 -9.51 -31.64
C ALA E 82 30.85 -10.17 -31.52
N ILE E 83 30.70 -11.22 -30.70
CA ILE E 83 29.40 -11.86 -30.49
C ILE E 83 28.37 -10.87 -29.93
N ALA E 84 28.75 -10.01 -29.02
CA ALA E 84 27.84 -9.01 -28.53
C ALA E 84 27.33 -8.07 -29.65
N GLN E 85 28.12 -7.83 -30.71
CA GLN E 85 27.65 -7.06 -31.86
C GLN E 85 26.72 -7.92 -32.72
N GLU E 86 27.08 -9.21 -32.88
CA GLU E 86 26.42 -10.10 -33.81
C GLU E 86 24.99 -10.41 -33.36
N LEU E 87 24.74 -10.44 -32.03
CA LEU E 87 23.40 -10.68 -31.51
C LEU E 87 22.51 -9.45 -31.60
N GLY E 88 23.06 -8.28 -31.85
CA GLY E 88 22.28 -7.05 -31.80
C GLY E 88 22.00 -6.59 -30.37
N SER E 89 21.44 -5.37 -30.27
CA SER E 89 21.31 -4.64 -29.01
C SER E 89 20.23 -5.23 -28.08
N LYS E 90 19.20 -5.84 -28.67
CA LYS E 90 17.98 -6.20 -27.95
C LYS E 90 18.15 -7.47 -27.11
N VAL E 91 19.04 -8.38 -27.53
CA VAL E 91 19.43 -9.50 -26.69
C VAL E 91 20.34 -9.03 -25.59
N PRO E 92 20.05 -9.30 -24.30
CA PRO E 92 20.90 -8.83 -23.21
C PRO E 92 22.24 -9.55 -23.17
N PHE E 93 23.31 -8.77 -23.15
CA PHE E 93 24.66 -9.27 -23.03
C PHE E 93 25.26 -8.68 -21.77
N CYS E 94 25.67 -9.55 -20.83
CA CYS E 94 26.03 -9.10 -19.51
C CYS E 94 27.52 -9.31 -19.21
N PRO E 95 28.37 -8.23 -19.21
CA PRO E 95 29.80 -8.39 -19.00
C PRO E 95 30.16 -8.32 -17.53
N MET E 96 31.13 -9.14 -17.14
CA MET E 96 31.51 -9.34 -15.75
C MET E 96 32.98 -9.78 -15.71
N VAL E 97 33.65 -9.50 -14.59
CA VAL E 97 35.03 -9.92 -14.38
C VAL E 97 35.09 -10.84 -13.18
N GLY E 98 35.92 -11.87 -13.23
CA GLY E 98 35.89 -12.95 -12.25
C GLY E 98 36.32 -12.53 -10.84
N SER E 99 36.80 -11.30 -10.64
CA SER E 99 37.10 -10.80 -9.30
C SER E 99 35.95 -9.99 -8.71
N GLU E 100 34.80 -9.87 -9.39
CA GLU E 100 33.68 -9.14 -8.84
C GLU E 100 32.84 -9.94 -7.84
N VAL E 101 33.03 -11.26 -7.74
CA VAL E 101 32.25 -12.06 -6.81
C VAL E 101 32.55 -11.74 -5.34
N TYR E 102 33.71 -11.14 -5.03
CA TYR E 102 34.07 -10.89 -3.64
C TYR E 102 33.44 -9.59 -3.12
N SER E 103 32.11 -9.59 -2.98
CA SER E 103 31.40 -8.46 -2.36
C SER E 103 31.54 -8.49 -0.83
N THR E 104 31.30 -7.31 -0.19
CA THR E 104 31.26 -7.16 1.27
C THR E 104 29.83 -7.16 1.81
N GLU E 105 28.81 -7.23 0.95
CA GLU E 105 27.42 -7.14 1.36
C GLU E 105 26.75 -8.51 1.34
N ILE E 106 27.18 -9.40 0.43
CA ILE E 106 26.44 -10.60 0.06
C ILE E 106 27.40 -11.69 -0.36
N LYS E 107 27.00 -12.95 -0.15
CA LYS E 107 27.90 -14.08 -0.34
C LYS E 107 28.23 -14.27 -1.82
N LYS E 108 29.46 -14.72 -2.12
CA LYS E 108 29.93 -14.89 -3.50
C LYS E 108 28.96 -15.74 -4.30
N THR E 109 28.47 -16.83 -3.66
CA THR E 109 27.60 -17.82 -4.27
C THR E 109 26.33 -17.20 -4.79
N GLU E 110 25.94 -16.05 -4.25
CA GLU E 110 24.70 -15.37 -4.58
C GLU E 110 24.92 -14.28 -5.62
N VAL E 111 26.06 -13.62 -5.60
CA VAL E 111 26.40 -12.66 -6.63
C VAL E 111 26.33 -13.32 -8.02
N LEU E 112 26.81 -14.55 -8.15
CA LEU E 112 26.68 -15.29 -9.39
C LEU E 112 25.22 -15.40 -9.83
N MET E 113 24.33 -15.76 -8.91
CA MET E 113 22.93 -15.90 -9.24
C MET E 113 22.29 -14.60 -9.70
N GLU E 114 22.66 -13.48 -9.12
CA GLU E 114 22.13 -12.20 -9.56
C GLU E 114 22.54 -11.98 -11.01
N ASN E 115 23.80 -12.24 -11.37
CA ASN E 115 24.24 -12.06 -12.73
C ASN E 115 23.56 -13.02 -13.70
N PHE E 116 23.39 -14.29 -13.34
CA PHE E 116 22.65 -15.18 -14.21
C PHE E 116 21.22 -14.69 -14.50
N ARG E 117 20.49 -14.31 -13.48
CA ARG E 117 19.11 -13.82 -13.63
C ARG E 117 19.07 -12.49 -14.38
N ARG E 118 20.20 -11.77 -14.45
CA ARG E 118 20.25 -10.51 -15.17
C ARG E 118 20.41 -10.73 -16.65
N ALA E 119 20.96 -11.88 -17.04
CA ALA E 119 21.23 -12.16 -18.44
C ALA E 119 20.02 -12.77 -19.17
N ILE E 120 18.84 -12.88 -18.52
CA ILE E 120 17.60 -13.28 -19.20
C ILE E 120 16.64 -12.09 -19.26
N GLY E 121 16.34 -11.68 -20.46
CA GLY E 121 15.50 -10.53 -20.70
C GLY E 121 14.06 -10.94 -20.91
N LEU E 122 13.20 -9.93 -20.79
CA LEU E 122 11.77 -10.09 -20.92
C LEU E 122 11.21 -8.82 -21.49
N ARG E 123 10.17 -8.97 -22.33
CA ARG E 123 9.55 -7.85 -23.00
C ARG E 123 8.05 -7.91 -22.76
N ILE E 124 7.45 -6.81 -22.29
CA ILE E 124 6.09 -6.80 -21.76
C ILE E 124 5.28 -5.67 -22.42
N LYS E 125 4.05 -5.96 -22.86
CA LYS E 125 3.12 -4.94 -23.32
C LYS E 125 2.30 -4.45 -22.12
N GLU E 126 2.82 -3.49 -21.37
CA GLU E 126 2.10 -2.92 -20.22
C GLU E 126 1.00 -1.97 -20.70
N THR E 127 -0.21 -2.08 -20.11
CA THR E 127 -1.28 -1.11 -20.34
C THR E 127 -1.40 -0.22 -19.12
N LYS E 128 -1.30 1.10 -19.29
CA LYS E 128 -1.45 2.06 -18.22
C LYS E 128 -2.70 2.91 -18.49
N GLU E 129 -3.49 3.19 -17.44
CA GLU E 129 -4.60 4.14 -17.55
C GLU E 129 -4.36 5.36 -16.66
N VAL E 130 -4.54 6.56 -17.26
CA VAL E 130 -4.12 7.80 -16.63
C VAL E 130 -5.17 8.89 -16.71
N TYR E 131 -5.18 9.76 -15.70
CA TYR E 131 -5.97 10.98 -15.70
C TYR E 131 -5.02 12.17 -15.71
N GLU E 132 -5.23 13.12 -16.61
CA GLU E 132 -4.46 14.35 -16.55
C GLU E 132 -5.26 15.58 -16.96
N GLY E 133 -4.85 16.73 -16.42
CA GLY E 133 -5.52 17.99 -16.68
C GLY E 133 -5.10 19.08 -15.71
N GLU E 134 -5.56 20.31 -15.95
CA GLU E 134 -5.60 21.34 -14.92
C GLU E 134 -6.64 20.96 -13.87
N VAL E 135 -6.28 21.00 -12.58
CA VAL E 135 -7.20 20.75 -11.50
C VAL E 135 -8.02 22.02 -11.28
N THR E 136 -9.30 21.97 -11.69
CA THR E 136 -10.20 23.11 -11.52
C THR E 136 -10.94 23.01 -10.19
N GLU E 137 -11.13 21.79 -9.64
CA GLU E 137 -11.82 21.62 -8.36
C GLU E 137 -11.29 20.42 -7.60
N LEU E 138 -11.29 20.52 -6.24
CA LEU E 138 -10.81 19.47 -5.35
C LEU E 138 -11.52 19.52 -4.00
N THR E 139 -12.27 18.47 -3.65
CA THR E 139 -13.06 18.43 -2.41
C THR E 139 -13.07 17.05 -1.77
N PRO E 140 -12.66 16.89 -0.50
CA PRO E 140 -12.80 15.62 0.22
C PRO E 140 -14.22 15.42 0.79
N CYS E 141 -14.63 14.16 0.96
CA CYS E 141 -15.91 13.83 1.58
C CYS E 141 -15.70 13.08 2.90
N GLU E 142 -16.15 13.68 4.01
CA GLU E 142 -15.90 13.13 5.35
C GLU E 142 -16.97 12.15 5.79
N THR E 143 -16.55 11.17 6.63
CA THR E 143 -17.41 10.13 7.20
C THR E 143 -16.99 9.81 8.65
N GLU E 144 -17.85 9.05 9.35
CA GLU E 144 -17.65 8.70 10.76
C GLU E 144 -16.52 7.67 10.96
N ASN E 145 -16.38 7.19 12.21
CA ASN E 145 -15.34 6.24 12.62
C ASN E 145 -15.52 4.85 11.98
N LYS E 152 -13.10 10.43 12.88
CA LYS E 152 -13.52 10.63 11.47
C LYS E 152 -12.61 9.90 10.47
N THR E 153 -13.16 9.75 9.24
CA THR E 153 -12.50 9.14 8.09
C THR E 153 -12.79 9.97 6.83
N ILE E 154 -11.99 9.74 5.77
CA ILE E 154 -12.26 10.29 4.45
C ILE E 154 -12.79 9.16 3.54
N SER E 155 -13.95 9.38 2.92
CA SER E 155 -14.60 8.38 2.09
C SER E 155 -14.18 8.50 0.62
N HIS E 156 -14.04 9.74 0.15
CA HIS E 156 -13.77 10.06 -1.25
C HIS E 156 -12.98 11.38 -1.32
N VAL E 157 -12.32 11.61 -2.45
CA VAL E 157 -12.07 12.95 -2.93
C VAL E 157 -12.75 13.09 -4.27
N ILE E 158 -13.29 14.28 -4.52
CA ILE E 158 -13.87 14.64 -5.80
C ILE E 158 -12.90 15.58 -6.50
N ILE E 159 -12.56 15.29 -7.77
CA ILE E 159 -11.61 16.11 -8.52
C ILE E 159 -12.21 16.51 -9.86
N GLY E 160 -12.14 17.81 -10.14
CA GLY E 160 -12.47 18.33 -11.45
C GLY E 160 -11.22 18.62 -12.27
N LEU E 161 -11.17 18.07 -13.50
CA LEU E 161 -10.03 18.19 -14.39
C LEU E 161 -10.45 18.84 -15.72
N LYS E 162 -9.52 19.59 -16.33
CA LYS E 162 -9.78 20.34 -17.55
C LYS E 162 -8.64 20.16 -18.53
N THR E 163 -8.99 19.91 -19.81
CA THR E 163 -8.05 19.77 -20.92
C THR E 163 -8.59 20.50 -22.15
N ALA E 164 -7.82 20.56 -23.25
CA ALA E 164 -8.26 21.30 -24.42
C ALA E 164 -9.56 20.74 -25.05
N LYS E 165 -9.89 19.49 -24.72
CA LYS E 165 -11.08 18.81 -25.21
C LYS E 165 -12.32 19.17 -24.39
N GLY E 166 -12.16 19.61 -23.13
CA GLY E 166 -13.28 19.80 -22.22
C GLY E 166 -12.93 19.48 -20.77
N THR E 167 -13.87 18.85 -20.03
CA THR E 167 -13.68 18.60 -18.60
C THR E 167 -14.40 17.30 -18.18
N LYS E 168 -13.93 16.70 -17.09
CA LYS E 168 -14.60 15.61 -16.39
C LYS E 168 -14.44 15.80 -14.88
N GLN E 169 -15.26 15.07 -14.12
CA GLN E 169 -15.19 15.09 -12.67
C GLN E 169 -15.18 13.66 -12.17
N LEU E 170 -14.26 13.36 -11.24
CA LEU E 170 -13.93 11.99 -10.84
C LEU E 170 -14.06 11.82 -9.33
N LYS E 171 -14.38 10.60 -8.90
CA LYS E 171 -14.41 10.25 -7.49
C LYS E 171 -13.28 9.25 -7.20
N LEU E 172 -12.43 9.57 -6.21
CA LEU E 172 -11.17 8.87 -6.03
C LEU E 172 -10.92 8.45 -4.58
N ASP E 173 -10.16 7.37 -4.46
CA ASP E 173 -9.80 6.71 -3.21
C ASP E 173 -9.01 7.66 -2.30
N PRO E 174 -9.16 7.61 -0.95
CA PRO E 174 -8.38 8.45 -0.04
C PRO E 174 -6.86 8.33 -0.14
N SER E 175 -6.35 7.19 -0.65
CA SER E 175 -4.93 7.01 -0.97
C SER E 175 -4.42 8.06 -1.96
N ILE E 176 -5.24 8.38 -2.95
CA ILE E 176 -4.89 9.38 -3.96
C ILE E 176 -4.97 10.76 -3.33
N PHE E 177 -5.93 11.01 -2.43
CA PHE E 177 -5.97 12.29 -1.76
C PHE E 177 -4.73 12.49 -0.90
N GLU E 178 -4.32 11.44 -0.17
CA GLU E 178 -3.09 11.47 0.63
C GLU E 178 -1.88 11.83 -0.25
N SER E 179 -1.85 11.28 -1.47
CA SER E 179 -0.80 11.59 -2.44
C SER E 179 -0.86 13.03 -2.95
N LEU E 180 -2.04 13.54 -3.29
CA LEU E 180 -2.20 14.90 -3.77
C LEU E 180 -1.79 15.91 -2.70
N GLN E 181 -2.12 15.62 -1.43
CA GLN E 181 -1.74 16.49 -0.34
C GLN E 181 -0.23 16.53 -0.24
N LYS E 182 0.42 15.34 -0.27
CA LYS E 182 1.86 15.22 -0.17
C LYS E 182 2.59 15.98 -1.28
N GLU E 183 2.08 15.93 -2.50
CA GLU E 183 2.62 16.67 -3.63
C GLU E 183 2.31 18.17 -3.59
N ARG E 184 1.62 18.64 -2.55
CA ARG E 184 1.28 20.05 -2.38
C ARG E 184 0.48 20.61 -3.57
N VAL E 185 -0.43 19.78 -4.10
CA VAL E 185 -1.29 20.16 -5.21
C VAL E 185 -2.35 21.16 -4.77
N GLU E 186 -2.64 22.14 -5.65
CA GLU E 186 -3.74 23.07 -5.47
C GLU E 186 -4.51 23.24 -6.79
N ALA E 187 -5.68 23.88 -6.71
CA ALA E 187 -6.41 24.29 -7.90
C ALA E 187 -5.58 25.23 -8.79
N GLY E 188 -5.65 24.98 -10.11
CA GLY E 188 -4.88 25.70 -11.11
C GLY E 188 -3.57 24.98 -11.50
N ASP E 189 -3.15 24.00 -10.69
CA ASP E 189 -2.04 23.13 -11.06
C ASP E 189 -2.44 22.16 -12.16
N VAL E 190 -1.46 21.75 -12.97
CA VAL E 190 -1.62 20.71 -13.97
C VAL E 190 -0.95 19.46 -13.44
N ILE E 191 -1.71 18.35 -13.42
CA ILE E 191 -1.22 17.13 -12.80
C ILE E 191 -1.47 15.93 -13.70
N TYR E 192 -0.77 14.84 -13.38
CA TYR E 192 -0.93 13.55 -14.03
C TYR E 192 -1.04 12.48 -12.95
N ILE E 193 -1.96 11.54 -13.14
CA ILE E 193 -2.16 10.43 -12.21
C ILE E 193 -2.25 9.14 -12.99
N GLU E 194 -1.51 8.09 -12.57
CA GLU E 194 -1.69 6.80 -13.18
C GLU E 194 -2.41 5.87 -12.21
N ALA E 195 -3.56 5.37 -12.63
CA ALA E 195 -4.49 4.77 -11.68
C ALA E 195 -4.07 3.35 -11.27
N ASN E 196 -3.28 2.67 -12.11
CA ASN E 196 -2.80 1.33 -11.83
C ASN E 196 -1.81 1.35 -10.65
N SER E 197 -0.91 2.34 -10.67
CA SER E 197 0.13 2.49 -9.67
C SER E 197 -0.33 3.34 -8.48
N GLY E 198 -1.32 4.19 -8.66
CA GLY E 198 -1.67 5.13 -7.61
C GLY E 198 -0.72 6.32 -7.49
N ALA E 199 0.15 6.51 -8.48
CA ALA E 199 1.17 7.56 -8.45
C ALA E 199 0.63 8.88 -8.99
N VAL E 200 1.21 9.99 -8.50
CA VAL E 200 0.88 11.35 -8.92
C VAL E 200 2.14 12.10 -9.34
N LYS E 201 2.04 12.99 -10.32
CA LYS E 201 3.09 13.95 -10.65
C LYS E 201 2.50 15.33 -10.86
N ARG E 202 3.07 16.33 -10.19
CA ARG E 202 2.75 17.71 -10.46
C ARG E 202 3.62 18.20 -11.62
N GLN E 203 3.07 19.01 -12.55
CA GLN E 203 3.88 19.57 -13.61
C GLN E 203 4.17 21.05 -13.36
N GLY E 204 3.23 21.78 -12.78
CA GLY E 204 3.32 23.23 -12.61
C GLY E 204 1.94 23.87 -12.67
N ARG E 205 1.85 25.21 -12.63
CA ARG E 205 0.57 25.89 -12.84
C ARG E 205 0.27 25.96 -14.34
N CYS E 206 -1.01 26.02 -14.69
CA CYS E 206 -1.43 26.27 -16.06
C CYS E 206 -0.97 27.65 -16.55
N ASP E 207 -0.53 27.72 -17.83
CA ASP E 207 -0.08 28.93 -18.48
C ASP E 207 -1.07 30.10 -18.37
N THR E 208 -2.37 29.81 -18.25
CA THR E 208 -3.42 30.81 -18.15
C THR E 208 -3.15 31.79 -17.00
N TYR E 209 -2.54 31.29 -15.91
CA TYR E 209 -2.30 32.10 -14.73
C TYR E 209 -0.92 32.76 -14.71
N ALA E 210 -0.08 32.55 -15.73
CA ALA E 210 1.35 32.77 -15.60
C ALA E 210 1.73 34.24 -15.37
N THR E 211 0.80 35.17 -15.63
CA THR E 211 1.06 36.62 -15.53
C THR E 211 0.46 37.23 -14.26
N GLU E 212 -0.03 36.40 -13.31
CA GLU E 212 -0.81 36.87 -12.17
C GLU E 212 0.06 37.59 -11.14
N PHE E 213 1.38 37.35 -11.16
CA PHE E 213 2.32 37.96 -10.23
C PHE E 213 3.52 38.53 -10.98
N ASP E 214 4.14 39.59 -10.44
CA ASP E 214 5.37 40.12 -11.00
C ASP E 214 6.55 39.21 -10.65
N LEU E 215 6.49 38.55 -9.48
CA LEU E 215 7.60 37.77 -8.94
C LEU E 215 7.07 36.52 -8.23
N GLU E 216 7.36 35.35 -8.80
CA GLU E 216 6.88 34.08 -8.29
C GLU E 216 7.93 33.01 -8.66
N ALA E 217 7.95 31.92 -7.89
CA ALA E 217 8.92 30.85 -8.06
C ALA E 217 8.51 29.79 -9.09
N GLU E 218 7.24 29.73 -9.51
CA GLU E 218 6.70 28.59 -10.25
C GLU E 218 7.19 28.53 -11.69
N GLU E 219 7.22 27.31 -12.24
CA GLU E 219 7.19 27.11 -13.68
C GLU E 219 5.76 26.87 -14.15
N TYR E 220 5.49 27.25 -15.41
CA TYR E 220 4.15 27.16 -15.98
C TYR E 220 4.17 26.23 -17.19
N VAL E 221 3.06 25.50 -17.39
CA VAL E 221 2.95 24.55 -18.48
C VAL E 221 1.68 24.81 -19.29
N PRO E 222 1.67 24.51 -20.60
CA PRO E 222 0.45 24.62 -21.40
C PRO E 222 -0.54 23.52 -20.98
N LEU E 223 -1.82 23.84 -21.21
CA LEU E 223 -2.92 22.94 -20.88
C LEU E 223 -2.75 21.61 -21.63
N PRO E 224 -2.93 20.45 -20.98
CA PRO E 224 -2.87 19.17 -21.69
C PRO E 224 -3.87 19.04 -22.83
N LYS E 225 -3.43 18.40 -23.92
CA LYS E 225 -4.31 18.07 -25.03
C LYS E 225 -4.87 16.65 -24.83
N GLY E 226 -6.01 16.38 -25.47
CA GLY E 226 -6.62 15.06 -25.44
C GLY E 226 -7.59 14.92 -24.28
N ASP E 227 -8.23 13.74 -24.21
CA ASP E 227 -9.24 13.45 -23.21
C ASP E 227 -8.61 13.34 -21.82
N VAL E 228 -9.38 13.70 -20.78
CA VAL E 228 -8.94 13.71 -19.40
C VAL E 228 -8.57 12.29 -18.97
N HIS E 229 -9.36 11.29 -19.37
CA HIS E 229 -9.06 9.90 -19.05
C HIS E 229 -8.65 9.13 -20.31
N LYS E 230 -7.53 8.42 -20.27
CA LYS E 230 -7.08 7.62 -21.40
C LYS E 230 -6.17 6.49 -20.96
N LYS E 231 -6.15 5.43 -21.79
CA LYS E 231 -5.27 4.29 -21.53
C LYS E 231 -4.41 4.00 -22.77
N LYS E 232 -3.18 3.57 -22.50
CA LYS E 232 -2.11 3.51 -23.48
C LYS E 232 -1.19 2.35 -23.18
N GLU E 233 -0.55 1.85 -24.24
CA GLU E 233 0.32 0.69 -24.13
C GLU E 233 1.76 1.16 -24.22
N ILE E 234 2.59 0.68 -23.28
CA ILE E 234 4.01 0.92 -23.25
C ILE E 234 4.70 -0.43 -23.37
N ILE E 235 5.64 -0.55 -24.30
CA ILE E 235 6.44 -1.75 -24.40
C ILE E 235 7.63 -1.61 -23.44
N GLN E 236 7.65 -2.47 -22.40
CA GLN E 236 8.65 -2.42 -21.35
C GLN E 236 9.66 -3.55 -21.54
N ASP E 237 10.95 -3.19 -21.55
CA ASP E 237 12.05 -4.15 -21.54
C ASP E 237 12.58 -4.25 -20.12
N VAL E 238 12.86 -5.48 -19.68
CA VAL E 238 13.25 -5.72 -18.30
C VAL E 238 14.05 -7.02 -18.22
N THR E 239 14.60 -7.35 -17.04
CA THR E 239 15.24 -8.66 -16.82
C THR E 239 14.59 -9.38 -15.63
N LEU E 240 14.80 -10.69 -15.51
CA LEU E 240 14.26 -11.44 -14.38
C LEU E 240 14.79 -10.92 -13.07
N HIS E 241 16.09 -10.56 -13.06
CA HIS E 241 16.71 -9.98 -11.89
C HIS E 241 15.97 -8.70 -11.46
N ASP E 242 15.54 -7.88 -12.39
CA ASP E 242 14.89 -6.62 -12.03
C ASP E 242 13.56 -6.86 -11.34
N LEU E 243 12.83 -7.90 -11.73
CA LEU E 243 11.64 -8.28 -10.99
C LEU E 243 12.04 -8.81 -9.62
N ASP E 244 13.03 -9.71 -9.52
CA ASP E 244 13.47 -10.30 -8.25
C ASP E 244 13.76 -9.22 -7.21
N VAL E 245 14.56 -8.20 -7.57
CA VAL E 245 15.03 -7.23 -6.60
C VAL E 245 13.96 -6.20 -6.26
N ALA E 246 13.16 -5.75 -7.22
CA ALA E 246 12.15 -4.73 -6.95
C ALA E 246 11.05 -5.21 -5.99
N ASN E 247 10.83 -6.53 -5.89
CA ASN E 247 9.93 -7.13 -4.94
C ASN E 247 10.58 -7.34 -3.58
N ALA E 248 11.90 -7.52 -3.51
CA ALA E 248 12.53 -7.86 -2.24
C ALA E 248 12.76 -6.64 -1.33
N ARG E 249 12.92 -5.43 -1.90
CA ARG E 249 12.90 -4.20 -1.14
C ARG E 249 12.04 -3.18 -1.90
N PRO E 250 10.70 -3.20 -1.66
CA PRO E 250 9.74 -2.46 -2.49
C PRO E 250 9.72 -0.97 -2.26
N GLN E 251 9.37 -0.24 -3.34
CA GLN E 251 9.27 1.21 -3.33
C GLN E 251 8.06 1.69 -4.14
N GLY E 252 7.27 0.78 -4.69
CA GLY E 252 6.01 1.12 -5.35
C GLY E 252 4.90 1.38 -4.33
N GLY E 253 3.73 1.81 -4.83
CA GLY E 253 2.69 2.31 -3.96
C GLY E 253 3.05 3.67 -3.36
N GLN E 254 2.33 4.10 -2.32
CA GLN E 254 2.47 5.45 -1.80
C GLN E 254 2.38 5.54 -0.28
N ASP E 255 2.47 4.38 0.41
CA ASP E 255 2.41 4.34 1.87
C ASP E 255 3.71 4.88 2.48
N ILE E 256 3.64 5.21 3.77
CA ILE E 256 4.76 5.81 4.49
C ILE E 256 5.95 4.86 4.46
N LEU E 257 5.69 3.55 4.53
CA LEU E 257 6.73 2.54 4.64
C LEU E 257 7.57 2.49 3.35
N SER E 258 6.92 2.38 2.19
CA SER E 258 7.62 2.31 0.93
C SER E 258 8.28 3.64 0.62
N MET E 259 7.65 4.75 0.97
CA MET E 259 8.16 6.09 0.74
C MET E 259 9.45 6.32 1.52
N MET E 260 9.51 5.82 2.76
CA MET E 260 10.71 5.96 3.56
C MET E 260 11.77 4.94 3.16
N GLY E 261 11.40 3.76 2.69
CA GLY E 261 12.36 2.82 2.11
C GLY E 261 13.10 3.33 0.86
N GLN E 262 12.68 4.47 0.29
CA GLN E 262 13.33 5.14 -0.83
C GLN E 262 14.45 6.08 -0.36
N LEU E 263 14.51 6.42 0.94
CA LEU E 263 15.47 7.31 1.55
C LEU E 263 16.67 6.57 2.14
N MET E 264 16.47 5.36 2.69
CA MET E 264 17.50 4.67 3.44
C MET E 264 18.63 4.15 2.53
N LYS E 265 19.82 3.90 3.11
CA LYS E 265 21.00 3.44 2.38
C LYS E 265 20.74 2.08 1.71
N PRO E 266 20.92 1.98 0.38
CA PRO E 266 20.50 0.79 -0.35
C PRO E 266 21.46 -0.39 -0.25
N LYS E 267 21.27 -1.17 0.81
CA LYS E 267 22.04 -2.41 0.96
C LYS E 267 21.52 -3.52 0.03
N LYS E 268 22.41 -4.31 -0.59
CA LYS E 268 22.07 -5.54 -1.29
C LYS E 268 21.63 -6.59 -0.27
N THR E 269 20.89 -7.63 -0.73
CA THR E 269 20.47 -8.69 0.18
C THR E 269 20.33 -10.02 -0.56
N GLU E 270 20.54 -11.11 0.18
CA GLU E 270 20.41 -12.46 -0.33
C GLU E 270 18.94 -12.77 -0.62
N ILE E 271 18.49 -12.49 -1.85
CA ILE E 271 17.16 -12.88 -2.34
C ILE E 271 16.98 -14.40 -2.19
N THR E 272 15.83 -14.81 -1.63
CA THR E 272 15.65 -16.23 -1.30
C THR E 272 14.97 -16.97 -2.44
N ASP E 273 15.12 -18.29 -2.45
CA ASP E 273 14.64 -19.15 -3.53
C ASP E 273 13.11 -19.08 -3.71
N LYS E 274 12.38 -18.93 -2.60
CA LYS E 274 10.94 -18.72 -2.63
C LYS E 274 10.50 -17.49 -3.44
N LEU E 275 11.26 -16.40 -3.49
CA LEU E 275 10.86 -15.24 -4.24
C LEU E 275 11.12 -15.57 -5.70
N ARG E 276 12.27 -16.12 -6.04
CA ARG E 276 12.56 -16.40 -7.44
C ARG E 276 11.53 -17.39 -7.98
N GLY E 277 11.16 -18.40 -7.18
CA GLY E 277 10.07 -19.33 -7.47
C GLY E 277 8.76 -18.63 -7.84
N GLU E 278 8.30 -17.68 -7.02
CA GLU E 278 7.05 -16.96 -7.27
C GLU E 278 7.17 -16.04 -8.48
N ILE E 279 8.33 -15.45 -8.73
CA ILE E 279 8.49 -14.62 -9.91
C ILE E 279 8.45 -15.50 -11.16
N ASN E 280 9.05 -16.69 -11.14
CA ASN E 280 8.96 -17.57 -12.29
C ASN E 280 7.50 -17.87 -12.69
N LYS E 281 6.63 -18.16 -11.72
CA LYS E 281 5.24 -18.47 -11.98
C LYS E 281 4.52 -17.27 -12.60
N VAL E 282 4.81 -16.06 -12.14
CA VAL E 282 4.19 -14.87 -12.65
C VAL E 282 4.59 -14.64 -14.09
N VAL E 283 5.87 -14.77 -14.44
CA VAL E 283 6.25 -14.46 -15.80
C VAL E 283 5.74 -15.56 -16.74
N ASN E 284 5.71 -16.84 -16.36
CA ASN E 284 5.08 -17.85 -17.21
C ASN E 284 3.61 -17.51 -17.51
N LYS E 285 2.87 -16.97 -16.55
CA LYS E 285 1.49 -16.56 -16.77
C LYS E 285 1.36 -15.30 -17.62
N TYR E 286 2.35 -14.41 -17.64
CA TYR E 286 2.37 -13.32 -18.60
C TYR E 286 2.63 -13.81 -20.02
N ILE E 287 3.44 -14.85 -20.20
CA ILE E 287 3.71 -15.42 -21.51
C ILE E 287 2.46 -16.08 -22.04
N ASP E 288 1.75 -16.86 -21.20
CA ASP E 288 0.57 -17.61 -21.63
C ASP E 288 -0.54 -16.70 -22.15
N GLN E 289 -0.70 -15.52 -21.55
CA GLN E 289 -1.69 -14.55 -21.97
C GLN E 289 -1.27 -13.78 -23.23
N GLY E 290 -0.07 -14.00 -23.77
CA GLY E 290 0.39 -13.30 -24.96
C GLY E 290 0.74 -11.81 -24.72
N ILE E 291 0.90 -11.45 -23.44
CA ILE E 291 1.31 -10.11 -23.05
C ILE E 291 2.84 -9.96 -23.18
N ALA E 292 3.58 -11.09 -23.06
CA ALA E 292 5.03 -11.10 -22.88
C ALA E 292 5.79 -11.97 -23.89
N GLU E 293 7.03 -11.54 -24.17
CA GLU E 293 8.00 -12.31 -24.95
C GLU E 293 9.28 -12.46 -24.13
N LEU E 294 9.87 -13.68 -24.15
CA LEU E 294 11.12 -13.95 -23.44
C LEU E 294 12.32 -13.92 -24.36
N VAL E 295 13.41 -13.24 -23.96
CA VAL E 295 14.64 -13.19 -24.75
C VAL E 295 15.82 -13.58 -23.90
N PRO E 296 16.13 -14.87 -23.75
CA PRO E 296 17.37 -15.30 -23.12
C PRO E 296 18.59 -14.75 -23.87
N GLY E 297 19.55 -14.24 -23.10
CA GLY E 297 20.78 -13.65 -23.59
C GLY E 297 22.03 -14.42 -23.14
N VAL E 298 23.14 -13.66 -22.96
CA VAL E 298 24.47 -14.19 -22.75
C VAL E 298 25.10 -13.57 -21.52
N LEU E 299 25.78 -14.38 -20.72
CA LEU E 299 26.63 -13.86 -19.65
C LEU E 299 28.09 -14.11 -19.97
N PHE E 300 28.91 -13.04 -19.95
CA PHE E 300 30.34 -13.13 -20.26
C PHE E 300 31.17 -12.93 -19.00
N VAL E 301 31.90 -13.97 -18.55
CA VAL E 301 32.68 -13.92 -17.32
C VAL E 301 34.15 -13.98 -17.68
N ASP E 302 34.74 -12.79 -17.86
CA ASP E 302 36.15 -12.67 -18.20
C ASP E 302 37.00 -12.92 -16.96
N GLU E 303 38.27 -13.27 -17.15
CA GLU E 303 39.19 -13.62 -16.10
C GLU E 303 38.60 -14.70 -15.18
N VAL E 304 38.02 -15.76 -15.76
CA VAL E 304 37.33 -16.76 -14.95
C VAL E 304 38.27 -17.49 -13.98
N HIS E 305 39.57 -17.47 -14.25
CA HIS E 305 40.59 -18.21 -13.54
C HIS E 305 40.78 -17.75 -12.10
N MET E 306 39.97 -16.76 -11.64
CA MET E 306 40.08 -16.37 -10.25
C MET E 306 38.77 -16.24 -9.46
N LEU E 307 37.74 -16.88 -9.96
CA LEU E 307 36.69 -17.34 -9.06
C LEU E 307 37.35 -18.28 -8.04
N ASP E 308 36.81 -18.31 -6.84
CA ASP E 308 37.25 -19.22 -5.79
C ASP E 308 36.72 -20.63 -6.08
N ILE E 309 37.29 -21.68 -5.50
CA ILE E 309 36.77 -23.01 -5.74
C ILE E 309 35.33 -23.18 -5.20
N GLU E 310 34.91 -22.42 -4.19
CA GLU E 310 33.51 -22.37 -3.80
C GLU E 310 32.62 -21.97 -4.98
N CYS E 311 33.08 -20.99 -5.78
CA CYS E 311 32.33 -20.49 -6.92
C CYS E 311 32.32 -21.46 -8.09
N PHE E 312 33.46 -22.05 -8.42
CA PHE E 312 33.47 -23.08 -9.44
C PHE E 312 32.51 -24.21 -9.06
N THR E 313 32.51 -24.62 -7.80
CA THR E 313 31.67 -25.70 -7.38
C THR E 313 30.21 -25.29 -7.29
N TYR E 314 29.91 -24.02 -7.29
CA TYR E 314 28.53 -23.58 -7.46
C TYR E 314 28.12 -23.62 -8.93
N LEU E 315 29.00 -23.28 -9.86
CA LEU E 315 28.61 -23.29 -11.28
C LEU E 315 28.22 -24.69 -11.76
N HIS E 316 28.71 -25.76 -11.11
CA HIS E 316 28.24 -27.11 -11.37
C HIS E 316 26.72 -27.20 -11.26
N ARG E 317 26.12 -26.54 -10.27
CA ARG E 317 24.68 -26.52 -10.11
C ARG E 317 24.00 -25.48 -11.01
N ALA E 318 24.52 -24.27 -11.12
CA ALA E 318 23.84 -23.23 -11.88
C ALA E 318 23.80 -23.53 -13.38
N LEU E 319 24.82 -24.19 -13.95
CA LEU E 319 24.80 -24.53 -15.36
C LEU E 319 23.88 -25.72 -15.66
N GLU E 320 23.45 -26.46 -14.64
CA GLU E 320 22.56 -27.60 -14.84
C GLU E 320 21.10 -27.23 -14.61
N SER E 321 20.83 -25.93 -14.41
CA SER E 321 19.48 -25.40 -14.33
C SER E 321 18.81 -25.41 -15.70
N SER E 322 17.48 -25.61 -15.69
CA SER E 322 16.69 -25.49 -16.91
C SER E 322 16.47 -24.04 -17.30
N ILE E 323 16.84 -23.06 -16.46
CA ILE E 323 16.56 -21.66 -16.74
C ILE E 323 17.80 -20.93 -17.28
N ALA E 324 18.99 -21.23 -16.74
CA ALA E 324 20.17 -20.42 -16.91
C ALA E 324 20.56 -20.10 -18.35
N PRO E 325 21.05 -18.87 -18.65
CA PRO E 325 21.41 -18.45 -19.98
C PRO E 325 22.74 -19.03 -20.42
N ILE E 326 23.12 -18.76 -21.68
CA ILE E 326 24.34 -19.31 -22.27
C ILE E 326 25.54 -18.51 -21.77
N VAL E 327 26.63 -19.20 -21.36
CA VAL E 327 27.73 -18.54 -20.64
C VAL E 327 29.04 -18.63 -21.41
N ILE E 328 29.77 -17.50 -21.53
CA ILE E 328 31.09 -17.49 -22.12
C ILE E 328 32.15 -17.17 -21.06
N PHE E 329 33.04 -18.12 -20.76
CA PHE E 329 34.20 -17.96 -19.90
C PHE E 329 35.45 -17.66 -20.71
N ALA E 330 36.46 -17.05 -20.08
CA ALA E 330 37.72 -16.73 -20.80
C ALA E 330 38.90 -16.82 -19.85
N SER E 331 40.05 -17.28 -20.33
CA SER E 331 41.18 -17.57 -19.45
C SER E 331 42.47 -17.56 -20.28
N ASN E 332 43.59 -17.26 -19.63
CA ASN E 332 44.85 -17.14 -20.34
C ASN E 332 45.98 -17.72 -19.53
N ARG E 333 45.69 -18.81 -18.81
CA ARG E 333 46.64 -19.35 -17.85
C ARG E 333 47.10 -20.76 -18.21
N GLY E 334 48.30 -21.13 -17.76
CA GLY E 334 48.81 -22.47 -17.94
C GLY E 334 48.30 -23.39 -16.83
N ASN E 335 49.15 -24.32 -16.38
CA ASN E 335 48.82 -25.22 -15.30
C ASN E 335 48.95 -24.52 -13.93
N CYS E 336 48.14 -23.48 -13.64
CA CYS E 336 48.19 -22.79 -12.36
C CYS E 336 47.59 -23.57 -11.19
N VAL E 337 47.88 -23.13 -9.95
CA VAL E 337 47.17 -23.58 -8.75
C VAL E 337 45.76 -22.95 -8.70
N ILE E 338 44.75 -23.73 -8.35
CA ILE E 338 43.36 -23.28 -8.31
C ILE E 338 43.21 -22.44 -7.03
N ARG E 339 42.68 -21.22 -7.18
CA ARG E 339 42.48 -20.32 -6.04
C ARG E 339 41.62 -20.96 -4.96
N GLY E 340 42.02 -20.79 -3.70
CA GLY E 340 41.31 -21.39 -2.60
C GLY E 340 41.74 -22.80 -2.22
N THR E 341 42.56 -23.48 -3.04
CA THR E 341 42.97 -24.84 -2.70
C THR E 341 44.40 -24.91 -2.17
N GLU E 342 45.25 -23.95 -2.57
CA GLU E 342 46.69 -23.86 -2.25
C GLU E 342 47.58 -25.04 -2.69
N ASP E 343 47.02 -26.18 -3.08
CA ASP E 343 47.80 -27.39 -3.33
C ASP E 343 47.61 -27.90 -4.78
N ILE E 344 46.43 -27.64 -5.39
CA ILE E 344 45.95 -28.35 -6.56
C ILE E 344 46.08 -27.49 -7.81
N THR E 345 46.70 -28.04 -8.87
CA THR E 345 46.89 -27.30 -10.11
C THR E 345 46.12 -27.98 -11.25
N SER E 346 45.66 -27.16 -12.20
CA SER E 346 44.90 -27.68 -13.32
C SER E 346 44.93 -26.71 -14.48
N PRO E 347 44.66 -27.18 -15.73
CA PRO E 347 44.66 -26.32 -16.91
C PRO E 347 43.80 -25.08 -16.77
N HIS E 348 44.28 -23.98 -17.35
CA HIS E 348 43.57 -22.72 -17.37
C HIS E 348 43.19 -22.16 -15.99
N GLY E 349 43.66 -22.77 -14.89
CA GLY E 349 43.27 -22.36 -13.55
C GLY E 349 41.87 -22.82 -13.09
N ILE E 350 41.23 -23.69 -13.86
CA ILE E 350 39.85 -24.11 -13.65
C ILE E 350 39.86 -25.58 -13.23
N PRO E 351 39.00 -26.05 -12.29
CA PRO E 351 38.99 -27.48 -11.93
C PRO E 351 38.52 -28.36 -13.09
N LEU E 352 39.11 -29.56 -13.20
CA LEU E 352 38.75 -30.53 -14.23
C LEU E 352 37.24 -30.83 -14.25
N ASP E 353 36.62 -30.87 -13.06
CA ASP E 353 35.21 -31.19 -12.89
C ASP E 353 34.30 -30.19 -13.60
N LEU E 354 34.74 -28.93 -13.73
CA LEU E 354 34.00 -27.90 -14.43
C LEU E 354 34.44 -27.86 -15.88
N LEU E 355 35.72 -28.09 -16.10
CA LEU E 355 36.26 -28.07 -17.46
C LEU E 355 35.66 -29.19 -18.31
N ASP E 356 35.11 -30.24 -17.68
CA ASP E 356 34.36 -31.28 -18.36
C ASP E 356 32.94 -30.86 -18.74
N ARG E 357 32.43 -29.76 -18.22
CA ARG E 357 31.07 -29.27 -18.53
C ARG E 357 31.05 -28.12 -19.54
N VAL E 358 32.17 -27.89 -20.24
CA VAL E 358 32.29 -26.78 -21.18
C VAL E 358 32.87 -27.28 -22.50
N MET E 359 32.61 -26.51 -23.58
CA MET E 359 33.30 -26.69 -24.83
C MET E 359 34.41 -25.64 -24.95
N ILE E 360 35.60 -26.07 -25.37
CA ILE E 360 36.76 -25.19 -25.40
C ILE E 360 37.01 -24.70 -26.82
N ILE E 361 37.25 -23.41 -26.98
CA ILE E 361 37.64 -22.82 -28.25
C ILE E 361 39.10 -22.41 -28.17
N ARG E 362 39.97 -22.98 -28.99
CA ARG E 362 41.39 -22.62 -28.95
C ARG E 362 41.65 -21.31 -29.70
N THR E 363 42.47 -20.43 -29.12
CA THR E 363 42.88 -19.16 -29.74
C THR E 363 44.41 -19.09 -29.73
N MET E 364 45.04 -18.57 -30.80
CA MET E 364 46.46 -18.81 -31.02
C MET E 364 47.21 -17.62 -31.63
N LEU E 365 48.55 -17.64 -31.52
CA LEU E 365 49.39 -16.47 -31.76
C LEU E 365 49.36 -16.01 -33.23
N TYR E 366 49.57 -14.70 -33.40
CA TYR E 366 49.58 -14.05 -34.71
C TYR E 366 50.93 -14.17 -35.43
N THR E 367 50.86 -14.22 -36.78
CA THR E 367 52.00 -14.09 -37.68
C THR E 367 52.33 -12.62 -37.90
N PRO E 368 53.56 -12.30 -38.36
CA PRO E 368 53.94 -10.90 -38.61
C PRO E 368 53.03 -10.14 -39.57
N GLN E 369 52.49 -10.82 -40.59
CA GLN E 369 51.57 -10.24 -41.56
C GLN E 369 50.26 -9.83 -40.88
N GLU E 370 49.76 -10.67 -39.97
CA GLU E 370 48.56 -10.35 -39.21
C GLU E 370 48.81 -9.15 -38.31
N MET E 371 49.96 -9.06 -37.66
CA MET E 371 50.23 -7.89 -36.83
C MET E 371 50.21 -6.62 -37.67
N LYS E 372 50.87 -6.61 -38.85
CA LYS E 372 50.87 -5.42 -39.70
C LYS E 372 49.44 -5.04 -40.03
N GLN E 373 48.61 -6.05 -40.33
CA GLN E 373 47.25 -5.83 -40.76
C GLN E 373 46.42 -5.20 -39.63
N ILE E 374 46.55 -5.74 -38.41
CA ILE E 374 45.86 -5.19 -37.24
C ILE E 374 46.33 -3.77 -36.96
N ILE E 375 47.63 -3.51 -37.01
CA ILE E 375 48.17 -2.16 -36.77
C ILE E 375 47.59 -1.17 -37.79
N LYS E 376 47.49 -1.55 -39.07
CA LYS E 376 46.93 -0.65 -40.06
C LYS E 376 45.47 -0.36 -39.72
N ILE E 377 44.68 -1.41 -39.40
CA ILE E 377 43.27 -1.28 -39.02
C ILE E 377 43.09 -0.33 -37.83
N ARG E 378 43.98 -0.47 -36.86
CA ARG E 378 43.89 0.26 -35.64
C ARG E 378 44.30 1.70 -35.86
N ALA E 379 45.36 1.96 -36.59
CA ALA E 379 45.78 3.32 -36.91
C ALA E 379 44.66 4.08 -37.62
N GLN E 380 44.01 3.51 -38.61
CA GLN E 380 42.91 4.20 -39.28
C GLN E 380 41.64 4.30 -38.42
N THR E 381 41.55 3.53 -37.33
CA THR E 381 40.48 3.69 -36.34
C THR E 381 40.76 4.87 -35.42
N GLU E 382 42.00 4.98 -34.93
CA GLU E 382 42.41 6.10 -34.09
C GLU E 382 42.50 7.40 -34.91
N GLY E 383 42.42 7.30 -36.24
CA GLY E 383 42.28 8.45 -37.13
C GLY E 383 43.60 9.07 -37.58
N ILE E 384 44.68 8.26 -37.67
CA ILE E 384 46.02 8.78 -37.93
C ILE E 384 46.59 8.19 -39.22
N ASN E 385 47.40 9.00 -39.93
CA ASN E 385 48.02 8.59 -41.19
C ASN E 385 49.46 8.12 -40.98
N ILE E 386 49.82 6.98 -41.59
CA ILE E 386 51.12 6.37 -41.39
C ILE E 386 51.73 5.95 -42.73
N SER E 387 53.02 6.28 -42.92
CA SER E 387 53.79 5.94 -44.10
C SER E 387 54.24 4.48 -44.07
N GLU E 388 54.42 3.87 -45.25
CA GLU E 388 54.53 2.42 -45.35
C GLU E 388 55.81 1.92 -44.67
N GLU E 389 56.91 2.67 -44.80
CA GLU E 389 58.17 2.23 -44.19
C GLU E 389 58.10 2.33 -42.67
N ALA E 390 57.28 3.27 -42.16
CA ALA E 390 57.05 3.37 -40.72
C ALA E 390 56.26 2.15 -40.25
N LEU E 391 55.19 1.81 -40.97
CA LEU E 391 54.34 0.70 -40.61
C LEU E 391 55.11 -0.62 -40.65
N ASN E 392 55.99 -0.80 -41.63
CA ASN E 392 56.89 -1.96 -41.63
C ASN E 392 57.81 -2.00 -40.41
N HIS E 393 58.28 -0.84 -39.95
CA HIS E 393 59.11 -0.77 -38.77
C HIS E 393 58.32 -1.18 -37.51
N LEU E 394 57.08 -0.70 -37.39
CA LEU E 394 56.20 -1.15 -36.33
C LEU E 394 55.95 -2.67 -36.41
N GLY E 395 55.81 -3.22 -37.61
CA GLY E 395 55.68 -4.64 -37.78
C GLY E 395 56.87 -5.39 -37.16
N GLU E 396 58.09 -4.90 -37.40
CA GLU E 396 59.28 -5.51 -36.82
C GLU E 396 59.26 -5.40 -35.30
N ILE E 397 58.90 -4.22 -34.77
CA ILE E 397 58.78 -4.04 -33.32
C ILE E 397 57.79 -5.04 -32.72
N GLY E 398 56.70 -5.32 -33.45
CA GLY E 398 55.75 -6.32 -33.03
C GLY E 398 56.40 -7.68 -32.88
N THR E 399 57.18 -8.12 -33.87
CA THR E 399 57.81 -9.42 -33.78
C THR E 399 58.84 -9.48 -32.64
N LYS E 400 59.46 -8.34 -32.29
CA LYS E 400 60.45 -8.28 -31.23
C LYS E 400 59.82 -8.20 -29.83
N THR E 401 58.54 -7.78 -29.72
CA THR E 401 57.91 -7.50 -28.43
C THR E 401 56.53 -8.16 -28.31
N THR E 402 55.47 -7.39 -28.63
CA THR E 402 54.07 -7.81 -28.49
C THR E 402 53.20 -6.89 -29.34
N LEU E 403 52.06 -7.36 -29.88
CA LEU E 403 51.29 -6.47 -30.74
C LEU E 403 50.68 -5.37 -29.89
N ARG E 404 50.41 -5.61 -28.57
CA ARG E 404 49.83 -4.56 -27.76
C ARG E 404 50.76 -3.33 -27.73
N TYR E 405 52.03 -3.53 -27.36
CA TYR E 405 53.02 -2.46 -27.38
C TYR E 405 53.17 -1.79 -28.75
N SER E 406 53.16 -2.57 -29.82
CA SER E 406 53.26 -2.03 -31.17
C SER E 406 52.11 -1.12 -31.51
N VAL E 407 50.90 -1.44 -31.05
CA VAL E 407 49.75 -0.57 -31.25
C VAL E 407 49.84 0.66 -30.36
N GLN E 408 50.37 0.49 -29.14
CA GLN E 408 50.40 1.56 -28.16
C GLN E 408 51.29 2.74 -28.58
N LEU E 409 52.27 2.54 -29.48
CA LEU E 409 53.15 3.60 -29.94
C LEU E 409 52.50 4.56 -30.94
N LEU E 410 51.35 4.19 -31.50
CA LEU E 410 50.76 4.94 -32.60
C LEU E 410 50.40 6.35 -32.20
N THR E 411 49.59 6.54 -31.14
CA THR E 411 49.15 7.90 -30.84
C THR E 411 50.33 8.79 -30.39
N PRO E 412 51.21 8.38 -29.45
CA PRO E 412 52.43 9.13 -29.15
C PRO E 412 53.24 9.57 -30.36
N ALA E 413 53.43 8.69 -31.34
CA ALA E 413 54.15 9.05 -32.54
C ALA E 413 53.42 10.14 -33.30
N ASN E 414 52.10 10.05 -33.40
CA ASN E 414 51.35 11.08 -34.09
C ASN E 414 51.49 12.44 -33.39
N LEU E 415 51.57 12.48 -32.04
CA LEU E 415 51.81 13.75 -31.35
C LEU E 415 53.14 14.38 -31.76
N LEU E 416 54.22 13.60 -31.78
CA LEU E 416 55.51 14.10 -32.24
C LEU E 416 55.43 14.62 -33.67
N ALA E 417 54.73 13.89 -34.54
CA ALA E 417 54.59 14.29 -35.92
C ALA E 417 53.96 15.68 -36.03
N LYS E 418 52.84 15.92 -35.33
CA LYS E 418 52.20 17.22 -35.43
C LYS E 418 53.02 18.32 -34.77
N ILE E 419 53.77 18.02 -33.69
CA ILE E 419 54.64 18.99 -33.03
C ILE E 419 55.72 19.50 -34.00
N ASN E 420 56.34 18.59 -34.79
CA ASN E 420 57.30 19.05 -35.80
C ASN E 420 56.69 19.19 -37.19
N GLY E 421 55.37 19.45 -37.27
CA GLY E 421 54.73 19.97 -38.48
C GLY E 421 54.47 18.94 -39.59
N LYS E 422 54.75 17.65 -39.35
CA LYS E 422 54.41 16.58 -40.31
C LYS E 422 52.95 16.17 -40.16
N ASP E 423 52.29 15.83 -41.27
CA ASP E 423 50.89 15.43 -41.29
C ASP E 423 50.67 13.96 -40.85
N SER E 424 51.74 13.16 -40.95
CA SER E 424 51.69 11.70 -40.89
C SER E 424 52.91 11.17 -40.14
N ILE E 425 52.80 9.94 -39.60
CA ILE E 425 53.95 9.29 -39.01
C ILE E 425 54.99 8.99 -40.09
N GLU E 426 56.22 9.50 -39.88
CA GLU E 426 57.41 9.10 -40.62
C GLU E 426 58.20 8.08 -39.79
N LYS E 427 59.08 7.27 -40.42
CA LYS E 427 59.82 6.26 -39.66
C LYS E 427 60.56 6.85 -38.46
N GLU E 428 61.16 8.04 -38.62
CA GLU E 428 61.96 8.70 -37.60
C GLU E 428 61.16 9.05 -36.34
N HIS E 429 59.83 9.20 -36.46
CA HIS E 429 58.98 9.42 -35.29
C HIS E 429 58.84 8.16 -34.44
N VAL E 430 58.53 7.04 -35.08
CA VAL E 430 58.47 5.76 -34.41
C VAL E 430 59.83 5.43 -33.78
N GLU E 431 60.91 5.69 -34.51
CA GLU E 431 62.25 5.38 -34.06
C GLU E 431 62.62 6.19 -32.81
N GLU E 432 62.00 7.37 -32.63
CA GLU E 432 62.19 8.18 -31.44
C GLU E 432 61.34 7.71 -30.26
N ILE E 433 60.05 7.51 -30.49
CA ILE E 433 59.13 7.06 -29.45
C ILE E 433 59.58 5.73 -28.85
N SER E 434 60.09 4.80 -29.67
CA SER E 434 60.57 3.51 -29.20
C SER E 434 61.64 3.62 -28.08
N GLU E 435 62.39 4.74 -28.06
CA GLU E 435 63.45 4.94 -27.07
C GLU E 435 62.99 5.67 -25.80
N LEU E 436 61.84 6.37 -25.84
CA LEU E 436 61.30 7.05 -24.65
C LEU E 436 60.60 6.07 -23.70
N PHE E 437 59.79 5.17 -24.28
CA PHE E 437 59.02 4.22 -23.52
C PHE E 437 59.55 2.81 -23.74
N TYR E 438 60.01 2.18 -22.68
CA TYR E 438 60.32 0.77 -22.70
C TYR E 438 59.06 -0.11 -22.72
N ASP E 439 59.27 -1.39 -23.07
CA ASP E 439 58.26 -2.44 -23.02
C ASP E 439 58.49 -3.32 -21.79
N ALA E 440 57.65 -4.32 -21.62
CA ALA E 440 57.70 -5.20 -20.46
C ALA E 440 58.96 -6.08 -20.40
N LYS E 441 59.68 -6.29 -21.52
CA LYS E 441 60.86 -7.13 -21.55
C LYS E 441 62.11 -6.28 -21.39
N SER E 442 62.18 -5.16 -22.10
CA SER E 442 63.34 -4.29 -22.06
C SER E 442 63.45 -3.60 -20.70
N SER E 443 62.33 -3.21 -20.08
CA SER E 443 62.38 -2.68 -18.72
C SER E 443 62.73 -3.76 -17.70
N ALA E 444 62.24 -4.97 -17.88
CA ALA E 444 62.60 -6.07 -17.01
C ALA E 444 64.10 -6.43 -17.03
N LYS E 445 64.78 -6.10 -18.13
CA LYS E 445 66.21 -6.31 -18.25
C LYS E 445 66.96 -5.32 -17.36
N ILE E 446 66.74 -4.02 -17.52
CA ILE E 446 67.50 -3.03 -16.76
C ILE E 446 67.28 -3.18 -15.27
N LEU E 447 66.08 -3.57 -14.90
CA LEU E 447 65.74 -3.83 -13.51
C LEU E 447 66.35 -5.12 -12.96
N ALA E 448 66.72 -6.07 -13.80
CA ALA E 448 67.45 -7.25 -13.37
C ALA E 448 68.96 -7.00 -13.22
N ASP E 449 69.54 -6.10 -14.04
CA ASP E 449 70.96 -5.76 -13.97
C ASP E 449 71.28 -4.97 -12.70
N GLN E 450 70.39 -4.05 -12.35
CA GLN E 450 70.60 -3.16 -11.21
C GLN E 450 69.88 -3.69 -9.97
N GLN E 451 69.69 -5.01 -9.84
CA GLN E 451 68.83 -5.61 -8.82
C GLN E 451 69.31 -5.38 -7.39
N ASP E 452 70.54 -4.89 -7.21
CA ASP E 452 71.04 -4.49 -5.90
C ASP E 452 70.39 -3.23 -5.32
N LYS E 453 69.65 -2.43 -6.12
CA LYS E 453 69.27 -1.08 -5.74
C LYS E 453 67.76 -0.79 -5.67
N TYR E 454 66.87 -1.78 -5.96
CA TYR E 454 65.43 -1.54 -5.99
C TYR E 454 64.69 -2.10 -4.67
N ASP F 15 7.17 -21.79 -31.96
CA ASP F 15 6.50 -22.11 -30.67
C ASP F 15 6.93 -21.13 -29.58
N VAL F 16 6.06 -20.94 -28.58
CA VAL F 16 6.32 -20.04 -27.46
C VAL F 16 7.29 -20.69 -26.48
N THR F 17 8.01 -19.82 -25.74
CA THR F 17 9.08 -20.21 -24.83
C THR F 17 8.64 -20.09 -23.37
N ARG F 18 8.72 -21.21 -22.63
CA ARG F 18 8.66 -21.21 -21.20
C ARG F 18 9.91 -20.51 -20.65
N ILE F 19 9.90 -20.22 -19.34
CA ILE F 19 11.11 -20.01 -18.59
C ILE F 19 11.93 -21.30 -18.63
N GLU F 20 11.30 -22.45 -18.40
CA GLU F 20 11.98 -23.73 -18.34
C GLU F 20 12.23 -24.31 -19.75
N ARG F 21 13.29 -23.81 -20.42
CA ARG F 21 13.86 -24.36 -21.65
C ARG F 21 14.61 -25.69 -21.37
N ILE F 22 15.22 -26.28 -22.40
CA ILE F 22 15.84 -27.60 -22.25
C ILE F 22 17.20 -27.44 -21.58
N GLY F 23 17.41 -28.10 -20.45
CA GLY F 23 18.74 -28.14 -19.84
C GLY F 23 19.31 -29.55 -19.64
N ALA F 24 20.28 -29.70 -18.74
CA ALA F 24 21.17 -30.87 -18.73
C ALA F 24 20.51 -32.12 -18.19
N HIS F 25 19.45 -31.97 -17.37
CA HIS F 25 18.72 -33.13 -16.87
C HIS F 25 17.25 -33.16 -17.27
N SER F 26 16.83 -32.31 -18.23
CA SER F 26 15.42 -32.11 -18.55
C SER F 26 14.72 -33.40 -19.00
N HIS F 27 15.44 -34.29 -19.66
CA HIS F 27 14.88 -35.53 -20.15
C HIS F 27 14.49 -36.51 -19.05
N ILE F 28 15.06 -36.38 -17.84
CA ILE F 28 14.70 -37.29 -16.75
C ILE F 28 13.36 -36.86 -16.16
N ARG F 29 12.36 -37.76 -16.26
CA ARG F 29 11.00 -37.50 -15.82
C ARG F 29 10.59 -38.43 -14.70
N GLY F 30 11.50 -39.30 -14.26
CA GLY F 30 11.27 -40.11 -13.06
C GLY F 30 12.36 -41.18 -12.92
N LEU F 31 12.70 -41.52 -11.70
CA LEU F 31 13.50 -42.70 -11.42
C LEU F 31 12.60 -43.90 -11.69
N GLY F 32 12.73 -44.49 -12.88
CA GLY F 32 11.73 -45.45 -13.39
C GLY F 32 11.95 -46.89 -12.91
N LEU F 33 10.94 -47.51 -12.25
CA LEU F 33 11.01 -48.90 -11.82
C LEU F 33 9.64 -49.58 -11.92
N ASP F 34 9.66 -50.93 -11.86
CA ASP F 34 8.49 -51.77 -11.68
C ASP F 34 8.05 -51.83 -10.22
N ASP F 35 6.87 -52.40 -9.94
CA ASP F 35 6.26 -52.33 -8.62
C ASP F 35 7.04 -53.09 -7.54
N ALA F 36 7.85 -54.08 -7.94
CA ALA F 36 8.75 -54.80 -7.02
C ALA F 36 10.09 -54.07 -6.81
N LEU F 37 10.17 -52.80 -7.25
CA LEU F 37 11.37 -51.98 -7.32
C LEU F 37 12.47 -52.62 -8.19
N GLU F 38 12.09 -53.35 -9.24
CA GLU F 38 13.05 -53.77 -10.25
C GLU F 38 13.26 -52.63 -11.25
N PRO F 39 14.51 -52.21 -11.52
CA PRO F 39 14.76 -51.12 -12.47
C PRO F 39 14.76 -51.65 -13.90
N ARG F 40 13.79 -51.22 -14.70
CA ARG F 40 13.75 -51.64 -16.10
C ARG F 40 14.83 -50.91 -16.89
N GLN F 41 15.24 -51.50 -18.03
CA GLN F 41 16.50 -51.19 -18.69
C GLN F 41 16.59 -49.76 -19.24
N ALA F 42 15.45 -49.22 -19.67
CA ALA F 42 15.33 -47.80 -19.98
C ALA F 42 13.88 -47.36 -19.80
N SER F 43 13.61 -46.36 -18.95
CA SER F 43 12.28 -45.80 -18.84
C SER F 43 12.28 -44.41 -18.21
N GLN F 44 11.19 -43.64 -18.45
CA GLN F 44 11.01 -42.30 -17.89
C GLN F 44 12.24 -41.42 -18.14
N GLY F 45 12.99 -41.74 -19.21
CA GLY F 45 14.10 -40.93 -19.68
C GLY F 45 15.43 -41.34 -19.06
N MET F 46 15.57 -42.48 -18.36
CA MET F 46 16.88 -42.85 -17.85
C MET F 46 17.20 -44.34 -17.89
N VAL F 47 18.52 -44.67 -18.02
CA VAL F 47 18.97 -46.00 -18.45
C VAL F 47 20.16 -46.49 -17.64
N GLY F 48 20.38 -47.81 -17.62
CA GLY F 48 21.54 -48.32 -16.92
C GLY F 48 21.42 -48.14 -15.41
N GLN F 49 22.59 -48.17 -14.71
CA GLN F 49 22.69 -47.96 -13.28
C GLN F 49 21.71 -48.85 -12.49
N LEU F 50 21.68 -50.15 -12.79
CA LEU F 50 20.72 -51.05 -12.17
C LEU F 50 20.79 -51.01 -10.64
N ALA F 51 21.98 -51.25 -10.08
CA ALA F 51 22.14 -51.31 -8.64
C ALA F 51 21.75 -49.98 -7.99
N ALA F 52 22.24 -48.86 -8.51
CA ALA F 52 21.98 -47.54 -7.94
C ALA F 52 20.51 -47.15 -8.03
N ARG F 53 19.83 -47.46 -9.12
CA ARG F 53 18.44 -47.08 -9.22
C ARG F 53 17.56 -47.97 -8.33
N ARG F 54 17.89 -49.26 -8.15
CA ARG F 54 17.16 -50.07 -7.20
C ARG F 54 17.34 -49.51 -5.77
N ALA F 55 18.57 -49.22 -5.37
CA ALA F 55 18.86 -48.65 -4.06
C ALA F 55 18.13 -47.31 -3.86
N ALA F 56 18.14 -46.47 -4.85
CA ALA F 56 17.42 -45.22 -4.81
C ALA F 56 15.91 -45.44 -4.65
N GLY F 57 15.37 -46.49 -5.25
CA GLY F 57 13.98 -46.84 -5.05
C GLY F 57 13.65 -47.21 -3.61
N VAL F 58 14.51 -48.00 -2.95
CA VAL F 58 14.31 -48.32 -1.55
C VAL F 58 14.29 -47.06 -0.67
N VAL F 59 15.21 -46.13 -0.88
CA VAL F 59 15.24 -44.86 -0.16
C VAL F 59 14.00 -44.01 -0.46
N LEU F 60 13.51 -44.02 -1.70
CA LEU F 60 12.31 -43.28 -2.03
C LEU F 60 11.12 -43.84 -1.26
N GLU F 61 11.05 -45.15 -1.03
CA GLU F 61 10.02 -45.76 -0.18
C GLU F 61 10.13 -45.37 1.30
N MET F 62 11.33 -45.27 1.85
CA MET F 62 11.52 -44.73 3.20
C MET F 62 11.02 -43.28 3.34
N ILE F 63 11.33 -42.43 2.37
CA ILE F 63 10.93 -41.04 2.35
C ILE F 63 9.41 -40.95 2.36
N ARG F 64 8.78 -41.80 1.55
CA ARG F 64 7.35 -41.72 1.35
C ARG F 64 6.61 -42.25 2.57
N GLU F 65 7.13 -43.29 3.22
CA GLU F 65 6.51 -43.86 4.41
C GLU F 65 6.61 -42.91 5.61
N GLY F 66 7.79 -42.33 5.86
CA GLY F 66 7.90 -41.12 6.70
C GLY F 66 8.09 -41.39 8.19
N LYS F 67 8.06 -42.67 8.61
CA LYS F 67 8.02 -43.00 10.03
C LYS F 67 9.34 -42.68 10.74
N ILE F 68 10.47 -42.73 10.00
CA ILE F 68 11.79 -42.63 10.61
C ILE F 68 12.53 -41.35 10.20
N ALA F 69 13.04 -40.65 11.23
CA ALA F 69 13.68 -39.35 11.12
C ALA F 69 15.19 -39.54 11.10
N GLY F 70 15.92 -38.54 10.59
CA GLY F 70 17.35 -38.38 10.89
C GLY F 70 18.18 -39.48 10.23
N ARG F 71 17.99 -39.62 8.92
CA ARG F 71 18.58 -40.72 8.18
C ARG F 71 19.17 -40.18 6.87
N ALA F 72 20.33 -40.72 6.45
CA ALA F 72 21.09 -40.10 5.38
C ALA F 72 21.75 -41.15 4.50
N VAL F 73 21.98 -40.78 3.24
CA VAL F 73 22.58 -41.68 2.25
C VAL F 73 23.52 -40.85 1.37
N LEU F 74 24.66 -41.46 1.03
CA LEU F 74 25.66 -40.81 0.21
C LEU F 74 25.73 -41.48 -1.16
N ILE F 75 25.52 -40.70 -2.23
CA ILE F 75 25.65 -41.20 -3.58
C ILE F 75 27.06 -40.89 -4.10
N ALA F 76 27.86 -41.89 -4.45
CA ALA F 76 29.25 -41.63 -4.76
C ALA F 76 29.76 -42.39 -5.96
N GLY F 77 30.66 -41.80 -6.76
CA GLY F 77 31.24 -42.45 -7.92
C GLY F 77 31.89 -41.46 -8.88
N GLN F 78 32.49 -41.93 -9.97
CA GLN F 78 33.27 -41.06 -10.85
C GLN F 78 32.40 -39.98 -11.44
N PRO F 79 32.98 -38.90 -11.98
CA PRO F 79 32.23 -37.88 -12.70
C PRO F 79 31.48 -38.46 -13.89
N GLY F 80 30.25 -37.98 -14.13
CA GLY F 80 29.42 -38.44 -15.24
C GLY F 80 29.06 -39.94 -15.09
N THR F 81 28.44 -40.27 -13.95
CA THR F 81 27.90 -41.62 -13.75
C THR F 81 26.47 -41.57 -13.20
N GLY F 82 25.77 -40.45 -13.43
CA GLY F 82 24.36 -40.34 -13.13
C GLY F 82 24.04 -40.12 -11.65
N LYS F 83 25.02 -39.70 -10.82
CA LYS F 83 24.78 -39.56 -9.41
C LYS F 83 24.09 -38.24 -9.06
N THR F 84 24.06 -37.25 -9.90
CA THR F 84 23.05 -36.22 -9.76
C THR F 84 21.81 -36.71 -10.47
N ALA F 85 21.93 -37.44 -11.58
CA ALA F 85 20.77 -37.82 -12.38
C ALA F 85 19.78 -38.62 -11.55
N ILE F 86 20.23 -39.61 -10.77
CA ILE F 86 19.32 -40.40 -9.97
C ILE F 86 18.64 -39.56 -8.90
N ALA F 87 19.35 -38.61 -8.32
CA ALA F 87 18.74 -37.68 -7.36
C ALA F 87 17.75 -36.70 -8.00
N MET F 88 18.00 -36.26 -9.21
CA MET F 88 17.10 -35.40 -9.95
C MET F 88 15.85 -36.15 -10.40
N GLY F 89 16.03 -37.42 -10.77
CA GLY F 89 14.92 -38.28 -11.12
C GLY F 89 14.07 -38.60 -9.92
N MET F 90 14.69 -38.84 -8.78
CA MET F 90 13.99 -39.10 -7.53
C MET F 90 13.17 -37.89 -7.07
N ALA F 91 13.67 -36.68 -7.25
CA ALA F 91 12.89 -35.49 -6.95
C ALA F 91 11.64 -35.34 -7.81
N GLN F 92 11.64 -35.84 -9.06
CA GLN F 92 10.44 -35.90 -9.89
C GLN F 92 9.48 -36.97 -9.40
N ALA F 93 10.03 -38.15 -9.08
CA ALA F 93 9.23 -39.31 -8.72
C ALA F 93 8.51 -39.12 -7.40
N LEU F 94 9.12 -38.40 -6.46
CA LEU F 94 8.47 -38.11 -5.18
C LEU F 94 7.29 -37.15 -5.37
N GLY F 95 7.34 -36.29 -6.38
CA GLY F 95 6.23 -35.42 -6.74
C GLY F 95 6.15 -34.19 -5.85
N PRO F 96 5.26 -33.21 -6.16
CA PRO F 96 4.95 -32.13 -5.22
C PRO F 96 4.20 -32.64 -3.99
N ASP F 97 4.01 -31.72 -3.04
CA ASP F 97 3.25 -31.95 -1.82
C ASP F 97 3.97 -32.94 -0.88
N THR F 98 5.31 -33.01 -0.99
CA THR F 98 6.20 -33.58 0.01
C THR F 98 7.53 -32.83 -0.11
N PRO F 99 7.92 -32.00 0.89
CA PRO F 99 9.03 -31.07 0.71
C PRO F 99 10.36 -31.70 0.31
N PHE F 100 10.97 -31.10 -0.72
CA PHE F 100 12.29 -31.49 -1.19
C PHE F 100 13.08 -30.22 -1.45
N THR F 101 14.28 -30.13 -0.84
CA THR F 101 15.09 -28.91 -0.91
C THR F 101 16.49 -29.26 -1.39
N ALA F 102 16.98 -28.47 -2.36
CA ALA F 102 18.26 -28.76 -2.98
C ALA F 102 19.15 -27.53 -2.91
N ILE F 103 20.39 -27.75 -2.43
CA ILE F 103 21.41 -26.71 -2.31
C ILE F 103 22.76 -27.31 -2.67
N ALA F 104 23.65 -26.47 -3.20
CA ALA F 104 25.05 -26.82 -3.33
C ALA F 104 25.78 -26.62 -2.01
N GLY F 105 26.80 -27.41 -1.71
CA GLY F 105 27.50 -27.27 -0.45
C GLY F 105 28.15 -25.90 -0.28
N SER F 106 28.48 -25.23 -1.39
CA SER F 106 29.09 -23.91 -1.36
C SER F 106 28.09 -22.80 -1.05
N GLU F 107 26.81 -23.11 -0.89
CA GLU F 107 25.78 -22.09 -0.76
C GLU F 107 25.53 -21.75 0.70
N ILE F 108 26.09 -22.53 1.67
CA ILE F 108 25.87 -22.30 3.10
C ILE F 108 26.83 -21.30 3.68
N PHE F 109 27.89 -20.94 2.94
CA PHE F 109 28.90 -19.98 3.39
C PHE F 109 28.38 -18.54 3.29
N SER F 110 27.39 -18.20 4.10
CA SER F 110 26.76 -16.88 4.05
C SER F 110 27.66 -15.87 4.73
N LEU F 111 27.49 -14.62 4.25
CA LEU F 111 28.10 -13.41 4.79
C LEU F 111 27.17 -12.75 5.81
N GLU F 112 25.88 -13.11 5.77
CA GLU F 112 24.82 -12.44 6.51
C GLU F 112 24.38 -13.26 7.73
N MET F 113 24.75 -14.52 7.76
CA MET F 113 24.19 -15.50 8.69
C MET F 113 25.26 -16.57 8.96
N SER F 114 25.27 -17.14 10.15
CA SER F 114 26.30 -18.12 10.46
C SER F 114 26.22 -19.33 9.55
N LYS F 115 27.35 -20.01 9.41
CA LYS F 115 27.47 -21.27 8.69
C LYS F 115 26.65 -22.39 9.30
N THR F 116 26.48 -22.43 10.62
CA THR F 116 25.68 -23.46 11.26
C THR F 116 24.22 -23.07 11.25
N GLU F 117 23.89 -21.78 11.24
CA GLU F 117 22.52 -21.35 11.03
C GLU F 117 21.99 -21.76 9.65
N ALA F 118 22.74 -21.56 8.58
CA ALA F 118 22.28 -21.91 7.26
C ALA F 118 21.92 -23.41 7.12
N LEU F 119 22.67 -24.33 7.73
CA LEU F 119 22.28 -25.72 7.75
C LEU F 119 21.03 -25.95 8.61
N THR F 120 20.96 -25.31 9.78
CA THR F 120 19.81 -25.44 10.66
C THR F 120 18.54 -25.02 9.93
N GLN F 121 18.64 -23.95 9.20
CA GLN F 121 17.52 -23.46 8.43
C GLN F 121 17.22 -24.38 7.26
N ALA F 122 18.21 -24.92 6.60
CA ALA F 122 17.99 -25.81 5.47
C ALA F 122 17.27 -27.08 5.90
N PHE F 123 17.54 -27.62 7.08
CA PHE F 123 16.77 -28.75 7.58
C PHE F 123 15.29 -28.37 7.69
N ARG F 124 14.99 -27.25 8.32
CA ARG F 124 13.62 -26.87 8.61
C ARG F 124 12.83 -26.35 7.41
N ARG F 125 13.43 -26.04 6.27
CA ARG F 125 12.64 -25.79 5.06
C ARG F 125 12.02 -27.07 4.52
N SER F 126 12.56 -28.21 4.92
CA SER F 126 12.26 -29.47 4.29
C SER F 126 11.38 -30.39 5.16
N ILE F 127 10.75 -29.87 6.20
CA ILE F 127 9.75 -30.63 6.94
C ILE F 127 8.52 -29.73 7.14
N GLY F 128 7.33 -30.24 6.85
CA GLY F 128 6.11 -29.44 6.72
C GLY F 128 5.06 -29.84 7.77
N VAL F 129 4.31 -28.85 8.25
CA VAL F 129 3.14 -29.08 9.10
C VAL F 129 1.89 -28.89 8.24
N ARG F 130 0.96 -29.87 8.32
CA ARG F 130 -0.22 -29.90 7.47
C ARG F 130 -1.47 -29.84 8.31
N ILE F 131 -2.41 -29.00 7.85
CA ILE F 131 -3.69 -28.78 8.50
C ILE F 131 -4.81 -28.76 7.46
N LYS F 132 -6.05 -28.99 7.93
CA LYS F 132 -7.21 -28.74 7.09
C LYS F 132 -8.25 -27.92 7.85
N GLU F 133 -8.89 -27.01 7.13
CA GLU F 133 -9.85 -26.09 7.70
C GLU F 133 -10.98 -25.80 6.73
N GLU F 134 -12.09 -25.25 7.26
CA GLU F 134 -13.34 -25.11 6.52
C GLU F 134 -13.69 -23.64 6.38
N THR F 135 -14.33 -23.29 5.27
CA THR F 135 -14.64 -21.90 4.97
C THR F 135 -16.06 -21.76 4.40
N GLU F 136 -16.79 -20.74 4.86
CA GLU F 136 -18.03 -20.32 4.22
C GLU F 136 -17.74 -19.39 3.04
N ILE F 137 -18.10 -19.85 1.82
CA ILE F 137 -17.80 -19.11 0.60
C ILE F 137 -19.06 -18.88 -0.24
N ILE F 138 -19.22 -17.68 -0.78
CA ILE F 138 -20.27 -17.36 -1.75
C ILE F 138 -19.61 -17.39 -3.12
N GLU F 139 -20.23 -18.00 -4.13
CA GLU F 139 -19.80 -17.79 -5.52
C GLU F 139 -20.97 -17.80 -6.50
N GLY F 140 -21.02 -16.77 -7.36
CA GLY F 140 -22.14 -16.61 -8.29
C GLY F 140 -22.02 -15.37 -9.19
N GLU F 141 -22.89 -15.33 -10.22
CA GLU F 141 -23.07 -14.15 -11.05
C GLU F 141 -23.97 -13.14 -10.34
N VAL F 142 -23.55 -11.86 -10.27
CA VAL F 142 -24.41 -10.84 -9.73
C VAL F 142 -25.39 -10.37 -10.81
N VAL F 143 -26.67 -10.23 -10.44
CA VAL F 143 -27.76 -9.92 -11.36
C VAL F 143 -28.34 -8.54 -11.06
N GLU F 144 -28.34 -8.11 -9.79
CA GLU F 144 -28.74 -6.76 -9.41
C GLU F 144 -28.03 -6.30 -8.14
N ILE F 145 -27.76 -4.99 -8.02
CA ILE F 145 -27.11 -4.39 -6.85
C ILE F 145 -27.65 -2.98 -6.60
N GLN F 146 -28.11 -2.73 -5.35
CA GLN F 146 -28.82 -1.51 -4.98
C GLN F 146 -28.27 -0.93 -3.68
N ILE F 147 -28.25 0.40 -3.61
CA ILE F 147 -27.65 1.22 -2.55
C ILE F 147 -28.56 2.42 -2.24
N ASP F 148 -28.42 3.03 -1.04
CA ASP F 148 -29.20 4.22 -0.66
C ASP F 148 -28.33 5.37 -0.12
N ARG F 149 -28.98 6.50 0.25
CA ARG F 149 -28.33 7.68 0.82
C ARG F 149 -28.23 7.63 2.36
N SER F 156 -26.29 5.84 8.40
CA SER F 156 -25.82 4.55 7.82
C SER F 156 -26.58 4.22 6.54
N LYS F 157 -26.05 3.25 5.77
CA LYS F 157 -26.60 2.86 4.47
C LYS F 157 -27.06 1.40 4.49
N VAL F 158 -28.14 1.12 3.75
CA VAL F 158 -28.65 -0.23 3.57
C VAL F 158 -28.91 -0.45 2.08
N GLY F 159 -28.40 -1.60 1.60
CA GLY F 159 -28.56 -1.99 0.22
C GLY F 159 -28.88 -3.49 0.10
N LYS F 160 -28.98 -3.93 -1.16
CA LYS F 160 -29.48 -5.25 -1.47
C LYS F 160 -28.89 -5.73 -2.79
N LEU F 161 -28.66 -7.05 -2.92
CA LEU F 161 -28.19 -7.59 -4.19
C LEU F 161 -28.82 -8.93 -4.51
N THR F 162 -28.81 -9.31 -5.80
CA THR F 162 -29.27 -10.64 -6.21
C THR F 162 -28.16 -11.38 -6.98
N LEU F 163 -28.05 -12.67 -6.69
CA LEU F 163 -27.05 -13.56 -7.24
C LEU F 163 -27.74 -14.73 -7.92
N LYS F 164 -27.01 -15.32 -8.87
CA LYS F 164 -27.51 -16.44 -9.65
C LYS F 164 -26.41 -17.46 -9.90
N THR F 165 -26.81 -18.75 -9.85
CA THR F 165 -26.01 -19.81 -10.45
C THR F 165 -26.77 -20.41 -11.64
N THR F 166 -26.26 -21.47 -12.27
CA THR F 166 -27.05 -22.17 -13.28
C THR F 166 -28.30 -22.82 -12.67
N GLU F 167 -28.36 -22.97 -11.34
CA GLU F 167 -29.29 -23.85 -10.67
C GLU F 167 -30.20 -23.14 -9.65
N MET F 168 -29.83 -21.94 -9.16
CA MET F 168 -30.69 -21.22 -8.21
C MET F 168 -30.40 -19.71 -8.19
N GLU F 169 -31.32 -19.00 -7.52
CA GLU F 169 -31.20 -17.55 -7.32
C GLU F 169 -31.41 -17.18 -5.85
N THR F 170 -30.88 -16.02 -5.47
CA THR F 170 -31.16 -15.44 -4.16
C THR F 170 -31.05 -13.92 -4.20
N ILE F 171 -31.81 -13.27 -3.30
CA ILE F 171 -31.59 -11.89 -2.93
C ILE F 171 -31.09 -11.84 -1.47
N TYR F 172 -30.10 -10.95 -1.23
CA TYR F 172 -29.58 -10.72 0.11
C TYR F 172 -29.65 -9.23 0.49
N ASP F 173 -30.11 -8.95 1.73
CA ASP F 173 -29.89 -7.67 2.38
C ASP F 173 -28.45 -7.56 2.89
N LEU F 174 -27.86 -6.37 2.67
CA LEU F 174 -26.46 -6.14 2.98
C LEU F 174 -26.31 -5.32 4.26
N GLY F 175 -25.45 -5.82 5.16
CA GLY F 175 -24.98 -5.01 6.28
C GLY F 175 -23.91 -4.00 5.86
N THR F 176 -23.52 -3.16 6.82
CA THR F 176 -22.71 -1.97 6.54
C THR F 176 -21.35 -2.34 5.95
N LYS F 177 -20.65 -3.34 6.52
CA LYS F 177 -19.28 -3.66 6.13
C LYS F 177 -19.21 -4.29 4.73
N MET F 178 -20.24 -5.05 4.35
CA MET F 178 -20.36 -5.48 2.97
C MET F 178 -20.67 -4.31 2.03
N ILE F 179 -21.49 -3.33 2.40
CA ILE F 179 -21.74 -2.19 1.54
C ILE F 179 -20.41 -1.48 1.26
N GLU F 180 -19.53 -1.31 2.26
CA GLU F 180 -18.21 -0.72 2.06
C GLU F 180 -17.39 -1.55 1.06
N SER F 181 -17.35 -2.88 1.25
CA SER F 181 -16.60 -3.76 0.36
C SER F 181 -17.09 -3.77 -1.10
N LEU F 182 -18.40 -3.92 -1.31
CA LEU F 182 -18.98 -3.94 -2.64
C LEU F 182 -18.84 -2.57 -3.32
N THR F 183 -19.01 -1.45 -2.60
CA THR F 183 -18.87 -0.13 -3.20
C THR F 183 -17.40 0.19 -3.51
N LYS F 184 -16.47 -0.30 -2.69
CA LYS F 184 -15.05 -0.12 -2.93
C LYS F 184 -14.61 -0.80 -4.23
N ASP F 185 -15.07 -2.03 -4.48
CA ASP F 185 -14.59 -2.82 -5.61
C ASP F 185 -15.41 -2.65 -6.90
N LYS F 186 -16.34 -1.69 -6.96
CA LYS F 186 -17.11 -1.33 -8.16
C LYS F 186 -17.72 -2.55 -8.86
N VAL F 187 -18.44 -3.40 -8.11
CA VAL F 187 -19.12 -4.55 -8.69
C VAL F 187 -20.30 -4.09 -9.56
N GLN F 188 -20.47 -4.75 -10.72
CA GLN F 188 -21.48 -4.40 -11.71
C GLN F 188 -22.28 -5.65 -12.11
N ALA F 189 -23.52 -5.45 -12.54
CA ALA F 189 -24.33 -6.57 -12.99
C ALA F 189 -23.62 -7.36 -14.11
N GLY F 190 -23.73 -8.70 -14.04
CA GLY F 190 -23.11 -9.59 -15.00
C GLY F 190 -21.70 -10.06 -14.61
N ASP F 191 -21.08 -9.44 -13.58
CA ASP F 191 -19.81 -9.91 -13.05
C ASP F 191 -19.98 -11.27 -12.37
N VAL F 192 -18.96 -12.13 -12.43
CA VAL F 192 -18.96 -13.36 -11.66
C VAL F 192 -17.97 -13.19 -10.52
N ILE F 193 -18.43 -13.41 -9.26
CA ILE F 193 -17.65 -13.07 -8.08
C ILE F 193 -17.69 -14.18 -7.05
N THR F 194 -16.67 -14.16 -6.19
CA THR F 194 -16.51 -15.08 -5.07
C THR F 194 -16.26 -14.24 -3.81
N ILE F 195 -16.88 -14.62 -2.68
CA ILE F 195 -16.80 -13.83 -1.48
C ILE F 195 -16.39 -14.70 -0.30
N ASP F 196 -15.33 -14.29 0.41
CA ASP F 196 -14.96 -14.87 1.69
C ASP F 196 -15.84 -14.23 2.76
N LYS F 197 -16.87 -15.01 3.15
CA LYS F 197 -17.98 -14.49 3.92
C LYS F 197 -17.48 -13.86 5.23
N ALA F 198 -16.52 -14.56 5.85
CA ALA F 198 -16.05 -14.27 7.18
C ALA F 198 -15.21 -13.01 7.26
N THR F 199 -14.78 -12.46 6.13
CA THR F 199 -13.69 -11.49 6.07
C THR F 199 -14.05 -10.28 5.19
N GLY F 200 -14.96 -10.47 4.21
CA GLY F 200 -15.41 -9.35 3.41
C GLY F 200 -14.53 -9.11 2.19
N LYS F 201 -13.62 -10.03 1.86
CA LYS F 201 -12.85 -9.96 0.63
C LYS F 201 -13.68 -10.41 -0.57
N ILE F 202 -13.64 -9.59 -1.66
CA ILE F 202 -14.28 -9.92 -2.93
C ILE F 202 -13.18 -10.36 -3.89
N SER F 203 -13.38 -11.49 -4.56
CA SER F 203 -12.57 -11.90 -5.71
C SER F 203 -13.46 -11.86 -6.95
N LYS F 204 -13.00 -11.24 -8.06
CA LYS F 204 -13.80 -11.25 -9.29
C LYS F 204 -13.14 -12.09 -10.38
N LEU F 205 -13.95 -12.93 -11.05
CA LEU F 205 -13.45 -13.94 -11.99
C LEU F 205 -13.79 -13.59 -13.43
N GLY F 206 -14.15 -12.32 -13.73
CA GLY F 206 -14.58 -11.92 -15.06
C GLY F 206 -16.08 -11.68 -15.16
N ARG F 207 -16.62 -11.79 -16.38
CA ARG F 207 -18.00 -11.45 -16.69
C ARG F 207 -18.68 -12.64 -17.36
N SER F 208 -20.00 -12.77 -17.18
CA SER F 208 -20.75 -13.88 -17.77
C SER F 208 -20.82 -13.73 -19.29
N PHE F 209 -20.73 -14.85 -20.03
CA PHE F 209 -20.74 -14.82 -21.50
C PHE F 209 -21.96 -14.09 -22.05
N THR F 210 -23.13 -14.24 -21.40
CA THR F 210 -24.38 -13.63 -21.86
C THR F 210 -24.41 -12.11 -21.68
N ARG F 211 -23.46 -11.54 -20.92
CA ARG F 211 -23.28 -10.08 -20.84
C ARG F 211 -21.81 -9.70 -21.07
N ALA F 212 -21.16 -10.43 -22.01
CA ALA F 212 -19.82 -10.12 -22.49
C ALA F 212 -19.81 -8.84 -23.35
N ARG F 213 -20.96 -8.49 -23.95
CA ARG F 213 -21.12 -7.26 -24.71
C ARG F 213 -21.45 -6.09 -23.77
N ASP F 214 -21.06 -4.86 -24.20
CA ASP F 214 -21.38 -3.60 -23.54
C ASP F 214 -20.88 -3.53 -22.08
N THR F 222 -10.96 -7.10 -19.66
CA THR F 222 -12.19 -7.92 -19.45
C THR F 222 -12.00 -9.34 -19.96
N LYS F 223 -12.44 -10.31 -19.14
CA LYS F 223 -12.38 -11.73 -19.45
C LYS F 223 -13.76 -12.36 -19.22
N PHE F 224 -14.08 -13.45 -19.96
CA PHE F 224 -15.45 -13.98 -19.98
C PHE F 224 -15.47 -15.46 -19.55
N VAL F 225 -16.55 -15.84 -18.83
CA VAL F 225 -16.70 -17.18 -18.26
C VAL F 225 -18.18 -17.56 -18.11
N GLN F 226 -18.48 -18.86 -18.04
CA GLN F 226 -19.82 -19.34 -17.73
C GLN F 226 -20.10 -19.26 -16.22
N CYS F 227 -21.37 -19.05 -15.85
CA CYS F 227 -21.78 -18.90 -14.46
C CYS F 227 -21.65 -20.23 -13.70
N PRO F 228 -21.35 -20.18 -12.37
CA PRO F 228 -21.12 -21.40 -11.60
C PRO F 228 -22.30 -22.36 -11.50
N ASP F 229 -21.99 -23.63 -11.21
CA ASP F 229 -22.98 -24.65 -10.89
C ASP F 229 -23.11 -24.86 -9.39
N GLY F 230 -24.16 -25.60 -8.99
CA GLY F 230 -24.46 -25.83 -7.58
C GLY F 230 -25.04 -24.59 -6.89
N GLU F 231 -25.08 -24.65 -5.56
CA GLU F 231 -25.67 -23.60 -4.72
C GLU F 231 -24.72 -22.42 -4.54
N LEU F 232 -25.27 -21.27 -4.13
CA LEU F 232 -24.53 -20.03 -4.01
C LEU F 232 -23.54 -20.07 -2.84
N GLN F 233 -23.95 -20.61 -1.68
CA GLN F 233 -23.13 -20.58 -0.49
C GLN F 233 -22.64 -21.99 -0.17
N LYS F 234 -21.34 -22.20 -0.40
CA LYS F 234 -20.72 -23.51 -0.19
C LYS F 234 -19.81 -23.47 1.02
N ARG F 235 -20.00 -24.45 1.91
CA ARG F 235 -19.02 -24.71 2.96
C ARG F 235 -17.90 -25.55 2.34
N LYS F 236 -16.78 -24.91 1.98
CA LYS F 236 -15.65 -25.62 1.40
C LYS F 236 -14.63 -26.03 2.48
N GLU F 237 -13.75 -27.00 2.16
CA GLU F 237 -12.68 -27.43 3.07
C GLU F 237 -11.34 -27.38 2.35
N VAL F 238 -10.33 -26.75 2.99
CA VAL F 238 -9.07 -26.44 2.32
C VAL F 238 -7.90 -27.04 3.09
N VAL F 239 -7.05 -27.83 2.43
CA VAL F 239 -5.88 -28.41 3.08
C VAL F 239 -4.68 -27.51 2.76
N HIS F 240 -3.88 -27.23 3.79
CA HIS F 240 -2.86 -26.18 3.73
C HIS F 240 -1.61 -26.67 4.49
N THR F 241 -0.42 -26.31 4.00
CA THR F 241 0.81 -26.78 4.63
C THR F 241 1.92 -25.73 4.54
N VAL F 242 2.71 -25.68 5.63
CA VAL F 242 3.72 -24.65 5.89
C VAL F 242 4.97 -25.38 6.37
N SER F 243 6.15 -24.96 5.88
CA SER F 243 7.43 -25.50 6.32
C SER F 243 7.68 -25.10 7.76
N LEU F 244 8.35 -25.93 8.52
CA LEU F 244 8.63 -25.66 9.93
C LEU F 244 9.44 -24.37 10.08
N HIS F 245 10.32 -24.08 9.14
CA HIS F 245 11.04 -22.82 9.02
C HIS F 245 10.10 -21.61 8.90
N GLU F 246 9.05 -21.77 8.15
CA GLU F 246 8.17 -20.66 7.84
C GLU F 246 7.34 -20.31 9.07
N ILE F 247 7.09 -21.24 10.00
CA ILE F 247 6.53 -20.90 11.29
C ILE F 247 7.51 -20.03 12.07
N ASP F 248 8.79 -20.45 12.11
CA ASP F 248 9.84 -19.78 12.87
C ASP F 248 10.00 -18.33 12.41
N VAL F 249 9.99 -18.07 11.10
CA VAL F 249 10.27 -16.73 10.61
C VAL F 249 9.10 -15.81 10.88
N ILE F 250 7.85 -16.26 10.71
CA ILE F 250 6.69 -15.40 10.96
C ILE F 250 6.74 -14.89 12.42
N ASN F 251 7.23 -15.72 13.34
CA ASN F 251 7.31 -15.37 14.74
C ASN F 251 8.45 -14.41 15.09
N SER F 252 9.40 -14.15 14.20
CA SER F 252 10.59 -13.37 14.52
C SER F 252 10.38 -11.84 14.69
N ARG F 253 9.37 -11.26 14.07
CA ARG F 253 9.30 -9.82 13.86
C ARG F 253 7.87 -9.34 13.65
N THR F 254 7.69 -8.02 13.54
CA THR F 254 6.39 -7.38 13.40
C THR F 254 5.69 -7.89 12.14
N GLN F 255 6.43 -8.10 11.05
CA GLN F 255 5.89 -8.74 9.86
C GLN F 255 6.97 -9.66 9.34
N GLY F 256 7.18 -10.74 10.09
CA GLY F 256 8.26 -11.68 9.83
C GLY F 256 8.20 -12.29 8.44
N PHE F 257 7.00 -12.46 7.87
CA PHE F 257 6.85 -13.16 6.62
C PHE F 257 7.63 -12.45 5.50
N LEU F 258 7.93 -11.16 5.56
CA LEU F 258 8.69 -10.56 4.47
C LEU F 258 10.11 -11.15 4.38
N ALA F 259 10.69 -11.55 5.50
CA ALA F 259 12.03 -12.14 5.51
C ALA F 259 12.06 -13.51 4.88
N LEU F 260 10.88 -14.10 4.68
CA LEU F 260 10.71 -15.34 3.93
C LEU F 260 10.88 -15.13 2.43
N PHE F 261 10.95 -13.88 1.94
CA PHE F 261 11.24 -13.51 0.57
C PHE F 261 12.58 -12.78 0.50
N SER F 262 12.73 -11.69 1.28
CA SER F 262 13.89 -10.79 1.19
C SER F 262 15.17 -11.44 1.69
N GLY F 263 15.09 -12.52 2.47
CA GLY F 263 16.28 -13.26 2.89
C GLY F 263 16.94 -12.70 4.16
N ASP F 264 16.44 -11.60 4.74
CA ASP F 264 16.98 -10.94 5.92
C ASP F 264 16.76 -11.68 7.26
N THR F 265 16.64 -13.00 7.26
CA THR F 265 16.22 -13.76 8.43
C THR F 265 17.43 -14.07 9.33
N GLY F 266 18.09 -13.02 9.85
CA GLY F 266 19.43 -13.23 10.41
C GLY F 266 19.42 -13.91 11.77
N GLU F 267 20.10 -15.06 11.89
CA GLU F 267 20.28 -15.81 13.13
C GLU F 267 19.05 -15.81 14.04
N ILE F 268 18.06 -16.66 13.73
CA ILE F 268 16.86 -16.86 14.53
C ILE F 268 17.26 -17.37 15.91
N LYS F 269 16.66 -16.79 16.96
CA LYS F 269 17.09 -17.07 18.34
C LYS F 269 16.73 -18.51 18.66
N SER F 270 17.64 -19.32 19.23
CA SER F 270 17.35 -20.74 19.41
C SER F 270 16.24 -20.95 20.42
N GLU F 271 15.99 -20.06 21.38
CA GLU F 271 14.90 -20.27 22.30
C GLU F 271 13.53 -20.11 21.62
N VAL F 272 13.42 -19.41 20.50
CA VAL F 272 12.19 -19.44 19.73
C VAL F 272 11.97 -20.81 19.08
N ARG F 273 12.96 -21.38 18.44
CA ARG F 273 12.85 -22.70 17.84
C ARG F 273 12.55 -23.75 18.89
N GLU F 274 13.13 -23.64 20.08
CA GLU F 274 12.88 -24.53 21.19
C GLU F 274 11.38 -24.55 21.50
N GLN F 275 10.75 -23.36 21.52
CA GLN F 275 9.34 -23.21 21.83
C GLN F 275 8.46 -23.82 20.73
N ILE F 276 8.74 -23.46 19.48
CA ILE F 276 7.91 -23.89 18.38
C ILE F 276 7.90 -25.42 18.23
N ASN F 277 9.02 -26.10 18.44
CA ASN F 277 9.02 -27.54 18.37
C ASN F 277 8.07 -28.15 19.41
N ALA F 278 8.03 -27.60 20.62
CA ALA F 278 7.15 -28.13 21.66
C ALA F 278 5.71 -27.86 21.29
N LYS F 279 5.41 -26.71 20.67
CA LYS F 279 4.06 -26.41 20.22
C LYS F 279 3.61 -27.36 19.11
N VAL F 280 4.43 -27.61 18.10
CA VAL F 280 4.09 -28.53 17.03
C VAL F 280 4.00 -29.95 17.57
N ALA F 281 4.78 -30.37 18.52
CA ALA F 281 4.62 -31.67 19.14
C ALA F 281 3.24 -31.82 19.79
N GLU F 282 2.70 -30.80 20.46
CA GLU F 282 1.37 -30.94 21.04
C GLU F 282 0.31 -30.88 19.94
N TRP F 283 0.45 -30.08 18.88
CA TRP F 283 -0.49 -30.15 17.76
C TRP F 283 -0.58 -31.54 17.14
N ARG F 284 0.51 -32.30 17.07
CA ARG F 284 0.53 -33.67 16.60
C ARG F 284 -0.29 -34.55 17.53
N GLU F 285 -0.04 -34.48 18.84
CA GLU F 285 -0.65 -35.41 19.79
C GLU F 285 -2.14 -35.16 19.99
N GLU F 286 -2.53 -33.89 19.94
CA GLU F 286 -3.94 -33.51 20.00
C GLU F 286 -4.62 -33.66 18.63
N GLY F 287 -3.89 -33.98 17.56
CA GLY F 287 -4.47 -34.28 16.27
C GLY F 287 -4.89 -33.04 15.46
N LYS F 288 -4.56 -31.82 15.93
CA LYS F 288 -4.92 -30.59 15.24
C LYS F 288 -4.14 -30.35 13.95
N ALA F 289 -2.95 -30.97 13.82
CA ALA F 289 -2.13 -30.96 12.62
C ALA F 289 -1.31 -32.24 12.51
N GLU F 290 -0.73 -32.50 11.33
CA GLU F 290 0.11 -33.68 11.13
C GLU F 290 1.37 -33.28 10.37
N ILE F 291 2.49 -33.98 10.66
CA ILE F 291 3.80 -33.55 10.20
C ILE F 291 4.20 -34.39 8.99
N ILE F 292 4.67 -33.70 7.95
CA ILE F 292 4.97 -34.25 6.64
C ILE F 292 6.48 -34.20 6.47
N PRO F 293 7.25 -35.30 6.64
CA PRO F 293 8.70 -35.23 6.52
C PRO F 293 9.07 -34.94 5.07
N GLY F 294 10.36 -34.80 4.79
CA GLY F 294 10.80 -34.39 3.46
C GLY F 294 12.26 -34.79 3.23
N VAL F 295 12.87 -34.16 2.21
CA VAL F 295 14.24 -34.49 1.82
C VAL F 295 15.10 -33.24 1.71
N LEU F 296 16.34 -33.36 2.19
CA LEU F 296 17.37 -32.38 1.91
C LEU F 296 18.43 -32.97 0.99
N PHE F 297 18.57 -32.40 -0.22
CA PHE F 297 19.57 -32.84 -1.17
C PHE F 297 20.71 -31.82 -1.14
N ILE F 298 21.68 -32.10 -0.27
CA ILE F 298 22.88 -31.28 -0.19
C ILE F 298 23.86 -31.84 -1.20
N ASP F 299 24.04 -31.09 -2.28
CA ASP F 299 24.88 -31.49 -3.40
C ASP F 299 26.30 -30.99 -3.18
N GLU F 300 27.30 -31.64 -3.80
CA GLU F 300 28.69 -31.24 -3.63
C GLU F 300 29.12 -31.22 -2.16
N VAL F 301 28.82 -32.24 -1.38
CA VAL F 301 29.04 -32.24 0.06
C VAL F 301 30.50 -32.16 0.44
N HIS F 302 31.40 -32.60 -0.43
CA HIS F 302 32.82 -32.70 -0.11
C HIS F 302 33.42 -31.34 0.24
N MET F 303 32.62 -30.24 0.11
CA MET F 303 33.10 -28.92 0.45
C MET F 303 32.34 -28.15 1.52
N LEU F 304 31.66 -28.88 2.40
CA LEU F 304 31.45 -28.40 3.76
C LEU F 304 32.77 -28.44 4.56
N ASP F 305 32.95 -27.51 5.50
CA ASP F 305 34.05 -27.52 6.46
C ASP F 305 33.87 -28.59 7.52
N ILE F 306 34.94 -28.86 8.25
CA ILE F 306 34.84 -29.76 9.41
C ILE F 306 33.89 -29.27 10.52
N GLU F 307 33.75 -27.95 10.64
CA GLU F 307 32.76 -27.39 11.54
C GLU F 307 31.34 -27.78 11.12
N SER F 308 31.04 -27.73 9.81
CA SER F 308 29.74 -28.05 9.29
C SER F 308 29.43 -29.54 9.39
N PHE F 309 30.41 -30.40 9.10
CA PHE F 309 30.22 -31.81 9.32
C PHE F 309 29.91 -32.09 10.78
N SER F 310 30.67 -31.46 11.68
CA SER F 310 30.48 -31.67 13.10
C SER F 310 29.09 -31.23 13.58
N PHE F 311 28.41 -30.34 12.85
CA PHE F 311 27.02 -30.02 13.17
C PHE F 311 26.05 -31.05 12.60
N LEU F 312 26.17 -31.47 11.34
CA LEU F 312 25.33 -32.51 10.79
C LEU F 312 25.46 -33.78 11.61
N ASN F 313 26.64 -34.07 12.18
CA ASN F 313 26.85 -35.19 13.05
C ASN F 313 25.69 -35.36 14.03
N ARG F 314 25.18 -34.22 14.56
CA ARG F 314 24.28 -34.18 15.71
C ARG F 314 22.92 -33.57 15.36
N ALA F 315 22.78 -32.82 14.28
CA ALA F 315 21.50 -32.44 13.69
C ALA F 315 20.69 -33.66 13.18
N LEU F 316 21.34 -34.75 12.79
CA LEU F 316 20.68 -35.96 12.31
C LEU F 316 20.23 -36.85 13.45
N GLU F 317 19.85 -36.26 14.59
CA GLU F 317 19.35 -37.05 15.71
C GLU F 317 18.04 -36.53 16.30
N SER F 318 17.46 -35.50 15.69
CA SER F 318 16.18 -34.96 16.12
C SER F 318 15.03 -35.80 15.54
N ASP F 319 13.91 -35.87 16.26
CA ASP F 319 12.63 -36.35 15.76
C ASP F 319 12.13 -35.55 14.55
N MET F 320 12.62 -34.33 14.34
CA MET F 320 12.21 -33.50 13.24
C MET F 320 13.31 -33.26 12.20
N ALA F 321 14.26 -34.20 12.15
CA ALA F 321 15.21 -34.24 11.05
C ALA F 321 14.56 -34.80 9.79
N PRO F 322 14.84 -34.29 8.59
CA PRO F 322 14.36 -34.90 7.35
C PRO F 322 15.20 -36.13 7.03
N VAL F 323 14.98 -36.76 5.88
CA VAL F 323 16.01 -37.61 5.26
C VAL F 323 16.97 -36.72 4.49
N LEU F 324 18.31 -36.98 4.52
CA LEU F 324 19.20 -36.18 3.68
C LEU F 324 20.05 -37.04 2.75
N ILE F 325 20.19 -36.54 1.51
CA ILE F 325 20.86 -37.23 0.44
C ILE F 325 22.05 -36.39 0.01
N MET F 326 23.24 -36.99 -0.02
CA MET F 326 24.46 -36.22 -0.32
C MET F 326 25.19 -36.81 -1.52
N ALA F 327 25.64 -35.98 -2.47
CA ALA F 327 26.36 -36.46 -3.66
C ALA F 327 27.82 -36.03 -3.60
N THR F 328 28.72 -36.78 -4.24
CA THR F 328 30.15 -36.47 -4.15
C THR F 328 30.90 -37.28 -5.20
N ASN F 329 32.04 -36.74 -5.65
CA ASN F 329 32.80 -37.39 -6.70
C ASN F 329 34.28 -37.48 -6.39
N ARG F 330 34.65 -37.48 -5.11
CA ARG F 330 36.04 -37.26 -4.68
C ARG F 330 36.65 -38.52 -4.12
N GLY F 331 37.92 -38.75 -4.46
CA GLY F 331 38.67 -39.85 -3.86
C GLY F 331 39.16 -39.49 -2.46
N ILE F 332 40.07 -40.30 -1.93
CA ILE F 332 40.61 -40.02 -0.62
C ILE F 332 41.36 -38.66 -0.66
N THR F 333 40.96 -37.69 0.17
CA THR F 333 41.32 -36.28 -0.01
C THR F 333 41.36 -35.55 1.33
N ARG F 334 41.98 -34.37 1.38
CA ARG F 334 42.06 -33.56 2.58
C ARG F 334 40.75 -32.82 2.84
N ILE F 335 40.16 -33.04 4.04
CA ILE F 335 38.83 -32.47 4.38
C ILE F 335 38.95 -31.02 4.74
N ARG F 336 38.06 -30.19 4.17
CA ARG F 336 38.25 -28.74 4.23
C ARG F 336 38.37 -28.20 5.67
N GLY F 337 39.28 -27.22 5.83
CA GLY F 337 39.59 -26.66 7.13
C GLY F 337 40.57 -27.49 7.96
N THR F 338 41.18 -28.54 7.38
CA THR F 338 42.16 -29.37 8.07
C THR F 338 43.28 -29.86 7.16
N SER F 339 44.23 -30.56 7.78
CA SER F 339 45.29 -31.32 7.13
C SER F 339 44.96 -32.81 7.05
N TYR F 340 43.83 -33.27 7.60
CA TYR F 340 43.55 -34.71 7.71
C TYR F 340 43.02 -35.25 6.38
N GLN F 341 43.30 -36.54 6.09
CA GLN F 341 42.79 -37.15 4.86
C GLN F 341 41.86 -38.34 5.10
N SER F 342 40.78 -38.39 4.31
CA SER F 342 39.72 -39.38 4.51
C SER F 342 38.93 -39.60 3.23
N PRO F 343 38.24 -40.75 3.10
CA PRO F 343 37.42 -41.06 1.94
C PRO F 343 36.38 -40.01 1.70
N HIS F 344 36.05 -39.84 0.44
CA HIS F 344 35.02 -38.93 -0.04
C HIS F 344 35.26 -37.46 0.30
N GLY F 345 36.35 -37.12 1.01
CA GLY F 345 36.51 -35.77 1.52
C GLY F 345 35.56 -35.43 2.66
N ILE F 346 35.11 -36.44 3.42
CA ILE F 346 34.19 -36.30 4.53
C ILE F 346 34.76 -37.09 5.71
N PRO F 347 34.66 -36.62 6.96
CA PRO F 347 35.26 -37.38 8.08
C PRO F 347 34.50 -38.66 8.36
N ILE F 348 35.21 -39.72 8.79
CA ILE F 348 34.63 -40.98 9.25
C ILE F 348 33.52 -40.76 10.30
N ASP F 349 33.67 -39.72 11.13
CA ASP F 349 32.71 -39.33 12.15
C ASP F 349 31.30 -39.18 11.57
N LEU F 350 31.17 -38.67 10.34
CA LEU F 350 29.89 -38.49 9.65
C LEU F 350 29.57 -39.68 8.75
N LEU F 351 30.56 -40.31 8.15
CA LEU F 351 30.30 -41.44 7.28
C LEU F 351 29.70 -42.64 8.03
N ASP F 352 29.85 -42.79 9.35
CA ASP F 352 29.15 -43.86 10.05
C ASP F 352 27.66 -43.60 10.24
N ARG F 353 27.17 -42.38 10.05
CA ARG F 353 25.75 -42.09 10.13
C ARG F 353 24.97 -42.57 8.90
N LEU F 354 25.65 -42.94 7.81
CA LEU F 354 24.99 -43.05 6.53
C LEU F 354 25.41 -44.30 5.75
N LEU F 355 24.57 -44.60 4.75
CA LEU F 355 24.77 -45.70 3.83
C LEU F 355 25.24 -45.16 2.48
N ILE F 356 26.17 -45.86 1.81
CA ILE F 356 26.78 -45.32 0.60
C ILE F 356 26.28 -46.11 -0.61
N VAL F 357 25.71 -45.45 -1.62
CA VAL F 357 25.29 -46.11 -2.86
C VAL F 357 26.22 -45.70 -3.99
N SER F 358 26.79 -46.69 -4.70
CA SER F 358 27.95 -46.44 -5.54
C SER F 358 27.58 -46.56 -7.03
N THR F 359 27.83 -45.53 -7.82
CA THR F 359 27.51 -45.60 -9.24
C THR F 359 28.71 -46.11 -10.04
N THR F 360 28.43 -46.70 -11.23
CA THR F 360 29.46 -47.31 -12.08
C THR F 360 29.46 -46.67 -13.48
N PRO F 361 30.64 -46.59 -14.16
CA PRO F 361 30.71 -45.96 -15.48
C PRO F 361 30.11 -46.84 -16.56
N TYR F 362 29.74 -46.20 -17.67
CA TYR F 362 28.90 -46.82 -18.69
C TYR F 362 29.65 -47.64 -19.74
N SER F 363 28.93 -48.63 -20.30
CA SER F 363 29.36 -49.36 -21.49
C SER F 363 28.93 -48.63 -22.78
N GLU F 364 29.34 -49.17 -23.93
CA GLU F 364 29.00 -48.59 -25.21
C GLU F 364 27.48 -48.60 -25.43
N LYS F 365 26.78 -49.67 -25.03
CA LYS F 365 25.35 -49.77 -25.27
C LYS F 365 24.62 -48.63 -24.55
N ASP F 366 24.92 -48.50 -23.24
CA ASP F 366 24.32 -47.50 -22.38
C ASP F 366 24.64 -46.10 -22.93
N THR F 367 25.89 -45.89 -23.32
CA THR F 367 26.32 -44.61 -23.84
C THR F 367 25.53 -44.24 -25.10
N LYS F 368 25.39 -45.18 -26.05
CA LYS F 368 24.62 -44.97 -27.26
C LYS F 368 23.17 -44.63 -26.91
N GLN F 369 22.59 -45.35 -25.95
CA GLN F 369 21.18 -45.19 -25.64
C GLN F 369 20.93 -43.85 -24.97
N ILE F 370 21.84 -43.42 -24.10
CA ILE F 370 21.69 -42.11 -23.48
C ILE F 370 21.74 -41.00 -24.53
N LEU F 371 22.63 -41.14 -25.52
CA LEU F 371 22.70 -40.21 -26.62
C LEU F 371 21.39 -40.20 -27.39
N ARG F 372 20.75 -41.37 -27.63
CA ARG F 372 19.44 -41.40 -28.29
C ARG F 372 18.42 -40.57 -27.52
N ILE F 373 18.38 -40.75 -26.19
CA ILE F 373 17.39 -40.08 -25.37
C ILE F 373 17.57 -38.57 -25.40
N ARG F 374 18.82 -38.12 -25.37
CA ARG F 374 19.10 -36.68 -25.49
C ARG F 374 18.70 -36.16 -26.87
N CYS F 375 18.88 -36.96 -27.94
CA CYS F 375 18.45 -36.55 -29.25
C CYS F 375 16.94 -36.37 -29.33
N GLU F 376 16.17 -37.23 -28.66
CA GLU F 376 14.72 -37.12 -28.64
C GLU F 376 14.32 -35.87 -27.87
N GLU F 377 14.96 -35.59 -26.73
CA GLU F 377 14.62 -34.42 -25.92
C GLU F 377 14.93 -33.11 -26.65
N GLU F 378 16.04 -33.07 -27.41
CA GLU F 378 16.42 -31.87 -28.15
C GLU F 378 15.72 -31.75 -29.52
N ASP F 379 14.96 -32.77 -29.94
CA ASP F 379 14.31 -32.85 -31.25
C ASP F 379 15.31 -32.81 -32.41
N VAL F 380 16.26 -33.79 -32.44
CA VAL F 380 17.17 -33.99 -33.58
C VAL F 380 17.22 -35.45 -34.03
N GLU F 381 17.48 -35.66 -35.33
CA GLU F 381 17.59 -37.00 -35.90
C GLU F 381 18.99 -37.19 -36.49
N MET F 382 19.54 -38.39 -36.33
CA MET F 382 20.83 -38.68 -36.93
C MET F 382 20.93 -40.11 -37.45
N SER F 383 21.82 -40.27 -38.44
CA SER F 383 22.12 -41.55 -39.09
C SER F 383 22.72 -42.55 -38.10
N GLU F 384 22.49 -43.85 -38.35
CA GLU F 384 22.94 -44.87 -37.41
C GLU F 384 24.48 -44.94 -37.29
N ASP F 385 25.18 -44.57 -38.37
CA ASP F 385 26.63 -44.43 -38.34
C ASP F 385 27.03 -43.20 -37.52
N ALA F 386 26.27 -42.10 -37.65
CA ALA F 386 26.51 -40.89 -36.85
C ALA F 386 26.38 -41.20 -35.36
N TYR F 387 25.33 -41.92 -34.93
CA TYR F 387 25.28 -42.44 -33.57
C TYR F 387 26.51 -43.30 -33.20
N THR F 388 27.01 -44.08 -34.16
CA THR F 388 28.14 -44.96 -33.91
C THR F 388 29.40 -44.15 -33.63
N VAL F 389 29.77 -43.22 -34.52
CA VAL F 389 31.01 -42.45 -34.31
C VAL F 389 30.89 -41.60 -33.03
N LEU F 390 29.72 -41.03 -32.79
CA LEU F 390 29.52 -40.23 -31.59
C LEU F 390 29.63 -41.09 -30.34
N THR F 391 29.19 -42.35 -30.38
CA THR F 391 29.41 -43.25 -29.25
C THR F 391 30.91 -43.45 -28.98
N ARG F 392 31.71 -43.65 -30.04
CA ARG F 392 33.14 -43.84 -29.85
C ARG F 392 33.75 -42.58 -29.25
N ILE F 393 33.39 -41.40 -29.76
CA ILE F 393 33.85 -40.14 -29.16
C ILE F 393 33.48 -40.12 -27.68
N GLY F 394 32.26 -40.51 -27.35
CA GLY F 394 31.78 -40.53 -25.99
C GLY F 394 32.63 -41.42 -25.07
N LEU F 395 33.26 -42.46 -25.61
CA LEU F 395 34.11 -43.34 -24.80
C LEU F 395 35.55 -42.83 -24.77
N GLU F 396 35.97 -42.12 -25.82
CA GLU F 396 37.31 -41.53 -25.90
C GLU F 396 37.43 -40.23 -25.09
N THR F 397 36.32 -39.57 -24.79
CA THR F 397 36.31 -38.24 -24.14
C THR F 397 35.21 -38.08 -23.07
N SER F 398 34.66 -39.14 -22.51
CA SER F 398 33.62 -38.91 -21.46
C SER F 398 32.29 -38.43 -22.02
N LEU F 399 31.18 -38.91 -21.47
CA LEU F 399 29.85 -38.63 -22.05
C LEU F 399 29.56 -37.16 -22.28
N ARG F 400 29.80 -36.34 -21.29
CA ARG F 400 29.22 -34.99 -21.38
C ARG F 400 29.73 -34.28 -22.64
N TYR F 401 30.94 -34.62 -23.14
CA TYR F 401 31.45 -34.02 -24.36
C TYR F 401 30.57 -34.43 -25.53
N ALA F 402 30.37 -35.74 -25.68
CA ALA F 402 29.55 -36.24 -26.76
C ALA F 402 28.15 -35.61 -26.73
N ILE F 403 27.51 -35.53 -25.58
CA ILE F 403 26.18 -34.95 -25.47
C ILE F 403 26.15 -33.49 -25.93
N GLN F 404 27.25 -32.76 -25.74
CA GLN F 404 27.33 -31.39 -26.21
C GLN F 404 27.52 -31.30 -27.71
N LEU F 405 28.10 -32.34 -28.33
CA LEU F 405 28.26 -32.32 -29.77
C LEU F 405 26.92 -32.35 -30.51
N ILE F 406 25.92 -33.00 -29.92
CA ILE F 406 24.63 -33.22 -30.56
C ILE F 406 24.00 -31.89 -31.00
N THR F 407 23.92 -30.93 -30.08
CA THR F 407 23.23 -29.70 -30.41
C THR F 407 24.01 -28.96 -31.49
N ALA F 408 25.33 -28.86 -31.32
CA ALA F 408 26.20 -28.19 -32.26
C ALA F 408 26.09 -28.81 -33.65
N ALA F 409 26.12 -30.15 -33.74
CA ALA F 409 25.99 -30.83 -35.02
C ALA F 409 24.70 -30.44 -35.75
N SER F 410 23.58 -30.41 -35.05
CA SER F 410 22.32 -30.03 -35.66
C SER F 410 22.35 -28.59 -36.17
N LEU F 411 23.05 -27.67 -35.49
CA LEU F 411 23.18 -26.31 -35.96
C LEU F 411 23.99 -26.23 -37.24
N VAL F 412 25.04 -27.07 -37.35
CA VAL F 412 25.81 -27.14 -38.59
C VAL F 412 24.94 -27.66 -39.74
N CYS F 413 24.17 -28.74 -39.51
CA CYS F 413 23.22 -29.23 -40.52
C CYS F 413 22.23 -28.17 -40.98
N ARG F 414 21.67 -27.42 -40.05
CA ARG F 414 20.73 -26.39 -40.42
C ARG F 414 21.40 -25.31 -41.27
N LYS F 415 22.62 -24.89 -40.94
CA LYS F 415 23.39 -23.94 -41.76
C LYS F 415 23.61 -24.49 -43.18
N ARG F 416 23.83 -25.80 -43.29
CA ARG F 416 24.06 -26.52 -44.54
C ARG F 416 22.78 -26.83 -45.34
N LYS F 417 21.59 -26.50 -44.80
CA LYS F 417 20.28 -26.87 -45.34
C LYS F 417 20.11 -28.39 -45.45
N GLY F 418 20.70 -29.14 -44.52
CA GLY F 418 20.46 -30.57 -44.41
C GLY F 418 19.21 -30.87 -43.59
N THR F 419 19.15 -32.10 -43.04
CA THR F 419 18.06 -32.49 -42.15
C THR F 419 18.57 -33.49 -41.12
N GLU F 420 18.95 -34.68 -41.56
CA GLU F 420 19.51 -35.66 -40.66
C GLU F 420 20.99 -35.33 -40.41
N VAL F 421 21.51 -35.60 -39.20
CA VAL F 421 22.92 -35.44 -38.94
C VAL F 421 23.70 -36.56 -39.61
N GLN F 422 24.73 -36.18 -40.39
CA GLN F 422 25.64 -37.13 -41.01
C GLN F 422 27.00 -37.12 -40.32
N VAL F 423 27.83 -38.12 -40.64
CA VAL F 423 29.12 -38.25 -40.00
C VAL F 423 30.02 -37.03 -40.26
N ASP F 424 29.96 -36.41 -41.45
CA ASP F 424 30.82 -35.26 -41.75
C ASP F 424 30.43 -34.00 -40.94
N ASP F 425 29.15 -33.86 -40.58
CA ASP F 425 28.73 -32.79 -39.68
C ASP F 425 29.26 -33.01 -38.26
N ILE F 426 29.29 -34.24 -37.75
CA ILE F 426 29.90 -34.50 -36.47
C ILE F 426 31.41 -34.24 -36.54
N LYS F 427 32.09 -34.75 -37.57
CA LYS F 427 33.52 -34.55 -37.67
C LYS F 427 33.90 -33.07 -37.84
N ARG F 428 33.03 -32.23 -38.40
CA ARG F 428 33.23 -30.79 -38.38
C ARG F 428 33.33 -30.29 -36.93
N VAL F 429 32.28 -30.48 -36.14
CA VAL F 429 32.21 -29.98 -34.78
C VAL F 429 33.36 -30.52 -33.93
N TYR F 430 33.73 -31.80 -34.04
CA TYR F 430 34.88 -32.35 -33.34
C TYR F 430 36.20 -31.62 -33.62
N SER F 431 36.32 -30.93 -34.75
CA SER F 431 37.49 -30.12 -35.08
C SER F 431 37.38 -28.66 -34.60
N LEU F 432 36.15 -28.11 -34.42
CA LEU F 432 35.98 -26.77 -33.90
C LEU F 432 36.17 -26.69 -32.37
N PHE F 433 35.42 -27.51 -31.62
CA PHE F 433 35.32 -27.34 -30.20
C PHE F 433 36.10 -28.45 -29.48
N LEU F 434 37.12 -28.09 -28.70
CA LEU F 434 37.98 -29.09 -28.10
C LEU F 434 37.42 -29.65 -26.80
N ASP F 435 37.84 -30.88 -26.49
CA ASP F 435 37.76 -31.44 -25.15
C ASP F 435 39.01 -31.05 -24.33
N GLU F 436 38.98 -31.29 -23.01
CA GLU F 436 40.06 -30.88 -22.14
C GLU F 436 41.35 -31.64 -22.43
N SER F 437 41.27 -32.92 -22.82
CA SER F 437 42.49 -33.69 -23.03
C SER F 437 43.27 -33.19 -24.26
N ARG F 438 42.58 -32.92 -25.37
CA ARG F 438 43.21 -32.32 -26.53
C ARG F 438 43.67 -30.89 -26.24
N SER F 439 42.86 -30.11 -25.54
CA SER F 439 43.24 -28.73 -25.25
C SER F 439 44.51 -28.66 -24.39
N THR F 440 44.61 -29.52 -23.38
CA THR F 440 45.84 -29.66 -22.59
C THR F 440 47.03 -30.02 -23.49
N GLN F 441 46.88 -30.96 -24.42
CA GLN F 441 47.98 -31.31 -25.31
C GLN F 441 48.41 -30.11 -26.16
N TYR F 442 47.45 -29.35 -26.68
CA TYR F 442 47.73 -28.17 -27.51
C TYR F 442 48.12 -26.94 -26.68
N MET F 443 48.18 -27.06 -25.36
CA MET F 443 48.70 -26.01 -24.51
C MET F 443 50.19 -26.22 -24.29
N LYS F 444 50.66 -27.47 -24.14
CA LYS F 444 52.05 -27.78 -23.83
C LYS F 444 53.03 -27.42 -24.95
N GLU F 445 52.57 -27.31 -26.20
CA GLU F 445 53.42 -26.90 -27.30
C GLU F 445 53.69 -25.38 -27.28
N TYR F 446 52.91 -24.60 -26.53
CA TYR F 446 53.15 -23.17 -26.36
C TYR F 446 53.39 -22.80 -24.89
N GLN F 447 54.13 -23.65 -24.17
CA GLN F 447 54.11 -23.63 -22.71
C GLN F 447 54.43 -22.26 -22.13
N ASP F 448 55.40 -21.55 -22.69
CA ASP F 448 55.90 -20.31 -22.13
C ASP F 448 55.08 -19.08 -22.55
N ALA F 449 54.07 -19.24 -23.43
CA ALA F 449 53.20 -18.13 -23.85
C ALA F 449 52.03 -17.88 -22.89
N PHE F 450 51.58 -18.92 -22.15
CA PHE F 450 50.58 -18.83 -21.09
C PHE F 450 51.19 -18.26 -19.80
N LEU F 451 50.38 -17.66 -18.93
CA LEU F 451 50.86 -17.16 -17.65
C LEU F 451 50.97 -18.23 -16.56
N PHE F 452 51.94 -18.03 -15.65
CA PHE F 452 52.02 -18.65 -14.33
C PHE F 452 51.89 -20.18 -14.29
N ASN F 453 52.59 -20.93 -15.16
CA ASN F 453 52.58 -22.40 -15.06
C ASN F 453 53.72 -22.99 -14.20
N ASP G 15 17.55 -23.08 53.78
CA ASP G 15 16.45 -23.84 53.09
C ASP G 15 16.53 -23.63 51.58
N VAL G 16 15.92 -22.53 51.08
CA VAL G 16 15.71 -22.32 49.66
C VAL G 16 17.05 -21.97 49.00
N THR G 17 17.29 -22.58 47.82
CA THR G 17 18.55 -22.43 47.11
C THR G 17 18.58 -21.09 46.39
N ARG G 18 19.48 -20.20 46.84
CA ARG G 18 19.66 -18.90 46.23
C ARG G 18 20.38 -19.06 44.90
N ILE G 19 20.50 -17.93 44.17
CA ILE G 19 21.09 -17.94 42.84
C ILE G 19 22.60 -18.15 42.86
N GLU G 20 23.28 -17.87 43.99
CA GLU G 20 24.70 -18.12 44.17
C GLU G 20 24.93 -19.32 45.08
N ARG G 21 25.81 -20.28 44.71
CA ARG G 21 26.03 -21.46 45.55
C ARG G 21 27.43 -22.06 45.44
N ILE G 22 27.76 -23.05 46.28
CA ILE G 22 29.14 -23.42 46.59
C ILE G 22 29.93 -23.82 45.35
N GLY G 23 31.11 -23.18 45.16
CA GLY G 23 31.95 -23.32 43.98
C GLY G 23 33.44 -23.52 44.30
N ALA G 24 34.31 -23.08 43.40
CA ALA G 24 35.75 -23.23 43.56
C ALA G 24 36.29 -22.28 44.61
N HIS G 25 36.61 -21.04 44.23
CA HIS G 25 37.14 -20.03 45.14
C HIS G 25 36.05 -19.41 46.02
N SER G 26 35.47 -20.26 46.87
CA SER G 26 34.27 -19.93 47.65
C SER G 26 34.62 -19.76 49.13
N HIS G 27 35.51 -20.61 49.65
CA HIS G 27 35.87 -20.56 51.04
C HIS G 27 36.82 -19.43 51.37
N ILE G 28 37.54 -18.89 50.36
CA ILE G 28 38.42 -17.77 50.67
C ILE G 28 37.61 -16.51 50.91
N ARG G 29 37.75 -15.93 52.14
CA ARG G 29 36.90 -14.84 52.58
C ARG G 29 37.71 -13.58 52.86
N GLY G 30 38.87 -13.51 52.24
CA GLY G 30 39.83 -12.43 52.37
C GLY G 30 41.23 -12.96 52.01
N LEU G 31 42.25 -12.45 52.67
CA LEU G 31 43.64 -12.76 52.38
C LEU G 31 44.37 -12.71 53.72
N GLY G 32 44.57 -13.84 54.35
CA GLY G 32 44.72 -13.88 55.82
C GLY G 32 46.01 -13.24 56.34
N LEU G 33 45.92 -12.04 56.92
CA LEU G 33 47.09 -11.26 57.34
C LEU G 33 46.87 -10.62 58.71
N ASP G 34 47.93 -10.61 59.56
CA ASP G 34 48.01 -9.78 60.75
C ASP G 34 48.13 -8.31 60.41
N ASP G 35 48.01 -7.42 61.41
CA ASP G 35 48.07 -5.98 61.17
C ASP G 35 49.44 -5.50 60.68
N ALA G 36 50.49 -6.28 60.96
CA ALA G 36 51.83 -6.02 60.45
C ALA G 36 52.07 -6.59 59.05
N LEU G 37 51.00 -7.08 58.40
CA LEU G 37 50.99 -7.83 57.14
C LEU G 37 51.83 -9.12 57.22
N GLU G 38 51.95 -9.74 58.39
CA GLU G 38 52.47 -11.10 58.46
C GLU G 38 51.35 -12.09 58.14
N PRO G 39 51.55 -13.05 57.21
CA PRO G 39 50.55 -14.06 56.91
C PRO G 39 50.49 -15.13 57.99
N ARG G 40 49.25 -15.45 58.39
CA ARG G 40 49.01 -16.57 59.30
C ARG G 40 49.09 -17.85 58.49
N GLN G 41 49.46 -18.95 59.17
CA GLN G 41 49.58 -20.26 58.54
C GLN G 41 48.23 -20.67 57.95
N ALA G 42 47.13 -20.42 58.68
CA ALA G 42 45.81 -20.77 58.18
C ALA G 42 44.74 -19.85 58.73
N SER G 43 44.13 -19.02 57.87
CA SER G 43 43.04 -18.14 58.25
C SER G 43 42.33 -17.60 57.01
N GLN G 44 41.10 -17.11 57.18
CA GLN G 44 40.26 -16.59 56.10
C GLN G 44 40.18 -17.57 54.93
N GLY G 45 40.34 -18.89 55.25
CA GLY G 45 40.13 -19.99 54.33
C GLY G 45 41.33 -20.27 53.42
N MET G 46 42.51 -19.72 53.74
CA MET G 46 43.73 -19.91 52.95
C MET G 46 44.82 -20.63 53.76
N VAL G 47 45.68 -21.36 53.06
CA VAL G 47 46.77 -22.14 53.64
C VAL G 47 48.08 -21.86 52.92
N GLY G 48 49.22 -21.78 53.64
CA GLY G 48 50.52 -21.67 52.96
C GLY G 48 50.65 -20.44 52.05
N GLN G 49 51.53 -20.52 51.04
CA GLN G 49 51.75 -19.43 50.09
C GLN G 49 52.14 -18.11 50.76
N LEU G 50 53.03 -18.20 51.77
CA LEU G 50 53.27 -17.11 52.69
C LEU G 50 53.93 -15.94 51.97
N ALA G 51 54.95 -16.22 51.14
CA ALA G 51 55.71 -15.16 50.50
C ALA G 51 54.84 -14.33 49.55
N ALA G 52 54.03 -15.01 48.73
CA ALA G 52 53.09 -14.35 47.83
C ALA G 52 52.00 -13.60 48.60
N ARG G 53 51.55 -14.13 49.74
CA ARG G 53 50.54 -13.46 50.53
C ARG G 53 51.07 -12.17 51.17
N ARG G 54 52.33 -12.10 51.59
CA ARG G 54 52.91 -10.82 52.01
C ARG G 54 52.88 -9.81 50.87
N ALA G 55 53.32 -10.23 49.67
CA ALA G 55 53.35 -9.36 48.51
C ALA G 55 51.95 -8.86 48.18
N ALA G 56 50.98 -9.77 48.22
CA ALA G 56 49.60 -9.44 48.00
C ALA G 56 49.13 -8.37 49.00
N GLY G 57 49.55 -8.50 50.26
CA GLY G 57 49.24 -7.50 51.27
C GLY G 57 49.80 -6.13 50.93
N VAL G 58 51.07 -6.06 50.49
CA VAL G 58 51.68 -4.78 50.19
C VAL G 58 50.98 -4.07 49.01
N VAL G 59 50.64 -4.82 47.95
CA VAL G 59 49.93 -4.22 46.83
C VAL G 59 48.50 -3.86 47.23
N LEU G 60 47.88 -4.60 48.15
CA LEU G 60 46.55 -4.25 48.63
C LEU G 60 46.59 -2.91 49.36
N GLU G 61 47.63 -2.66 50.16
CA GLU G 61 47.81 -1.36 50.81
C GLU G 61 48.02 -0.23 49.82
N MET G 62 48.76 -0.52 48.76
CA MET G 62 49.00 0.42 47.67
C MET G 62 47.69 0.77 46.94
N ILE G 63 46.80 -0.23 46.76
CA ILE G 63 45.50 -0.02 46.13
C ILE G 63 44.67 0.90 47.02
N ARG G 64 44.66 0.63 48.34
CA ARG G 64 43.82 1.36 49.26
C ARG G 64 44.25 2.82 49.37
N GLU G 65 45.56 3.13 49.29
CA GLU G 65 45.99 4.51 49.28
C GLU G 65 45.53 5.25 48.01
N GLY G 66 45.77 4.63 46.84
CA GLY G 66 45.35 5.19 45.55
C GLY G 66 46.14 6.42 45.07
N LYS G 67 47.29 6.70 45.71
CA LYS G 67 48.10 7.87 45.41
C LYS G 67 48.73 7.84 44.00
N ILE G 68 49.11 6.64 43.54
CA ILE G 68 49.96 6.51 42.36
C ILE G 68 49.28 5.58 41.34
N ALA G 69 49.35 5.99 40.06
CA ALA G 69 48.54 5.41 39.00
C ALA G 69 49.35 4.39 38.19
N GLY G 70 48.63 3.53 37.47
CA GLY G 70 49.22 2.80 36.35
C GLY G 70 50.14 1.69 36.82
N ARG G 71 50.04 1.34 38.11
CA ARG G 71 50.86 0.27 38.64
C ARG G 71 50.35 -1.06 38.10
N ALA G 72 51.26 -2.05 38.02
CA ALA G 72 50.89 -3.37 37.56
C ALA G 72 51.67 -4.44 38.29
N VAL G 73 51.03 -5.59 38.48
CA VAL G 73 51.64 -6.74 39.11
C VAL G 73 51.28 -7.95 38.27
N LEU G 74 52.20 -8.90 38.20
CA LEU G 74 51.91 -10.16 37.55
C LEU G 74 52.09 -11.28 38.56
N ILE G 75 51.15 -12.21 38.57
CA ILE G 75 51.29 -13.40 39.38
C ILE G 75 51.65 -14.57 38.48
N ALA G 76 52.69 -15.32 38.82
CA ALA G 76 53.13 -16.42 38.00
C ALA G 76 53.36 -17.69 38.82
N GLY G 77 53.26 -18.86 38.17
CA GLY G 77 53.60 -20.11 38.81
C GLY G 77 52.74 -21.28 38.32
N GLN G 78 53.16 -22.48 38.72
CA GLN G 78 52.67 -23.71 38.12
C GLN G 78 51.18 -23.89 38.33
N PRO G 79 50.50 -24.78 37.58
CA PRO G 79 49.07 -25.02 37.73
C PRO G 79 48.70 -25.56 39.11
N GLY G 80 47.57 -25.07 39.64
CA GLY G 80 47.02 -25.51 40.92
C GLY G 80 47.91 -25.07 42.12
N THR G 81 48.32 -23.77 42.11
CA THR G 81 49.15 -23.25 43.19
C THR G 81 48.65 -21.93 43.74
N GLY G 82 47.43 -21.51 43.39
CA GLY G 82 46.74 -20.47 44.16
C GLY G 82 46.77 -19.08 43.51
N LYS G 83 47.05 -18.98 42.21
CA LYS G 83 47.24 -17.67 41.62
C LYS G 83 45.87 -17.03 41.62
N THR G 84 44.83 -17.68 41.08
CA THR G 84 43.52 -17.03 41.02
C THR G 84 42.92 -17.01 42.43
N ALA G 85 43.23 -17.99 43.29
CA ALA G 85 42.85 -17.94 44.70
C ALA G 85 43.31 -16.64 45.38
N ILE G 86 44.57 -16.24 45.24
CA ILE G 86 45.09 -15.00 45.80
C ILE G 86 44.39 -13.77 45.22
N ALA G 87 44.07 -13.74 43.93
CA ALA G 87 43.34 -12.61 43.37
C ALA G 87 41.89 -12.58 43.86
N MET G 88 41.25 -13.74 44.02
CA MET G 88 39.87 -13.82 44.49
C MET G 88 39.77 -13.63 45.99
N GLY G 89 40.87 -13.87 46.70
CA GLY G 89 41.00 -13.52 48.09
C GLY G 89 41.15 -12.00 48.27
N MET G 90 42.05 -11.42 47.51
CA MET G 90 42.36 -10.02 47.57
C MET G 90 41.12 -9.17 47.24
N ALA G 91 40.32 -9.61 46.27
CA ALA G 91 39.11 -8.89 45.91
C ALA G 91 38.12 -8.74 47.06
N GLN G 92 38.09 -9.73 47.97
CA GLN G 92 37.22 -9.72 49.12
C GLN G 92 37.80 -8.95 50.28
N ALA G 93 39.12 -9.01 50.44
CA ALA G 93 39.77 -8.21 51.46
C ALA G 93 39.54 -6.72 51.14
N LEU G 94 39.66 -6.35 49.87
CA LEU G 94 39.41 -5.00 49.40
C LEU G 94 37.93 -4.65 49.57
N GLY G 95 37.06 -5.64 49.32
CA GLY G 95 35.63 -5.48 49.55
C GLY G 95 34.93 -4.68 48.45
N PRO G 96 33.61 -4.44 48.57
CA PRO G 96 32.90 -3.50 47.67
C PRO G 96 33.26 -2.07 48.04
N ASP G 97 32.54 -1.10 47.45
CA ASP G 97 32.78 0.34 47.67
C ASP G 97 34.02 0.87 46.92
N THR G 98 34.91 -0.04 46.52
CA THR G 98 36.06 0.17 45.63
C THR G 98 35.88 -0.72 44.41
N PRO G 99 35.84 -0.21 43.16
CA PRO G 99 35.69 -1.08 41.99
C PRO G 99 36.75 -2.18 41.88
N PHE G 100 36.31 -3.37 41.48
CA PHE G 100 37.23 -4.41 41.06
C PHE G 100 36.63 -5.18 39.89
N THR G 101 37.25 -5.06 38.70
CA THR G 101 36.73 -5.65 37.47
C THR G 101 37.58 -6.86 37.08
N ALA G 102 36.97 -8.04 36.92
CA ALA G 102 37.70 -9.22 36.48
C ALA G 102 37.24 -9.64 35.08
N ILE G 103 38.17 -9.95 34.19
CA ILE G 103 37.91 -10.53 32.88
C ILE G 103 38.90 -11.65 32.61
N ALA G 104 38.50 -12.62 31.79
CA ALA G 104 39.46 -13.54 31.21
C ALA G 104 40.12 -12.87 30.02
N GLY G 105 41.37 -13.25 29.73
CA GLY G 105 42.12 -12.59 28.68
C GLY G 105 41.41 -12.62 27.33
N SER G 106 40.72 -13.73 27.09
CA SER G 106 40.07 -14.04 25.83
C SER G 106 38.77 -13.23 25.61
N GLU G 107 38.38 -12.34 26.52
CA GLU G 107 37.13 -11.66 26.38
C GLU G 107 37.26 -10.38 25.57
N ILE G 108 38.48 -9.97 25.19
CA ILE G 108 38.64 -8.65 24.57
C ILE G 108 38.44 -8.73 23.05
N PHE G 109 38.34 -9.94 22.50
CA PHE G 109 38.26 -10.15 21.06
C PHE G 109 36.82 -9.95 20.58
N SER G 110 36.37 -8.70 20.62
CA SER G 110 34.97 -8.40 20.33
C SER G 110 34.71 -8.48 18.83
N LEU G 111 33.45 -8.72 18.48
CA LEU G 111 32.98 -8.67 17.11
C LEU G 111 32.35 -7.31 16.80
N GLU G 112 32.38 -6.35 17.76
CA GLU G 112 31.86 -5.03 17.46
C GLU G 112 32.67 -3.81 17.88
N MET G 113 33.85 -4.03 18.48
CA MET G 113 34.82 -2.97 18.72
C MET G 113 36.23 -3.58 18.73
N SER G 114 37.27 -2.78 18.47
CA SER G 114 38.65 -3.27 18.43
C SER G 114 39.20 -3.76 19.78
N LYS G 115 40.30 -4.52 19.77
CA LYS G 115 40.95 -4.98 20.99
C LYS G 115 41.42 -3.81 21.86
N THR G 116 41.78 -2.70 21.24
CA THR G 116 42.02 -1.45 21.95
C THR G 116 40.77 -1.00 22.75
N GLU G 117 39.60 -0.94 22.16
CA GLU G 117 38.42 -0.48 22.86
C GLU G 117 38.02 -1.40 24.00
N ALA G 118 38.01 -2.71 23.77
CA ALA G 118 37.70 -3.63 24.83
C ALA G 118 38.63 -3.44 26.06
N LEU G 119 39.92 -3.18 25.85
CA LEU G 119 40.83 -2.89 26.95
C LEU G 119 40.57 -1.50 27.50
N THR G 120 40.28 -0.52 26.65
CA THR G 120 40.05 0.84 27.14
C THR G 120 38.86 0.86 28.08
N GLN G 121 37.79 0.18 27.70
CA GLN G 121 36.62 0.15 28.55
C GLN G 121 36.94 -0.61 29.81
N ALA G 122 37.63 -1.73 29.75
CA ALA G 122 38.00 -2.43 30.99
C ALA G 122 38.82 -1.57 31.97
N PHE G 123 39.61 -0.61 31.46
CA PHE G 123 40.29 0.31 32.33
C PHE G 123 39.30 1.32 32.89
N ARG G 124 38.55 2.02 32.05
CA ARG G 124 37.68 3.10 32.48
C ARG G 124 36.56 2.61 33.41
N ARG G 125 36.30 1.31 33.39
CA ARG G 125 35.32 0.68 34.24
C ARG G 125 35.83 0.42 35.64
N SER G 126 37.12 0.60 35.89
CA SER G 126 37.73 0.35 37.20
C SER G 126 38.13 1.62 37.97
N ILE G 127 37.63 2.76 37.55
CA ILE G 127 37.78 4.00 38.28
C ILE G 127 36.38 4.45 38.68
N GLY G 128 36.18 4.79 39.95
CA GLY G 128 34.89 5.31 40.41
C GLY G 128 34.93 6.80 40.71
N VAL G 129 33.83 7.51 40.46
CA VAL G 129 33.61 8.88 40.93
C VAL G 129 32.58 8.87 42.06
N ARG G 130 32.81 9.55 43.21
CA ARG G 130 31.78 9.71 44.24
C ARG G 130 31.27 11.15 44.25
N ILE G 131 29.94 11.30 44.27
CA ILE G 131 29.26 12.57 44.26
C ILE G 131 28.23 12.63 45.40
N LYS G 132 28.07 13.80 46.05
CA LYS G 132 26.94 14.10 46.91
C LYS G 132 25.83 14.76 46.11
N GLU G 133 24.58 14.49 46.47
CA GLU G 133 23.41 15.04 45.81
C GLU G 133 22.40 15.45 46.90
N GLU G 134 21.72 16.60 46.72
CA GLU G 134 20.79 17.08 47.75
C GLU G 134 19.34 16.92 47.28
N THR G 135 18.53 16.19 48.07
CA THR G 135 17.25 15.67 47.62
C THR G 135 16.12 16.05 48.56
N GLU G 136 14.91 16.09 47.99
CA GLU G 136 13.69 15.85 48.75
C GLU G 136 12.71 15.08 47.88
N ILE G 137 11.99 14.10 48.44
CA ILE G 137 11.02 13.31 47.68
C ILE G 137 9.78 13.01 48.53
N ILE G 138 8.62 12.91 47.85
CA ILE G 138 7.38 12.52 48.52
C ILE G 138 6.95 11.15 48.01
N GLU G 139 6.50 10.27 48.92
CA GLU G 139 6.27 8.87 48.64
C GLU G 139 5.16 8.36 49.57
N GLY G 140 3.98 8.06 48.98
CA GLY G 140 2.81 7.65 49.75
C GLY G 140 1.67 7.10 48.89
N GLU G 141 0.64 6.56 49.55
CA GLU G 141 -0.59 6.09 48.92
C GLU G 141 -1.56 7.26 48.73
N VAL G 142 -2.13 7.42 47.53
CA VAL G 142 -3.02 8.52 47.27
C VAL G 142 -4.43 8.16 47.73
N VAL G 143 -5.07 9.08 48.48
CA VAL G 143 -6.36 8.85 49.12
C VAL G 143 -7.50 9.50 48.33
N GLU G 144 -7.33 10.74 47.86
CA GLU G 144 -8.34 11.39 47.05
C GLU G 144 -7.75 12.59 46.31
N ILE G 145 -8.15 12.73 45.03
CA ILE G 145 -7.82 13.87 44.18
C ILE G 145 -9.11 14.63 43.86
N GLN G 146 -9.11 15.94 44.18
CA GLN G 146 -10.28 16.79 44.02
C GLN G 146 -9.93 18.01 43.18
N ILE G 147 -10.78 18.33 42.19
CA ILE G 147 -10.56 19.47 41.29
C ILE G 147 -11.90 20.15 40.98
N ASP G 148 -11.85 21.46 40.67
CA ASP G 148 -13.03 22.24 40.32
C ASP G 148 -12.67 23.36 39.33
N ARG G 149 -13.71 23.89 38.67
CA ARG G 149 -13.58 24.79 37.53
C ARG G 149 -14.23 26.15 37.83
N PRO G 150 -13.46 27.17 38.30
CA PRO G 150 -14.00 28.51 38.55
C PRO G 150 -14.26 29.33 37.29
N SER G 156 -8.33 29.46 35.34
CA SER G 156 -7.43 28.30 35.63
C SER G 156 -8.11 27.31 36.58
N LYS G 157 -7.72 26.03 36.47
CA LYS G 157 -8.22 24.98 37.34
C LYS G 157 -7.65 25.13 38.76
N VAL G 158 -8.41 24.67 39.77
CA VAL G 158 -7.93 24.59 41.15
C VAL G 158 -8.27 23.20 41.69
N GLY G 159 -7.40 22.69 42.58
CA GLY G 159 -7.54 21.34 43.11
C GLY G 159 -6.81 21.16 44.45
N LYS G 160 -6.99 19.95 45.00
CA LYS G 160 -6.22 19.47 46.14
C LYS G 160 -6.01 17.96 46.00
N LEU G 161 -4.95 17.45 46.65
CA LEU G 161 -4.62 16.04 46.62
C LEU G 161 -4.17 15.56 48.00
N THR G 162 -4.61 14.34 48.38
CA THR G 162 -4.32 13.80 49.71
C THR G 162 -3.46 12.55 49.64
N LEU G 163 -2.46 12.52 50.51
CA LEU G 163 -1.49 11.43 50.59
C LEU G 163 -1.56 10.83 51.96
N LYS G 164 -1.36 9.51 51.99
CA LYS G 164 -1.29 8.77 53.22
C LYS G 164 0.02 8.00 53.27
N THR G 165 0.49 7.84 54.49
CA THR G 165 1.50 6.86 54.83
C THR G 165 1.07 6.28 56.18
N THR G 166 1.60 5.12 56.59
CA THR G 166 1.12 4.47 57.80
C THR G 166 1.18 5.40 59.03
N GLU G 167 2.07 6.40 59.03
CA GLU G 167 2.22 7.30 60.16
C GLU G 167 1.35 8.57 60.03
N MET G 168 0.95 8.99 58.82
CA MET G 168 0.26 10.27 58.69
C MET G 168 -0.59 10.39 57.42
N GLU G 169 -1.58 11.30 57.44
CA GLU G 169 -2.43 11.60 56.31
C GLU G 169 -2.47 13.11 56.19
N THR G 170 -2.28 13.62 54.96
CA THR G 170 -1.94 15.03 54.73
C THR G 170 -2.46 15.50 53.36
N ILE G 171 -2.54 16.84 53.15
CA ILE G 171 -3.12 17.37 51.92
C ILE G 171 -2.22 18.44 51.29
N TYR G 172 -2.24 18.53 49.94
CA TYR G 172 -1.51 19.52 49.15
C TYR G 172 -2.45 20.33 48.27
N ASP G 173 -2.17 21.64 48.16
CA ASP G 173 -2.98 22.57 47.36
C ASP G 173 -2.39 22.77 45.97
N LEU G 174 -2.27 21.68 45.22
CA LEU G 174 -1.52 21.66 43.96
C LEU G 174 -1.96 22.67 42.91
N GLY G 175 -0.98 23.18 42.15
CA GLY G 175 -1.20 24.15 41.10
C GLY G 175 -1.60 23.50 39.76
N THR G 176 -1.66 24.35 38.74
CA THR G 176 -2.26 24.06 37.44
C THR G 176 -1.59 22.90 36.71
N LYS G 177 -0.26 22.91 36.57
CA LYS G 177 0.45 21.96 35.72
C LYS G 177 0.46 20.57 36.37
N MET G 178 0.41 20.53 37.70
CA MET G 178 0.25 19.29 38.44
C MET G 178 -1.13 18.69 38.17
N ILE G 179 -2.19 19.52 38.14
CA ILE G 179 -3.52 19.04 37.83
C ILE G 179 -3.52 18.35 36.46
N GLU G 180 -2.87 18.97 35.45
CA GLU G 180 -2.76 18.36 34.13
C GLU G 180 -2.02 17.03 34.22
N SER G 181 -0.86 17.02 34.85
CA SER G 181 0.01 15.85 34.92
C SER G 181 -0.66 14.65 35.58
N LEU G 182 -1.42 14.87 36.66
CA LEU G 182 -2.13 13.79 37.33
C LEU G 182 -3.20 13.17 36.43
N THR G 183 -3.84 13.96 35.54
CA THR G 183 -4.77 13.39 34.58
C THR G 183 -4.04 12.58 33.49
N LYS G 184 -2.87 13.07 33.03
CA LYS G 184 -2.09 12.36 32.02
C LYS G 184 -1.64 11.00 32.54
N ASP G 185 -1.20 10.95 33.80
CA ASP G 185 -0.71 9.73 34.42
C ASP G 185 -1.82 8.88 35.04
N LYS G 186 -3.07 9.40 35.04
CA LYS G 186 -4.27 8.67 35.43
C LYS G 186 -4.12 8.05 36.82
N VAL G 187 -3.77 8.88 37.81
CA VAL G 187 -3.81 8.43 39.20
C VAL G 187 -5.27 8.24 39.67
N GLN G 188 -5.45 7.28 40.57
CA GLN G 188 -6.70 7.06 41.28
C GLN G 188 -6.42 6.65 42.72
N ALA G 189 -7.43 6.73 43.57
CA ALA G 189 -7.28 6.30 44.95
C ALA G 189 -6.72 4.88 45.06
N GLY G 190 -5.81 4.69 46.03
CA GLY G 190 -5.18 3.41 46.28
C GLY G 190 -3.89 3.18 45.47
N ASP G 191 -3.59 4.04 44.49
CA ASP G 191 -2.27 4.08 43.86
C ASP G 191 -1.19 4.57 44.83
N VAL G 192 0.02 3.99 44.75
CA VAL G 192 1.15 4.48 45.49
C VAL G 192 2.07 5.23 44.54
N ILE G 193 2.45 6.47 44.85
CA ILE G 193 3.16 7.32 43.93
C ILE G 193 4.31 8.04 44.61
N THR G 194 5.27 8.50 43.77
CA THR G 194 6.32 9.40 44.21
C THR G 194 6.39 10.63 43.32
N ILE G 195 6.86 11.73 43.91
CA ILE G 195 7.18 12.95 43.21
C ILE G 195 8.48 13.50 43.80
N ASP G 196 9.32 14.10 42.94
CA ASP G 196 10.45 14.92 43.37
C ASP G 196 10.05 16.39 43.18
N LYS G 197 9.98 17.20 44.24
CA LYS G 197 9.32 18.50 44.12
C LYS G 197 10.20 19.44 43.31
N ALA G 198 11.52 19.34 43.48
CA ALA G 198 12.45 20.19 42.75
C ALA G 198 12.27 20.06 41.22
N THR G 199 11.96 18.84 40.76
CA THR G 199 11.86 18.50 39.35
C THR G 199 10.40 18.54 38.85
N GLY G 200 9.46 18.19 39.73
CA GLY G 200 8.04 18.23 39.46
C GLY G 200 7.46 16.92 38.90
N LYS G 201 8.28 15.92 38.57
CA LYS G 201 7.77 14.78 37.79
C LYS G 201 7.16 13.71 38.69
N ILE G 202 5.97 13.21 38.27
CA ILE G 202 5.23 12.17 38.97
C ILE G 202 5.68 10.77 38.52
N SER G 203 5.52 9.79 39.40
CA SER G 203 5.92 8.43 39.09
C SER G 203 5.16 7.41 39.92
N LYS G 204 4.26 6.61 39.28
CA LYS G 204 3.54 5.53 39.95
C LYS G 204 4.49 4.42 40.34
N LEU G 205 4.28 3.79 41.51
CA LEU G 205 5.00 2.59 41.89
C LEU G 205 4.09 1.36 41.83
N GLY G 206 2.80 1.50 42.14
CA GLY G 206 1.86 0.39 42.06
C GLY G 206 0.52 0.70 42.73
N ARG G 207 -0.21 -0.34 43.17
CA ARG G 207 -1.42 -0.17 43.96
C ARG G 207 -1.26 -0.83 45.32
N SER G 208 -1.92 -0.26 46.33
CA SER G 208 -1.84 -0.73 47.69
C SER G 208 -2.46 -2.12 47.83
N PHE G 209 -1.85 -3.02 48.61
CA PHE G 209 -2.44 -4.33 48.88
C PHE G 209 -3.86 -4.21 49.47
N THR G 210 -4.12 -3.15 50.24
CA THR G 210 -5.42 -2.87 50.85
C THR G 210 -6.54 -2.63 49.82
N ARG G 211 -6.17 -2.49 48.54
CA ARG G 211 -7.12 -2.17 47.48
C ARG G 211 -7.18 -3.29 46.41
N ALA G 212 -6.69 -4.50 46.74
CA ALA G 212 -6.42 -5.53 45.73
C ALA G 212 -7.66 -6.26 45.25
N ARG G 213 -8.86 -5.65 45.42
CA ARG G 213 -10.13 -6.34 45.18
C ARG G 213 -11.21 -5.43 44.56
N ASP G 214 -10.92 -4.15 44.28
CA ASP G 214 -11.91 -3.27 43.66
C ASP G 214 -12.06 -3.54 42.15
N TYR G 215 -11.35 -4.56 41.63
CA TYR G 215 -11.54 -5.14 40.31
C TYR G 215 -11.37 -6.66 40.39
N ASP G 216 -11.85 -7.42 39.38
CA ASP G 216 -11.60 -8.86 39.32
C ASP G 216 -11.10 -9.33 37.95
N ALA G 217 -10.77 -8.39 37.05
CA ALA G 217 -10.00 -8.67 35.85
C ALA G 217 -9.06 -7.49 35.62
N MET G 218 -7.81 -7.63 36.04
CA MET G 218 -6.87 -6.52 36.10
C MET G 218 -6.05 -6.47 34.80
N GLY G 219 -5.63 -5.24 34.43
CA GLY G 219 -4.94 -4.93 33.19
C GLY G 219 -3.63 -5.71 33.02
N SER G 220 -3.02 -5.60 31.83
CA SER G 220 -1.92 -6.47 31.42
C SER G 220 -0.74 -6.42 32.40
N GLN G 221 -0.52 -5.22 32.98
CA GLN G 221 0.45 -5.05 34.06
C GLN G 221 -0.04 -3.98 35.06
N THR G 222 -0.43 -4.46 36.25
CA THR G 222 -0.50 -3.68 37.48
C THR G 222 0.11 -4.50 38.62
N LYS G 223 0.68 -3.80 39.61
CA LYS G 223 1.58 -4.44 40.57
C LYS G 223 1.26 -3.97 41.98
N PHE G 224 1.25 -4.92 42.94
CA PHE G 224 0.83 -4.58 44.29
C PHE G 224 2.03 -4.37 45.21
N VAL G 225 1.93 -3.33 46.06
CA VAL G 225 3.02 -2.84 46.90
C VAL G 225 2.47 -2.52 48.28
N GLN G 226 3.35 -2.55 49.32
CA GLN G 226 2.92 -2.12 50.64
C GLN G 226 2.88 -0.58 50.70
N CYS G 227 2.01 -0.04 51.56
CA CYS G 227 1.89 1.39 51.77
C CYS G 227 3.14 1.92 52.47
N PRO G 228 3.74 3.05 52.01
CA PRO G 228 4.93 3.62 52.64
C PRO G 228 4.77 3.96 54.11
N ASP G 229 5.92 4.09 54.79
CA ASP G 229 5.95 4.47 56.21
C ASP G 229 6.93 5.62 56.46
N GLY G 230 6.89 6.13 57.71
CA GLY G 230 7.70 7.25 58.13
C GLY G 230 7.16 8.58 57.59
N GLU G 231 8.08 9.57 57.57
CA GLU G 231 7.78 10.92 57.14
C GLU G 231 7.39 10.98 55.66
N LEU G 232 6.43 11.84 55.32
CA LEU G 232 5.84 11.85 54.00
C LEU G 232 6.78 12.54 53.00
N GLN G 233 7.53 13.58 53.40
CA GLN G 233 8.40 14.32 52.48
C GLN G 233 9.86 14.32 52.91
N LYS G 234 10.53 13.15 52.89
CA LYS G 234 11.90 12.99 53.41
C LYS G 234 12.90 13.88 52.67
N ARG G 235 13.76 14.63 53.40
CA ARG G 235 14.77 15.52 52.79
C ARG G 235 16.17 15.15 53.29
N LYS G 236 17.15 14.89 52.39
CA LYS G 236 18.48 14.46 52.81
C LYS G 236 19.53 14.57 51.69
N GLU G 237 20.81 14.54 52.07
CA GLU G 237 21.93 14.16 51.21
C GLU G 237 21.81 12.69 50.81
N VAL G 238 22.22 12.35 49.58
CA VAL G 238 22.59 10.97 49.24
C VAL G 238 23.94 10.96 48.52
N VAL G 239 24.69 9.87 48.71
CA VAL G 239 25.97 9.73 48.04
C VAL G 239 25.90 8.63 46.97
N HIS G 240 26.31 8.99 45.75
CA HIS G 240 26.27 8.08 44.62
C HIS G 240 27.69 7.82 44.15
N THR G 241 28.02 6.55 43.86
CA THR G 241 29.29 6.20 43.23
C THR G 241 28.98 5.68 41.83
N VAL G 242 29.69 6.20 40.82
CA VAL G 242 29.40 5.89 39.41
C VAL G 242 30.73 5.63 38.69
N SER G 243 30.81 4.56 37.87
CA SER G 243 32.09 4.23 37.25
C SER G 243 32.36 5.18 36.10
N LEU G 244 33.65 5.51 35.89
CA LEU G 244 34.02 6.55 34.94
C LEU G 244 33.58 6.20 33.51
N HIS G 245 33.58 4.90 33.19
CA HIS G 245 33.02 4.36 31.96
C HIS G 245 31.58 4.81 31.65
N GLU G 246 30.71 4.86 32.62
CA GLU G 246 29.33 5.22 32.36
C GLU G 246 29.19 6.68 31.93
N ILE G 247 30.02 7.56 32.48
CA ILE G 247 30.01 8.94 32.06
C ILE G 247 30.42 9.06 30.59
N ASP G 248 31.39 8.23 30.16
CA ASP G 248 31.80 8.18 28.77
C ASP G 248 30.62 7.69 27.93
N VAL G 249 29.88 6.65 28.34
CA VAL G 249 28.84 6.05 27.50
C VAL G 249 27.63 6.98 27.37
N ILE G 250 27.21 7.61 28.45
CA ILE G 250 26.05 8.50 28.43
C ILE G 250 26.30 9.63 27.45
N ASN G 251 27.56 10.04 27.26
CA ASN G 251 27.90 11.12 26.36
C ASN G 251 28.20 10.67 24.92
N SER G 252 28.11 9.38 24.63
CA SER G 252 28.38 8.87 23.28
C SER G 252 27.34 9.25 22.22
N ARG G 253 26.04 9.34 22.60
CA ARG G 253 24.95 9.57 21.67
C ARG G 253 23.68 9.99 22.43
N THR G 254 22.61 10.38 21.71
CA THR G 254 21.53 11.18 22.28
C THR G 254 20.73 10.43 23.35
N GLN G 255 20.63 9.11 23.25
CA GLN G 255 20.06 8.32 24.36
C GLN G 255 20.98 7.16 24.70
N GLY G 256 22.24 7.49 24.93
CA GLY G 256 23.29 6.48 25.06
C GLY G 256 23.15 5.55 26.26
N PHE G 257 22.45 5.94 27.33
CA PHE G 257 22.41 5.14 28.55
C PHE G 257 21.86 3.76 28.27
N LEU G 258 21.00 3.60 27.27
CA LEU G 258 20.44 2.29 26.94
C LEU G 258 21.55 1.27 26.65
N ALA G 259 22.67 1.79 26.12
CA ALA G 259 23.79 0.95 25.75
C ALA G 259 24.53 0.44 26.97
N LEU G 260 24.25 0.97 28.16
CA LEU G 260 24.85 0.43 29.38
C LEU G 260 24.41 -1.02 29.58
N PHE G 261 23.15 -1.32 29.26
CA PHE G 261 22.57 -2.64 29.44
C PHE G 261 22.72 -3.48 28.17
N SER G 262 22.50 -2.84 27.01
CA SER G 262 22.50 -3.52 25.71
C SER G 262 23.88 -4.01 25.29
N GLY G 263 24.95 -3.41 25.82
CA GLY G 263 26.31 -3.66 25.37
C GLY G 263 26.68 -3.02 24.01
N ASP G 264 25.65 -2.61 23.27
CA ASP G 264 25.70 -2.05 21.94
C ASP G 264 26.30 -0.63 21.91
N THR G 265 27.60 -0.45 22.19
CA THR G 265 28.24 0.86 22.06
C THR G 265 29.56 0.81 21.27
N GLY G 266 29.69 1.69 20.29
CA GLY G 266 30.61 1.36 19.22
C GLY G 266 31.74 2.37 19.17
N GLU G 267 32.89 1.99 19.75
CA GLU G 267 34.10 2.81 19.68
C GLU G 267 33.80 4.27 20.02
N ILE G 268 33.73 4.60 21.33
CA ILE G 268 33.51 5.94 21.83
C ILE G 268 34.56 6.90 21.24
N LYS G 269 34.15 8.07 20.72
CA LYS G 269 35.11 8.95 20.07
C LYS G 269 36.11 9.49 21.10
N SER G 270 37.37 9.65 20.69
CA SER G 270 38.44 9.97 21.64
C SER G 270 38.22 11.32 22.31
N GLU G 271 37.63 12.29 21.60
CA GLU G 271 37.45 13.61 22.19
C GLU G 271 36.41 13.61 23.33
N VAL G 272 35.52 12.62 23.36
CA VAL G 272 34.63 12.46 24.50
C VAL G 272 35.40 12.00 25.73
N ARG G 273 36.23 10.96 25.66
CA ARG G 273 36.91 10.53 26.87
C ARG G 273 37.85 11.61 27.42
N GLU G 274 38.48 12.38 26.52
CA GLU G 274 39.31 13.49 26.93
C GLU G 274 38.47 14.52 27.70
N GLN G 275 37.29 14.87 27.16
CA GLN G 275 36.40 15.83 27.80
C GLN G 275 35.97 15.36 29.20
N ILE G 276 35.65 14.10 29.36
CA ILE G 276 35.27 13.61 30.66
C ILE G 276 36.44 13.74 31.62
N ASN G 277 37.67 13.42 31.20
CA ASN G 277 38.80 13.50 32.12
C ASN G 277 38.97 14.93 32.62
N ALA G 278 38.79 15.90 31.71
CA ALA G 278 38.91 17.30 32.07
C ALA G 278 37.87 17.67 33.12
N LYS G 279 36.64 17.24 32.93
CA LYS G 279 35.55 17.56 33.83
C LYS G 279 35.72 16.90 35.19
N VAL G 280 36.11 15.63 35.26
CA VAL G 280 36.33 14.98 36.54
C VAL G 280 37.49 15.64 37.29
N ALA G 281 38.55 16.04 36.59
CA ALA G 281 39.65 16.75 37.24
C ALA G 281 39.17 18.08 37.82
N GLU G 282 38.32 18.81 37.11
CA GLU G 282 37.74 20.06 37.60
C GLU G 282 36.91 19.82 38.87
N TRP G 283 36.06 18.80 38.89
CA TRP G 283 35.25 18.54 40.06
C TRP G 283 36.13 18.16 41.27
N ARG G 284 37.23 17.43 41.16
CA ARG G 284 38.00 17.17 42.36
C ARG G 284 38.76 18.39 42.87
N GLU G 285 39.07 19.37 42.01
CA GLU G 285 39.69 20.62 42.43
C GLU G 285 38.64 21.49 43.15
N GLU G 286 37.40 21.53 42.62
CA GLU G 286 36.28 22.21 43.26
C GLU G 286 35.87 21.54 44.57
N GLY G 287 36.16 20.25 44.72
CA GLY G 287 35.67 19.47 45.84
C GLY G 287 34.25 18.92 45.64
N LYS G 288 33.67 19.10 44.45
CA LYS G 288 32.35 18.57 44.11
C LYS G 288 32.29 17.04 44.04
N ALA G 289 33.46 16.41 43.80
CA ALA G 289 33.57 14.97 43.62
C ALA G 289 34.91 14.48 44.11
N GLU G 290 35.02 13.15 44.23
CA GLU G 290 36.31 12.55 44.51
C GLU G 290 36.47 11.29 43.66
N ILE G 291 37.74 10.95 43.37
CA ILE G 291 38.07 9.83 42.51
C ILE G 291 38.50 8.66 43.40
N ILE G 292 37.91 7.49 43.15
CA ILE G 292 38.25 6.27 43.83
C ILE G 292 38.97 5.39 42.81
N PRO G 293 40.28 5.16 42.91
CA PRO G 293 40.93 4.15 42.10
C PRO G 293 40.57 2.72 42.52
N GLY G 294 40.22 1.89 41.54
CA GLY G 294 40.01 0.46 41.73
C GLY G 294 41.08 -0.40 41.07
N VAL G 295 40.74 -1.65 40.76
CA VAL G 295 41.63 -2.67 40.20
C VAL G 295 41.06 -3.22 38.90
N LEU G 296 41.90 -3.63 37.96
CA LEU G 296 41.48 -4.51 36.87
C LEU G 296 42.27 -5.82 36.97
N PHE G 297 41.59 -6.95 37.04
CA PHE G 297 42.22 -8.26 37.03
C PHE G 297 42.00 -8.92 35.69
N ILE G 298 43.05 -9.32 34.98
CA ILE G 298 42.94 -10.15 33.79
C ILE G 298 43.53 -11.52 34.10
N ASP G 299 42.65 -12.51 34.25
CA ASP G 299 43.11 -13.87 34.40
C ASP G 299 43.45 -14.45 33.02
N GLU G 300 44.36 -15.45 32.99
CA GLU G 300 44.84 -16.07 31.76
C GLU G 300 45.39 -15.03 30.78
N VAL G 301 46.22 -14.08 31.26
CA VAL G 301 46.65 -12.96 30.44
C VAL G 301 47.54 -13.40 29.30
N HIS G 302 48.09 -14.62 29.36
CA HIS G 302 49.00 -15.11 28.35
C HIS G 302 48.39 -15.20 26.97
N MET G 303 47.08 -14.96 26.84
CA MET G 303 46.47 -14.96 25.54
C MET G 303 45.90 -13.63 25.07
N LEU G 304 46.33 -12.57 25.68
CA LEU G 304 46.34 -11.29 24.99
C LEU G 304 47.28 -11.40 23.79
N ASP G 305 47.03 -10.57 22.76
CA ASP G 305 47.76 -10.58 21.50
C ASP G 305 48.88 -9.53 21.50
N ILE G 306 49.88 -9.63 20.64
CA ILE G 306 50.97 -8.64 20.56
C ILE G 306 50.51 -7.18 20.33
N GLU G 307 49.48 -6.91 19.51
CA GLU G 307 49.01 -5.54 19.42
C GLU G 307 48.40 -5.07 20.74
N SER G 308 47.67 -5.96 21.44
CA SER G 308 47.06 -5.59 22.71
C SER G 308 48.12 -5.36 23.81
N PHE G 309 49.17 -6.17 23.87
CA PHE G 309 50.26 -5.89 24.78
C PHE G 309 50.85 -4.51 24.48
N SER G 310 51.12 -4.17 23.22
CA SER G 310 51.70 -2.86 22.92
C SER G 310 50.78 -1.69 23.30
N PHE G 311 49.48 -1.91 23.46
CA PHE G 311 48.58 -0.87 23.94
C PHE G 311 48.74 -0.70 25.46
N LEU G 312 48.85 -1.79 26.21
CA LEU G 312 49.07 -1.71 27.65
C LEU G 312 50.32 -0.88 28.01
N ASN G 313 51.33 -0.88 27.14
CA ASN G 313 52.51 -0.03 27.31
C ASN G 313 52.20 1.47 27.44
N ARG G 314 51.07 1.97 26.95
CA ARG G 314 50.70 3.36 27.15
C ARG G 314 49.42 3.55 27.98
N ALA G 315 48.59 2.51 28.12
CA ALA G 315 47.48 2.57 29.05
C ALA G 315 48.00 2.73 30.49
N LEU G 316 49.13 2.09 30.84
CA LEU G 316 49.63 2.11 32.21
C LEU G 316 50.40 3.42 32.50
N GLU G 317 50.09 4.51 31.77
CA GLU G 317 50.82 5.75 31.94
C GLU G 317 49.91 6.96 32.13
N SER G 318 48.59 6.79 32.20
CA SER G 318 47.73 7.94 32.38
C SER G 318 47.69 8.38 33.85
N ASP G 319 47.42 9.68 34.05
CA ASP G 319 47.08 10.29 35.32
C ASP G 319 45.95 9.54 36.06
N MET G 320 45.08 8.83 35.32
CA MET G 320 44.07 8.00 35.96
C MET G 320 43.91 6.67 35.25
N ALA G 321 44.54 5.66 35.84
CA ALA G 321 44.49 4.27 35.44
C ALA G 321 44.33 3.40 36.69
N PRO G 322 43.80 2.19 36.61
CA PRO G 322 43.69 1.33 37.76
C PRO G 322 45.04 0.80 38.13
N VAL G 323 45.14 -0.01 39.19
CA VAL G 323 46.21 -1.00 39.24
C VAL G 323 45.79 -2.23 38.42
N LEU G 324 46.72 -2.86 37.67
CA LEU G 324 46.47 -4.13 36.99
C LEU G 324 47.03 -5.28 37.77
N ILE G 325 46.23 -6.33 37.92
CA ILE G 325 46.75 -7.61 38.33
C ILE G 325 46.54 -8.59 37.19
N MET G 326 47.54 -9.36 36.85
CA MET G 326 47.45 -10.32 35.76
C MET G 326 48.00 -11.66 36.23
N ALA G 327 47.42 -12.74 35.73
CA ALA G 327 47.87 -14.04 36.20
C ALA G 327 48.21 -14.85 34.97
N THR G 328 49.22 -15.73 35.09
CA THR G 328 49.57 -16.56 33.95
C THR G 328 50.31 -17.81 34.39
N ASN G 329 50.17 -18.83 33.55
CA ASN G 329 50.56 -20.19 33.86
C ASN G 329 51.71 -20.71 32.98
N ARG G 330 52.15 -19.89 31.99
CA ARG G 330 53.01 -20.29 30.89
C ARG G 330 54.49 -20.19 31.25
N GLY G 331 55.27 -21.09 30.67
CA GLY G 331 56.73 -21.05 30.71
C GLY G 331 57.27 -20.00 29.73
N ILE G 332 58.52 -20.18 29.29
CA ILE G 332 58.99 -19.48 28.12
C ILE G 332 58.24 -20.05 26.93
N THR G 333 57.54 -19.21 26.15
CA THR G 333 56.63 -19.68 25.10
C THR G 333 56.36 -18.55 24.10
N ARG G 334 55.78 -18.92 22.93
CA ARG G 334 55.58 -17.99 21.83
C ARG G 334 54.46 -16.99 22.11
N ILE G 335 54.76 -15.72 21.92
CA ILE G 335 53.80 -14.64 22.03
C ILE G 335 52.80 -14.75 20.88
N ARG G 336 51.49 -14.72 21.21
CA ARG G 336 50.41 -14.76 20.22
C ARG G 336 50.52 -13.61 19.23
N GLY G 337 50.26 -13.90 17.95
CA GLY G 337 50.43 -12.93 16.87
C GLY G 337 51.86 -12.78 16.33
N THR G 338 52.80 -13.62 16.80
CA THR G 338 54.20 -13.58 16.38
C THR G 338 54.84 -14.97 16.34
N SER G 339 56.12 -14.98 15.91
CA SER G 339 57.01 -16.14 15.98
C SER G 339 57.83 -16.18 17.29
N TYR G 340 57.90 -15.04 18.02
CA TYR G 340 58.91 -14.83 19.04
C TYR G 340 58.63 -15.58 20.35
N GLN G 341 59.64 -16.28 20.88
CA GLN G 341 59.57 -16.81 22.24
C GLN G 341 59.84 -15.70 23.28
N SER G 342 59.20 -15.79 24.47
CA SER G 342 59.53 -14.89 25.58
C SER G 342 59.09 -15.48 26.92
N PRO G 343 59.51 -14.95 28.10
CA PRO G 343 59.05 -15.45 29.39
C PRO G 343 57.54 -15.22 29.52
N HIS G 344 56.84 -16.18 30.12
CA HIS G 344 55.40 -16.09 30.36
C HIS G 344 54.55 -15.89 29.10
N GLY G 345 55.13 -15.88 27.92
CA GLY G 345 54.36 -15.54 26.74
C GLY G 345 54.01 -14.05 26.70
N ILE G 346 54.80 -13.19 27.40
CA ILE G 346 54.57 -11.76 27.43
C ILE G 346 55.80 -11.01 26.86
N PRO G 347 55.64 -9.94 26.06
CA PRO G 347 56.79 -9.15 25.62
C PRO G 347 57.62 -8.48 26.72
N ILE G 348 58.93 -8.42 26.52
CA ILE G 348 59.88 -7.82 27.46
C ILE G 348 59.63 -6.33 27.69
N ASP G 349 59.15 -5.59 26.70
CA ASP G 349 58.83 -4.18 26.89
C ASP G 349 57.63 -3.90 27.82
N LEU G 350 56.89 -4.96 28.21
CA LEU G 350 55.86 -4.86 29.23
C LEU G 350 56.36 -5.48 30.53
N LEU G 351 57.08 -6.61 30.46
CA LEU G 351 57.54 -7.29 31.65
C LEU G 351 58.41 -6.41 32.55
N ASP G 352 59.02 -5.32 32.03
CA ASP G 352 59.81 -4.46 32.90
C ASP G 352 59.01 -3.26 33.45
N ARG G 353 57.78 -3.05 32.98
CA ARG G 353 56.84 -2.13 33.61
C ARG G 353 56.06 -2.83 34.74
N LEU G 354 56.03 -4.16 34.74
CA LEU G 354 55.39 -4.98 35.75
C LEU G 354 56.25 -5.18 36.98
N LEU G 355 55.76 -6.02 37.90
CA LEU G 355 56.47 -6.44 39.12
C LEU G 355 55.96 -7.84 39.52
N ILE G 356 56.82 -8.85 39.61
CA ILE G 356 56.37 -10.23 39.44
C ILE G 356 56.34 -10.96 40.78
N VAL G 357 55.21 -11.59 41.12
CA VAL G 357 55.08 -12.40 42.34
C VAL G 357 54.98 -13.87 41.95
N SER G 358 55.77 -14.74 42.58
CA SER G 358 55.83 -16.13 42.17
C SER G 358 55.27 -17.05 43.25
N THR G 359 54.35 -17.93 42.90
CA THR G 359 53.91 -18.98 43.80
C THR G 359 54.93 -20.11 43.89
N THR G 360 54.70 -21.05 44.81
CA THR G 360 55.52 -22.23 45.02
C THR G 360 54.60 -23.44 45.17
N PRO G 361 54.95 -24.63 44.66
CA PRO G 361 54.15 -25.84 44.88
C PRO G 361 53.97 -26.19 46.34
N TYR G 362 52.88 -26.90 46.64
CA TYR G 362 52.54 -27.21 48.02
C TYR G 362 53.16 -28.54 48.49
N SER G 363 53.36 -28.58 49.83
CA SER G 363 53.76 -29.75 50.59
C SER G 363 52.56 -30.66 50.92
N GLU G 364 52.84 -31.85 51.47
CA GLU G 364 51.81 -32.70 52.04
C GLU G 364 51.04 -31.98 53.16
N LYS G 365 51.75 -31.25 54.02
CA LYS G 365 51.18 -30.51 55.13
C LYS G 365 50.11 -29.54 54.67
N ASP G 366 50.40 -28.78 53.60
CA ASP G 366 49.47 -27.82 53.05
C ASP G 366 48.30 -28.53 52.34
N THR G 367 48.59 -29.62 51.65
CA THR G 367 47.57 -30.38 50.95
C THR G 367 46.54 -30.95 51.92
N LYS G 368 46.90 -31.45 53.11
CA LYS G 368 45.91 -31.82 54.11
C LYS G 368 45.02 -30.63 54.47
N GLN G 369 45.62 -29.48 54.80
CA GLN G 369 44.89 -28.35 55.35
C GLN G 369 43.90 -27.80 54.35
N ILE G 370 44.30 -27.71 53.08
CA ILE G 370 43.38 -27.20 52.08
C ILE G 370 42.22 -28.16 51.81
N LEU G 371 42.43 -29.47 51.87
CA LEU G 371 41.33 -30.41 51.79
C LEU G 371 40.40 -30.27 52.99
N ARG G 372 40.93 -30.03 54.19
CA ARG G 372 40.11 -29.81 55.37
C ARG G 372 39.19 -28.61 55.17
N ILE G 373 39.71 -27.53 54.62
CA ILE G 373 38.90 -26.36 54.42
C ILE G 373 37.81 -26.63 53.40
N ARG G 374 38.07 -27.42 52.38
CA ARG G 374 37.02 -27.77 51.41
C ARG G 374 35.92 -28.64 52.02
N CYS G 375 36.26 -29.61 52.87
CA CYS G 375 35.23 -30.40 53.51
C CYS G 375 34.41 -29.57 54.49
N GLU G 376 34.99 -28.57 55.16
CA GLU G 376 34.23 -27.66 56.01
C GLU G 376 33.26 -26.80 55.18
N GLU G 377 33.68 -26.36 53.98
CA GLU G 377 32.86 -25.54 53.10
C GLU G 377 31.74 -26.35 52.45
N GLU G 378 32.04 -27.57 51.95
CA GLU G 378 31.03 -28.41 51.34
C GLU G 378 30.19 -29.23 52.33
N ASP G 379 30.46 -29.08 53.63
CA ASP G 379 29.74 -29.72 54.71
C ASP G 379 29.82 -31.25 54.66
N VAL G 380 31.05 -31.77 54.81
CA VAL G 380 31.35 -33.20 54.72
C VAL G 380 32.22 -33.63 55.91
N GLU G 381 31.97 -34.83 56.43
CA GLU G 381 32.84 -35.45 57.43
C GLU G 381 33.66 -36.57 56.78
N MET G 382 34.96 -36.64 57.12
CA MET G 382 35.82 -37.72 56.65
C MET G 382 36.64 -38.34 57.79
N SER G 383 36.88 -39.65 57.68
CA SER G 383 37.84 -40.37 58.50
C SER G 383 39.26 -39.82 58.33
N GLU G 384 40.09 -39.88 59.38
CA GLU G 384 41.48 -39.46 59.25
C GLU G 384 42.27 -40.31 58.25
N ASP G 385 41.89 -41.59 58.16
CA ASP G 385 42.45 -42.49 57.15
C ASP G 385 42.06 -42.01 55.75
N ALA G 386 40.80 -41.62 55.59
CA ALA G 386 40.32 -41.14 54.30
C ALA G 386 41.04 -39.85 53.91
N TYR G 387 41.22 -38.87 54.83
CA TYR G 387 42.01 -37.70 54.51
C TYR G 387 43.45 -38.07 54.11
N THR G 388 44.03 -39.08 54.76
CA THR G 388 45.40 -39.49 54.46
C THR G 388 45.47 -40.05 53.04
N VAL G 389 44.59 -41.01 52.69
CA VAL G 389 44.54 -41.61 51.36
C VAL G 389 44.28 -40.54 50.29
N LEU G 390 43.33 -39.66 50.53
CA LEU G 390 43.01 -38.59 49.61
C LEU G 390 44.22 -37.68 49.44
N THR G 391 44.97 -37.41 50.51
CA THR G 391 46.15 -36.56 50.39
C THR G 391 47.19 -37.17 49.44
N ARG G 392 47.44 -38.48 49.53
CA ARG G 392 48.32 -39.13 48.59
C ARG G 392 47.84 -38.97 47.15
N ILE G 393 46.57 -39.26 46.91
CA ILE G 393 46.01 -39.13 45.56
C ILE G 393 46.19 -37.69 45.06
N GLY G 394 45.98 -36.70 45.93
CA GLY G 394 46.15 -35.30 45.58
C GLY G 394 47.60 -34.84 45.50
N LEU G 395 48.56 -35.76 45.56
CA LEU G 395 49.98 -35.43 45.46
C LEU G 395 50.68 -36.27 44.39
N GLU G 396 50.22 -37.51 44.18
CA GLU G 396 50.52 -38.33 43.00
C GLU G 396 49.89 -37.74 41.73
N THR G 397 48.73 -37.05 41.87
CA THR G 397 48.00 -36.39 40.77
C THR G 397 47.55 -35.01 41.25
N SER G 398 46.97 -34.20 40.37
CA SER G 398 46.77 -32.77 40.69
C SER G 398 45.94 -32.52 41.95
N LEU G 399 46.21 -31.42 42.69
CA LEU G 399 45.39 -30.96 43.81
C LEU G 399 43.91 -30.89 43.42
N ARG G 400 43.64 -30.32 42.23
CA ARG G 400 42.30 -30.04 41.77
C ARG G 400 41.47 -31.33 41.59
N TYR G 401 42.09 -32.45 41.29
CA TYR G 401 41.44 -33.75 41.25
C TYR G 401 41.02 -34.20 42.64
N ALA G 402 41.90 -34.13 43.61
CA ALA G 402 41.52 -34.51 44.96
C ALA G 402 40.37 -33.62 45.46
N ILE G 403 40.37 -32.32 45.19
CA ILE G 403 39.28 -31.46 45.59
C ILE G 403 37.98 -31.93 44.94
N GLN G 404 38.02 -32.44 43.71
CA GLN G 404 36.82 -32.90 43.00
C GLN G 404 36.33 -34.27 43.48
N LEU G 405 37.16 -35.08 44.12
CA LEU G 405 36.72 -36.38 44.61
C LEU G 405 35.79 -36.23 45.83
N ILE G 406 35.87 -35.18 46.63
CA ILE G 406 35.22 -35.21 47.93
C ILE G 406 33.71 -35.12 47.76
N THR G 407 33.21 -34.34 46.80
CA THR G 407 31.77 -34.27 46.62
C THR G 407 31.24 -35.64 46.19
N ALA G 408 31.88 -36.23 45.18
CA ALA G 408 31.52 -37.55 44.71
C ALA G 408 31.60 -38.59 45.82
N ALA G 409 32.62 -38.52 46.68
CA ALA G 409 32.74 -39.44 47.81
C ALA G 409 31.54 -39.30 48.76
N SER G 410 31.11 -38.07 49.02
CA SER G 410 29.93 -37.83 49.83
C SER G 410 28.67 -38.44 49.19
N LEU G 411 28.50 -38.30 47.88
CA LEU G 411 27.31 -38.79 47.19
C LEU G 411 27.25 -40.31 47.19
N VAL G 412 28.40 -40.96 47.04
CA VAL G 412 28.48 -42.41 47.22
C VAL G 412 28.12 -42.80 48.66
N CYS G 413 28.63 -42.04 49.63
CA CYS G 413 28.35 -42.31 51.03
C CYS G 413 26.86 -42.23 51.37
N ARG G 414 26.15 -41.20 50.87
CA ARG G 414 24.73 -41.08 51.13
C ARG G 414 23.95 -42.27 50.56
N LYS G 415 24.26 -42.67 49.33
CA LYS G 415 23.61 -43.83 48.68
C LYS G 415 23.85 -45.11 49.50
N ARG G 416 25.04 -45.24 50.10
CA ARG G 416 25.41 -46.36 50.96
C ARG G 416 24.73 -46.32 52.34
N LYS G 417 23.99 -45.24 52.66
CA LYS G 417 23.36 -44.99 53.95
C LYS G 417 24.40 -44.84 55.06
N GLY G 418 25.57 -44.29 54.73
CA GLY G 418 26.56 -43.92 55.74
C GLY G 418 26.33 -42.51 56.28
N THR G 419 27.39 -41.90 56.85
CA THR G 419 27.38 -40.48 57.25
C THR G 419 28.77 -39.85 57.13
N GLU G 420 29.83 -40.58 57.55
CA GLU G 420 31.21 -40.14 57.42
C GLU G 420 31.91 -40.91 56.31
N VAL G 421 32.61 -40.21 55.42
CA VAL G 421 33.28 -40.82 54.27
C VAL G 421 34.42 -41.69 54.75
N GLN G 422 34.43 -42.95 54.30
CA GLN G 422 35.49 -43.90 54.64
C GLN G 422 36.48 -44.07 53.47
N VAL G 423 37.58 -44.81 53.70
CA VAL G 423 38.56 -45.12 52.68
C VAL G 423 37.91 -45.80 51.46
N ASP G 424 36.95 -46.72 51.69
CA ASP G 424 36.28 -47.45 50.61
C ASP G 424 35.45 -46.55 49.70
N ASP G 425 34.90 -45.46 50.22
CA ASP G 425 34.20 -44.45 49.44
C ASP G 425 35.17 -43.70 48.53
N ILE G 426 36.39 -43.44 49.02
CA ILE G 426 37.42 -42.85 48.18
C ILE G 426 37.79 -43.82 47.06
N LYS G 427 38.08 -45.07 47.41
CA LYS G 427 38.48 -46.04 46.40
C LYS G 427 37.40 -46.36 45.36
N ARG G 428 36.11 -46.31 45.72
CA ARG G 428 35.04 -46.46 44.72
C ARG G 428 35.08 -45.28 43.72
N VAL G 429 35.09 -44.05 44.20
CA VAL G 429 35.13 -42.90 43.31
C VAL G 429 36.41 -42.89 42.47
N TYR G 430 37.55 -43.22 43.07
CA TYR G 430 38.81 -43.31 42.36
C TYR G 430 38.77 -44.36 41.24
N SER G 431 37.90 -45.36 41.35
CA SER G 431 37.73 -46.36 40.29
C SER G 431 36.81 -45.85 39.16
N LEU G 432 35.85 -44.99 39.47
CA LEU G 432 34.86 -44.52 38.51
C LEU G 432 35.38 -43.37 37.68
N PHE G 433 36.00 -42.36 38.32
CA PHE G 433 36.41 -41.16 37.63
C PHE G 433 37.94 -41.11 37.49
N LEU G 434 38.41 -41.00 36.25
CA LEU G 434 39.84 -40.96 35.95
C LEU G 434 40.34 -39.52 36.03
N ASP G 435 41.65 -39.39 36.34
CA ASP G 435 42.39 -38.15 36.04
C ASP G 435 43.00 -38.14 34.63
N GLU G 436 43.72 -37.08 34.25
CA GLU G 436 44.32 -37.02 32.92
C GLU G 436 45.32 -38.18 32.70
N SER G 437 46.19 -38.44 33.66
CA SER G 437 47.29 -39.38 33.47
C SER G 437 46.82 -40.83 33.27
N ARG G 438 45.80 -41.30 34.00
CA ARG G 438 45.22 -42.63 33.79
C ARG G 438 44.48 -42.65 32.44
N SER G 439 43.75 -41.58 32.12
CA SER G 439 42.93 -41.53 30.92
C SER G 439 43.80 -41.66 29.68
N THR G 440 44.82 -40.80 29.59
CA THR G 440 45.63 -40.71 28.39
C THR G 440 46.39 -42.00 28.18
N GLN G 441 46.74 -42.73 29.26
CA GLN G 441 47.32 -44.06 29.14
C GLN G 441 46.33 -45.02 28.49
N TYR G 442 45.08 -45.11 28.94
CA TYR G 442 44.09 -45.97 28.31
C TYR G 442 43.83 -45.60 26.84
N MET G 443 43.93 -44.32 26.50
CA MET G 443 43.73 -43.88 25.12
C MET G 443 44.82 -44.42 24.18
N LYS G 444 46.02 -44.69 24.69
CA LYS G 444 47.09 -45.29 23.90
C LYS G 444 46.90 -46.80 23.65
N GLU G 445 46.21 -47.52 24.53
CA GLU G 445 46.03 -48.95 24.41
C GLU G 445 45.01 -49.32 23.32
N TYR G 446 44.25 -48.34 22.82
CA TYR G 446 43.25 -48.57 21.78
C TYR G 446 43.34 -47.48 20.70
N GLN G 447 44.52 -46.90 20.46
CA GLN G 447 44.56 -45.56 19.88
C GLN G 447 43.92 -45.49 18.49
N ASP G 448 44.15 -46.54 17.69
CA ASP G 448 43.67 -46.56 16.32
C ASP G 448 42.14 -46.58 16.19
N ALA G 449 41.41 -46.76 17.32
CA ALA G 449 39.95 -46.68 17.33
C ALA G 449 39.44 -45.24 17.44
N PHE G 450 40.23 -44.35 18.05
CA PHE G 450 39.92 -42.93 18.13
C PHE G 450 40.16 -42.22 16.79
N LEU G 451 39.58 -41.04 16.62
CA LEU G 451 39.86 -40.27 15.43
C LEU G 451 41.17 -39.49 15.56
N PHE G 452 41.83 -39.27 14.41
CA PHE G 452 42.84 -38.24 14.14
C PHE G 452 44.03 -38.28 15.09
N ASN G 453 45.06 -39.07 14.74
CA ASN G 453 46.24 -39.36 15.54
C ASN G 453 45.86 -40.20 16.79
N LEU H 518 2.66 59.67 -59.00
CA LEU H 518 3.03 58.43 -59.74
C LEU H 518 4.51 58.51 -60.16
N LYS H 519 5.19 57.35 -60.20
CA LYS H 519 6.59 57.28 -60.64
C LYS H 519 6.68 57.13 -62.16
N GLY H 520 7.88 57.41 -62.72
CA GLY H 520 8.08 57.50 -64.17
C GLY H 520 7.71 56.22 -64.92
N TYR H 521 8.16 55.07 -64.41
CA TYR H 521 7.86 53.77 -64.99
C TYR H 521 6.36 53.45 -64.89
N GLN H 522 5.69 53.92 -63.83
CA GLN H 522 4.25 53.79 -63.67
C GLN H 522 3.54 54.60 -64.76
N LEU H 523 3.94 55.87 -64.96
CA LEU H 523 3.37 56.74 -65.99
C LEU H 523 3.57 56.20 -67.41
N LYS H 524 4.76 55.63 -67.70
CA LYS H 524 4.99 54.94 -68.97
C LYS H 524 4.09 53.71 -69.10
N GLY H 525 3.89 52.98 -68.00
CA GLY H 525 2.87 51.94 -67.91
C GLY H 525 1.48 52.46 -68.27
N MET H 526 1.08 53.63 -67.75
CA MET H 526 -0.24 54.20 -68.04
C MET H 526 -0.41 54.51 -69.51
N ASN H 527 0.59 55.14 -70.13
CA ASN H 527 0.56 55.45 -71.56
C ASN H 527 0.48 54.16 -72.38
N TRP H 528 1.22 53.12 -71.98
CA TRP H 528 1.19 51.82 -72.65
C TRP H 528 -0.19 51.15 -72.53
N LEU H 529 -0.73 51.09 -71.31
CA LEU H 529 -2.07 50.56 -71.07
C LEU H 529 -3.14 51.35 -71.84
N ALA H 530 -3.02 52.70 -71.90
CA ALA H 530 -3.94 53.55 -72.63
C ALA H 530 -3.89 53.27 -74.14
N ASN H 531 -2.69 53.01 -74.69
CA ASN H 531 -2.54 52.57 -76.07
C ASN H 531 -3.28 51.23 -76.28
N LEU H 532 -3.05 50.24 -75.41
CA LEU H 532 -3.72 48.95 -75.48
C LEU H 532 -5.25 49.09 -75.34
N TYR H 533 -5.70 50.03 -74.49
CA TYR H 533 -7.12 50.31 -74.26
C TYR H 533 -7.80 50.82 -75.53
N GLU H 534 -7.20 51.79 -76.23
CA GLU H 534 -7.71 52.26 -77.51
C GLU H 534 -7.65 51.18 -78.59
N GLN H 535 -6.60 50.36 -78.57
CA GLN H 535 -6.38 49.28 -79.54
C GLN H 535 -7.23 48.04 -79.27
N GLY H 536 -7.85 47.94 -78.08
CA GLY H 536 -8.67 46.80 -77.70
C GLY H 536 -7.85 45.54 -77.45
N ILE H 537 -6.66 45.70 -76.84
CA ILE H 537 -5.68 44.63 -76.67
C ILE H 537 -5.53 44.27 -75.18
N ASN H 538 -5.60 42.96 -74.87
CA ASN H 538 -5.28 42.42 -73.55
C ASN H 538 -3.78 42.13 -73.43
N GLY H 539 -3.24 42.11 -72.20
CA GLY H 539 -1.82 41.81 -71.95
C GLY H 539 -1.48 41.58 -70.47
N ILE H 540 -0.18 41.33 -70.18
CA ILE H 540 0.30 41.09 -68.82
C ILE H 540 1.15 42.25 -68.32
N LEU H 541 0.78 42.84 -67.18
CA LEU H 541 1.57 43.89 -66.53
C LEU H 541 2.56 43.25 -65.55
N ALA H 542 3.53 42.52 -66.11
CA ALA H 542 4.43 41.64 -65.35
C ALA H 542 5.60 42.36 -64.68
N ASP H 543 5.36 43.49 -63.99
CA ASP H 543 6.40 44.15 -63.20
C ASP H 543 6.83 43.25 -62.04
N GLU H 544 8.07 43.43 -61.54
CA GLU H 544 8.52 42.73 -60.36
C GLU H 544 7.84 43.27 -59.10
N MET H 545 7.53 42.35 -58.18
CA MET H 545 6.74 42.63 -56.98
C MET H 545 7.44 43.67 -56.10
N GLY H 546 6.69 44.72 -55.76
CA GLY H 546 7.17 45.80 -54.92
C GLY H 546 7.24 47.14 -55.67
N LEU H 547 6.66 47.20 -56.90
CA LEU H 547 6.76 48.37 -57.76
C LEU H 547 5.40 49.08 -57.97
N GLY H 548 4.29 48.49 -57.49
CA GLY H 548 3.01 49.19 -57.45
C GLY H 548 2.02 48.74 -58.53
N LYS H 549 1.91 47.43 -58.78
CA LYS H 549 1.06 46.92 -59.85
C LYS H 549 -0.42 47.25 -59.61
N THR H 550 -0.87 47.24 -58.35
CA THR H 550 -2.23 47.70 -58.05
C THR H 550 -2.34 49.19 -58.36
N VAL H 551 -1.34 49.98 -57.93
CA VAL H 551 -1.34 51.43 -58.11
C VAL H 551 -1.47 51.79 -59.58
N GLN H 552 -0.73 51.09 -60.46
CA GLN H 552 -0.85 51.23 -61.90
C GLN H 552 -2.27 50.93 -62.39
N SER H 553 -2.86 49.81 -61.96
CA SER H 553 -4.22 49.46 -62.37
C SER H 553 -5.25 50.51 -61.90
N ILE H 554 -5.08 51.03 -60.68
CA ILE H 554 -5.91 52.08 -60.11
C ILE H 554 -5.78 53.38 -60.90
N ALA H 555 -4.60 53.65 -61.47
CA ALA H 555 -4.40 54.85 -62.28
C ALA H 555 -5.19 54.79 -63.61
N LEU H 556 -5.74 53.63 -64.01
CA LEU H 556 -6.72 53.56 -65.09
C LEU H 556 -8.05 54.23 -64.72
N LEU H 557 -8.19 54.66 -63.46
CA LEU H 557 -9.34 55.39 -62.92
C LEU H 557 -8.93 56.78 -62.41
N ALA H 558 -7.76 56.90 -61.75
CA ALA H 558 -7.32 58.12 -61.08
C ALA H 558 -7.25 59.34 -62.02
N HIS H 559 -6.62 59.18 -63.20
CA HIS H 559 -6.52 60.23 -64.22
C HIS H 559 -7.64 60.16 -65.27
N LEU H 560 -8.65 59.29 -65.07
CA LEU H 560 -9.62 58.93 -66.09
C LEU H 560 -10.74 59.97 -66.16
N ALA H 561 -10.44 61.09 -66.85
CA ALA H 561 -11.39 62.18 -67.07
C ALA H 561 -12.47 61.82 -68.10
N GLU H 562 -12.26 60.72 -68.86
CA GLU H 562 -13.10 60.32 -69.99
C GLU H 562 -14.50 59.81 -69.57
N ARG H 563 -14.68 59.53 -68.27
CA ARG H 563 -15.94 59.13 -67.64
C ARG H 563 -16.46 57.75 -68.05
N GLU H 564 -15.99 57.15 -69.17
CA GLU H 564 -16.49 55.87 -69.65
C GLU H 564 -16.33 54.79 -68.56
N ASN H 565 -15.19 54.83 -67.86
CA ASN H 565 -14.82 53.87 -66.84
C ASN H 565 -15.60 54.07 -65.52
N ILE H 566 -16.46 55.10 -65.40
CA ILE H 566 -17.17 55.38 -64.15
C ILE H 566 -18.52 54.65 -64.11
N TRP H 567 -19.42 54.93 -65.07
CA TRP H 567 -20.84 54.54 -64.95
C TRP H 567 -21.12 53.17 -65.59
N GLY H 568 -20.17 52.23 -65.40
CA GLY H 568 -20.35 50.80 -65.60
C GLY H 568 -19.36 50.04 -64.74
N PRO H 569 -19.74 48.88 -64.14
CA PRO H 569 -18.95 48.28 -63.06
C PRO H 569 -17.69 47.52 -63.49
N PHE H 570 -16.63 47.72 -62.69
CA PHE H 570 -15.42 46.91 -62.75
C PHE H 570 -15.50 45.68 -61.84
N LEU H 571 -14.85 44.58 -62.26
CA LEU H 571 -14.53 43.46 -61.37
C LEU H 571 -13.04 43.42 -61.07
N ILE H 572 -12.69 43.29 -59.79
CA ILE H 572 -11.38 42.82 -59.36
C ILE H 572 -11.52 41.42 -58.79
N ILE H 573 -10.79 40.47 -59.37
CA ILE H 573 -10.83 39.06 -59.00
C ILE H 573 -9.43 38.67 -58.54
N SER H 574 -9.32 37.98 -57.39
CA SER H 574 -8.07 37.96 -56.67
C SER H 574 -7.96 36.76 -55.75
N PRO H 575 -6.75 36.36 -55.25
CA PRO H 575 -6.63 35.31 -54.22
C PRO H 575 -6.83 35.88 -52.81
N ALA H 576 -7.36 35.04 -51.90
CA ALA H 576 -8.18 35.48 -50.78
C ALA H 576 -7.56 36.53 -49.85
N SER H 577 -6.27 36.40 -49.49
CA SER H 577 -5.64 37.29 -48.53
C SER H 577 -5.57 38.75 -49.02
N THR H 578 -5.68 38.94 -50.36
CA THR H 578 -5.40 40.23 -50.99
C THR H 578 -6.63 41.14 -51.01
N LEU H 579 -7.81 40.63 -50.67
CA LEU H 579 -9.06 41.39 -50.79
C LEU H 579 -9.02 42.69 -49.97
N ASN H 580 -8.20 42.73 -48.91
CA ASN H 580 -8.12 43.86 -48.00
C ASN H 580 -7.41 45.05 -48.65
N ASN H 581 -6.22 44.81 -49.21
CA ASN H 581 -5.35 45.90 -49.61
C ASN H 581 -6.03 46.74 -50.70
N TRP H 582 -6.69 46.08 -51.66
CA TRP H 582 -7.42 46.75 -52.72
C TRP H 582 -8.40 47.81 -52.20
N HIS H 583 -9.15 47.50 -51.14
CA HIS H 583 -10.09 48.44 -50.54
C HIS H 583 -9.39 49.70 -50.03
N GLN H 584 -8.29 49.49 -49.29
CA GLN H 584 -7.48 50.58 -48.75
C GLN H 584 -6.83 51.40 -49.87
N GLU H 585 -6.39 50.72 -50.93
CA GLU H 585 -5.69 51.37 -52.04
C GLU H 585 -6.67 52.19 -52.90
N PHE H 586 -7.85 51.66 -53.22
CA PHE H 586 -8.89 52.47 -53.86
C PHE H 586 -9.29 53.67 -53.01
N THR H 587 -9.57 53.45 -51.71
CA THR H 587 -10.03 54.54 -50.85
C THR H 587 -8.95 55.60 -50.62
N ARG H 588 -7.64 55.24 -50.62
CA ARG H 588 -6.57 56.21 -50.43
C ARG H 588 -6.21 56.97 -51.72
N PHE H 589 -6.21 56.29 -52.88
CA PHE H 589 -5.77 56.90 -54.14
C PHE H 589 -6.91 57.54 -54.93
N VAL H 590 -8.14 56.96 -54.87
CA VAL H 590 -9.27 57.38 -55.72
C VAL H 590 -10.56 57.46 -54.90
N PRO H 591 -10.69 58.48 -53.99
CA PRO H 591 -11.94 58.73 -53.27
C PRO H 591 -13.07 59.21 -54.19
N LYS H 592 -12.76 59.43 -55.48
CA LYS H 592 -13.73 59.68 -56.54
C LYS H 592 -14.64 58.47 -56.79
N PHE H 593 -14.19 57.25 -56.44
CA PHE H 593 -14.90 56.00 -56.70
C PHE H 593 -15.65 55.49 -55.46
N LYS H 594 -16.50 54.45 -55.69
CA LYS H 594 -17.22 53.73 -54.66
C LYS H 594 -17.05 52.22 -54.91
N VAL H 595 -16.83 51.45 -53.83
CA VAL H 595 -16.36 50.07 -53.92
C VAL H 595 -17.23 49.13 -53.09
N LEU H 596 -17.51 47.95 -53.67
CA LEU H 596 -18.30 46.90 -53.05
C LEU H 596 -17.40 45.74 -52.63
N PRO H 597 -17.47 45.32 -51.34
CA PRO H 597 -16.95 44.01 -50.95
C PRO H 597 -17.78 42.91 -51.61
N TYR H 598 -17.20 41.71 -51.73
CA TYR H 598 -18.01 40.55 -52.10
C TYR H 598 -17.36 39.27 -51.58
N TRP H 599 -17.40 39.09 -50.25
CA TRP H 599 -16.96 37.87 -49.60
C TRP H 599 -17.60 37.76 -48.22
N GLY H 600 -17.52 36.55 -47.62
CA GLY H 600 -18.10 36.28 -46.31
C GLY H 600 -19.41 35.51 -46.40
N ASN H 601 -20.31 35.82 -45.45
CA ASN H 601 -21.54 35.06 -45.25
C ASN H 601 -22.43 35.09 -46.50
N PRO H 602 -23.15 33.98 -46.79
CA PRO H 602 -24.15 33.99 -47.87
C PRO H 602 -25.15 35.13 -47.72
N HIS H 603 -25.52 35.46 -46.47
CA HIS H 603 -26.44 36.55 -46.17
C HIS H 603 -25.91 37.89 -46.69
N ASP H 604 -24.64 38.19 -46.40
CA ASP H 604 -24.02 39.44 -46.82
C ASP H 604 -23.89 39.50 -48.34
N ARG H 605 -23.52 38.38 -48.97
CA ARG H 605 -23.51 38.26 -50.42
C ARG H 605 -24.90 38.54 -51.01
N LYS H 606 -25.94 37.86 -50.52
CA LYS H 606 -27.33 38.06 -50.93
C LYS H 606 -27.78 39.51 -50.75
N VAL H 607 -27.45 40.14 -49.62
CA VAL H 607 -27.77 41.54 -49.37
C VAL H 607 -27.07 42.44 -50.40
N ILE H 608 -25.77 42.23 -50.62
CA ILE H 608 -25.01 43.09 -51.52
C ILE H 608 -25.51 42.95 -52.97
N ARG H 609 -25.99 41.78 -53.38
CA ARG H 609 -26.62 41.59 -54.69
C ARG H 609 -27.78 42.57 -54.96
N ARG H 610 -28.44 43.08 -53.92
CA ARG H 610 -29.50 44.08 -54.08
C ARG H 610 -28.95 45.43 -54.54
N PHE H 611 -27.76 45.80 -54.05
CA PHE H 611 -27.18 47.10 -54.31
C PHE H 611 -26.64 47.20 -55.74
N TRP H 612 -26.30 46.05 -56.37
CA TRP H 612 -25.95 45.99 -57.79
C TRP H 612 -27.03 45.26 -58.61
N SER H 613 -28.29 45.31 -58.16
CA SER H 613 -29.43 44.78 -58.92
C SER H 613 -29.66 45.57 -60.22
N ALA H 622 -24.86 53.04 -62.75
CA ALA H 622 -24.12 52.03 -61.97
C ALA H 622 -23.21 52.70 -60.94
N PRO H 623 -23.75 53.23 -59.80
CA PRO H 623 -22.93 53.83 -58.74
C PRO H 623 -22.09 52.82 -57.95
N PHE H 624 -22.36 51.51 -58.13
CA PHE H 624 -21.50 50.42 -57.69
C PHE H 624 -20.30 50.29 -58.66
N HIS H 625 -19.42 51.30 -58.66
CA HIS H 625 -18.40 51.47 -59.70
C HIS H 625 -17.42 50.29 -59.80
N VAL H 626 -17.11 49.63 -58.66
CA VAL H 626 -16.18 48.50 -58.66
C VAL H 626 -16.53 47.49 -57.57
N VAL H 627 -16.27 46.19 -57.85
CA VAL H 627 -16.51 45.10 -56.91
C VAL H 627 -15.21 44.31 -56.70
N ILE H 628 -14.89 43.98 -55.44
CA ILE H 628 -13.71 43.22 -55.07
C ILE H 628 -14.11 41.77 -54.74
N THR H 629 -13.46 40.79 -55.39
CA THR H 629 -13.91 39.40 -55.35
C THR H 629 -12.73 38.42 -55.26
N SER H 630 -13.05 37.21 -54.78
CA SER H 630 -12.09 36.13 -54.60
C SER H 630 -12.36 35.01 -55.62
N TYR H 631 -11.32 34.39 -56.18
CA TYR H 631 -11.44 33.32 -57.17
C TYR H 631 -12.43 32.23 -56.73
N GLN H 632 -12.39 31.86 -55.44
CA GLN H 632 -13.18 30.77 -54.89
C GLN H 632 -14.68 31.08 -54.85
N LEU H 633 -15.06 32.37 -54.92
CA LEU H 633 -16.46 32.80 -54.99
C LEU H 633 -16.91 33.00 -56.42
N VAL H 634 -16.07 33.59 -57.28
CA VAL H 634 -16.40 33.82 -58.68
C VAL H 634 -16.58 32.49 -59.43
N VAL H 635 -15.91 31.42 -59.02
CA VAL H 635 -16.11 30.10 -59.61
C VAL H 635 -17.39 29.41 -59.11
N GLN H 636 -18.17 30.04 -58.21
CA GLN H 636 -19.43 29.49 -57.70
C GLN H 636 -20.63 30.39 -58.02
N ASP H 637 -20.54 31.70 -57.75
CA ASP H 637 -21.62 32.66 -57.95
C ASP H 637 -21.70 33.11 -59.42
N VAL H 638 -21.30 32.23 -60.35
CA VAL H 638 -21.25 32.50 -61.79
C VAL H 638 -22.57 33.07 -62.30
N LYS H 639 -23.70 32.48 -61.86
CA LYS H 639 -25.04 32.87 -62.26
C LYS H 639 -25.31 34.36 -62.01
N TYR H 640 -24.78 34.89 -60.90
CA TYR H 640 -24.96 36.27 -60.51
C TYR H 640 -24.05 37.16 -61.34
N PHE H 641 -22.78 36.76 -61.53
CA PHE H 641 -21.85 37.52 -62.33
C PHE H 641 -22.27 37.55 -63.81
N GLN H 642 -22.92 36.51 -64.34
CA GLN H 642 -23.45 36.50 -65.70
C GLN H 642 -24.60 37.49 -65.93
N ARG H 643 -25.22 38.00 -64.85
CA ARG H 643 -26.39 38.85 -64.94
C ARG H 643 -26.08 40.27 -65.44
N VAL H 644 -24.83 40.74 -65.30
CA VAL H 644 -24.45 42.12 -65.57
C VAL H 644 -23.28 42.20 -66.57
N LYS H 645 -23.27 43.24 -67.42
CA LYS H 645 -22.21 43.48 -68.39
C LYS H 645 -21.09 44.30 -67.76
N TRP H 646 -20.13 43.61 -67.13
CA TRP H 646 -18.93 44.22 -66.55
C TRP H 646 -18.11 44.88 -67.66
N GLN H 647 -17.57 46.07 -67.38
CA GLN H 647 -16.77 46.78 -68.37
C GLN H 647 -15.41 46.08 -68.55
N TYR H 648 -14.74 45.74 -67.44
CA TYR H 648 -13.40 45.16 -67.44
C TYR H 648 -13.23 44.17 -66.26
N MET H 649 -12.38 43.16 -66.46
CA MET H 649 -11.96 42.29 -65.38
C MET H 649 -10.46 42.50 -65.09
N VAL H 650 -10.15 42.88 -63.85
CA VAL H 650 -8.79 42.83 -63.33
C VAL H 650 -8.62 41.49 -62.64
N LEU H 651 -7.89 40.57 -63.27
CA LEU H 651 -7.57 39.30 -62.64
C LEU H 651 -6.23 39.44 -61.94
N ASP H 652 -6.29 39.85 -60.66
CA ASP H 652 -5.11 40.06 -59.86
C ASP H 652 -4.38 38.73 -59.62
N GLU H 653 -3.05 38.80 -59.62
CA GLU H 653 -2.14 37.66 -59.41
C GLU H 653 -2.54 36.45 -60.26
N ALA H 654 -2.85 36.74 -61.53
CA ALA H 654 -3.34 35.80 -62.54
C ALA H 654 -2.52 34.54 -62.72
N GLN H 655 -1.34 34.41 -62.09
CA GLN H 655 -0.65 33.12 -62.09
C GLN H 655 -1.54 32.02 -61.51
N ALA H 656 -2.57 32.39 -60.75
CA ALA H 656 -3.64 31.48 -60.32
C ALA H 656 -4.33 30.72 -61.47
N LEU H 657 -4.39 31.32 -62.68
CA LEU H 657 -5.10 30.77 -63.83
C LEU H 657 -4.23 29.86 -64.70
N LYS H 658 -3.01 29.55 -64.29
CA LYS H 658 -1.98 28.98 -65.15
C LYS H 658 -2.34 27.65 -65.83
N SER H 659 -3.32 26.86 -65.34
CA SER H 659 -3.64 25.56 -65.93
C SER H 659 -5.03 25.55 -66.59
N SER H 660 -5.08 25.20 -67.90
CA SER H 660 -6.31 25.19 -68.68
C SER H 660 -7.24 24.01 -68.30
N SER H 661 -6.68 22.99 -67.64
CA SER H 661 -7.47 21.89 -67.08
C SER H 661 -8.35 22.34 -65.91
N SER H 662 -8.07 23.54 -65.40
CA SER H 662 -8.76 24.05 -64.19
C SER H 662 -10.16 24.57 -64.46
N VAL H 663 -11.07 24.24 -63.56
CA VAL H 663 -12.44 24.78 -63.71
C VAL H 663 -12.31 26.30 -63.71
N ARG H 664 -11.42 26.82 -62.87
CA ARG H 664 -11.30 28.29 -62.76
C ARG H 664 -11.08 28.85 -64.16
N TRP H 665 -10.11 28.30 -64.88
CA TRP H 665 -9.80 28.77 -66.24
C TRP H 665 -10.98 28.59 -67.20
N LYS H 666 -11.59 27.40 -67.20
CA LYS H 666 -12.71 27.07 -68.07
C LYS H 666 -13.88 28.04 -67.89
N ILE H 667 -14.20 28.38 -66.64
CA ILE H 667 -15.31 29.27 -66.34
C ILE H 667 -14.94 30.74 -66.58
N LEU H 668 -13.76 31.19 -66.14
CA LEU H 668 -13.39 32.60 -66.26
C LEU H 668 -13.27 33.04 -67.72
N LEU H 669 -13.11 32.11 -68.68
CA LEU H 669 -13.16 32.41 -70.11
C LEU H 669 -14.51 32.96 -70.60
N GLN H 670 -15.61 32.72 -69.87
CA GLN H 670 -16.95 32.92 -70.42
C GLN H 670 -17.51 34.31 -70.13
N PHE H 671 -16.97 35.03 -69.12
CA PHE H 671 -17.43 36.38 -68.81
C PHE H 671 -17.07 37.38 -69.92
N GLN H 672 -18.00 38.31 -70.21
CA GLN H 672 -17.89 39.24 -71.32
C GLN H 672 -17.53 40.64 -70.83
N CYS H 673 -16.49 41.24 -71.43
CA CYS H 673 -15.96 42.55 -71.05
C CYS H 673 -15.07 43.11 -72.18
N ARG H 674 -14.78 44.43 -72.13
CA ARG H 674 -13.87 45.08 -73.08
C ARG H 674 -12.47 44.46 -72.99
N ASN H 675 -11.87 44.56 -71.79
CA ASN H 675 -10.51 44.11 -71.55
C ASN H 675 -10.45 43.10 -70.39
N ARG H 676 -9.51 42.15 -70.50
CA ARG H 676 -9.06 41.33 -69.39
C ARG H 676 -7.62 41.74 -69.05
N LEU H 677 -7.39 42.17 -67.79
CA LEU H 677 -6.13 42.75 -67.37
C LEU H 677 -5.48 41.86 -66.31
N LEU H 678 -4.25 41.41 -66.56
CA LEU H 678 -3.55 40.49 -65.68
C LEU H 678 -2.38 41.22 -65.01
N LEU H 679 -2.32 41.24 -63.66
CA LEU H 679 -1.30 42.01 -62.95
C LEU H 679 -0.25 41.09 -62.31
N THR H 680 0.00 39.91 -62.89
CA THR H 680 0.84 38.91 -62.23
C THR H 680 2.33 39.17 -62.45
N GLY H 681 3.06 39.41 -61.36
CA GLY H 681 4.52 39.42 -61.35
C GLY H 681 5.07 37.98 -61.31
N THR H 682 6.34 37.80 -61.67
CA THR H 682 6.96 36.48 -61.83
C THR H 682 6.01 35.52 -62.58
N PRO H 683 5.54 35.92 -63.81
CA PRO H 683 4.54 35.15 -64.56
C PRO H 683 5.13 33.91 -65.21
N ILE H 684 4.25 33.11 -65.82
CA ILE H 684 4.61 31.98 -66.68
C ILE H 684 5.60 31.04 -65.97
N GLN H 685 6.78 30.80 -66.57
CA GLN H 685 7.93 30.25 -65.90
C GLN H 685 7.77 28.79 -65.42
N ASN H 686 6.90 27.97 -66.07
CA ASN H 686 6.73 26.57 -65.69
C ASN H 686 6.91 25.61 -66.89
N THR H 687 5.83 25.36 -67.66
CA THR H 687 5.84 24.50 -68.85
C THR H 687 4.91 25.08 -69.94
N MET H 688 5.09 24.68 -71.20
CA MET H 688 4.47 25.36 -72.33
C MET H 688 2.95 25.20 -72.38
N ALA H 689 2.40 24.17 -71.72
CA ALA H 689 0.96 24.03 -71.58
C ALA H 689 0.36 25.24 -70.83
N GLU H 690 1.08 25.72 -69.81
CA GLU H 690 0.65 26.88 -69.02
C GLU H 690 0.82 28.18 -69.80
N LEU H 691 1.87 28.26 -70.62
CA LEU H 691 2.05 29.39 -71.53
C LEU H 691 0.83 29.53 -72.44
N TRP H 692 0.44 28.44 -73.13
CA TRP H 692 -0.73 28.47 -74.00
C TRP H 692 -1.98 28.86 -73.22
N ALA H 693 -2.15 28.30 -72.01
CA ALA H 693 -3.32 28.54 -71.19
C ALA H 693 -3.46 30.03 -70.81
N LEU H 694 -2.37 30.65 -70.38
CA LEU H 694 -2.39 32.07 -70.02
C LEU H 694 -2.59 32.94 -71.26
N LEU H 695 -1.84 32.68 -72.35
CA LEU H 695 -1.93 33.48 -73.56
C LEU H 695 -3.29 33.36 -74.26
N HIS H 696 -3.89 32.16 -74.28
CA HIS H 696 -5.23 31.96 -74.83
C HIS H 696 -6.32 32.52 -73.91
N PHE H 697 -6.03 32.68 -72.61
CA PHE H 697 -6.93 33.42 -71.73
C PHE H 697 -6.91 34.92 -72.07
N ILE H 698 -5.73 35.45 -72.39
CA ILE H 698 -5.54 36.84 -72.76
C ILE H 698 -6.19 37.12 -74.13
N MET H 699 -5.92 36.27 -75.14
CA MET H 699 -6.56 36.41 -76.44
C MET H 699 -7.28 35.12 -76.85
N PRO H 700 -8.59 35.17 -77.19
CA PRO H 700 -9.30 34.00 -77.70
C PRO H 700 -8.90 33.61 -79.13
N THR H 701 -8.38 34.60 -79.89
CA THR H 701 -7.76 34.39 -81.21
C THR H 701 -6.25 34.18 -81.06
N LEU H 702 -5.53 34.11 -82.19
CA LEU H 702 -4.08 34.05 -82.28
C LEU H 702 -3.53 32.66 -81.92
N PHE H 703 -4.19 31.93 -81.00
CA PHE H 703 -3.70 30.64 -80.50
C PHE H 703 -4.80 29.58 -80.60
N ASP H 704 -4.44 28.39 -81.13
CA ASP H 704 -5.38 27.30 -81.35
C ASP H 704 -5.00 26.05 -80.56
N SER H 705 -3.70 25.77 -80.41
CA SER H 705 -3.22 24.54 -79.77
C SER H 705 -1.81 24.68 -79.19
N HIS H 706 -1.41 23.66 -78.43
CA HIS H 706 -0.06 23.54 -77.88
C HIS H 706 0.99 23.24 -78.95
N GLU H 707 0.56 22.82 -80.16
CA GLU H 707 1.49 22.44 -81.23
C GLU H 707 2.26 23.66 -81.77
N GLU H 708 1.62 24.83 -81.87
CA GLU H 708 2.31 26.06 -82.23
C GLU H 708 3.49 26.32 -81.28
N PHE H 709 3.24 26.16 -79.97
CA PHE H 709 4.23 26.37 -78.93
C PHE H 709 5.22 25.20 -78.79
N ASN H 710 5.15 24.17 -79.65
CA ASN H 710 6.23 23.21 -79.82
C ASN H 710 7.23 23.67 -80.89
N GLU H 711 6.82 24.61 -81.77
CA GLU H 711 7.71 25.21 -82.78
C GLU H 711 8.24 26.59 -82.33
N TRP H 712 7.47 27.29 -81.48
CA TRP H 712 7.92 28.50 -80.80
C TRP H 712 8.68 28.09 -79.51
N GLU H 729 19.13 30.38 -79.53
CA GLU H 729 17.95 31.26 -79.28
C GLU H 729 16.76 30.90 -80.16
N ASN H 730 16.78 29.70 -80.79
CA ASN H 730 15.81 29.31 -81.82
C ASN H 730 14.38 29.34 -81.25
N GLN H 731 14.20 28.79 -80.04
CA GLN H 731 12.93 28.83 -79.33
C GLN H 731 12.70 30.20 -78.69
N LEU H 732 13.70 30.70 -77.96
CA LEU H 732 13.57 31.87 -77.10
C LEU H 732 13.16 33.13 -77.89
N SER H 733 13.84 33.39 -79.02
CA SER H 733 13.59 34.55 -79.86
C SER H 733 12.14 34.62 -80.36
N ARG H 734 11.56 33.46 -80.73
CA ARG H 734 10.19 33.35 -81.19
C ARG H 734 9.23 33.80 -80.08
N LEU H 735 9.40 33.23 -78.88
CA LEU H 735 8.59 33.59 -77.71
C LEU H 735 8.74 35.07 -77.37
N HIS H 736 9.97 35.62 -77.37
CA HIS H 736 10.20 37.03 -77.08
C HIS H 736 9.39 37.93 -78.03
N MET H 737 9.50 37.69 -79.35
CA MET H 737 8.80 38.50 -80.34
C MET H 737 7.27 38.35 -80.24
N ILE H 738 6.76 37.17 -79.86
CA ILE H 738 5.34 36.95 -79.65
C ILE H 738 4.85 37.74 -78.43
N LEU H 739 5.64 37.81 -77.34
CA LEU H 739 5.27 38.44 -76.08
C LEU H 739 5.39 39.99 -76.12
N LYS H 740 6.40 40.51 -76.83
CA LYS H 740 6.77 41.93 -76.84
C LYS H 740 5.61 42.92 -77.04
N PRO H 741 4.61 42.72 -77.94
CA PRO H 741 3.50 43.67 -78.08
C PRO H 741 2.57 43.75 -76.88
N PHE H 742 2.61 42.74 -75.99
CA PHE H 742 1.81 42.72 -74.78
C PHE H 742 2.50 41.93 -73.68
N MET H 743 3.40 42.58 -72.90
CA MET H 743 4.06 41.95 -71.76
C MET H 743 5.17 42.84 -71.20
N LEU H 744 4.80 43.92 -70.52
CA LEU H 744 5.80 44.80 -69.92
C LEU H 744 6.70 44.07 -68.92
N ARG H 745 7.90 44.60 -68.71
CA ARG H 745 8.82 44.16 -67.65
C ARG H 745 9.49 45.38 -66.99
N ARG H 746 10.13 45.13 -65.84
CA ARG H 746 10.92 46.13 -65.11
C ARG H 746 12.30 45.59 -64.75
N ILE H 747 12.32 44.46 -64.01
CA ILE H 747 13.47 43.91 -63.29
C ILE H 747 13.90 44.89 -62.19
N LYS H 748 14.03 44.37 -60.95
CA LYS H 748 14.17 45.21 -59.76
C LYS H 748 15.36 46.16 -59.86
N LYS H 749 16.52 45.69 -60.36
CA LYS H 749 17.75 46.47 -60.33
C LYS H 749 17.72 47.71 -61.22
N ASP H 750 16.74 47.83 -62.14
CA ASP H 750 16.61 49.02 -62.97
C ASP H 750 15.89 50.17 -62.22
N VAL H 751 15.07 49.84 -61.20
CA VAL H 751 14.11 50.78 -60.63
C VAL H 751 14.21 50.87 -59.10
N GLU H 752 14.43 49.74 -58.41
CA GLU H 752 14.60 49.70 -56.96
C GLU H 752 16.02 50.12 -56.55
N ASN H 753 16.53 51.21 -57.15
CA ASN H 753 17.91 51.66 -56.98
C ASN H 753 18.23 52.07 -55.54
N GLU H 754 17.19 52.43 -54.77
CA GLU H 754 17.32 52.92 -53.40
C GLU H 754 17.20 51.80 -52.35
N LEU H 755 16.80 50.59 -52.78
CA LEU H 755 16.68 49.44 -51.88
C LEU H 755 18.02 48.70 -51.76
N SER H 756 18.25 48.09 -50.58
CA SER H 756 19.35 47.14 -50.43
C SER H 756 19.06 45.88 -51.25
N ASP H 757 20.11 45.22 -51.75
CA ASP H 757 19.95 43.89 -52.31
C ASP H 757 19.76 42.86 -51.20
N LYS H 758 18.94 41.84 -51.50
CA LYS H 758 18.72 40.71 -50.60
C LYS H 758 20.04 39.97 -50.33
N ILE H 759 20.49 39.96 -49.07
CA ILE H 759 21.56 39.07 -48.66
C ILE H 759 20.94 37.70 -48.40
N GLU H 760 21.32 36.72 -49.22
CA GLU H 760 20.68 35.41 -49.19
C GLU H 760 21.63 34.33 -48.69
N ILE H 761 21.31 33.70 -47.57
CA ILE H 761 22.12 32.71 -46.91
C ILE H 761 21.48 31.32 -47.10
N LEU H 762 22.29 30.35 -47.51
CA LEU H 762 21.93 28.95 -47.34
C LEU H 762 22.69 28.37 -46.15
N MET H 763 21.96 27.90 -45.13
CA MET H 763 22.55 27.38 -43.92
C MET H 763 22.32 25.87 -43.87
N TYR H 764 23.41 25.10 -43.90
CA TYR H 764 23.30 23.65 -43.79
C TYR H 764 23.21 23.24 -42.32
N CYS H 765 22.35 22.24 -42.07
CA CYS H 765 22.08 21.72 -40.74
C CYS H 765 22.32 20.20 -40.72
N GLN H 766 22.77 19.69 -39.56
CA GLN H 766 23.01 18.27 -39.42
C GLN H 766 21.89 17.69 -38.55
N LEU H 767 21.22 16.64 -39.05
CA LEU H 767 20.11 16.03 -38.31
C LEU H 767 20.57 15.23 -37.08
N THR H 768 19.66 15.12 -36.10
CA THR H 768 19.91 14.58 -34.76
C THR H 768 19.85 13.05 -34.76
N SER H 769 20.22 12.44 -33.62
CA SER H 769 20.20 10.99 -33.46
C SER H 769 18.81 10.41 -33.73
N ARG H 770 17.75 11.03 -33.17
CA ARG H 770 16.38 10.55 -33.38
C ARG H 770 16.02 10.64 -34.87
N GLN H 771 16.45 11.71 -35.55
CA GLN H 771 16.23 11.84 -36.98
C GLN H 771 16.99 10.79 -37.78
N LYS H 772 18.24 10.45 -37.41
CA LYS H 772 19.00 9.39 -38.07
C LYS H 772 18.28 8.05 -38.01
N LEU H 773 17.79 7.67 -36.82
CA LEU H 773 17.13 6.40 -36.61
C LEU H 773 15.89 6.24 -37.50
N LEU H 774 15.04 7.29 -37.56
CA LEU H 774 13.84 7.27 -38.39
C LEU H 774 14.19 7.33 -39.88
N TYR H 775 15.10 8.24 -40.28
CA TYR H 775 15.47 8.38 -41.68
C TYR H 775 16.01 7.05 -42.21
N GLN H 776 16.89 6.38 -41.44
CA GLN H 776 17.40 5.06 -41.79
C GLN H 776 16.28 4.00 -41.90
N ALA H 777 15.35 3.96 -40.92
CA ALA H 777 14.22 3.02 -40.98
C ALA H 777 13.35 3.23 -42.22
N LEU H 778 13.26 4.47 -42.75
CA LEU H 778 12.57 4.76 -44.00
C LEU H 778 13.39 4.32 -45.23
N LYS H 779 14.74 4.36 -45.16
CA LYS H 779 15.61 3.85 -46.22
C LYS H 779 15.62 2.31 -46.31
N ASN H 780 15.20 1.63 -45.22
CA ASN H 780 14.97 0.18 -45.20
C ASN H 780 13.53 -0.15 -45.69
N LEU H 808 7.90 6.68 -49.55
CA LEU H 808 7.34 7.91 -50.17
C LEU H 808 8.10 9.15 -49.67
N VAL H 809 8.17 10.17 -50.55
CA VAL H 809 8.91 11.39 -50.34
C VAL H 809 8.46 12.12 -49.08
N MET H 810 7.14 12.13 -48.81
CA MET H 810 6.60 12.92 -47.72
C MET H 810 7.03 12.36 -46.35
N GLN H 811 7.28 11.05 -46.24
CA GLN H 811 7.78 10.53 -44.98
C GLN H 811 9.17 11.08 -44.69
N PHE H 812 10.06 11.09 -45.69
CA PHE H 812 11.40 11.65 -45.52
C PHE H 812 11.32 13.14 -45.16
N ARG H 813 10.48 13.91 -45.87
CA ARG H 813 10.31 15.34 -45.58
C ARG H 813 9.83 15.58 -44.14
N LYS H 814 8.85 14.80 -43.68
CA LYS H 814 8.32 14.92 -42.31
C LYS H 814 9.41 14.66 -41.27
N VAL H 815 10.15 13.57 -41.42
CA VAL H 815 11.23 13.26 -40.49
C VAL H 815 12.30 14.35 -40.49
N CYS H 816 12.65 14.88 -41.67
CA CYS H 816 13.64 15.94 -41.74
C CYS H 816 13.18 17.25 -41.12
N ASN H 817 11.88 17.54 -41.17
CA ASN H 817 11.33 18.78 -40.61
C ASN H 817 11.33 18.74 -39.08
N HIS H 818 10.78 17.65 -38.49
CA HIS H 818 10.88 17.38 -37.06
C HIS H 818 10.33 15.99 -36.74
N PRO H 819 11.04 15.13 -35.98
CA PRO H 819 10.59 13.76 -35.75
C PRO H 819 9.28 13.63 -34.96
N GLU H 820 8.88 14.67 -34.23
CA GLU H 820 7.58 14.67 -33.56
C GLU H 820 6.41 14.60 -34.55
N LEU H 821 6.62 14.99 -35.82
CA LEU H 821 5.59 14.90 -36.84
C LEU H 821 5.37 13.46 -37.28
N PHE H 822 6.38 12.61 -37.08
CA PHE H 822 6.30 11.23 -37.49
C PHE H 822 5.79 10.37 -36.33
N GLU H 823 6.46 10.45 -35.15
CA GLU H 823 6.00 9.79 -33.94
C GLU H 823 6.23 10.65 -32.70
N ARG H 824 5.15 10.89 -31.93
CA ARG H 824 5.19 11.70 -30.72
C ARG H 824 5.80 10.93 -29.55
N GLN H 825 6.68 11.60 -28.80
CA GLN H 825 7.34 11.01 -27.63
C GLN H 825 6.32 10.79 -26.50
N GLU H 826 6.26 9.57 -25.95
CA GLU H 826 5.31 9.23 -24.88
C GLU H 826 5.91 9.44 -23.48
N THR H 827 5.05 9.63 -22.47
CA THR H 827 5.48 9.73 -21.08
C THR H 827 5.83 8.35 -20.53
N TRP H 828 7.12 8.07 -20.35
CA TRP H 828 7.53 6.82 -19.73
C TRP H 828 7.28 6.80 -18.23
N SER H 829 7.07 5.59 -17.70
CA SER H 829 6.89 5.31 -16.27
C SER H 829 7.27 3.86 -16.02
N PRO H 830 7.86 3.48 -14.87
CA PRO H 830 8.29 2.11 -14.62
C PRO H 830 7.17 1.09 -14.74
N PHE H 831 7.58 -0.16 -15.01
CA PHE H 831 6.66 -1.27 -15.04
C PHE H 831 6.18 -1.54 -13.64
N HIS H 832 4.86 -1.67 -13.47
CA HIS H 832 4.26 -1.82 -12.15
C HIS H 832 3.70 -3.23 -11.95
N ILE H 833 3.94 -3.78 -10.75
CA ILE H 833 3.67 -5.18 -10.49
C ILE H 833 3.21 -5.37 -9.04
N SER H 834 2.31 -6.36 -8.84
CA SER H 834 2.01 -6.88 -7.53
C SER H 834 1.95 -8.39 -7.60
N LEU H 835 2.53 -9.04 -6.60
CA LEU H 835 2.32 -10.47 -6.43
C LEU H 835 0.98 -10.68 -5.71
N LYS H 836 0.51 -11.95 -5.72
CA LYS H 836 -0.57 -12.41 -4.87
C LYS H 836 -0.13 -12.35 -3.40
N PRO H 837 -1.03 -11.98 -2.47
CA PRO H 837 -0.67 -11.81 -1.07
C PRO H 837 -0.38 -13.16 -0.42
N TYR H 838 0.49 -13.11 0.59
CA TYR H 838 0.95 -14.29 1.30
C TYR H 838 -0.13 -14.80 2.24
N HIS H 839 -0.60 -16.03 1.98
CA HIS H 839 -1.71 -16.60 2.73
C HIS H 839 -1.25 -17.25 4.05
N ILE H 840 -1.84 -16.81 5.18
CA ILE H 840 -1.70 -17.49 6.48
C ILE H 840 -3.05 -18.07 6.92
N SER H 841 -3.01 -19.32 7.36
CA SER H 841 -4.20 -20.04 7.78
C SER H 841 -4.79 -19.49 9.08
N LYS H 842 -6.07 -19.74 9.35
CA LYS H 842 -6.63 -19.36 10.64
C LYS H 842 -5.87 -20.11 11.70
N PHE H 843 -5.57 -21.38 11.48
CA PHE H 843 -4.96 -22.19 12.53
C PHE H 843 -3.67 -21.57 13.04
N ILE H 844 -2.78 -21.16 12.14
CA ILE H 844 -1.57 -20.46 12.52
C ILE H 844 -1.83 -19.05 13.08
N TYR H 845 -2.81 -18.30 12.56
CA TYR H 845 -3.10 -16.97 13.08
C TYR H 845 -3.72 -17.00 14.48
N ARG H 846 -4.30 -18.14 14.89
CA ARG H 846 -4.92 -18.26 16.20
C ARG H 846 -3.99 -18.98 17.18
N HIS H 847 -3.43 -20.10 16.77
CA HIS H 847 -2.68 -20.94 17.72
C HIS H 847 -1.17 -20.91 17.52
N GLY H 848 -0.71 -20.11 16.54
CA GLY H 848 0.65 -20.27 16.06
C GLY H 848 1.58 -19.16 16.49
N GLN H 849 1.11 -17.95 16.88
CA GLN H 849 2.09 -16.93 17.26
C GLN H 849 2.53 -17.10 18.71
N ILE H 850 3.85 -17.20 18.92
CA ILE H 850 4.44 -17.29 20.24
C ILE H 850 4.11 -16.03 21.05
N ARG H 851 3.99 -14.88 20.38
CA ARG H 851 3.60 -13.63 21.04
C ARG H 851 2.29 -13.75 21.83
N VAL H 852 1.37 -14.59 21.35
CA VAL H 852 0.04 -14.75 21.92
C VAL H 852 0.02 -15.98 22.81
N PHE H 853 0.44 -17.14 22.33
CA PHE H 853 0.23 -18.34 23.10
C PHE H 853 1.10 -18.37 24.35
N ASN H 854 2.20 -17.58 24.39
CA ASN H 854 3.05 -17.48 25.57
C ASN H 854 2.85 -16.17 26.34
N HIS H 855 1.77 -15.42 26.12
CA HIS H 855 1.54 -14.15 26.81
C HIS H 855 1.46 -14.25 28.35
N SER H 856 0.95 -15.34 28.92
CA SER H 856 0.96 -15.55 30.36
C SER H 856 2.36 -15.75 30.93
N ARG H 857 3.22 -16.48 30.21
CA ARG H 857 4.60 -16.70 30.59
C ARG H 857 5.41 -15.43 30.41
N ASP H 858 5.22 -14.75 29.30
CA ASP H 858 5.94 -13.52 29.01
C ASP H 858 5.77 -12.46 30.09
N ARG H 859 4.58 -12.34 30.67
CA ARG H 859 4.33 -11.34 31.71
C ARG H 859 5.29 -11.45 32.89
N TRP H 860 5.71 -12.66 33.24
CA TRP H 860 6.67 -12.79 34.31
C TRP H 860 8.01 -12.13 34.01
N LEU H 861 8.44 -12.13 32.76
CA LEU H 861 9.72 -11.55 32.39
C LEU H 861 9.69 -10.03 32.49
N ARG H 862 8.51 -9.43 32.48
CA ARG H 862 8.34 -8.00 32.68
C ARG H 862 8.14 -7.66 34.17
N VAL H 863 7.55 -8.58 34.96
CA VAL H 863 7.45 -8.50 36.41
C VAL H 863 8.83 -8.58 37.04
N LEU H 864 9.66 -9.56 36.65
CA LEU H 864 10.96 -9.75 37.27
C LEU H 864 12.00 -8.80 36.68
N SER H 865 11.56 -7.73 36.03
CA SER H 865 12.46 -6.77 35.44
C SER H 865 13.08 -5.86 36.50
N PRO H 866 14.39 -5.55 36.40
CA PRO H 866 14.99 -4.51 37.18
C PRO H 866 14.58 -3.12 36.78
N PHE H 867 13.81 -2.95 35.69
CA PHE H 867 13.36 -1.63 35.26
C PHE H 867 11.98 -1.23 35.79
N ALA H 868 11.37 -2.05 36.66
CA ALA H 868 10.12 -1.67 37.31
C ALA H 868 10.32 -0.51 38.30
N PRO H 869 9.48 0.56 38.31
CA PRO H 869 9.74 1.73 39.13
C PRO H 869 9.82 1.50 40.63
N ASP H 870 9.14 0.43 41.07
CA ASP H 870 9.33 -0.16 42.40
C ASP H 870 10.82 -0.34 42.70
N TYR H 871 11.53 -1.08 41.84
CA TYR H 871 12.87 -1.55 42.11
C TYR H 871 13.83 -0.38 41.97
N ILE H 872 13.55 0.53 41.02
CA ILE H 872 14.41 1.69 40.89
C ILE H 872 14.38 2.51 42.19
N GLN H 873 13.20 2.90 42.71
CA GLN H 873 13.15 3.66 43.95
C GLN H 873 13.89 2.94 45.07
N ARG H 874 13.67 1.64 45.25
CA ARG H 874 14.25 0.89 46.35
C ARG H 874 15.78 0.77 46.24
N SER H 875 16.28 0.69 45.00
CA SER H 875 17.69 0.65 44.71
C SER H 875 18.36 2.01 44.92
N LEU H 876 17.61 3.07 44.63
CA LEU H 876 18.17 4.41 44.46
C LEU H 876 18.22 5.17 45.79
N PHE H 877 17.14 5.07 46.60
CA PHE H 877 17.00 5.86 47.81
C PHE H 877 17.01 5.06 49.11
N HIS H 878 16.74 3.74 49.07
CA HIS H 878 16.59 2.97 50.31
C HIS H 878 17.74 1.96 50.55
N ARG H 879 18.98 2.35 50.22
CA ARG H 879 20.19 1.58 50.49
C ARG H 879 20.50 1.50 51.99
N LYS H 880 21.44 0.59 52.35
CA LYS H 880 21.78 0.31 53.74
C LYS H 880 23.17 0.82 54.14
N GLY H 881 24.16 0.72 53.24
CA GLY H 881 25.47 1.31 53.48
C GLY H 881 25.46 2.83 53.23
N ILE H 882 26.45 3.54 53.78
CA ILE H 882 26.64 4.94 53.46
C ILE H 882 27.20 5.03 52.03
N ASN H 883 28.44 4.58 51.82
CA ASN H 883 28.89 4.12 50.50
C ASN H 883 28.28 2.76 50.23
N GLU H 884 27.59 2.66 49.10
CA GLU H 884 27.01 1.43 48.62
C GLU H 884 26.62 1.68 47.17
N GLU H 885 27.29 0.93 46.29
CA GLU H 885 27.10 1.04 44.86
C GLU H 885 25.66 0.64 44.54
N SER H 886 24.97 1.47 43.71
CA SER H 886 23.79 0.95 43.05
C SER H 886 23.60 1.46 41.62
N CYS H 887 23.09 0.59 40.76
CA CYS H 887 22.72 0.97 39.40
C CYS H 887 21.69 2.08 39.45
N PHE H 888 21.41 2.65 38.29
CA PHE H 888 20.46 3.73 38.16
C PHE H 888 20.93 5.00 38.90
N SER H 889 22.08 5.02 39.58
CA SER H 889 22.57 6.26 40.17
C SER H 889 22.77 7.30 39.09
N PHE H 890 23.07 6.91 37.85
CA PHE H 890 23.21 7.90 36.80
C PHE H 890 21.90 8.63 36.52
N LEU H 891 20.77 8.05 36.86
CA LEU H 891 19.50 8.69 36.54
C LEU H 891 19.40 10.04 37.27
N ARG H 892 20.08 10.19 38.41
CA ARG H 892 19.97 11.41 39.20
C ARG H 892 20.77 12.54 38.56
N PHE H 893 21.62 12.27 37.56
CA PHE H 893 22.47 13.29 36.95
C PHE H 893 22.19 13.51 35.47
N ILE H 894 21.59 12.55 34.77
CA ILE H 894 20.77 12.89 33.61
C ILE H 894 19.43 13.45 34.12
N ASP H 895 18.51 13.98 33.29
CA ASP H 895 17.22 14.46 33.81
C ASP H 895 16.16 13.38 34.17
N ILE H 896 16.43 12.09 33.94
CA ILE H 896 15.46 10.99 33.86
C ILE H 896 14.88 10.55 35.22
N SER H 897 13.56 10.39 35.32
CA SER H 897 12.82 9.78 36.45
C SER H 897 12.59 8.28 36.28
N PRO H 898 12.42 7.43 37.33
CA PRO H 898 12.10 6.00 37.23
C PRO H 898 10.91 5.63 36.37
N ALA H 899 9.87 6.44 36.37
CA ALA H 899 8.74 6.15 35.50
C ALA H 899 9.10 6.38 34.04
N GLU H 900 9.86 7.45 33.73
CA GLU H 900 10.30 7.72 32.37
C GLU H 900 11.22 6.60 31.87
N MET H 901 12.06 6.08 32.74
CA MET H 901 13.01 5.07 32.38
C MET H 901 12.33 3.74 32.14
N ALA H 902 11.38 3.36 33.00
CA ALA H 902 10.61 2.14 32.80
C ALA H 902 9.81 2.25 31.51
N ASN H 903 9.16 3.39 31.26
CA ASN H 903 8.40 3.62 30.04
C ASN H 903 9.29 3.41 28.82
N LEU H 904 10.46 4.02 28.84
CA LEU H 904 11.38 4.01 27.72
C LEU H 904 12.00 2.63 27.47
N MET H 905 11.91 1.74 28.43
CA MET H 905 12.41 0.38 28.29
C MET H 905 11.34 -0.59 27.78
N LEU H 906 10.05 -0.22 27.82
CA LEU H 906 8.96 -1.18 27.62
C LEU H 906 7.98 -0.74 26.52
N GLN H 907 7.85 0.56 26.24
CA GLN H 907 6.81 1.05 25.37
C GLN H 907 7.25 0.93 23.90
N GLY H 908 8.55 0.86 23.62
CA GLY H 908 9.02 0.65 22.25
C GLY H 908 9.49 1.94 21.58
N LEU H 909 9.60 1.95 20.25
CA LEU H 909 10.35 2.98 19.55
C LEU H 909 9.61 4.32 19.56
N LEU H 910 8.29 4.35 19.73
CA LEU H 910 7.63 5.64 19.74
C LEU H 910 8.05 6.47 20.96
N ALA H 911 8.13 5.85 22.14
CA ALA H 911 8.59 6.55 23.32
C ALA H 911 9.96 7.16 23.09
N ARG H 912 10.85 6.41 22.44
CA ARG H 912 12.17 6.90 22.13
C ARG H 912 12.09 8.18 21.30
N TRP H 913 11.26 8.16 20.25
CA TRP H 913 11.18 9.26 19.31
C TRP H 913 10.67 10.53 20.01
N LEU H 914 9.66 10.39 20.87
CA LEU H 914 9.10 11.54 21.56
C LEU H 914 10.08 12.05 22.61
N ALA H 915 10.73 11.13 23.35
CA ALA H 915 11.74 11.50 24.32
C ALA H 915 12.91 12.25 23.66
N LEU H 916 13.30 11.81 22.47
CA LEU H 916 14.33 12.51 21.71
C LEU H 916 13.87 13.92 21.31
N PHE H 917 12.66 14.05 20.81
CA PHE H 917 12.16 15.35 20.40
C PHE H 917 12.21 16.35 21.55
N LEU H 918 11.79 15.94 22.75
CA LEU H 918 11.82 16.83 23.92
C LEU H 918 13.26 17.17 24.33
N SER H 919 14.18 16.22 24.18
CA SER H 919 15.57 16.41 24.55
C SER H 919 16.26 17.48 23.69
N LEU H 920 15.92 17.56 22.42
CA LEU H 920 16.39 18.64 21.56
C LEU H 920 15.92 19.99 22.06
N LYS H 921 14.63 20.14 22.39
CA LYS H 921 14.11 21.39 22.92
C LYS H 921 14.80 21.76 24.23
N ALA H 922 15.07 20.80 25.08
CA ALA H 922 15.70 21.05 26.36
C ALA H 922 17.14 21.53 26.26
N SER H 923 17.85 21.20 25.18
CA SER H 923 19.27 21.45 25.11
C SER H 923 19.58 22.95 24.97
N TYR H 924 18.72 23.71 24.30
CA TYR H 924 18.95 25.14 24.20
C TYR H 924 18.92 25.81 25.58
N ARG H 925 18.03 25.36 26.45
CA ARG H 925 17.84 25.97 27.75
C ARG H 925 19.04 25.65 28.60
N LEU H 926 19.58 24.43 28.52
CA LEU H 926 20.78 24.04 29.26
C LEU H 926 22.00 24.83 28.82
N HIS H 927 22.12 25.11 27.53
CA HIS H 927 23.23 25.90 27.01
C HIS H 927 23.30 27.34 27.54
N GLN H 928 22.18 28.07 27.60
CA GLN H 928 22.15 29.42 28.13
C GLN H 928 22.62 29.41 29.58
N LEU H 929 22.03 28.54 30.40
CA LEU H 929 22.35 28.44 31.81
C LEU H 929 23.84 28.11 32.03
N ARG H 930 24.36 27.17 31.24
CA ARG H 930 25.72 26.67 31.37
C ARG H 930 26.76 27.68 30.90
N SER H 931 26.43 28.58 29.96
CA SER H 931 27.40 29.45 29.27
C SER H 931 27.41 30.92 29.70
N TRP H 932 26.34 31.41 30.34
CA TRP H 932 26.37 32.70 30.99
C TRP H 932 26.28 32.58 32.53
N GLY H 933 25.50 31.60 33.03
CA GLY H 933 25.22 31.48 34.45
C GLY H 933 26.31 30.77 35.26
N ALA H 934 27.55 30.77 34.73
CA ALA H 934 28.66 29.95 35.20
C ALA H 934 29.26 30.35 36.57
N PRO H 935 29.38 31.65 36.97
CA PRO H 935 30.21 32.00 38.12
C PRO H 935 29.66 31.62 39.50
N GLU H 936 30.58 31.08 40.32
CA GLU H 936 30.40 30.71 41.73
C GLU H 936 29.52 29.46 41.94
N GLY H 937 29.89 28.69 42.97
CA GLY H 937 29.16 27.47 43.35
C GLY H 937 27.88 27.78 44.12
N GLU H 938 26.86 26.92 43.94
CA GLU H 938 25.50 27.20 44.41
C GLU H 938 25.29 26.85 45.89
N SER H 939 26.35 26.37 46.57
CA SER H 939 26.22 25.49 47.74
C SER H 939 27.41 25.58 48.70
N HIS H 940 28.26 26.63 48.58
CA HIS H 940 29.61 26.67 49.14
C HIS H 940 30.46 25.49 48.63
N GLN H 941 30.27 25.17 47.33
CA GLN H 941 31.00 24.16 46.57
C GLN H 941 30.81 22.75 47.15
N ARG H 942 29.56 22.27 47.05
CA ARG H 942 29.23 20.86 47.15
C ARG H 942 28.13 20.54 46.12
N TYR H 943 27.92 19.23 45.91
CA TYR H 943 26.76 18.71 45.15
C TYR H 943 26.90 18.93 43.65
N LEU H 944 26.60 17.87 42.90
CA LEU H 944 26.24 18.08 41.51
C LEU H 944 24.75 18.38 41.43
N ARG H 945 24.41 19.23 40.43
CA ARG H 945 23.06 19.61 40.16
C ARG H 945 22.46 18.54 39.27
N ASN H 946 21.16 18.55 39.11
CA ASN H 946 20.49 17.75 38.08
C ASN H 946 21.03 18.16 36.70
N LYS H 947 21.01 17.25 35.72
CA LYS H 947 21.57 17.47 34.37
C LYS H 947 23.11 17.59 34.27
N ASP H 948 23.91 17.44 35.35
CA ASP H 948 25.35 17.69 35.28
C ASP H 948 26.20 16.63 34.59
N PHE H 949 25.67 15.46 34.23
CA PHE H 949 26.44 14.59 33.34
C PHE H 949 26.17 14.87 31.85
N LEU H 950 25.25 15.78 31.50
CA LEU H 950 24.99 16.11 30.10
C LEU H 950 26.02 17.14 29.64
N LEU H 951 27.13 16.59 29.09
CA LEU H 951 28.30 17.42 28.78
C LEU H 951 28.31 17.88 27.31
N GLY H 952 27.48 17.25 26.48
CA GLY H 952 27.65 17.37 25.05
C GLY H 952 27.37 18.78 24.54
N VAL H 953 26.72 19.59 25.36
CA VAL H 953 26.40 20.95 24.96
C VAL H 953 27.64 21.84 25.00
N ASN H 954 28.64 21.46 25.80
CA ASN H 954 29.81 22.28 26.07
C ASN H 954 30.72 22.41 24.84
N PHE H 955 30.70 21.42 23.93
CA PHE H 955 31.59 21.42 22.76
C PHE H 955 31.37 22.67 21.91
N PRO H 956 32.45 23.29 21.39
CA PRO H 956 32.34 24.55 20.66
C PRO H 956 31.47 24.52 19.43
N LEU H 957 31.25 23.30 18.93
CA LEU H 957 30.56 23.12 17.66
C LEU H 957 29.20 22.45 17.85
N SER H 958 28.71 22.37 19.12
CA SER H 958 27.38 21.84 19.46
C SER H 958 26.29 22.69 18.80
N PHE H 959 25.12 22.14 18.54
CA PHE H 959 24.13 22.86 17.76
C PHE H 959 23.71 24.14 18.50
N PRO H 960 23.41 24.10 19.83
CA PRO H 960 23.08 25.32 20.56
C PRO H 960 24.12 26.41 20.42
N ASN H 961 25.40 26.10 20.60
CA ASN H 961 26.45 27.09 20.52
C ASN H 961 26.59 27.61 19.10
N LEU H 962 26.50 26.72 18.14
CA LEU H 962 26.65 27.05 16.73
C LEU H 962 25.43 27.82 16.23
N CYS H 963 24.32 27.78 16.94
CA CYS H 963 23.15 28.62 16.68
C CYS H 963 23.31 29.99 17.34
N SER H 964 23.92 29.98 18.54
CA SER H 964 24.13 31.14 19.40
C SER H 964 25.22 32.06 18.82
N CYS H 965 26.26 31.46 18.23
CA CYS H 965 27.37 32.19 17.66
C CYS H 965 27.19 32.29 16.14
N PRO H 966 27.16 33.49 15.50
CA PRO H 966 26.68 33.60 14.12
C PRO H 966 27.70 33.13 13.08
N LEU H 967 28.96 33.00 13.53
CA LEU H 967 30.06 32.86 12.60
C LEU H 967 30.48 31.40 12.45
N LEU H 968 30.64 30.62 13.53
CA LEU H 968 30.82 29.17 13.40
C LEU H 968 29.72 28.47 12.56
N LYS H 969 28.49 28.98 12.56
CA LYS H 969 27.39 28.51 11.71
C LYS H 969 27.82 28.40 10.25
N SER H 970 28.76 29.22 9.80
CA SER H 970 29.21 29.22 8.42
C SER H 970 30.23 28.12 8.12
N LEU H 971 30.91 27.60 9.14
CA LEU H 971 31.88 26.53 8.97
C LEU H 971 31.27 25.15 9.04
N VAL H 972 29.98 25.04 9.36
CA VAL H 972 29.27 23.78 9.32
C VAL H 972 28.14 23.98 8.33
N PHE H 973 28.46 23.75 7.04
CA PHE H 973 27.61 24.17 5.93
C PHE H 973 26.77 23.05 5.31
N SER H 974 27.11 21.79 5.62
CA SER H 974 26.55 20.60 5.01
C SER H 974 25.17 20.18 5.49
N SER H 975 24.13 21.02 5.37
CA SER H 975 22.84 20.64 5.97
C SER H 975 22.15 19.50 5.19
N HIS H 976 21.27 18.75 5.89
CA HIS H 976 20.83 17.43 5.51
C HIS H 976 19.77 17.41 4.40
N CYS H 977 19.34 18.61 3.94
CA CYS H 977 18.17 18.75 3.07
C CYS H 977 18.41 19.75 1.93
N LYS H 978 19.67 20.04 1.59
CA LYS H 978 20.03 20.88 0.45
C LYS H 978 21.08 20.17 -0.41
N ALA H 979 21.10 20.43 -1.72
CA ALA H 979 22.06 19.78 -2.60
C ALA H 979 23.37 20.55 -2.68
N VAL H 980 24.04 20.80 -1.55
CA VAL H 980 25.24 21.64 -1.55
C VAL H 980 26.43 20.92 -2.18
N SER H 981 27.06 21.59 -3.16
CA SER H 981 28.14 20.98 -3.94
C SER H 981 29.49 21.24 -3.29
N GLY H 982 29.60 22.37 -2.57
CA GLY H 982 30.88 22.96 -2.18
C GLY H 982 30.93 24.44 -2.53
N TYR H 983 32.12 25.05 -2.44
CA TYR H 983 32.31 26.48 -2.70
C TYR H 983 32.89 26.74 -4.10
N SER H 984 32.37 27.77 -4.79
CA SER H 984 32.88 28.18 -6.08
C SER H 984 32.86 29.70 -6.23
N ASP H 985 33.62 30.18 -7.22
CA ASP H 985 33.47 31.54 -7.74
C ASP H 985 32.12 31.67 -8.46
N GLN H 986 31.68 32.92 -8.64
CA GLN H 986 30.50 33.26 -9.42
C GLN H 986 30.76 34.57 -10.14
N VAL H 987 30.12 34.76 -11.30
CA VAL H 987 30.27 36.00 -12.05
C VAL H 987 28.89 36.61 -12.27
N VAL H 988 28.79 37.96 -12.24
CA VAL H 988 27.53 38.64 -12.51
C VAL H 988 27.75 39.70 -13.58
N HIS H 989 26.76 39.80 -14.50
CA HIS H 989 26.87 40.70 -15.63
C HIS H 989 25.73 41.72 -15.59
N GLN H 990 26.08 43.01 -15.60
CA GLN H 990 25.08 44.05 -15.80
C GLN H 990 24.62 44.04 -17.26
N ARG H 991 23.37 44.42 -17.51
CA ARG H 991 22.89 44.55 -18.89
C ARG H 991 23.50 45.79 -19.56
N ARG H 992 23.59 46.90 -18.81
CA ARG H 992 24.26 48.12 -19.26
C ARG H 992 25.78 47.92 -19.29
N SER H 993 26.43 48.46 -20.35
CA SER H 993 27.87 48.52 -20.53
C SER H 993 28.54 47.13 -20.68
N ALA H 994 27.77 46.04 -20.53
CA ALA H 994 28.26 44.66 -20.47
C ALA H 994 29.37 44.47 -19.42
N THR H 995 29.46 45.35 -18.41
CA THR H 995 30.44 45.23 -17.34
C THR H 995 30.08 44.05 -16.43
N SER H 996 31.10 43.23 -16.14
CA SER H 996 31.00 42.11 -15.22
C SER H 996 31.66 42.44 -13.88
N SER H 997 31.35 41.63 -12.85
CA SER H 997 32.16 41.55 -11.65
C SER H 997 32.17 40.12 -11.10
N LEU H 998 33.24 39.82 -10.34
CA LEU H 998 33.52 38.47 -9.86
C LEU H 998 33.34 38.39 -8.35
N ARG H 999 32.54 37.38 -7.92
CA ARG H 999 32.37 37.04 -6.51
C ARG H 999 33.24 35.83 -6.23
N ARG H 1000 34.03 35.90 -5.14
CA ARG H 1000 34.90 34.80 -4.73
C ARG H 1000 34.08 33.69 -4.04
N CYS H 1001 34.70 32.68 -3.39
CA CYS H 1001 34.02 31.56 -2.75
C CYS H 1001 32.66 31.89 -2.12
N LEU H 1002 31.58 31.30 -2.67
CA LEU H 1002 30.27 31.24 -2.07
C LEU H 1002 29.76 29.79 -2.14
N LEU H 1003 28.83 29.38 -1.25
CA LEU H 1003 28.20 28.07 -1.39
C LEU H 1003 27.41 27.97 -2.70
N THR H 1004 27.33 26.71 -3.20
CA THR H 1004 26.58 26.41 -4.41
C THR H 1004 25.69 25.19 -4.24
N GLU H 1005 24.47 25.29 -4.78
CA GLU H 1005 23.65 24.13 -5.04
C GLU H 1005 24.20 23.43 -6.28
N LEU H 1006 24.04 22.11 -6.36
CA LEU H 1006 24.15 21.39 -7.62
C LEU H 1006 23.06 21.87 -8.60
N PRO H 1007 23.27 21.76 -9.92
CA PRO H 1007 22.18 22.02 -10.89
C PRO H 1007 21.01 21.06 -10.70
N SER H 1008 19.82 21.48 -11.12
CA SER H 1008 18.60 20.70 -10.90
C SER H 1008 18.60 19.38 -11.67
N PHE H 1009 19.21 19.33 -12.85
CA PHE H 1009 18.93 18.27 -13.81
C PHE H 1009 19.84 17.05 -13.66
N LEU H 1010 20.66 16.95 -12.61
CA LEU H 1010 21.52 15.77 -12.47
C LEU H 1010 20.73 14.59 -11.89
N CYS H 1011 19.52 14.81 -11.39
CA CYS H 1011 18.73 13.75 -10.80
C CYS H 1011 17.92 13.04 -11.89
N VAL H 1012 18.41 11.85 -12.34
CA VAL H 1012 17.90 11.27 -13.58
C VAL H 1012 17.75 9.75 -13.59
N ALA H 1013 18.08 9.06 -12.51
CA ALA H 1013 17.90 7.61 -12.52
C ALA H 1013 16.49 7.22 -12.07
N SER H 1014 16.02 6.04 -12.52
CA SER H 1014 14.75 5.47 -12.09
C SER H 1014 14.73 3.96 -12.20
N PRO H 1015 14.00 3.25 -11.31
CA PRO H 1015 13.97 1.79 -11.36
C PRO H 1015 13.28 1.34 -12.65
N ARG H 1016 13.64 0.18 -13.20
CA ARG H 1016 12.86 -0.36 -14.29
C ARG H 1016 11.51 -0.92 -13.80
N VAL H 1017 11.47 -1.37 -12.55
CA VAL H 1017 10.28 -2.00 -11.99
C VAL H 1017 9.99 -1.43 -10.59
N THR H 1018 8.72 -1.23 -10.25
CA THR H 1018 8.33 -0.68 -8.96
C THR H 1018 7.22 -1.55 -8.35
N ALA H 1019 7.61 -2.61 -7.65
CA ALA H 1019 6.63 -3.47 -7.00
C ALA H 1019 5.88 -2.80 -5.82
N VAL H 1020 4.57 -3.05 -5.70
CA VAL H 1020 3.79 -2.76 -4.50
C VAL H 1020 4.23 -3.70 -3.37
N PRO H 1021 4.34 -3.18 -2.12
CA PRO H 1021 4.74 -3.97 -0.96
C PRO H 1021 3.91 -5.23 -0.79
N LEU H 1022 4.62 -6.35 -0.56
CA LEU H 1022 3.98 -7.64 -0.37
C LEU H 1022 3.18 -7.60 0.93
N ASP H 1023 2.03 -8.30 0.95
CA ASP H 1023 1.06 -8.20 2.04
C ASP H 1023 0.50 -9.58 2.37
N SER H 1024 -0.08 -9.76 3.56
CA SER H 1024 -0.59 -11.05 3.98
C SER H 1024 -2.11 -11.05 3.98
N TYR H 1025 -2.68 -12.18 3.55
CA TYR H 1025 -4.12 -12.43 3.68
C TYR H 1025 -4.36 -13.58 4.67
N CYS H 1026 -5.26 -13.35 5.64
CA CYS H 1026 -5.76 -14.41 6.49
C CYS H 1026 -7.27 -14.29 6.64
N ASN H 1027 -7.95 -15.44 6.63
CA ASN H 1027 -9.39 -15.52 6.51
C ASN H 1027 -10.06 -15.52 7.88
N ASP H 1028 -9.98 -14.39 8.61
CA ASP H 1028 -10.52 -14.26 9.97
C ASP H 1028 -10.90 -12.80 10.18
N ARG H 1029 -12.06 -12.51 10.81
CA ARG H 1029 -12.53 -11.12 10.87
C ARG H 1029 -11.55 -10.25 11.65
N SER H 1030 -10.99 -10.83 12.72
CA SER H 1030 -10.07 -10.09 13.58
C SER H 1030 -8.74 -9.85 12.88
N ALA H 1031 -8.23 -10.84 12.14
CA ALA H 1031 -7.05 -10.65 11.35
C ALA H 1031 -7.24 -9.53 10.30
N GLU H 1032 -8.43 -9.45 9.69
CA GLU H 1032 -8.68 -8.43 8.70
C GLU H 1032 -8.74 -7.06 9.37
N TYR H 1033 -9.30 -6.96 10.59
CA TYR H 1033 -9.24 -5.71 11.32
C TYR H 1033 -7.79 -5.27 11.56
N GLU H 1034 -6.92 -6.20 11.95
CA GLU H 1034 -5.52 -5.85 12.18
C GLU H 1034 -4.86 -5.30 10.92
N ARG H 1035 -4.89 -6.03 9.82
CA ARG H 1035 -4.18 -5.57 8.63
C ARG H 1035 -4.74 -4.24 8.10
N ARG H 1036 -6.04 -3.94 8.25
CA ARG H 1036 -6.56 -2.65 7.87
C ARG H 1036 -5.86 -1.50 8.62
N VAL H 1037 -5.66 -1.66 9.93
CA VAL H 1037 -4.93 -0.68 10.73
C VAL H 1037 -3.53 -0.42 10.14
N LEU H 1038 -2.80 -1.48 9.78
CA LEU H 1038 -1.45 -1.33 9.24
C LEU H 1038 -1.44 -0.55 7.92
N LYS H 1039 -2.42 -0.79 7.03
CA LYS H 1039 -2.49 -0.06 5.78
C LYS H 1039 -2.87 1.41 5.97
N GLU H 1040 -3.69 1.74 6.98
CA GLU H 1040 -3.96 3.13 7.30
C GLU H 1040 -2.77 3.79 8.01
N GLY H 1041 -1.98 3.00 8.75
CA GLY H 1041 -0.91 3.49 9.61
C GLY H 1041 -1.26 3.25 11.09
N GLY H 1042 -0.31 2.72 11.87
CA GLY H 1042 -0.61 1.98 13.10
C GLY H 1042 -1.40 2.75 14.17
N SER H 1043 -1.03 4.01 14.43
CA SER H 1043 -1.73 4.87 15.37
C SER H 1043 -1.55 6.32 14.94
N LEU H 1044 -2.45 7.22 15.37
CA LEU H 1044 -2.39 8.61 14.95
C LEU H 1044 -1.07 9.25 15.39
N ALA H 1045 -0.59 8.89 16.58
CA ALA H 1045 0.68 9.37 17.10
C ALA H 1045 1.86 8.90 16.24
N ALA H 1046 1.98 7.60 16.00
CA ALA H 1046 3.10 7.04 15.25
C ALA H 1046 3.09 7.56 13.81
N LYS H 1047 1.92 7.64 13.18
CA LYS H 1047 1.81 8.14 11.83
C LYS H 1047 2.15 9.62 11.79
N GLN H 1048 1.61 10.45 12.69
CA GLN H 1048 1.95 11.87 12.76
C GLN H 1048 3.46 12.08 12.98
N CYS H 1049 4.06 11.20 13.75
CA CYS H 1049 5.48 11.30 14.06
C CYS H 1049 6.36 11.22 12.82
N LEU H 1050 6.12 10.24 11.95
CA LEU H 1050 6.83 10.13 10.67
C LEU H 1050 6.38 11.20 9.68
N LEU H 1051 5.07 11.42 9.57
CA LEU H 1051 4.54 12.21 8.48
C LEU H 1051 4.74 13.71 8.74
N ASN H 1052 4.62 14.17 10.00
CA ASN H 1052 4.77 15.60 10.33
C ASN H 1052 5.92 15.89 11.31
N GLY H 1053 6.62 14.87 11.83
CA GLY H 1053 7.88 15.06 12.54
C GLY H 1053 7.78 14.86 14.06
N ALA H 1054 6.63 15.29 14.62
CA ALA H 1054 6.23 15.06 16.00
C ALA H 1054 4.73 15.34 16.10
N PRO H 1055 3.99 14.78 17.07
CA PRO H 1055 2.59 15.15 17.28
C PRO H 1055 2.38 16.62 17.67
N GLU H 1056 3.36 17.23 18.35
CA GLU H 1056 3.34 18.68 18.56
C GLU H 1056 3.37 19.46 17.23
N LEU H 1057 4.25 19.04 16.30
CA LEU H 1057 4.38 19.68 15.00
C LEU H 1057 3.16 19.44 14.11
N ALA H 1058 2.53 18.27 14.23
CA ALA H 1058 1.28 17.98 13.55
C ALA H 1058 0.18 18.94 13.99
N ALA H 1059 0.04 19.13 15.32
CA ALA H 1059 -0.95 20.03 15.89
C ALA H 1059 -0.74 21.48 15.42
N ASP H 1060 0.52 21.92 15.31
CA ASP H 1060 0.84 23.27 14.85
C ASP H 1060 0.59 23.40 13.34
N TRP H 1061 1.03 22.40 12.57
CA TRP H 1061 0.91 22.40 11.11
C TRP H 1061 -0.53 22.65 10.63
N LEU H 1062 -1.53 22.11 11.33
CA LEU H 1062 -2.94 22.34 11.01
C LEU H 1062 -3.31 23.82 11.00
N ASN H 1063 -2.66 24.65 11.85
CA ASN H 1063 -3.05 26.05 12.05
C ASN H 1063 -1.98 27.05 11.55
N ARG H 1064 -0.84 26.56 11.04
CA ARG H 1064 0.20 27.39 10.44
C ARG H 1064 -0.29 28.29 9.28
N ARG H 1065 -1.47 28.01 8.72
CA ARG H 1065 -2.17 28.91 7.82
C ARG H 1065 -2.36 30.34 8.39
N SER H 1066 -2.26 30.49 9.73
CA SER H 1066 -2.69 31.68 10.46
C SER H 1066 -1.54 32.41 11.15
N GLN H 1067 -0.28 32.03 10.85
CA GLN H 1067 0.91 32.61 11.47
C GLN H 1067 1.75 33.29 10.38
N PHE H 1068 2.32 34.47 10.67
CA PHE H 1068 3.16 35.16 9.69
C PHE H 1068 4.54 34.50 9.59
N PHE H 1069 5.21 34.21 10.72
CA PHE H 1069 6.55 33.61 10.73
C PHE H 1069 6.49 32.20 11.34
N PRO H 1070 6.03 31.18 10.58
CA PRO H 1070 5.94 29.82 11.11
C PRO H 1070 7.31 29.16 11.21
N GLU H 1071 7.44 28.23 12.16
CA GLU H 1071 8.66 27.44 12.31
C GLU H 1071 8.71 26.32 11.27
N PRO H 1072 9.88 25.67 11.04
CA PRO H 1072 9.98 24.58 10.05
C PRO H 1072 9.07 23.38 10.28
N ALA H 1073 8.68 22.73 9.20
CA ALA H 1073 8.00 21.44 9.26
C ALA H 1073 9.00 20.33 9.57
N GLY H 1074 8.54 19.24 10.19
CA GLY H 1074 9.49 18.29 10.71
C GLY H 1074 9.43 16.88 10.10
N GLY H 1075 8.38 16.59 9.34
CA GLY H 1075 8.14 15.21 8.95
C GLY H 1075 8.73 14.86 7.59
N LEU H 1076 8.25 13.76 6.98
CA LEU H 1076 8.44 13.56 5.55
C LEU H 1076 7.93 14.78 4.78
N TRP H 1077 6.94 15.50 5.31
CA TRP H 1077 6.49 16.77 4.75
C TRP H 1077 7.60 17.81 4.60
N SER H 1078 8.70 17.68 5.36
CA SER H 1078 9.79 18.66 5.33
C SER H 1078 10.76 18.44 4.16
N ILE H 1079 10.71 17.25 3.54
CA ILE H 1079 11.59 16.83 2.46
C ILE H 1079 10.85 16.97 1.13
N ARG H 1080 11.52 17.56 0.12
CA ARG H 1080 10.95 17.67 -1.21
C ARG H 1080 11.98 17.30 -2.27
N PRO H 1081 11.97 16.07 -2.81
CA PRO H 1081 12.86 15.72 -3.91
C PRO H 1081 12.45 16.47 -5.17
N GLN H 1082 13.42 16.73 -6.05
CA GLN H 1082 13.21 17.65 -7.17
C GLN H 1082 12.14 17.18 -8.15
N ASN H 1083 11.94 15.86 -8.22
CA ASN H 1083 10.99 15.26 -9.14
C ASN H 1083 9.69 14.79 -8.45
N GLY H 1084 9.54 15.00 -7.14
CA GLY H 1084 8.45 14.40 -6.40
C GLY H 1084 8.75 12.95 -6.07
N TRP H 1085 7.91 12.23 -5.31
CA TRP H 1085 8.23 10.83 -5.01
C TRP H 1085 7.94 9.86 -6.17
N SER H 1086 7.24 10.34 -7.22
CA SER H 1086 6.90 9.53 -8.38
C SER H 1086 8.03 9.44 -9.40
N PHE H 1087 8.10 8.29 -10.10
CA PHE H 1087 9.15 8.11 -11.09
C PHE H 1087 8.75 8.47 -12.51
N ILE H 1088 7.52 8.94 -12.74
CA ILE H 1088 7.02 9.13 -14.09
C ILE H 1088 7.67 10.36 -14.72
N ARG H 1089 7.98 10.24 -16.04
CA ARG H 1089 8.75 11.26 -16.74
C ARG H 1089 8.04 11.77 -17.98
N ILE H 1090 7.90 13.10 -18.02
CA ILE H 1090 7.16 13.81 -19.04
C ILE H 1090 8.18 14.50 -19.93
N PRO H 1091 8.12 14.37 -21.27
CA PRO H 1091 9.10 15.04 -22.13
C PRO H 1091 8.91 16.55 -22.08
N GLY H 1092 9.95 17.24 -21.58
CA GLY H 1092 9.92 18.68 -21.44
C GLY H 1092 9.96 19.38 -22.80
N LYS H 1093 9.55 20.64 -22.79
CA LYS H 1093 9.42 21.44 -24.00
C LYS H 1093 10.76 21.67 -24.71
N GLU H 1094 11.89 21.63 -23.97
CA GLU H 1094 13.21 21.67 -24.58
C GLU H 1094 13.44 20.56 -25.63
N SER H 1095 12.72 19.43 -25.53
CA SER H 1095 12.89 18.33 -26.47
C SER H 1095 12.61 18.73 -27.93
N LEU H 1096 11.89 19.83 -28.15
CA LEU H 1096 11.70 20.38 -29.48
C LEU H 1096 13.04 20.77 -30.11
N ILE H 1097 13.93 21.34 -29.30
CA ILE H 1097 15.24 21.76 -29.76
C ILE H 1097 16.17 20.54 -29.90
N THR H 1098 16.22 19.67 -28.88
CA THR H 1098 17.16 18.57 -28.88
C THR H 1098 16.97 17.65 -30.08
N ASP H 1099 15.74 17.61 -30.64
CA ASP H 1099 15.39 16.53 -31.57
C ASP H 1099 15.44 16.93 -33.03
N SER H 1100 15.59 18.23 -33.34
CA SER H 1100 15.68 18.60 -34.75
C SER H 1100 16.82 19.58 -35.01
N GLY H 1101 17.61 19.27 -36.05
CA GLY H 1101 18.69 20.12 -36.50
C GLY H 1101 18.19 21.52 -36.83
N LYS H 1102 17.01 21.54 -37.46
CA LYS H 1102 16.43 22.76 -37.97
C LYS H 1102 16.02 23.69 -36.84
N LEU H 1103 15.38 23.21 -35.77
CA LEU H 1103 15.08 24.10 -34.66
C LEU H 1103 16.35 24.51 -33.91
N TYR H 1104 17.33 23.60 -33.79
CA TYR H 1104 18.57 23.94 -33.12
C TYR H 1104 19.22 25.14 -33.84
N ALA H 1105 19.20 25.12 -35.18
CA ALA H 1105 19.64 26.23 -36.01
C ALA H 1105 18.74 27.46 -35.82
N LEU H 1106 17.42 27.26 -35.84
CA LEU H 1106 16.52 28.39 -35.74
C LEU H 1106 16.66 29.14 -34.41
N ASP H 1107 16.86 28.42 -33.31
CA ASP H 1107 16.97 29.03 -31.99
C ASP H 1107 18.13 30.03 -31.88
N VAL H 1108 19.31 29.63 -32.38
CA VAL H 1108 20.47 30.51 -32.34
C VAL H 1108 20.25 31.70 -33.27
N LEU H 1109 19.59 31.50 -34.43
CA LEU H 1109 19.28 32.61 -35.33
C LEU H 1109 18.38 33.61 -34.62
N LEU H 1110 17.28 33.13 -34.04
CA LEU H 1110 16.28 34.03 -33.46
C LEU H 1110 16.83 34.73 -32.21
N THR H 1111 17.57 34.03 -31.33
CA THR H 1111 18.18 34.68 -30.16
C THR H 1111 19.16 35.78 -30.57
N ARG H 1112 19.97 35.52 -31.61
CA ARG H 1112 20.83 36.55 -32.15
C ARG H 1112 20.00 37.73 -32.66
N LEU H 1113 19.08 37.48 -33.60
CA LEU H 1113 18.32 38.53 -34.27
C LEU H 1113 17.49 39.34 -33.27
N LYS H 1114 16.94 38.70 -32.22
CA LYS H 1114 16.25 39.37 -31.13
C LYS H 1114 17.16 40.39 -30.44
N SER H 1115 18.40 39.99 -30.11
CA SER H 1115 19.36 40.87 -29.47
C SER H 1115 19.77 42.03 -30.39
N GLN H 1116 19.78 41.80 -31.71
CA GLN H 1116 20.09 42.83 -32.70
C GLN H 1116 18.89 43.73 -33.01
N GLY H 1117 17.67 43.34 -32.58
CA GLY H 1117 16.46 44.13 -32.75
C GLY H 1117 15.73 43.88 -34.08
N HIS H 1118 16.16 42.88 -34.87
CA HIS H 1118 15.60 42.63 -36.18
C HIS H 1118 14.21 41.97 -36.12
N ARG H 1119 13.25 42.52 -36.89
CA ARG H 1119 11.93 41.91 -37.09
C ARG H 1119 12.00 40.82 -38.17
N VAL H 1120 11.18 39.76 -38.04
CA VAL H 1120 11.32 38.57 -38.88
C VAL H 1120 9.99 37.97 -39.33
N LEU H 1121 9.96 37.47 -40.59
CA LEU H 1121 8.91 36.57 -41.07
C LEU H 1121 9.44 35.14 -41.12
N ILE H 1122 8.67 34.17 -40.59
CA ILE H 1122 8.98 32.76 -40.79
C ILE H 1122 7.95 32.11 -41.71
N TYR H 1123 8.40 31.56 -42.84
CA TYR H 1123 7.54 30.83 -43.73
C TYR H 1123 7.76 29.32 -43.61
N SER H 1124 6.67 28.53 -43.63
CA SER H 1124 6.75 27.07 -43.51
C SER H 1124 5.63 26.36 -44.27
N GLN H 1125 5.89 25.11 -44.68
CA GLN H 1125 5.12 24.46 -45.74
C GLN H 1125 4.20 23.35 -45.24
N MET H 1126 4.05 23.21 -43.91
CA MET H 1126 3.13 22.22 -43.36
C MET H 1126 2.39 22.83 -42.17
N THR H 1127 1.05 22.70 -42.12
CA THR H 1127 0.29 23.23 -40.99
C THR H 1127 0.70 22.50 -39.71
N ARG H 1128 0.97 21.19 -39.83
CA ARG H 1128 1.50 20.38 -38.75
C ARG H 1128 2.77 20.97 -38.16
N MET H 1129 3.62 21.58 -39.00
CA MET H 1129 4.85 22.20 -38.54
C MET H 1129 4.57 23.57 -37.93
N ILE H 1130 3.66 24.35 -38.51
CA ILE H 1130 3.38 25.66 -37.93
C ILE H 1130 2.83 25.50 -36.50
N ASP H 1131 2.14 24.40 -36.21
CA ASP H 1131 1.77 24.06 -34.83
C ASP H 1131 2.99 23.84 -33.91
N LEU H 1132 3.98 23.07 -34.35
CA LEU H 1132 5.21 22.88 -33.60
C LEU H 1132 5.94 24.22 -33.39
N LEU H 1133 5.99 25.10 -34.42
CA LEU H 1133 6.59 26.41 -34.29
C LEU H 1133 5.83 27.26 -33.28
N GLU H 1134 4.49 27.21 -33.30
CA GLU H 1134 3.73 27.94 -32.30
C GLU H 1134 4.06 27.46 -30.87
N GLU H 1135 4.15 26.14 -30.61
CA GLU H 1135 4.58 25.64 -29.31
C GLU H 1135 5.95 26.17 -28.89
N TYR H 1136 6.86 26.38 -29.85
CA TYR H 1136 8.17 26.95 -29.58
C TYR H 1136 8.06 28.45 -29.24
N MET H 1137 7.28 29.21 -30.02
CA MET H 1137 7.11 30.63 -29.80
C MET H 1137 6.46 30.91 -28.45
N VAL H 1138 5.65 29.99 -27.93
CA VAL H 1138 5.07 30.15 -26.60
C VAL H 1138 6.10 29.83 -25.52
N TYR H 1139 6.97 28.84 -25.76
CA TYR H 1139 7.92 28.39 -24.73
C TYR H 1139 9.02 29.40 -24.47
N ARG H 1140 9.80 29.76 -25.50
CA ARG H 1140 10.67 30.92 -25.44
C ARG H 1140 9.84 32.15 -25.80
N LYS H 1141 9.58 33.04 -24.84
CA LYS H 1141 8.44 33.95 -24.89
C LYS H 1141 8.66 35.15 -25.83
N HIS H 1142 8.65 34.91 -27.16
CA HIS H 1142 9.03 35.88 -28.16
C HIS H 1142 7.93 36.88 -28.52
N THR H 1143 6.66 36.52 -28.30
CA THR H 1143 5.52 37.10 -29.02
C THR H 1143 5.55 36.64 -30.49
N TYR H 1144 4.35 36.41 -31.05
CA TYR H 1144 4.18 35.83 -32.39
C TYR H 1144 2.75 36.10 -32.88
N MET H 1145 2.52 35.80 -34.17
CA MET H 1145 1.21 35.91 -34.79
C MET H 1145 1.16 35.05 -36.07
N ARG H 1146 0.15 34.16 -36.25
CA ARG H 1146 0.14 33.18 -37.35
C ARG H 1146 -1.06 33.33 -38.30
N LEU H 1147 -0.86 33.06 -39.61
CA LEU H 1147 -1.89 33.26 -40.64
C LEU H 1147 -1.89 32.11 -41.66
N ASP H 1148 -2.23 30.90 -41.18
CA ASP H 1148 -2.59 29.75 -42.00
C ASP H 1148 -3.73 30.08 -42.98
N GLY H 1149 -3.82 29.27 -44.04
CA GLY H 1149 -4.93 29.35 -44.99
C GLY H 1149 -6.27 29.09 -44.32
N SER H 1150 -6.26 28.47 -43.13
CA SER H 1150 -7.45 28.18 -42.34
C SER H 1150 -7.94 29.40 -41.54
N SER H 1151 -7.14 30.47 -41.47
CA SER H 1151 -7.58 31.72 -40.83
C SER H 1151 -8.73 32.36 -41.62
N LYS H 1152 -9.66 33.02 -40.90
CA LYS H 1152 -10.79 33.69 -41.53
C LYS H 1152 -10.34 34.99 -42.19
N ILE H 1153 -11.03 35.41 -43.26
CA ILE H 1153 -10.60 36.54 -44.07
C ILE H 1153 -10.52 37.81 -43.22
N SER H 1154 -11.44 37.96 -42.25
CA SER H 1154 -11.45 39.10 -41.33
C SER H 1154 -10.26 39.10 -40.36
N GLU H 1155 -9.77 37.92 -39.95
CA GLU H 1155 -8.61 37.83 -39.08
C GLU H 1155 -7.36 38.38 -39.79
N ARG H 1156 -7.17 38.03 -41.06
CA ARG H 1156 -6.01 38.45 -41.84
C ARG H 1156 -5.88 39.98 -41.82
N ARG H 1157 -7.00 40.70 -41.84
CA ARG H 1157 -7.00 42.15 -41.88
C ARG H 1157 -6.40 42.72 -40.60
N ASP H 1158 -6.95 42.32 -39.45
CA ASP H 1158 -6.44 42.74 -38.16
C ASP H 1158 -4.97 42.37 -37.98
N MET H 1159 -4.64 41.11 -38.30
CA MET H 1159 -3.33 40.55 -38.03
C MET H 1159 -2.21 41.23 -38.83
N VAL H 1160 -2.46 41.57 -40.10
CA VAL H 1160 -1.54 42.38 -40.91
C VAL H 1160 -1.43 43.80 -40.36
N ALA H 1161 -2.57 44.41 -40.03
CA ALA H 1161 -2.60 45.77 -39.53
C ALA H 1161 -1.93 45.91 -38.15
N ASP H 1162 -1.81 44.81 -37.39
CA ASP H 1162 -1.08 44.74 -36.13
C ASP H 1162 0.42 44.46 -36.30
N PHE H 1163 0.87 43.94 -37.46
CA PHE H 1163 2.29 43.71 -37.69
C PHE H 1163 2.97 44.97 -38.24
N GLN H 1164 2.27 45.74 -39.08
CA GLN H 1164 2.56 47.17 -39.18
C GLN H 1164 2.12 47.88 -37.90
N ASN H 1165 2.43 49.18 -37.77
CA ASN H 1165 1.86 50.06 -36.72
C ASN H 1165 2.30 49.70 -35.29
N ARG H 1166 3.17 48.70 -35.09
CA ARG H 1166 3.61 48.27 -33.75
C ARG H 1166 5.07 47.81 -33.75
N ASN H 1167 5.76 48.04 -32.63
CA ASN H 1167 7.09 47.51 -32.38
C ASN H 1167 7.04 46.10 -31.74
N ASP H 1168 5.86 45.74 -31.20
CA ASP H 1168 5.70 44.67 -30.21
C ASP H 1168 5.99 43.28 -30.78
N ILE H 1169 5.32 42.93 -31.90
CA ILE H 1169 5.32 41.57 -32.43
C ILE H 1169 6.67 41.28 -33.10
N PHE H 1170 7.43 40.35 -32.51
CA PHE H 1170 8.79 40.04 -32.98
C PHE H 1170 8.76 39.30 -34.31
N VAL H 1171 7.86 38.29 -34.44
CA VAL H 1171 7.85 37.34 -35.53
C VAL H 1171 6.44 37.03 -36.05
N PHE H 1172 6.31 36.86 -37.37
CA PHE H 1172 5.06 36.44 -38.01
C PHE H 1172 5.25 35.05 -38.59
N LEU H 1173 4.29 34.14 -38.35
CA LEU H 1173 4.32 32.77 -38.88
C LEU H 1173 3.36 32.62 -40.06
N LEU H 1174 3.87 32.14 -41.19
CA LEU H 1174 3.11 32.11 -42.43
C LEU H 1174 3.29 30.78 -43.14
N SER H 1175 2.28 30.36 -43.91
CA SER H 1175 2.50 29.38 -44.97
C SER H 1175 2.49 30.12 -46.29
N THR H 1176 3.40 29.73 -47.19
CA THR H 1176 3.73 30.58 -48.33
C THR H 1176 2.53 30.77 -49.25
N ARG H 1177 1.67 29.73 -49.39
CA ARG H 1177 0.54 29.79 -50.30
C ARG H 1177 -0.59 30.67 -49.77
N ALA H 1178 -0.64 30.84 -48.44
CA ALA H 1178 -1.66 31.65 -47.79
C ALA H 1178 -1.25 33.12 -47.66
N GLY H 1179 0.01 33.33 -47.24
CA GLY H 1179 0.49 34.65 -46.84
C GLY H 1179 1.54 35.24 -47.78
N GLY H 1180 2.00 34.49 -48.78
CA GLY H 1180 3.10 34.94 -49.62
C GLY H 1180 2.69 35.96 -50.68
N LEU H 1181 1.38 36.27 -50.82
CA LEU H 1181 0.86 37.14 -51.88
C LEU H 1181 0.22 38.42 -51.31
N GLY H 1182 0.48 39.56 -51.96
CA GLY H 1182 -0.21 40.84 -51.76
C GLY H 1182 0.05 41.57 -50.43
N ILE H 1183 0.65 40.91 -49.44
CA ILE H 1183 0.38 41.22 -48.03
C ILE H 1183 1.04 42.52 -47.51
N ASN H 1184 2.08 43.06 -48.18
CA ASN H 1184 2.79 44.29 -47.80
C ASN H 1184 3.36 44.28 -46.36
N LEU H 1185 4.18 43.28 -46.01
CA LEU H 1185 4.81 43.19 -44.69
C LEU H 1185 6.16 43.94 -44.66
N THR H 1186 6.10 45.27 -44.85
CA THR H 1186 7.30 46.10 -44.91
C THR H 1186 8.01 46.23 -43.56
N ALA H 1187 7.36 45.81 -42.47
CA ALA H 1187 7.90 45.94 -41.12
C ALA H 1187 9.04 44.95 -40.82
N ALA H 1188 9.18 43.89 -41.63
CA ALA H 1188 10.16 42.85 -41.36
C ALA H 1188 11.53 43.18 -41.96
N ASP H 1189 12.58 43.05 -41.12
CA ASP H 1189 13.96 43.23 -41.53
C ASP H 1189 14.53 41.97 -42.19
N THR H 1190 13.91 40.81 -41.91
CA THR H 1190 14.48 39.50 -42.25
C THR H 1190 13.40 38.49 -42.57
N VAL H 1191 13.79 37.44 -43.31
CA VAL H 1191 12.88 36.38 -43.74
C VAL H 1191 13.57 35.02 -43.56
N ILE H 1192 12.83 34.07 -42.97
CA ILE H 1192 13.36 32.73 -42.80
C ILE H 1192 12.43 31.73 -43.48
N PHE H 1193 13.00 30.85 -44.31
CA PHE H 1193 12.26 29.70 -44.81
C PHE H 1193 12.63 28.46 -44.01
N TYR H 1194 11.71 27.94 -43.18
CA TYR H 1194 11.94 26.69 -42.48
C TYR H 1194 11.91 25.47 -43.43
N ASP H 1195 11.25 25.60 -44.60
CA ASP H 1195 11.29 24.60 -45.65
C ASP H 1195 11.01 25.29 -47.00
N SER H 1196 11.17 24.58 -48.14
CA SER H 1196 11.03 25.17 -49.47
C SER H 1196 10.22 24.28 -50.44
N ASP H 1197 9.54 24.92 -51.41
CA ASP H 1197 8.73 24.21 -52.41
C ASP H 1197 9.54 23.78 -53.65
N TRP H 1198 9.06 22.73 -54.32
CA TRP H 1198 9.58 22.27 -55.59
C TRP H 1198 9.47 23.32 -56.71
N ASN H 1199 8.65 24.36 -56.49
CA ASN H 1199 8.48 25.43 -57.46
C ASN H 1199 9.05 26.73 -56.90
N PRO H 1200 10.07 27.34 -57.54
CA PRO H 1200 10.40 28.73 -57.27
C PRO H 1200 9.22 29.65 -57.60
N THR H 1201 9.50 30.96 -57.61
CA THR H 1201 8.54 32.03 -57.86
C THR H 1201 7.68 32.22 -56.61
N VAL H 1202 7.23 31.13 -55.97
CA VAL H 1202 6.47 31.21 -54.72
C VAL H 1202 7.31 31.93 -53.67
N ASP H 1203 8.55 31.45 -53.48
CA ASP H 1203 9.46 32.03 -52.52
C ASP H 1203 9.82 33.47 -52.92
N GLN H 1204 9.96 33.74 -54.23
CA GLN H 1204 10.27 35.07 -54.73
C GLN H 1204 9.17 36.06 -54.31
N GLN H 1205 7.89 35.66 -54.48
CA GLN H 1205 6.76 36.44 -54.01
C GLN H 1205 6.81 36.60 -52.49
N ALA H 1206 7.06 35.51 -51.76
CA ALA H 1206 7.10 35.52 -50.29
C ALA H 1206 8.18 36.48 -49.76
N MET H 1207 9.32 36.58 -50.45
CA MET H 1207 10.38 37.52 -50.12
C MET H 1207 10.00 38.95 -50.51
N ASP H 1208 9.55 39.16 -51.76
CA ASP H 1208 9.26 40.50 -52.27
C ASP H 1208 7.98 41.10 -51.68
N ARG H 1209 7.20 40.33 -50.91
CA ARG H 1209 6.13 40.88 -50.09
C ARG H 1209 6.65 41.43 -48.75
N ALA H 1210 7.97 41.32 -48.49
CA ALA H 1210 8.69 42.15 -47.54
C ALA H 1210 9.59 43.18 -48.26
N HIS H 1211 10.37 42.73 -49.25
CA HIS H 1211 11.31 43.56 -50.01
C HIS H 1211 10.61 44.36 -51.12
N ARG H 1212 10.29 45.65 -50.84
CA ARG H 1212 9.48 46.48 -51.72
C ARG H 1212 9.61 47.97 -51.39
N LEU H 1213 9.01 48.81 -52.25
CA LEU H 1213 9.19 50.27 -52.30
C LEU H 1213 9.01 50.99 -50.95
N GLY H 1214 8.25 50.41 -50.01
CA GLY H 1214 8.05 51.03 -48.71
C GLY H 1214 9.27 50.94 -47.76
N GLN H 1215 10.24 50.04 -48.04
CA GLN H 1215 11.37 49.83 -47.15
C GLN H 1215 12.55 50.78 -47.40
N THR H 1216 13.35 50.99 -46.33
CA THR H 1216 14.54 51.84 -46.32
C THR H 1216 15.67 51.16 -45.56
N LYS H 1217 15.81 49.83 -45.72
CA LYS H 1217 16.57 48.99 -44.80
C LYS H 1217 17.28 47.82 -45.49
N GLN H 1218 18.08 47.08 -44.69
CA GLN H 1218 18.57 45.75 -45.05
C GLN H 1218 17.40 44.80 -45.33
N VAL H 1219 17.66 43.77 -46.14
CA VAL H 1219 16.88 42.53 -46.11
C VAL H 1219 17.84 41.35 -46.12
N THR H 1220 17.65 40.42 -45.17
CA THR H 1220 18.37 39.15 -45.20
C THR H 1220 17.36 38.01 -45.27
N VAL H 1221 17.77 36.94 -45.96
CA VAL H 1221 16.91 35.79 -46.22
C VAL H 1221 17.69 34.52 -45.91
N TYR H 1222 17.08 33.57 -45.20
CA TYR H 1222 17.75 32.33 -44.84
C TYR H 1222 16.99 31.08 -45.29
N ARG H 1223 17.72 30.11 -45.84
CA ARG H 1223 17.22 28.74 -45.99
C ARG H 1223 17.87 27.81 -44.95
N LEU H 1224 17.06 26.98 -44.28
CA LEU H 1224 17.56 25.95 -43.40
C LEU H 1224 17.40 24.60 -44.11
N ILE H 1225 18.50 23.90 -44.42
CA ILE H 1225 18.43 22.67 -45.19
C ILE H 1225 19.38 21.61 -44.62
N CYS H 1226 18.95 20.35 -44.56
CA CYS H 1226 19.75 19.28 -43.98
C CYS H 1226 20.79 18.72 -44.95
N LYS H 1227 21.93 18.27 -44.39
CA LYS H 1227 22.95 17.56 -45.16
C LYS H 1227 22.46 16.17 -45.60
N GLY H 1228 22.39 15.95 -46.92
CA GLY H 1228 22.39 14.62 -47.51
C GLY H 1228 21.07 13.86 -47.44
N THR H 1229 19.97 14.48 -46.96
CA THR H 1229 18.75 13.70 -46.68
C THR H 1229 17.87 13.57 -47.93
N ILE H 1230 17.24 14.68 -48.36
CA ILE H 1230 16.22 14.68 -49.41
C ILE H 1230 15.97 16.12 -49.86
N GLU H 1231 16.02 17.08 -48.93
CA GLU H 1231 15.81 18.50 -49.18
C GLU H 1231 16.78 19.06 -50.24
N GLU H 1232 17.93 18.39 -50.42
CA GLU H 1232 18.89 18.75 -51.45
C GLU H 1232 18.31 18.59 -52.86
N ARG H 1233 17.47 17.55 -53.08
CA ARG H 1233 16.82 17.34 -54.36
C ARG H 1233 15.88 18.50 -54.70
N ILE H 1234 15.15 18.96 -53.68
CA ILE H 1234 14.22 20.07 -53.81
C ILE H 1234 15.02 21.29 -54.23
N LEU H 1235 16.12 21.57 -53.54
CA LEU H 1235 16.96 22.71 -53.85
C LEU H 1235 17.55 22.60 -55.26
N GLN H 1236 18.01 21.41 -55.67
CA GLN H 1236 18.53 21.18 -57.03
C GLN H 1236 17.47 21.47 -58.10
N ARG H 1237 16.25 20.91 -57.99
CA ARG H 1237 15.20 21.19 -58.95
C ARG H 1237 14.82 22.68 -58.97
N ALA H 1238 14.82 23.34 -57.80
CA ALA H 1238 14.59 24.77 -57.73
C ALA H 1238 15.67 25.55 -58.49
N LYS H 1239 16.95 25.22 -58.27
CA LYS H 1239 18.04 25.85 -58.99
C LYS H 1239 17.93 25.61 -60.49
N GLU H 1240 17.70 24.36 -60.92
CA GLU H 1240 17.53 24.03 -62.33
C GLU H 1240 16.46 24.90 -63.00
N LYS H 1241 15.28 24.99 -62.38
CA LYS H 1241 14.20 25.84 -62.87
C LYS H 1241 14.61 27.31 -62.92
N SER H 1242 15.30 27.81 -61.89
CA SER H 1242 15.54 29.24 -61.69
C SER H 1242 16.22 29.93 -62.87
N GLU H 1243 17.17 29.25 -63.56
CA GLU H 1243 17.88 29.84 -64.70
C GLU H 1243 17.05 29.77 -65.99
N ILE H 1244 16.38 28.63 -66.23
CA ILE H 1244 15.43 28.48 -67.34
C ILE H 1244 14.38 29.61 -67.27
N GLN H 1245 13.90 29.87 -66.06
CA GLN H 1245 12.90 30.88 -65.76
C GLN H 1245 13.39 32.31 -66.05
N ARG H 1246 14.72 32.54 -66.09
CA ARG H 1246 15.25 33.81 -66.58
C ARG H 1246 15.21 33.87 -68.11
N MET H 1247 15.85 32.91 -68.78
CA MET H 1247 16.15 33.01 -70.21
C MET H 1247 14.89 33.08 -71.08
N VAL H 1248 13.75 32.53 -70.61
CA VAL H 1248 12.50 32.57 -71.36
C VAL H 1248 11.81 33.95 -71.28
N ILE H 1249 12.44 34.94 -70.58
CA ILE H 1249 11.96 36.32 -70.51
C ILE H 1249 13.11 37.30 -70.82
N SER H 1250 14.26 37.11 -70.15
CA SER H 1250 15.42 37.99 -70.26
C SER H 1250 16.69 37.26 -69.81
N LEU I 208 -53.86 57.02 -53.20
CA LEU I 208 -53.73 55.56 -53.51
C LEU I 208 -52.25 55.15 -53.60
N THR I 209 -51.54 55.58 -54.66
CA THR I 209 -50.21 55.07 -55.00
C THR I 209 -49.15 55.45 -53.96
N GLU I 210 -49.38 56.54 -53.21
CA GLU I 210 -48.43 57.08 -52.23
C GLU I 210 -48.02 56.06 -51.15
N GLU I 211 -48.94 55.15 -50.76
CA GLU I 211 -48.67 54.14 -49.74
C GLU I 211 -47.54 53.20 -50.19
N MET I 212 -47.69 52.60 -51.39
CA MET I 212 -46.69 51.68 -51.93
C MET I 212 -45.40 52.43 -52.29
N LEU I 213 -45.52 53.68 -52.76
CA LEU I 213 -44.38 54.54 -53.07
C LEU I 213 -43.55 54.84 -51.81
N LEU I 214 -44.18 55.32 -50.73
CA LEU I 214 -43.47 55.67 -49.50
C LEU I 214 -42.98 54.41 -48.75
N LYS I 215 -43.70 53.28 -48.90
CA LYS I 215 -43.22 51.99 -48.42
C LYS I 215 -41.92 51.63 -49.15
N ARG I 216 -41.91 51.69 -50.50
CA ARG I 216 -40.74 51.36 -51.30
C ARG I 216 -39.59 52.35 -51.09
N GLU I 217 -39.89 53.63 -50.84
CA GLU I 217 -38.92 54.62 -50.39
C GLU I 217 -38.28 54.23 -49.05
N GLU I 218 -39.10 53.79 -48.09
CA GLU I 218 -38.61 53.32 -46.79
C GLU I 218 -37.72 52.08 -46.98
N ARG I 219 -38.10 51.15 -47.87
CA ARG I 219 -37.28 50.00 -48.20
C ARG I 219 -35.95 50.41 -48.85
N ALA I 220 -35.94 51.50 -49.63
CA ALA I 220 -34.71 52.02 -50.23
C ALA I 220 -33.73 52.53 -49.15
N ARG I 221 -34.18 53.36 -48.20
CA ARG I 221 -33.31 53.83 -47.13
C ARG I 221 -32.89 52.66 -46.22
N LYS I 222 -33.78 51.67 -46.00
CA LYS I 222 -33.45 50.45 -45.29
C LYS I 222 -32.30 49.69 -45.97
N ARG I 223 -32.44 49.45 -47.29
CA ARG I 223 -31.39 48.83 -48.11
C ARG I 223 -30.08 49.59 -48.01
N ARG I 224 -30.08 50.93 -48.19
CA ARG I 224 -28.85 51.71 -48.21
C ARG I 224 -28.21 51.81 -46.81
N LEU I 225 -29.00 51.74 -45.74
CA LEU I 225 -28.45 51.59 -44.39
C LEU I 225 -27.72 50.25 -44.23
N GLN I 226 -28.31 49.15 -44.74
CA GLN I 226 -27.64 47.85 -44.76
C GLN I 226 -26.40 47.88 -45.64
N ALA I 227 -26.44 48.59 -46.78
CA ALA I 227 -25.27 48.79 -47.63
C ALA I 227 -24.15 49.49 -46.88
N ALA I 228 -24.46 50.59 -46.17
CA ALA I 228 -23.50 51.30 -45.35
C ALA I 228 -22.88 50.38 -44.28
N ARG I 229 -23.72 49.63 -43.54
CA ARG I 229 -23.25 48.73 -42.48
C ARG I 229 -22.38 47.60 -43.03
N ARG I 230 -22.88 46.86 -44.04
CA ARG I 230 -22.22 45.67 -44.53
C ARG I 230 -21.04 45.99 -45.46
N ALA I 231 -20.97 47.24 -45.96
CA ALA I 231 -19.74 47.76 -46.52
C ALA I 231 -18.71 48.03 -45.40
N GLU I 232 -19.11 48.63 -44.27
CA GLU I 232 -18.12 48.96 -43.24
C GLU I 232 -17.66 47.73 -42.44
N GLU I 233 -18.38 46.60 -42.49
CA GLU I 233 -17.86 45.31 -42.05
C GLU I 233 -16.53 44.87 -42.73
N HIS I 234 -16.18 45.50 -43.86
CA HIS I 234 -14.94 45.24 -44.57
C HIS I 234 -13.74 46.01 -43.99
N LYS I 235 -13.95 46.89 -42.98
CA LYS I 235 -12.90 47.73 -42.42
C LYS I 235 -11.88 46.88 -41.66
N ASN I 236 -12.35 45.83 -40.97
CA ASN I 236 -11.53 45.04 -40.04
C ASN I 236 -11.85 43.53 -40.15
N PRO I 271 -11.30 40.21 4.59
CA PRO I 271 -10.53 41.09 5.47
C PRO I 271 -9.26 40.44 6.01
N MET I 272 -8.17 41.21 6.01
CA MET I 272 -6.83 40.68 6.16
C MET I 272 -6.04 41.45 7.21
N VAL I 273 -5.38 40.71 8.12
CA VAL I 273 -4.41 41.24 9.06
C VAL I 273 -3.15 41.60 8.28
N ARG I 274 -2.55 42.78 8.54
CA ARG I 274 -1.47 43.25 7.68
C ARG I 274 -0.22 43.64 8.48
N TYR I 275 0.93 43.10 8.01
CA TYR I 275 2.24 43.32 8.59
C TYR I 275 3.08 44.14 7.63
N CYS I 276 3.75 45.18 8.14
CA CYS I 276 4.52 46.12 7.34
C CYS I 276 5.89 46.34 7.94
N SER I 277 6.94 46.41 7.12
CA SER I 277 8.24 46.86 7.61
C SER I 277 8.82 47.85 6.60
N GLY I 278 9.41 48.94 7.09
CA GLY I 278 9.93 50.00 6.24
C GLY I 278 10.86 50.96 6.98
N ALA I 279 11.25 52.05 6.31
CA ALA I 279 12.16 53.05 6.85
C ALA I 279 11.59 53.73 8.10
N GLN I 280 10.26 53.90 8.13
CA GLN I 280 9.52 54.50 9.22
C GLN I 280 9.37 53.55 10.43
N GLY I 281 10.00 52.36 10.37
CA GLY I 281 9.84 51.33 11.40
C GLY I 281 8.77 50.28 11.03
N SER I 282 8.63 49.28 11.91
CA SER I 282 7.71 48.16 11.71
C SER I 282 6.27 48.53 12.10
N THR I 283 5.27 47.79 11.61
CA THR I 283 3.87 47.98 11.97
C THR I 283 3.08 46.68 11.80
N LEU I 284 2.19 46.40 12.76
CA LEU I 284 1.19 45.34 12.64
C LEU I 284 -0.19 45.99 12.70
N SER I 285 -1.15 45.47 11.92
CA SER I 285 -2.44 46.16 11.78
C SER I 285 -3.59 45.16 11.61
N PHE I 286 -4.72 45.45 12.27
CA PHE I 286 -5.92 44.61 12.25
C PHE I 286 -7.12 45.41 11.75
N PRO I 287 -8.01 44.82 10.90
CA PRO I 287 -9.18 45.55 10.43
C PRO I 287 -10.20 45.61 11.56
N PRO I 288 -11.14 46.58 11.55
CA PRO I 288 -12.06 46.76 12.67
C PRO I 288 -12.98 45.54 12.82
N GLY I 289 -13.17 45.10 14.06
CA GLY I 289 -14.01 43.94 14.35
C GLY I 289 -13.23 42.63 14.47
N VAL I 290 -11.99 42.60 13.97
CA VAL I 290 -11.08 41.49 14.26
C VAL I 290 -10.56 41.66 15.68
N PRO I 291 -10.44 40.56 16.49
CA PRO I 291 -10.07 40.68 17.90
C PRO I 291 -8.82 41.49 18.26
N ALA I 292 -7.82 41.50 17.35
CA ALA I 292 -6.49 42.06 17.60
C ALA I 292 -5.93 41.53 18.92
N PRO I 293 -5.61 40.21 18.98
CA PRO I 293 -5.51 39.45 20.24
C PRO I 293 -4.31 39.75 21.13
N THR I 294 -3.61 40.87 20.86
CA THR I 294 -2.51 41.31 21.70
C THR I 294 -3.06 41.96 22.98
N ALA I 295 -3.62 41.14 23.88
CA ALA I 295 -3.99 41.58 25.21
C ALA I 295 -2.73 41.84 26.05
N VAL I 296 -2.76 42.87 26.90
CA VAL I 296 -1.64 43.20 27.77
C VAL I 296 -1.50 42.17 28.89
N SER I 297 -0.30 42.07 29.49
CA SER I 297 -0.07 41.28 30.70
C SER I 297 0.70 42.10 31.73
N GLN I 298 0.29 41.99 33.02
CA GLN I 298 0.84 42.78 34.12
C GLN I 298 1.08 41.89 35.34
N ARG I 299 2.10 42.20 36.17
CA ARG I 299 2.53 41.29 37.22
C ARG I 299 1.92 41.70 38.57
N PRO I 300 0.93 40.93 39.14
CA PRO I 300 0.49 41.14 40.52
C PRO I 300 1.56 40.68 41.50
N SER I 301 1.79 41.47 42.55
CA SER I 301 2.89 41.26 43.49
C SER I 301 2.63 40.04 44.40
N PRO I 302 3.70 39.38 44.92
CA PRO I 302 3.53 38.33 45.93
C PRO I 302 3.19 38.92 47.29
N SER I 303 2.60 38.08 48.16
CA SER I 303 2.40 38.44 49.56
C SER I 303 3.75 38.57 50.28
N GLY I 304 3.76 39.27 51.43
CA GLY I 304 4.99 39.60 52.14
C GLY I 304 5.71 38.38 52.72
N PRO I 305 5.25 37.81 53.86
CA PRO I 305 5.88 36.64 54.46
C PRO I 305 5.42 35.34 53.81
N PRO I 306 6.34 34.39 53.52
CA PRO I 306 5.94 33.02 53.18
C PRO I 306 5.20 32.35 54.35
N PRO I 307 4.27 31.41 54.06
CA PRO I 307 3.49 30.74 55.12
C PRO I 307 4.37 29.83 55.95
N ARG I 308 4.18 29.90 57.28
CA ARG I 308 4.96 29.12 58.24
C ARG I 308 4.11 28.02 58.89
N CYS I 309 4.79 27.17 59.67
CA CYS I 309 4.15 26.10 60.43
C CYS I 309 3.13 26.69 61.44
N SER I 310 2.04 25.96 61.74
CA SER I 310 1.03 26.40 62.71
C SER I 310 1.44 26.15 64.17
N VAL I 311 2.29 25.14 64.44
CA VAL I 311 2.74 24.86 65.80
C VAL I 311 3.54 26.06 66.32
N PRO I 312 3.17 26.65 67.48
CA PRO I 312 3.53 28.04 67.79
C PRO I 312 5.01 28.39 67.91
N GLY I 313 5.85 27.44 68.33
CA GLY I 313 7.27 27.72 68.47
C GLY I 313 8.09 27.40 67.23
N CYS I 314 7.45 27.03 66.10
CA CYS I 314 8.13 26.37 64.99
C CYS I 314 8.39 27.35 63.84
N PRO I 315 9.67 27.58 63.42
CA PRO I 315 9.98 28.58 62.40
C PRO I 315 9.89 28.17 60.94
N HIS I 316 9.79 26.85 60.67
CA HIS I 316 9.88 26.28 59.33
C HIS I 316 8.70 26.70 58.44
N PRO I 317 8.93 26.79 57.10
CA PRO I 317 7.84 27.02 56.13
C PRO I 317 6.81 25.89 56.07
N ARG I 318 5.62 26.21 55.54
CA ARG I 318 4.58 25.22 55.28
C ARG I 318 5.01 24.26 54.16
N ARG I 319 4.97 22.95 54.44
CA ARG I 319 5.16 21.94 53.41
C ARG I 319 3.80 21.46 52.87
N TYR I 320 2.85 21.25 53.79
CA TYR I 320 1.54 20.66 53.50
C TYR I 320 0.55 21.03 54.61
N ALA I 321 -0.74 20.70 54.44
CA ALA I 321 -1.75 20.92 55.46
C ALA I 321 -2.34 19.58 55.98
N CYS I 322 -2.74 19.58 57.26
CA CYS I 322 -3.31 18.38 57.88
C CYS I 322 -4.66 18.02 57.26
N SER I 323 -4.90 16.72 57.07
CA SER I 323 -6.11 16.18 56.48
C SER I 323 -7.34 16.36 57.38
N ARG I 324 -7.16 16.41 58.71
CA ARG I 324 -8.27 16.47 59.66
C ARG I 324 -8.50 17.89 60.18
N THR I 325 -7.47 18.48 60.81
CA THR I 325 -7.65 19.71 61.56
C THR I 325 -7.51 20.94 60.65
N GLY I 326 -6.90 20.79 59.47
CA GLY I 326 -6.77 21.88 58.51
C GLY I 326 -5.60 22.83 58.78
N GLN I 327 -4.77 22.53 59.79
CA GLN I 327 -3.60 23.36 60.09
C GLN I 327 -2.48 23.16 59.07
N ALA I 328 -1.78 24.27 58.75
CA ALA I 328 -0.55 24.26 58.00
C ALA I 328 0.57 23.60 58.82
N LEU I 329 1.38 22.73 58.18
CA LEU I 329 2.35 21.89 58.86
C LEU I 329 3.68 21.81 58.08
N CYS I 330 4.67 21.12 58.69
CA CYS I 330 6.02 21.10 58.14
C CYS I 330 6.74 19.76 58.33
N SER I 331 6.27 18.88 59.20
CA SER I 331 6.98 17.63 59.46
C SER I 331 6.07 16.66 60.23
N LEU I 332 6.49 15.40 60.31
CA LEU I 332 5.82 14.41 61.13
C LEU I 332 5.85 14.81 62.61
N GLN I 333 6.94 15.45 63.07
CA GLN I 333 7.03 15.93 64.44
C GLN I 333 5.92 16.93 64.72
N CYS I 334 5.77 17.95 63.86
CA CYS I 334 4.71 18.94 64.02
C CYS I 334 3.32 18.38 63.81
N TYR I 335 3.14 17.39 62.94
CA TYR I 335 1.85 16.73 62.78
C TYR I 335 1.41 16.00 64.05
N ARG I 336 2.30 15.22 64.69
CA ARG I 336 1.99 14.58 65.96
C ARG I 336 1.64 15.62 67.05
N ILE I 337 2.43 16.70 67.17
CA ILE I 337 2.17 17.75 68.16
C ILE I 337 0.84 18.47 67.92
N ASN I 338 0.54 18.86 66.68
CA ASN I 338 -0.77 19.41 66.34
C ASN I 338 -1.91 18.44 66.70
N LEU I 339 -1.78 17.15 66.38
CA LEU I 339 -2.83 16.17 66.63
C LEU I 339 -3.05 15.91 68.13
N GLN I 340 -1.99 15.99 68.95
CA GLN I 340 -2.09 15.84 70.41
C GLN I 340 -2.69 17.07 71.10
N MET I 341 -2.38 18.27 70.61
CA MET I 341 -2.79 19.51 71.27
C MET I 341 -4.15 20.03 70.77
N ARG I 342 -4.64 19.56 69.61
CA ARG I 342 -6.03 19.75 69.18
C ARG I 342 -6.91 18.59 69.68
N PRO J 7 -53.25 -44.53 11.45
CA PRO J 7 -54.53 -44.18 10.83
C PRO J 7 -55.45 -43.40 11.76
N PHE J 8 -56.23 -42.48 11.19
CA PHE J 8 -57.09 -41.61 12.00
C PHE J 8 -58.26 -42.38 12.62
N ARG J 9 -58.70 -41.90 13.80
CA ARG J 9 -59.96 -42.29 14.42
C ARG J 9 -60.97 -41.15 14.26
N ASP J 10 -62.21 -41.40 14.73
CA ASP J 10 -63.22 -40.37 14.93
C ASP J 10 -63.60 -40.29 16.41
N ALA J 11 -64.03 -39.10 16.85
CA ALA J 11 -64.34 -38.82 18.24
C ALA J 11 -65.73 -39.32 18.64
N ARG J 12 -65.91 -39.53 19.96
CA ARG J 12 -67.20 -39.88 20.55
C ARG J 12 -68.06 -38.64 20.77
N ALA J 13 -69.38 -38.89 20.95
CA ALA J 13 -70.39 -37.86 21.12
C ALA J 13 -71.55 -38.39 21.98
N ALA J 14 -72.42 -37.49 22.46
CA ALA J 14 -73.71 -37.81 23.06
C ALA J 14 -73.65 -38.93 24.11
N PRO J 15 -73.00 -38.70 25.28
CA PRO J 15 -73.05 -39.63 26.41
C PRO J 15 -74.37 -39.53 27.17
N ASP J 16 -74.53 -40.35 28.24
CA ASP J 16 -75.78 -40.46 29.01
C ASP J 16 -75.65 -39.93 30.46
N PRO J 17 -75.25 -38.65 30.69
CA PRO J 17 -75.28 -38.09 32.04
C PRO J 17 -76.70 -37.68 32.42
N VAL J 18 -77.34 -38.46 33.30
CA VAL J 18 -78.60 -38.08 33.93
C VAL J 18 -78.56 -38.49 35.41
N LEU J 19 -79.09 -37.61 36.29
CA LEU J 19 -79.03 -37.78 37.74
C LEU J 19 -80.34 -37.36 38.40
N GLU J 20 -80.51 -37.74 39.68
CA GLU J 20 -81.60 -37.28 40.52
C GLU J 20 -81.44 -35.79 40.90
N ALA J 21 -82.44 -35.24 41.60
CA ALA J 21 -82.61 -33.80 41.80
C ALA J 21 -81.49 -33.15 42.64
N GLY J 22 -80.69 -33.95 43.37
CA GLY J 22 -79.53 -33.43 44.07
C GLY J 22 -78.84 -34.50 44.91
N PRO J 23 -77.54 -34.80 44.67
CA PRO J 23 -76.82 -35.85 45.42
C PRO J 23 -76.31 -35.37 46.77
N VAL J 24 -77.23 -34.90 47.63
CA VAL J 24 -76.88 -34.25 48.89
C VAL J 24 -76.37 -35.29 49.90
N ALA J 25 -75.12 -35.08 50.36
CA ALA J 25 -74.47 -35.96 51.34
C ALA J 25 -74.80 -35.56 52.78
N HIS J 26 -74.20 -36.27 53.73
CA HIS J 26 -74.34 -36.00 55.16
C HIS J 26 -73.67 -34.67 55.52
N GLY J 27 -74.13 -34.04 56.63
CA GLY J 27 -73.60 -32.77 57.10
C GLY J 27 -74.28 -31.57 56.43
N PRO J 28 -73.53 -30.59 55.90
CA PRO J 28 -74.13 -29.41 55.28
C PRO J 28 -74.83 -29.73 53.96
N LEU J 29 -76.09 -29.27 53.85
CA LEU J 29 -76.95 -29.56 52.71
C LEU J 29 -76.57 -28.81 51.44
N PRO J 30 -76.10 -27.52 51.45
CA PRO J 30 -75.82 -26.80 50.21
C PRO J 30 -74.49 -27.16 49.54
N VAL J 31 -74.42 -28.38 48.98
CA VAL J 31 -73.23 -28.85 48.29
C VAL J 31 -72.97 -27.99 47.06
N PRO J 32 -71.81 -27.31 46.92
CA PRO J 32 -71.57 -26.44 45.76
C PRO J 32 -71.27 -27.14 44.43
N LEU J 33 -71.61 -26.46 43.33
CA LEU J 33 -71.18 -26.84 41.99
C LEU J 33 -69.79 -26.29 41.74
N VAL J 34 -68.94 -27.14 41.15
CA VAL J 34 -67.59 -26.76 40.76
C VAL J 34 -67.56 -26.69 39.24
N LEU J 35 -67.30 -25.48 38.72
CA LEU J 35 -67.50 -25.23 37.30
C LEU J 35 -66.27 -24.56 36.69
N ASP J 36 -65.50 -25.37 35.93
CA ASP J 36 -64.40 -24.87 35.15
C ASP J 36 -64.90 -24.46 33.76
N ASN J 37 -65.07 -23.15 33.57
CA ASN J 37 -65.72 -22.55 32.43
C ASN J 37 -64.69 -22.37 31.32
N GLY J 38 -64.16 -23.46 30.84
CA GLY J 38 -63.12 -23.38 29.84
C GLY J 38 -63.59 -22.89 28.47
N SER J 39 -62.61 -22.42 27.70
CA SER J 39 -62.76 -21.86 26.37
C SER J 39 -62.77 -22.96 25.32
N PHE J 40 -62.00 -24.02 25.53
CA PHE J 40 -62.00 -25.17 24.65
C PHE J 40 -63.14 -26.08 25.00
N GLN J 41 -63.26 -26.35 26.30
CA GLN J 41 -64.27 -27.26 26.81
C GLN J 41 -64.67 -26.83 28.21
N VAL J 42 -65.90 -27.14 28.65
CA VAL J 42 -66.33 -26.94 30.02
C VAL J 42 -66.19 -28.25 30.80
N ARG J 43 -65.81 -28.15 32.08
CA ARG J 43 -65.73 -29.26 33.00
C ARG J 43 -66.53 -28.90 34.25
N ALA J 44 -67.53 -29.73 34.66
CA ALA J 44 -68.51 -29.35 35.68
C ALA J 44 -68.96 -30.53 36.54
N GLY J 45 -69.25 -30.28 37.83
CA GLY J 45 -69.73 -31.35 38.71
C GLY J 45 -69.97 -30.92 40.16
N TRP J 46 -70.58 -31.84 40.92
CA TRP J 46 -70.87 -31.63 42.33
C TRP J 46 -69.59 -31.80 43.14
N ALA J 47 -69.45 -30.97 44.20
CA ALA J 47 -68.26 -30.99 45.06
C ALA J 47 -68.03 -32.35 45.72
N CYS J 48 -69.11 -33.08 46.02
CA CYS J 48 -69.09 -34.45 46.57
C CYS J 48 -68.12 -34.57 47.75
N PRO J 49 -68.36 -33.84 48.87
CA PRO J 49 -67.42 -33.80 49.98
C PRO J 49 -67.30 -35.12 50.74
N GLY J 50 -66.17 -35.28 51.44
CA GLY J 50 -65.95 -36.42 52.31
C GLY J 50 -65.31 -37.63 51.59
N GLN J 51 -65.04 -37.49 50.28
CA GLN J 51 -64.29 -38.48 49.51
C GLN J 51 -62.98 -37.86 49.02
N ASP J 52 -61.86 -38.53 49.35
CA ASP J 52 -60.52 -38.05 49.06
C ASP J 52 -60.29 -37.92 47.55
N PRO J 53 -60.35 -39.02 46.73
CA PRO J 53 -60.28 -38.88 45.27
C PRO J 53 -61.58 -38.28 44.75
N GLY J 54 -61.49 -37.22 43.94
CA GLY J 54 -62.65 -36.68 43.25
C GLY J 54 -63.24 -37.78 42.36
N PRO J 55 -64.44 -38.32 42.68
CA PRO J 55 -64.88 -39.59 42.10
C PRO J 55 -65.34 -39.50 40.64
N GLU J 56 -66.00 -38.37 40.29
CA GLU J 56 -66.67 -38.21 39.01
C GLU J 56 -66.68 -36.73 38.59
N PRO J 57 -65.60 -36.21 37.95
CA PRO J 57 -65.68 -34.96 37.19
C PRO J 57 -66.48 -35.25 35.91
N ARG J 58 -67.82 -35.20 36.04
CA ARG J 58 -68.75 -35.43 34.93
C ARG J 58 -68.69 -34.30 33.91
N LEU J 59 -69.43 -34.47 32.81
CA LEU J 59 -69.54 -33.48 31.75
C LEU J 59 -68.19 -32.96 31.24
N GLN J 60 -67.42 -33.85 30.63
CA GLN J 60 -66.29 -33.48 29.80
C GLN J 60 -66.81 -33.14 28.40
N PHE J 61 -67.07 -31.84 28.10
CA PHE J 61 -67.64 -31.53 26.79
C PHE J 61 -67.18 -30.21 26.17
N ARG J 62 -67.05 -30.23 24.83
CA ARG J 62 -66.52 -29.13 24.02
C ARG J 62 -67.41 -27.90 24.12
N ALA J 63 -66.84 -26.70 24.25
CA ALA J 63 -67.61 -25.51 24.62
C ALA J 63 -68.17 -24.82 23.39
N VAL J 64 -68.89 -25.60 22.57
CA VAL J 64 -69.35 -25.17 21.26
C VAL J 64 -70.82 -25.57 21.07
N CYS J 65 -71.57 -24.71 20.36
CA CYS J 65 -73.01 -24.84 20.17
C CYS J 65 -73.39 -24.80 18.69
N ALA J 66 -74.47 -25.52 18.35
CA ALA J 66 -74.98 -25.55 16.98
C ALA J 66 -76.31 -24.79 16.88
N ARG J 67 -76.41 -23.93 15.84
CA ARG J 67 -77.66 -23.42 15.31
C ARG J 67 -77.44 -22.94 13.87
N GLY J 68 -78.17 -23.55 12.90
CA GLY J 68 -77.89 -23.41 11.47
C GLY J 68 -78.95 -22.65 10.69
N ARG J 69 -79.01 -22.85 9.35
CA ARG J 69 -79.96 -22.21 8.44
C ARG J 69 -81.43 -22.48 8.83
N GLY J 70 -81.68 -23.50 9.67
CA GLY J 70 -83.02 -23.78 10.18
C GLY J 70 -83.56 -22.70 11.11
N GLY J 71 -82.66 -22.05 11.88
CA GLY J 71 -82.98 -20.85 12.65
C GLY J 71 -83.69 -21.11 14.00
N ALA J 72 -84.65 -22.06 14.02
CA ALA J 72 -85.66 -22.11 15.07
C ALA J 72 -85.21 -22.85 16.33
N ARG J 73 -84.04 -23.54 16.28
CA ARG J 73 -83.55 -24.36 17.39
C ARG J 73 -82.03 -24.26 17.55
N GLY J 74 -81.52 -24.62 18.74
CA GLY J 74 -80.08 -24.71 19.03
C GLY J 74 -79.75 -25.88 19.95
N ALA J 75 -78.50 -26.39 19.88
CA ALA J 75 -78.05 -27.58 20.61
C ALA J 75 -76.62 -27.39 21.15
N SER J 76 -76.25 -28.09 22.23
CA SER J 76 -75.25 -27.60 23.19
C SER J 76 -74.24 -28.68 23.58
N GLY J 77 -74.61 -29.95 23.52
CA GLY J 77 -73.71 -30.99 23.97
C GLY J 77 -72.66 -31.36 22.94
N PRO J 78 -71.86 -32.43 23.21
CA PRO J 78 -70.91 -32.96 22.24
C PRO J 78 -71.66 -33.73 21.15
N GLN J 79 -71.49 -33.30 19.88
CA GLN J 79 -72.29 -33.74 18.74
C GLN J 79 -71.45 -33.83 17.45
N MET J 93 -72.47 -25.79 10.65
CA MET J 93 -71.97 -24.48 11.16
C MET J 93 -72.14 -24.42 12.69
N LEU J 94 -71.18 -23.77 13.37
CA LEU J 94 -71.05 -23.78 14.84
C LEU J 94 -70.67 -22.39 15.39
N ARG J 95 -70.90 -22.19 16.70
CA ARG J 95 -70.54 -20.96 17.42
C ARG J 95 -70.06 -21.31 18.84
N SER J 96 -69.35 -20.38 19.51
CA SER J 96 -68.85 -20.56 20.87
C SER J 96 -68.83 -19.21 21.59
N PRO J 97 -69.09 -19.15 22.93
CA PRO J 97 -69.32 -17.87 23.61
C PRO J 97 -68.14 -16.96 23.92
N PHE J 98 -66.92 -17.42 23.67
CA PHE J 98 -65.72 -16.69 24.06
C PHE J 98 -65.16 -15.81 22.93
N ASP J 99 -64.49 -14.73 23.35
CA ASP J 99 -63.47 -14.07 22.56
C ASP J 99 -62.15 -14.10 23.36
N ARG J 100 -61.09 -14.71 22.81
CA ARG J 100 -59.79 -14.86 23.45
C ARG J 100 -59.86 -15.16 24.97
N ASN J 101 -60.54 -16.25 25.33
CA ASN J 101 -60.61 -16.75 26.71
C ASN J 101 -61.37 -15.85 27.70
N VAL J 102 -62.07 -14.79 27.26
CA VAL J 102 -63.08 -14.12 28.08
C VAL J 102 -64.47 -14.34 27.48
N PRO J 103 -65.49 -14.78 28.27
CA PRO J 103 -66.84 -14.98 27.72
C PRO J 103 -67.50 -13.64 27.44
N VAL J 104 -68.15 -13.53 26.26
CA VAL J 104 -68.69 -12.27 25.79
C VAL J 104 -70.00 -12.44 25.02
N ASN J 105 -70.72 -13.54 25.31
CA ASN J 105 -71.99 -13.88 24.70
C ASN J 105 -73.07 -14.04 25.79
N LEU J 106 -74.29 -13.63 25.43
CA LEU J 106 -75.47 -13.75 26.25
C LEU J 106 -76.04 -15.18 26.21
N GLU J 107 -77.00 -15.47 25.32
CA GLU J 107 -77.78 -16.71 25.41
C GLU J 107 -76.92 -17.94 25.11
N LEU J 108 -75.82 -17.78 24.38
CA LEU J 108 -74.94 -18.91 24.09
C LEU J 108 -74.15 -19.32 25.33
N GLN J 109 -74.05 -18.42 26.33
CA GLN J 109 -73.59 -18.83 27.64
C GLN J 109 -74.73 -19.51 28.42
N GLU J 110 -75.94 -18.94 28.38
CA GLU J 110 -77.07 -19.53 29.09
C GLU J 110 -77.27 -20.98 28.67
N LEU J 111 -77.34 -21.26 27.36
CA LEU J 111 -77.68 -22.60 26.93
C LEU J 111 -76.51 -23.57 27.10
N LEU J 112 -75.33 -23.04 27.47
CA LEU J 112 -74.20 -23.87 27.89
C LEU J 112 -74.30 -24.20 29.39
N LEU J 113 -74.65 -23.22 30.22
CA LEU J 113 -74.97 -23.47 31.61
C LEU J 113 -76.17 -24.41 31.75
N ASP J 114 -77.26 -24.16 31.01
CA ASP J 114 -78.48 -24.96 31.09
C ASP J 114 -78.19 -26.44 30.88
N TYR J 115 -77.46 -26.75 29.80
CA TYR J 115 -77.04 -28.12 29.51
C TYR J 115 -76.36 -28.70 30.73
N SER J 116 -75.41 -27.95 31.30
CA SER J 116 -74.60 -28.43 32.41
C SER J 116 -75.45 -28.69 33.65
N PHE J 117 -76.37 -27.78 33.99
CA PHE J 117 -77.22 -27.96 35.15
C PHE J 117 -78.19 -29.12 34.95
N GLN J 118 -78.87 -29.16 33.80
CA GLN J 118 -79.92 -30.14 33.57
C GLN J 118 -79.34 -31.56 33.63
N HIS J 119 -78.18 -31.80 33.00
CA HIS J 119 -77.54 -33.11 33.05
C HIS J 119 -76.99 -33.48 34.44
N LEU J 120 -76.74 -32.49 35.30
CA LEU J 120 -76.30 -32.74 36.67
C LEU J 120 -77.46 -32.93 37.66
N GLY J 121 -78.71 -32.58 37.24
CA GLY J 121 -79.87 -32.52 38.12
C GLY J 121 -79.94 -31.23 38.94
N VAL J 122 -81.16 -30.73 39.18
CA VAL J 122 -81.41 -29.54 40.00
C VAL J 122 -82.74 -29.77 40.75
N SER J 123 -82.91 -29.05 41.87
CA SER J 123 -84.09 -29.16 42.72
C SER J 123 -85.36 -29.00 41.88
N SER J 124 -85.85 -27.77 41.74
CA SER J 124 -87.09 -27.53 41.02
C SER J 124 -87.45 -26.05 40.94
N GLN J 125 -87.42 -25.36 42.08
CA GLN J 125 -87.96 -24.01 42.12
C GLN J 125 -87.24 -23.06 41.15
N GLY J 126 -87.62 -21.77 41.20
CA GLY J 126 -87.16 -20.77 40.25
C GLY J 126 -85.73 -20.26 40.50
N CYS J 127 -84.85 -21.15 41.00
CA CYS J 127 -83.43 -20.89 41.13
C CYS J 127 -82.64 -22.20 41.33
N VAL J 128 -81.32 -22.12 41.10
CA VAL J 128 -80.40 -23.16 41.55
C VAL J 128 -80.05 -22.88 43.02
N ASP J 129 -80.38 -23.83 43.91
CA ASP J 129 -80.29 -23.64 45.35
C ASP J 129 -78.86 -23.70 45.89
N HIS J 130 -77.88 -24.05 45.05
CA HIS J 130 -76.54 -24.39 45.49
C HIS J 130 -75.54 -23.28 45.15
N PRO J 131 -74.55 -22.97 46.02
CA PRO J 131 -73.48 -22.00 45.72
C PRO J 131 -72.50 -22.60 44.71
N ILE J 132 -71.77 -21.76 43.97
CA ILE J 132 -70.92 -22.24 42.88
C ILE J 132 -69.55 -21.57 42.88
N VAL J 133 -68.54 -22.35 42.48
CA VAL J 133 -67.19 -21.85 42.24
C VAL J 133 -66.87 -21.95 40.74
N LEU J 134 -66.41 -20.84 40.16
CA LEU J 134 -66.41 -20.61 38.72
C LEU J 134 -65.06 -20.04 38.26
N THR J 135 -64.43 -20.63 37.23
CA THR J 135 -63.14 -20.14 36.73
C THR J 135 -63.34 -18.92 35.83
N GLU J 136 -62.37 -18.01 35.86
CA GLU J 136 -62.41 -16.82 35.00
C GLU J 136 -61.00 -16.45 34.49
N ALA J 137 -60.95 -15.44 33.61
CA ALA J 137 -59.72 -15.05 32.95
C ALA J 137 -58.71 -14.42 33.92
N VAL J 138 -57.39 -14.61 33.68
CA VAL J 138 -56.30 -14.24 34.59
C VAL J 138 -56.43 -12.78 35.05
N CYS J 139 -56.70 -11.88 34.11
CA CYS J 139 -57.44 -10.67 34.44
C CYS J 139 -58.77 -10.75 33.72
N ASN J 140 -59.84 -10.23 34.33
CA ASN J 140 -61.14 -10.25 33.68
C ASN J 140 -61.59 -8.80 33.58
N PRO J 141 -61.89 -8.24 32.38
CA PRO J 141 -62.41 -6.88 32.29
C PRO J 141 -63.61 -6.67 33.21
N LEU J 142 -63.72 -5.46 33.76
CA LEU J 142 -64.72 -5.21 34.79
C LEU J 142 -66.12 -5.42 34.24
N TYR J 143 -66.37 -4.93 33.02
CA TYR J 143 -67.65 -5.12 32.38
C TYR J 143 -67.97 -6.61 32.22
N SER J 144 -66.96 -7.41 31.85
CA SER J 144 -67.13 -8.85 31.71
C SER J 144 -67.51 -9.53 33.02
N ARG J 145 -66.78 -9.21 34.11
CA ARG J 145 -67.13 -9.77 35.42
C ARG J 145 -68.55 -9.39 35.82
N GLN J 146 -68.91 -8.10 35.62
CA GLN J 146 -70.24 -7.59 35.90
C GLN J 146 -71.30 -8.39 35.14
N MET J 147 -71.13 -8.55 33.83
CA MET J 147 -72.06 -9.34 33.03
C MET J 147 -72.13 -10.80 33.50
N MET J 148 -71.00 -11.46 33.77
CA MET J 148 -71.01 -12.84 34.21
C MET J 148 -71.71 -12.96 35.57
N SER J 149 -71.63 -11.94 36.43
CA SER J 149 -72.36 -11.96 37.69
C SER J 149 -73.87 -11.76 37.47
N GLU J 150 -74.26 -10.78 36.62
CA GLU J 150 -75.65 -10.51 36.29
C GLU J 150 -76.31 -11.75 35.66
N LEU J 151 -75.71 -12.31 34.62
CA LEU J 151 -76.22 -13.50 33.93
C LEU J 151 -76.31 -14.72 34.84
N LEU J 152 -75.75 -14.63 36.07
CA LEU J 152 -75.73 -15.73 37.01
C LEU J 152 -76.71 -15.52 38.17
N PHE J 153 -76.64 -14.39 38.87
CA PHE J 153 -77.55 -14.08 39.97
C PHE J 153 -78.99 -13.82 39.48
N GLU J 154 -79.20 -13.13 38.35
CA GLU J 154 -80.53 -12.74 37.92
C GLU J 154 -81.31 -13.96 37.42
N CYS J 155 -80.74 -14.64 36.42
CA CYS J 155 -81.43 -15.74 35.75
C CYS J 155 -81.51 -16.98 36.64
N TYR J 156 -80.40 -17.36 37.30
CA TYR J 156 -80.37 -18.64 38.00
C TYR J 156 -80.48 -18.51 39.53
N GLY J 157 -80.33 -17.31 40.11
CA GLY J 157 -80.70 -17.07 41.51
C GLY J 157 -79.79 -17.73 42.54
N ILE J 158 -78.50 -17.95 42.21
CA ILE J 158 -77.55 -18.64 43.08
C ILE J 158 -77.43 -17.89 44.42
N PRO J 159 -77.35 -18.59 45.58
CA PRO J 159 -77.17 -17.92 46.87
C PRO J 159 -75.82 -17.23 47.11
N LYS J 160 -74.71 -17.88 46.75
CA LYS J 160 -73.40 -17.26 46.84
C LYS J 160 -72.42 -17.85 45.82
N VAL J 161 -71.44 -17.02 45.41
CA VAL J 161 -70.60 -17.24 44.23
C VAL J 161 -69.12 -17.02 44.57
N ALA J 162 -68.23 -17.80 43.93
CA ALA J 162 -66.79 -17.58 44.02
C ALA J 162 -66.13 -17.61 42.64
N TYR J 163 -65.26 -16.61 42.38
CA TYR J 163 -64.47 -16.58 41.16
C TYR J 163 -63.00 -16.87 41.44
N GLY J 164 -62.37 -17.74 40.64
CA GLY J 164 -60.94 -18.01 40.75
C GLY J 164 -60.31 -18.31 39.39
N ILE J 165 -58.98 -18.44 39.36
CA ILE J 165 -58.27 -18.66 38.10
C ILE J 165 -57.87 -20.13 37.98
N ASP J 166 -58.15 -20.75 36.83
CA ASP J 166 -57.90 -22.15 36.52
C ASP J 166 -56.53 -22.63 36.96
N SER J 167 -55.53 -21.85 36.57
CA SER J 167 -54.12 -22.16 36.77
C SER J 167 -53.82 -22.20 38.27
N LEU J 168 -54.28 -21.18 38.99
CA LEU J 168 -53.97 -21.06 40.39
C LEU J 168 -54.68 -22.14 41.19
N PHE J 169 -55.91 -22.53 40.81
CA PHE J 169 -56.50 -23.73 41.40
C PHE J 169 -55.64 -24.96 41.14
N SER J 170 -55.10 -25.14 39.93
CA SER J 170 -54.26 -26.29 39.64
C SER J 170 -52.96 -26.28 40.46
N PHE J 171 -52.44 -25.08 40.75
CA PHE J 171 -51.28 -24.95 41.62
C PHE J 171 -51.67 -25.35 43.04
N TYR J 172 -52.77 -24.76 43.56
CA TYR J 172 -53.30 -25.09 44.89
C TYR J 172 -53.45 -26.60 45.08
N HIS J 173 -53.86 -27.31 44.04
CA HIS J 173 -53.99 -28.75 44.07
C HIS J 173 -52.64 -29.44 44.17
N ASN J 174 -51.66 -28.96 43.39
CA ASN J 174 -50.35 -29.61 43.24
C ASN J 174 -49.32 -29.23 44.32
N LYS J 175 -49.59 -28.22 45.18
CA LYS J 175 -48.67 -27.83 46.25
C LYS J 175 -48.28 -29.01 47.13
N PRO J 176 -47.02 -29.06 47.64
CA PRO J 176 -46.61 -30.06 48.63
C PRO J 176 -47.42 -30.03 49.93
N LYS J 177 -47.92 -28.84 50.29
CA LYS J 177 -48.67 -28.62 51.52
C LYS J 177 -49.74 -27.55 51.30
N ASN J 178 -50.77 -27.56 52.16
CA ASN J 178 -51.79 -26.51 52.19
C ASN J 178 -51.25 -25.29 52.95
N SER J 179 -50.19 -24.65 52.41
CA SER J 179 -49.46 -23.56 53.07
C SER J 179 -49.06 -22.46 52.09
N MET J 180 -48.57 -21.34 52.63
CA MET J 180 -48.20 -20.17 51.83
C MET J 180 -46.94 -20.44 51.01
N CYS J 181 -46.96 -20.00 49.73
CA CYS J 181 -45.97 -20.38 48.73
C CYS J 181 -45.64 -19.24 47.79
N SER J 182 -44.59 -19.45 46.98
CA SER J 182 -44.20 -18.55 45.88
C SER J 182 -43.69 -19.39 44.70
N GLY J 183 -43.82 -18.88 43.46
CA GLY J 183 -43.53 -19.69 42.26
C GLY J 183 -43.79 -18.85 41.01
N LEU J 184 -43.42 -19.39 39.82
CA LEU J 184 -44.00 -18.96 38.55
C LEU J 184 -44.95 -20.05 38.08
N ILE J 185 -46.13 -19.66 37.60
CA ILE J 185 -47.01 -20.59 36.94
C ILE J 185 -46.88 -20.36 35.45
N ILE J 186 -46.63 -21.45 34.70
CA ILE J 186 -46.66 -21.45 33.25
C ILE J 186 -47.93 -22.17 32.79
N SER J 187 -48.79 -21.46 32.07
CA SER J 187 -50.14 -21.91 31.74
C SER J 187 -50.37 -21.72 30.25
N SER J 188 -51.07 -22.66 29.59
CA SER J 188 -51.23 -22.59 28.15
C SER J 188 -52.50 -23.33 27.70
N GLY J 189 -53.58 -22.57 27.48
CA GLY J 189 -54.90 -23.11 27.13
C GLY J 189 -55.23 -22.92 25.66
N TYR J 190 -56.51 -22.70 25.35
CA TYR J 190 -56.92 -22.72 23.97
C TYR J 190 -56.32 -21.56 23.18
N GLN J 191 -56.44 -20.31 23.68
CA GLN J 191 -56.13 -19.13 22.89
C GLN J 191 -55.16 -18.19 23.61
N CYS J 192 -54.57 -18.65 24.75
CA CYS J 192 -53.59 -17.86 25.49
C CYS J 192 -52.61 -18.73 26.26
N THR J 193 -51.36 -18.23 26.44
CA THR J 193 -50.46 -18.73 27.50
C THR J 193 -50.08 -17.58 28.43
N HIS J 194 -49.97 -17.86 29.74
CA HIS J 194 -49.62 -16.82 30.70
C HIS J 194 -48.45 -17.29 31.56
N VAL J 195 -47.64 -16.29 31.96
CA VAL J 195 -46.63 -16.45 32.99
C VAL J 195 -47.06 -15.68 34.23
N LEU J 196 -47.31 -16.41 35.34
CA LEU J 196 -47.85 -15.79 36.54
C LEU J 196 -46.83 -15.90 37.67
N PRO J 197 -46.20 -14.77 38.08
CA PRO J 197 -45.37 -14.79 39.29
C PRO J 197 -46.25 -14.66 40.53
N ILE J 198 -46.09 -15.57 41.50
CA ILE J 198 -46.84 -15.50 42.75
C ILE J 198 -45.91 -15.45 43.97
N LEU J 199 -46.24 -14.55 44.91
CA LEU J 199 -45.46 -14.28 46.13
C LEU J 199 -46.36 -14.29 47.37
N GLU J 200 -45.98 -15.09 48.38
CA GLU J 200 -46.73 -15.23 49.62
C GLU J 200 -48.20 -15.54 49.35
N GLY J 201 -48.44 -16.45 48.38
CA GLY J 201 -49.79 -16.87 47.99
C GLY J 201 -50.56 -15.88 47.11
N ARG J 202 -50.00 -14.69 46.86
CA ARG J 202 -50.68 -13.62 46.13
C ARG J 202 -50.13 -13.52 44.70
N LEU J 203 -51.02 -13.41 43.71
CA LEU J 203 -50.62 -13.18 42.34
C LEU J 203 -50.09 -11.74 42.20
N ASP J 204 -48.82 -11.59 41.77
CA ASP J 204 -48.22 -10.27 41.64
C ASP J 204 -48.67 -9.64 40.32
N ALA J 205 -49.97 -9.42 40.18
CA ALA J 205 -50.57 -9.16 38.88
C ALA J 205 -50.07 -7.84 38.28
N LYS J 206 -49.35 -7.01 39.03
CA LYS J 206 -48.80 -5.76 38.50
C LYS J 206 -47.79 -6.03 37.38
N ASN J 207 -47.08 -7.18 37.45
CA ASN J 207 -45.99 -7.51 36.53
C ASN J 207 -46.12 -8.93 35.93
N CYS J 208 -47.28 -9.55 36.06
CA CYS J 208 -47.67 -10.71 35.27
C CYS J 208 -47.84 -10.38 33.77
N LYS J 209 -47.63 -11.37 32.87
CA LYS J 209 -47.70 -11.16 31.42
C LYS J 209 -48.29 -12.40 30.71
N ARG J 210 -48.92 -12.17 29.53
CA ARG J 210 -49.43 -13.25 28.69
C ARG J 210 -49.08 -13.09 27.21
N ILE J 211 -49.13 -14.24 26.51
CA ILE J 211 -48.82 -14.34 25.11
C ILE J 211 -50.09 -14.71 24.34
N ASN J 212 -50.35 -13.97 23.26
CA ASN J 212 -51.60 -14.07 22.54
C ASN J 212 -51.70 -15.31 21.62
N LEU J 213 -51.11 -16.46 22.01
CA LEU J 213 -51.12 -17.69 21.21
C LEU J 213 -51.40 -18.90 22.12
N GLY J 214 -51.78 -20.02 21.50
CA GLY J 214 -52.19 -21.20 22.25
C GLY J 214 -52.56 -22.37 21.32
N GLY J 215 -53.04 -23.48 21.85
CA GLY J 215 -53.21 -24.72 21.09
C GLY J 215 -54.19 -24.64 19.92
N SER J 216 -55.15 -23.71 19.98
CA SER J 216 -56.02 -23.44 18.84
C SER J 216 -55.19 -23.02 17.63
N GLN J 217 -54.24 -22.11 17.86
CA GLN J 217 -53.47 -21.50 16.77
C GLN J 217 -52.45 -22.45 16.17
N ALA J 218 -51.98 -23.39 16.99
CA ALA J 218 -51.14 -24.49 16.55
C ALA J 218 -51.88 -25.41 15.59
N ALA J 219 -53.09 -25.80 15.96
CA ALA J 219 -53.88 -26.65 15.09
C ALA J 219 -54.19 -25.92 13.78
N GLY J 220 -54.56 -24.62 13.85
CA GLY J 220 -54.85 -23.78 12.69
C GLY J 220 -53.67 -23.67 11.71
N TYR J 221 -52.46 -23.50 12.26
CA TYR J 221 -51.24 -23.53 11.47
C TYR J 221 -50.96 -24.89 10.84
N LEU J 222 -51.06 -26.00 11.60
CA LEU J 222 -50.84 -27.32 11.06
C LEU J 222 -51.85 -27.68 9.97
N GLN J 223 -53.11 -27.24 10.10
CA GLN J 223 -54.10 -27.36 9.05
C GLN J 223 -53.60 -26.65 7.79
N ARG J 224 -53.31 -25.37 7.92
CA ARG J 224 -53.01 -24.61 6.73
C ARG J 224 -51.75 -25.14 6.03
N LEU J 225 -50.76 -25.63 6.76
CA LEU J 225 -49.61 -26.30 6.19
C LEU J 225 -50.04 -27.48 5.32
N LEU J 226 -50.79 -28.44 5.88
CA LEU J 226 -51.11 -29.65 5.13
C LEU J 226 -52.07 -29.40 3.94
N GLN J 227 -52.94 -28.38 4.04
CA GLN J 227 -53.70 -27.90 2.90
C GLN J 227 -52.78 -27.48 1.75
N LEU J 228 -51.70 -26.73 2.03
CA LEU J 228 -50.77 -26.32 1.00
C LEU J 228 -49.88 -27.46 0.53
N LYS J 229 -49.71 -28.51 1.34
CA LYS J 229 -48.90 -29.66 0.97
C LYS J 229 -49.65 -30.62 0.05
N TYR J 230 -50.99 -30.69 0.19
CA TYR J 230 -51.78 -31.61 -0.63
C TYR J 230 -53.06 -30.96 -1.17
N PRO J 231 -52.98 -29.96 -2.09
CA PRO J 231 -54.19 -29.23 -2.54
C PRO J 231 -55.23 -30.14 -3.18
N GLY J 232 -54.82 -31.35 -3.57
CA GLY J 232 -55.65 -32.34 -4.24
C GLY J 232 -56.82 -32.83 -3.36
N HIS J 233 -56.72 -32.64 -2.03
CA HIS J 233 -57.75 -33.08 -1.11
C HIS J 233 -57.79 -32.21 0.15
N LEU J 234 -58.12 -30.92 -0.05
CA LEU J 234 -58.43 -29.98 1.01
C LEU J 234 -59.47 -30.53 1.99
N ALA J 235 -60.47 -31.26 1.48
CA ALA J 235 -61.63 -31.64 2.27
C ALA J 235 -61.33 -32.77 3.25
N ALA J 236 -60.25 -33.54 3.01
CA ALA J 236 -59.95 -34.73 3.80
C ALA J 236 -59.39 -34.37 5.17
N ILE J 237 -58.78 -33.18 5.27
CA ILE J 237 -58.11 -32.68 6.45
C ILE J 237 -58.92 -31.54 7.07
N THR J 238 -59.17 -31.69 8.37
CA THR J 238 -60.12 -30.86 9.10
C THR J 238 -59.73 -30.89 10.58
N LEU J 239 -60.24 -29.93 11.36
CA LEU J 239 -59.71 -29.67 12.69
C LEU J 239 -59.69 -30.96 13.49
N SER J 240 -60.79 -31.73 13.51
CA SER J 240 -60.88 -32.92 14.37
C SER J 240 -59.81 -33.98 14.04
N ARG J 241 -59.26 -33.98 12.81
CA ARG J 241 -58.15 -34.84 12.44
C ARG J 241 -56.80 -34.18 12.76
N MET J 242 -56.70 -32.85 12.65
CA MET J 242 -55.54 -32.11 13.13
C MET J 242 -55.33 -32.31 14.63
N GLU J 243 -56.41 -32.40 15.39
CA GLU J 243 -56.33 -32.71 16.81
C GLU J 243 -55.54 -33.99 17.03
N GLU J 244 -55.81 -35.08 16.30
CA GLU J 244 -55.14 -36.33 16.57
C GLU J 244 -53.63 -36.20 16.38
N ILE J 245 -53.18 -35.63 15.25
CA ILE J 245 -51.75 -35.53 15.00
C ILE J 245 -51.08 -34.59 16.00
N LEU J 246 -51.79 -33.58 16.49
CA LEU J 246 -51.24 -32.65 17.44
C LEU J 246 -51.21 -33.22 18.86
N HIS J 247 -52.15 -34.09 19.23
CA HIS J 247 -52.17 -34.74 20.54
C HIS J 247 -51.26 -35.98 20.60
N GLU J 248 -51.35 -36.86 19.59
CA GLU J 248 -50.73 -38.18 19.65
C GLU J 248 -49.30 -38.15 19.10
N HIS J 249 -49.06 -37.33 18.07
CA HIS J 249 -47.92 -37.55 17.19
C HIS J 249 -46.96 -36.35 17.10
N SER J 250 -47.14 -35.30 17.93
CA SER J 250 -46.30 -34.11 17.87
C SER J 250 -45.53 -33.95 19.18
N TYR J 251 -44.33 -33.34 19.13
CA TYR J 251 -43.47 -33.16 20.31
C TYR J 251 -42.70 -31.85 20.22
N ILE J 252 -42.20 -31.39 21.37
CA ILE J 252 -41.54 -30.08 21.48
C ILE J 252 -40.02 -30.33 21.58
N ALA J 253 -39.24 -29.57 20.79
CA ALA J 253 -37.82 -29.81 20.67
C ALA J 253 -37.09 -29.43 21.97
N GLU J 254 -35.92 -30.04 22.26
CA GLU J 254 -35.04 -29.42 23.24
C GLU J 254 -34.40 -28.16 22.67
N ASP J 255 -33.92 -28.23 21.42
CA ASP J 255 -33.47 -27.03 20.72
C ASP J 255 -33.83 -27.12 19.25
N TYR J 256 -34.69 -26.20 18.83
CA TYR J 256 -35.40 -26.35 17.57
C TYR J 256 -34.41 -26.37 16.39
N VAL J 257 -33.44 -25.45 16.33
CA VAL J 257 -32.52 -25.40 15.19
C VAL J 257 -31.56 -26.59 15.14
N GLU J 258 -31.53 -27.42 16.18
CA GLU J 258 -30.74 -28.64 16.17
C GLU J 258 -31.63 -29.83 15.77
N GLU J 259 -32.86 -29.88 16.29
CA GLU J 259 -33.78 -30.93 15.90
C GLU J 259 -33.98 -30.84 14.40
N LEU J 260 -34.30 -29.65 13.88
CA LEU J 260 -34.64 -29.60 12.48
C LEU J 260 -33.40 -29.95 11.65
N HIS J 261 -32.22 -29.75 12.20
CA HIS J 261 -30.96 -30.11 11.54
C HIS J 261 -30.77 -31.62 11.47
N LYS J 262 -31.10 -32.39 12.51
CA LYS J 262 -31.03 -33.85 12.40
C LYS J 262 -32.18 -34.42 11.56
N TRP J 263 -33.30 -33.71 11.44
CA TRP J 263 -34.36 -34.04 10.48
C TRP J 263 -33.96 -33.78 9.01
N ARG J 264 -32.80 -33.18 8.73
CA ARG J 264 -32.45 -32.80 7.37
C ARG J 264 -31.93 -33.99 6.54
N CYS J 265 -31.45 -35.09 7.16
CA CYS J 265 -30.85 -36.19 6.42
C CYS J 265 -31.86 -37.33 6.16
N PRO J 266 -31.99 -37.81 4.89
CA PRO J 266 -33.04 -38.78 4.54
C PRO J 266 -33.13 -40.07 5.33
N ASP J 267 -31.99 -40.58 5.78
CA ASP J 267 -31.92 -41.83 6.54
C ASP J 267 -32.50 -41.69 7.96
N TYR J 268 -32.45 -40.49 8.54
CA TYR J 268 -33.15 -40.19 9.78
C TYR J 268 -34.63 -39.91 9.48
N TYR J 269 -34.89 -39.15 8.40
CA TYR J 269 -36.24 -38.75 8.04
C TYR J 269 -37.17 -39.96 7.89
N GLU J 270 -36.78 -40.94 7.06
CA GLU J 270 -37.64 -42.08 6.77
C GLU J 270 -37.92 -42.91 8.03
N ASN J 271 -36.98 -42.92 8.98
CA ASN J 271 -37.13 -43.66 10.23
C ASN J 271 -38.03 -42.94 11.25
N ASN J 272 -38.38 -41.66 11.02
CA ASN J 272 -39.05 -40.83 12.03
C ASN J 272 -40.28 -40.08 11.51
N VAL J 273 -40.43 -39.93 10.19
CA VAL J 273 -41.63 -39.35 9.59
C VAL J 273 -42.86 -40.16 9.99
N HIS J 274 -44.01 -39.48 10.15
CA HIS J 274 -45.25 -40.16 10.52
C HIS J 274 -46.19 -40.31 9.32
N LYS J 275 -46.64 -41.56 9.14
CA LYS J 275 -47.48 -42.07 8.06
C LYS J 275 -48.93 -42.07 8.55
N MET J 276 -49.67 -41.00 8.23
CA MET J 276 -51.05 -40.82 8.64
C MET J 276 -52.01 -41.23 7.52
N GLN J 277 -52.41 -42.51 7.52
CA GLN J 277 -53.26 -43.09 6.47
C GLN J 277 -54.68 -42.51 6.54
N LEU J 278 -55.12 -41.81 5.49
CA LEU J 278 -56.52 -41.46 5.36
C LEU J 278 -57.35 -42.72 5.05
N PRO J 279 -58.68 -42.71 5.28
CA PRO J 279 -59.54 -43.82 4.89
C PRO J 279 -59.72 -43.89 3.37
N PHE J 280 -59.45 -45.06 2.79
CA PHE J 280 -59.63 -45.32 1.36
C PHE J 280 -61.11 -45.31 0.96
N SER J 281 -61.36 -45.29 -0.36
CA SER J 281 -62.68 -45.54 -0.95
C SER J 281 -63.17 -46.97 -0.63
N VAL J 433 -52.32 -47.02 -9.71
CA VAL J 433 -52.05 -46.08 -8.57
C VAL J 433 -52.57 -46.71 -7.28
N PHE J 434 -51.76 -46.64 -6.20
CA PHE J 434 -52.03 -47.33 -4.94
C PHE J 434 -52.98 -46.51 -4.04
N ASN J 435 -53.82 -45.68 -4.66
CA ASN J 435 -54.84 -44.89 -3.90
C ASN J 435 -54.24 -43.72 -3.09
N LEU J 436 -52.92 -43.54 -3.05
CA LEU J 436 -52.40 -42.44 -2.21
C LEU J 436 -52.48 -41.11 -2.99
N ALA J 437 -52.63 -41.14 -4.32
CA ALA J 437 -52.75 -39.88 -5.05
C ALA J 437 -53.93 -39.01 -4.58
N ALA J 438 -54.88 -39.61 -3.83
CA ALA J 438 -55.96 -38.88 -3.15
C ALA J 438 -56.13 -39.38 -1.71
N TYR J 439 -56.20 -40.70 -1.52
CA TYR J 439 -56.26 -41.31 -0.20
C TYR J 439 -54.84 -41.49 0.34
N HIS J 440 -54.15 -40.35 0.54
CA HIS J 440 -52.73 -40.26 0.86
C HIS J 440 -52.44 -40.80 2.27
N GLN J 441 -51.14 -41.00 2.54
CA GLN J 441 -50.63 -41.28 3.87
C GLN J 441 -50.12 -40.02 4.62
N LEU J 442 -50.41 -38.81 4.08
CA LEU J 442 -50.16 -37.52 4.70
C LEU J 442 -48.87 -37.48 5.52
N PHE J 443 -47.71 -37.69 4.86
CA PHE J 443 -46.44 -37.72 5.57
C PHE J 443 -46.17 -36.42 6.33
N VAL J 444 -46.10 -36.52 7.67
CA VAL J 444 -45.70 -35.42 8.54
C VAL J 444 -44.29 -35.66 9.10
N GLY J 445 -43.37 -34.75 8.75
CA GLY J 445 -41.99 -34.75 9.22
C GLY J 445 -41.76 -33.54 10.10
N THR J 446 -41.06 -32.54 9.56
CA THR J 446 -40.81 -31.26 10.21
C THR J 446 -42.07 -30.60 10.79
N GLU J 447 -43.22 -30.85 10.17
CA GLU J 447 -44.50 -30.30 10.59
C GLU J 447 -44.80 -30.68 12.04
N ARG J 448 -44.39 -31.89 12.48
CA ARG J 448 -44.70 -32.37 13.83
C ARG J 448 -43.86 -31.64 14.90
N ILE J 449 -42.89 -30.80 14.49
CA ILE J 449 -42.18 -29.88 15.38
C ILE J 449 -42.72 -28.46 15.22
N ARG J 450 -42.91 -28.02 13.97
CA ARG J 450 -43.34 -26.65 13.73
C ARG J 450 -44.70 -26.27 14.33
N ALA J 451 -45.57 -27.23 14.65
CA ALA J 451 -46.84 -26.91 15.27
C ALA J 451 -46.68 -26.68 16.78
N PRO J 452 -46.12 -27.61 17.59
CA PRO J 452 -45.83 -27.26 18.98
C PRO J 452 -45.04 -25.97 19.20
N GLU J 453 -44.01 -25.65 18.40
CA GLU J 453 -43.04 -24.61 18.68
C GLU J 453 -43.62 -23.19 18.70
N ILE J 454 -44.86 -23.00 18.27
CA ILE J 454 -45.43 -21.67 18.13
C ILE J 454 -45.36 -20.84 19.44
N ILE J 455 -45.55 -21.45 20.61
CA ILE J 455 -45.54 -20.71 21.86
C ILE J 455 -44.12 -20.28 22.26
N PHE J 456 -43.08 -20.94 21.76
CA PHE J 456 -41.70 -20.53 22.05
C PHE J 456 -41.19 -19.56 20.98
N GLN J 457 -41.68 -19.68 19.74
CA GLN J 457 -41.28 -18.78 18.66
C GLN J 457 -42.52 -18.34 17.88
N PRO J 458 -43.28 -17.35 18.37
CA PRO J 458 -44.43 -16.89 17.63
C PRO J 458 -44.09 -16.34 16.26
N SER J 459 -42.82 -16.00 16.02
CA SER J 459 -42.37 -15.60 14.70
C SER J 459 -42.38 -16.70 13.62
N LEU J 460 -42.83 -17.93 13.93
CA LEU J 460 -43.15 -18.94 12.91
C LEU J 460 -44.46 -18.59 12.20
N ILE J 461 -45.38 -17.95 12.93
CA ILE J 461 -46.51 -17.20 12.37
C ILE J 461 -45.98 -15.80 12.08
N GLY J 462 -46.87 -14.85 11.82
CA GLY J 462 -46.45 -13.48 11.58
C GLY J 462 -46.07 -12.74 12.87
N GLU J 463 -46.48 -13.27 14.03
CA GLU J 463 -46.68 -12.50 15.25
C GLU J 463 -45.39 -12.12 15.98
N GLU J 464 -45.22 -10.80 16.24
CA GLU J 464 -44.05 -10.26 16.94
C GLU J 464 -44.34 -10.06 18.44
N GLN J 465 -44.08 -11.13 19.20
CA GLN J 465 -44.13 -11.11 20.65
C GLN J 465 -43.05 -12.03 21.18
N ALA J 466 -42.76 -11.85 22.46
CA ALA J 466 -41.52 -12.33 23.02
C ALA J 466 -41.52 -13.86 23.06
N GLY J 467 -42.67 -14.49 23.19
CA GLY J 467 -42.57 -15.93 23.32
C GLY J 467 -42.20 -16.39 24.74
N ILE J 468 -42.42 -17.66 25.05
CA ILE J 468 -42.44 -18.12 26.44
C ILE J 468 -41.04 -18.09 27.07
N ALA J 469 -40.00 -17.98 26.24
CA ALA J 469 -38.61 -17.92 26.67
C ALA J 469 -38.20 -16.50 27.04
N GLU J 470 -38.25 -15.54 26.10
CA GLU J 470 -37.89 -14.15 26.41
C GLU J 470 -38.82 -13.51 27.46
N THR J 471 -40.11 -13.88 27.49
CA THR J 471 -41.01 -13.30 28.48
C THR J 471 -40.58 -13.73 29.88
N LEU J 472 -40.23 -14.98 30.09
CA LEU J 472 -39.89 -15.43 31.44
C LEU J 472 -38.67 -14.68 31.95
N GLN J 473 -37.66 -14.47 31.11
CA GLN J 473 -36.52 -13.67 31.49
C GLN J 473 -36.96 -12.22 31.72
N TYR J 474 -37.78 -11.65 30.86
CA TYR J 474 -38.16 -10.26 30.98
C TYR J 474 -38.97 -9.95 32.24
N ILE J 475 -39.71 -10.89 32.83
CA ILE J 475 -40.36 -10.65 34.11
C ILE J 475 -39.42 -10.99 35.26
N LEU J 476 -38.56 -11.97 35.08
CA LEU J 476 -37.71 -12.44 36.15
C LEU J 476 -36.58 -11.46 36.46
N ASP J 477 -36.18 -10.60 35.53
CA ASP J 477 -35.16 -9.57 35.79
C ASP J 477 -35.75 -8.28 36.41
N ARG J 478 -37.04 -8.25 36.72
CA ARG J 478 -37.68 -7.07 37.32
C ARG J 478 -37.83 -7.21 38.84
N TYR J 479 -37.10 -8.16 39.42
CA TYR J 479 -37.04 -8.33 40.87
C TYR J 479 -35.61 -8.30 41.40
N PRO J 480 -35.46 -7.91 42.69
CA PRO J 480 -34.26 -8.15 43.49
C PRO J 480 -33.76 -9.58 43.39
N LYS J 481 -32.43 -9.71 43.40
CA LYS J 481 -31.76 -10.94 43.01
C LYS J 481 -31.99 -12.07 44.01
N ASP J 482 -32.38 -11.75 45.26
CA ASP J 482 -32.72 -12.76 46.24
C ASP J 482 -34.11 -13.35 45.97
N ILE J 483 -35.13 -12.51 45.73
CA ILE J 483 -36.48 -13.02 45.51
C ILE J 483 -36.64 -13.69 44.15
N GLN J 484 -35.78 -13.38 43.16
CA GLN J 484 -35.71 -14.21 41.96
C GLN J 484 -35.40 -15.64 42.37
N GLU J 485 -34.32 -15.84 43.15
CA GLU J 485 -33.86 -17.17 43.54
C GLU J 485 -34.88 -17.87 44.44
N MET J 486 -35.78 -17.09 45.05
CA MET J 486 -36.92 -17.64 45.76
C MET J 486 -37.95 -18.18 44.76
N LEU J 487 -38.47 -17.31 43.87
CA LEU J 487 -39.64 -17.65 43.07
C LEU J 487 -39.33 -18.65 41.95
N VAL J 488 -38.09 -18.72 41.53
CA VAL J 488 -37.68 -19.77 40.58
C VAL J 488 -37.55 -21.14 41.24
N GLN J 489 -37.64 -21.22 42.57
CA GLN J 489 -37.54 -22.52 43.22
C GLN J 489 -38.78 -23.39 42.94
N ASN J 490 -39.88 -22.79 42.42
CA ASN J 490 -41.10 -23.50 42.05
C ASN J 490 -41.64 -23.02 40.69
N VAL J 491 -41.02 -23.47 39.60
CA VAL J 491 -41.60 -23.26 38.28
C VAL J 491 -42.60 -24.39 38.05
N PHE J 492 -43.84 -24.06 37.69
CA PHE J 492 -44.92 -25.04 37.55
C PHE J 492 -45.57 -24.97 36.18
N LEU J 493 -45.72 -26.16 35.56
CA LEU J 493 -46.33 -26.29 34.24
C LEU J 493 -47.76 -26.87 34.33
N THR J 494 -48.74 -26.19 33.71
CA THR J 494 -50.14 -26.59 33.81
C THR J 494 -50.94 -26.15 32.57
N GLY J 495 -52.07 -26.84 32.33
CA GLY J 495 -53.00 -26.48 31.27
C GLY J 495 -52.64 -27.07 29.91
N GLY J 496 -53.67 -27.28 29.07
CA GLY J 496 -53.57 -27.54 27.63
C GLY J 496 -52.19 -27.91 27.08
N ASN J 497 -51.50 -26.95 26.43
CA ASN J 497 -50.31 -27.24 25.64
C ASN J 497 -49.17 -27.89 26.42
N THR J 498 -49.10 -27.75 27.75
CA THR J 498 -48.03 -28.39 28.48
C THR J 498 -48.06 -29.93 28.39
N MET J 499 -49.11 -30.52 27.79
CA MET J 499 -49.26 -31.95 27.64
C MET J 499 -48.25 -32.54 26.65
N TYR J 500 -47.66 -31.71 25.77
CA TYR J 500 -46.72 -32.24 24.77
C TYR J 500 -45.56 -32.98 25.42
N PRO J 501 -45.06 -34.07 24.80
CA PRO J 501 -43.95 -34.83 25.38
C PRO J 501 -42.68 -34.02 25.14
N GLY J 502 -41.78 -33.98 26.14
CA GLY J 502 -40.53 -33.23 26.04
C GLY J 502 -40.61 -31.80 26.62
N MET J 503 -41.77 -31.37 27.11
CA MET J 503 -41.98 -29.98 27.52
C MET J 503 -41.14 -29.59 28.73
N LYS J 504 -41.03 -30.51 29.70
CA LYS J 504 -40.25 -30.27 30.90
C LYS J 504 -38.79 -30.08 30.51
N ALA J 505 -38.26 -30.98 29.67
CA ALA J 505 -36.87 -30.92 29.26
C ALA J 505 -36.55 -29.62 28.53
N ARG J 506 -37.36 -29.17 27.57
CA ARG J 506 -37.15 -27.91 26.86
C ARG J 506 -37.19 -26.75 27.81
N MET J 507 -38.13 -26.76 28.75
CA MET J 507 -38.24 -25.64 29.64
C MET J 507 -37.02 -25.60 30.57
N GLU J 508 -36.61 -26.71 31.18
CA GLU J 508 -35.49 -26.66 32.08
C GLU J 508 -34.14 -26.38 31.39
N LYS J 509 -33.92 -26.82 30.15
CA LYS J 509 -32.75 -26.40 29.38
C LYS J 509 -32.76 -24.89 29.06
N GLU J 510 -33.89 -24.35 28.65
CA GLU J 510 -33.99 -22.95 28.31
C GLU J 510 -33.79 -22.11 29.57
N LEU J 511 -34.19 -22.63 30.72
CA LEU J 511 -34.01 -21.99 32.02
C LEU J 511 -32.56 -21.99 32.49
N LEU J 512 -31.79 -23.02 32.13
CA LEU J 512 -30.39 -23.13 32.57
C LEU J 512 -29.48 -22.04 32.03
N GLU J 513 -29.72 -21.56 30.82
CA GLU J 513 -28.96 -20.47 30.23
C GLU J 513 -29.23 -19.12 30.91
N MET J 514 -30.38 -18.89 31.56
CA MET J 514 -30.76 -17.56 32.05
C MET J 514 -30.75 -17.47 33.60
N ARG J 515 -29.80 -18.18 34.22
CA ARG J 515 -29.57 -18.18 35.65
C ARG J 515 -28.08 -17.99 35.98
N PRO J 516 -27.74 -17.47 37.17
CA PRO J 516 -26.37 -17.45 37.64
C PRO J 516 -25.69 -18.82 37.60
N PHE J 517 -24.39 -18.83 37.24
CA PHE J 517 -23.69 -20.01 36.74
C PHE J 517 -23.85 -21.25 37.64
N ARG J 518 -23.73 -21.13 38.97
CA ARG J 518 -23.86 -22.31 39.81
C ARG J 518 -25.25 -22.52 40.47
N SER J 519 -26.22 -21.62 40.19
CA SER J 519 -27.47 -21.53 40.93
C SER J 519 -28.41 -22.70 40.65
N SER J 520 -29.45 -22.81 41.48
CA SER J 520 -30.45 -23.89 41.41
C SER J 520 -31.85 -23.38 41.04
N PHE J 521 -32.59 -24.27 40.37
CA PHE J 521 -33.99 -24.09 40.03
C PHE J 521 -34.69 -25.45 40.01
N GLN J 522 -36.03 -25.43 40.06
CA GLN J 522 -36.80 -26.66 39.94
C GLN J 522 -38.03 -26.45 39.06
N VAL J 523 -38.30 -27.44 38.18
CA VAL J 523 -39.46 -27.39 37.30
C VAL J 523 -40.36 -28.59 37.63
N GLN J 524 -41.62 -28.28 38.01
CA GLN J 524 -42.63 -29.26 38.34
C GLN J 524 -43.72 -29.27 37.27
N LEU J 525 -44.16 -30.47 36.84
CA LEU J 525 -45.28 -30.58 35.92
C LEU J 525 -46.53 -31.06 36.67
N ALA J 526 -47.69 -30.43 36.43
CA ALA J 526 -48.95 -30.74 37.08
C ALA J 526 -49.31 -32.24 36.95
N SER J 527 -49.95 -32.79 37.99
CA SER J 527 -50.21 -34.22 38.08
C SER J 527 -51.13 -34.72 36.96
N ASN J 528 -52.12 -33.88 36.59
CA ASN J 528 -52.97 -34.06 35.41
C ASN J 528 -53.23 -32.69 34.79
N PRO J 529 -52.43 -32.26 33.78
CA PRO J 529 -52.42 -30.87 33.32
C PRO J 529 -53.75 -30.27 32.91
N VAL J 530 -54.71 -31.10 32.49
CA VAL J 530 -55.97 -30.59 31.96
C VAL J 530 -57.08 -30.60 33.04
N LEU J 531 -57.08 -31.61 33.94
CA LEU J 531 -58.12 -31.74 34.95
C LEU J 531 -57.77 -31.06 36.29
N ASP J 532 -56.49 -30.79 36.57
CA ASP J 532 -56.12 -30.25 37.86
C ASP J 532 -56.71 -28.86 38.15
N ALA J 533 -57.07 -28.08 37.14
CA ALA J 533 -57.80 -26.83 37.38
C ALA J 533 -59.14 -27.09 38.07
N TRP J 534 -59.89 -28.09 37.59
CA TRP J 534 -61.15 -28.47 38.19
C TRP J 534 -60.91 -29.12 39.55
N TYR J 535 -60.02 -30.13 39.66
CA TYR J 535 -59.77 -30.75 40.94
C TYR J 535 -59.34 -29.72 41.99
N GLY J 536 -58.57 -28.73 41.57
CA GLY J 536 -58.19 -27.63 42.45
C GLY J 536 -59.39 -26.85 42.94
N ALA J 537 -60.27 -26.45 42.03
CA ALA J 537 -61.47 -25.72 42.43
C ALA J 537 -62.35 -26.57 43.36
N ARG J 538 -62.39 -27.90 43.15
CA ARG J 538 -63.09 -28.81 44.05
C ARG J 538 -62.53 -28.71 45.46
N ASP J 539 -61.23 -29.02 45.60
CA ASP J 539 -60.57 -29.11 46.90
C ASP J 539 -60.65 -27.77 47.62
N TRP J 540 -60.59 -26.66 46.87
CA TRP J 540 -60.72 -25.33 47.43
C TRP J 540 -62.11 -25.09 48.01
N ALA J 541 -63.17 -25.34 47.23
CA ALA J 541 -64.53 -25.06 47.68
C ALA J 541 -64.93 -25.97 48.85
N LEU J 542 -64.54 -27.24 48.75
CA LEU J 542 -64.81 -28.24 49.78
C LEU J 542 -64.17 -27.88 51.13
N ASN J 543 -63.06 -27.12 51.13
CA ASN J 543 -62.49 -26.58 52.36
C ASN J 543 -63.21 -25.31 52.81
N HIS J 544 -63.35 -24.33 51.92
CA HIS J 544 -63.78 -22.99 52.32
C HIS J 544 -65.31 -22.82 52.30
N LEU J 545 -66.05 -23.82 52.82
CA LEU J 545 -67.51 -23.85 52.78
C LEU J 545 -68.15 -22.67 53.52
N ASP J 546 -67.61 -22.36 54.71
CA ASP J 546 -68.24 -21.49 55.69
C ASP J 546 -67.46 -20.18 55.94
N ASP J 547 -66.37 -19.97 55.19
CA ASP J 547 -65.56 -18.76 55.26
C ASP J 547 -66.28 -17.63 54.53
N ASN J 548 -67.31 -17.05 55.14
CA ASN J 548 -68.23 -16.16 54.44
C ASN J 548 -67.61 -14.80 54.07
N GLU J 549 -66.34 -14.56 54.37
CA GLU J 549 -65.60 -13.41 53.84
C GLU J 549 -65.07 -13.67 52.41
N VAL J 550 -64.96 -14.96 52.03
CA VAL J 550 -64.40 -15.41 50.76
C VAL J 550 -65.41 -15.27 49.62
N TRP J 551 -66.70 -15.55 49.89
CA TRP J 551 -67.72 -15.64 48.85
C TRP J 551 -68.42 -14.31 48.61
N ILE J 552 -69.03 -14.16 47.42
CA ILE J 552 -69.97 -13.09 47.15
C ILE J 552 -71.39 -13.64 47.39
N THR J 553 -72.08 -13.09 48.39
CA THR J 553 -73.45 -13.49 48.70
C THR J 553 -74.43 -12.73 47.80
N ARG J 554 -75.61 -13.35 47.56
CA ARG J 554 -76.65 -12.85 46.67
C ARG J 554 -77.05 -11.39 46.94
N LYS J 555 -77.00 -10.96 48.20
CA LYS J 555 -77.41 -9.61 48.59
C LYS J 555 -76.29 -8.60 48.33
N GLU J 556 -75.02 -9.04 48.35
CA GLU J 556 -73.89 -8.16 48.12
C GLU J 556 -73.95 -7.60 46.70
N TYR J 557 -74.33 -8.45 45.75
CA TYR J 557 -74.52 -8.07 44.35
C TYR J 557 -75.61 -7.00 44.17
N GLU J 558 -76.44 -6.75 45.19
CA GLU J 558 -77.47 -5.72 45.11
C GLU J 558 -76.96 -4.34 45.57
N GLU J 559 -75.81 -4.30 46.27
CA GLU J 559 -75.20 -3.04 46.71
C GLU J 559 -73.86 -2.77 46.01
N LYS J 560 -73.13 -3.83 45.64
CA LYS J 560 -71.95 -3.76 44.79
C LYS J 560 -72.34 -4.31 43.42
N GLY J 561 -72.09 -3.56 42.32
CA GLY J 561 -72.84 -3.73 41.08
C GLY J 561 -72.53 -4.98 40.24
N GLY J 562 -71.62 -5.85 40.71
CA GLY J 562 -71.18 -7.03 39.97
C GLY J 562 -69.70 -6.98 39.59
N GLU J 563 -69.17 -5.75 39.46
CA GLU J 563 -67.74 -5.49 39.27
C GLU J 563 -66.94 -5.64 40.57
N TYR J 564 -67.28 -6.64 41.40
CA TYR J 564 -66.77 -6.73 42.76
C TYR J 564 -66.24 -8.13 43.08
N LEU J 565 -65.14 -8.21 43.86
CA LEU J 565 -64.49 -9.50 44.17
C LEU J 565 -63.76 -9.48 45.53
N LYS J 566 -63.49 -10.70 46.07
CA LYS J 566 -63.26 -10.90 47.49
C LYS J 566 -61.83 -11.37 47.86
N GLU J 567 -60.85 -11.30 46.93
CA GLU J 567 -59.44 -11.31 47.26
C GLU J 567 -58.90 -12.58 47.97
N HIS J 568 -59.59 -13.72 47.87
CA HIS J 568 -59.01 -14.98 48.36
C HIS J 568 -57.82 -15.44 47.52
N CYS J 569 -56.96 -16.31 48.06
CA CYS J 569 -55.87 -16.86 47.25
C CYS J 569 -56.43 -17.61 46.04
N ALA J 570 -55.66 -17.75 44.96
CA ALA J 570 -56.14 -18.33 43.70
C ALA J 570 -57.28 -17.49 43.08
N SER J 571 -57.18 -16.15 43.21
CA SER J 571 -58.11 -15.26 42.53
C SER J 571 -57.45 -13.96 42.09
N ASN J 572 -58.04 -13.39 41.03
CA ASN J 572 -57.57 -12.18 40.41
C ASN J 572 -57.56 -11.04 41.44
N ILE J 573 -56.61 -10.10 41.30
CA ILE J 573 -56.45 -8.96 42.20
C ILE J 573 -57.58 -7.95 42.00
N TYR J 574 -58.31 -7.66 43.08
CA TYR J 574 -59.37 -6.65 43.10
C TYR J 574 -58.79 -5.24 43.18
N VAL J 575 -59.53 -4.28 42.59
CA VAL J 575 -59.25 -2.87 42.78
C VAL J 575 -60.55 -2.09 42.97
N PRO J 576 -60.62 -1.13 43.92
CA PRO J 576 -61.79 -0.26 44.08
C PRO J 576 -62.12 0.53 42.81
N ILE J 577 -63.30 0.23 42.25
CA ILE J 577 -63.78 0.83 40.99
C ILE J 577 -65.29 0.60 40.86
N ARG J 578 -65.96 1.43 40.04
CA ARG J 578 -67.38 1.27 39.77
C ARG J 578 -67.74 1.65 38.33
N LEU J 579 -68.75 0.95 37.79
CA LEU J 579 -69.23 1.08 36.42
C LEU J 579 -70.57 1.82 36.39
N PRO J 580 -70.71 2.93 35.64
CA PRO J 580 -72.04 3.54 35.41
C PRO J 580 -72.98 2.65 34.61
N LYS J 581 -74.22 2.44 35.13
CA LYS J 581 -75.28 1.75 34.42
C LYS J 581 -76.65 2.28 34.86
N GLN J 582 -77.63 2.25 33.93
CA GLN J 582 -79.01 2.64 34.19
C GLN J 582 -79.98 1.68 33.46
N PRO M 44 -29.43 16.97 -54.18
CA PRO M 44 -30.82 17.12 -54.58
C PRO M 44 -31.80 16.28 -53.76
N GLY M 45 -33.03 16.80 -53.61
CA GLY M 45 -34.09 16.15 -52.84
C GLY M 45 -33.91 16.24 -51.32
N THR M 46 -33.01 17.12 -50.85
CA THR M 46 -32.54 17.13 -49.46
C THR M 46 -33.22 18.25 -48.68
N VAL M 47 -33.50 19.41 -49.27
CA VAL M 47 -34.09 20.54 -48.52
C VAL M 47 -35.53 20.25 -48.09
N ALA M 48 -36.28 19.50 -48.89
CA ALA M 48 -37.61 19.06 -48.50
C ALA M 48 -37.54 18.18 -47.26
N LEU M 49 -36.47 17.39 -47.11
CA LEU M 49 -36.25 16.52 -45.97
C LEU M 49 -35.73 17.33 -44.77
N ARG M 50 -35.00 18.42 -45.01
CA ARG M 50 -34.55 19.32 -43.97
C ARG M 50 -35.71 20.03 -43.28
N GLU M 51 -36.78 20.34 -44.00
CA GLU M 51 -38.02 20.84 -43.39
C GLU M 51 -38.69 19.85 -42.41
N ILE M 52 -38.64 18.55 -42.64
CA ILE M 52 -39.21 17.60 -41.71
C ILE M 52 -38.55 17.75 -40.33
N ARG M 53 -37.23 17.82 -40.30
CA ARG M 53 -36.50 17.87 -39.05
C ARG M 53 -36.75 19.18 -38.32
N ARG M 54 -37.20 20.24 -39.04
CA ARG M 54 -37.56 21.51 -38.44
C ARG M 54 -38.92 21.41 -37.77
N TYR M 55 -39.95 21.11 -38.57
CA TYR M 55 -41.30 21.15 -38.04
C TYR M 55 -41.63 19.99 -37.09
N GLN M 56 -40.81 18.95 -36.99
CA GLN M 56 -41.03 17.95 -35.98
C GLN M 56 -40.33 18.30 -34.67
N LYS M 57 -39.59 19.43 -34.61
CA LYS M 57 -38.95 19.88 -33.38
C LYS M 57 -39.76 21.01 -32.74
N SER M 58 -40.30 21.91 -33.56
CA SER M 58 -41.10 23.00 -33.01
C SER M 58 -42.52 22.52 -32.74
N THR M 59 -43.16 23.20 -31.76
CA THR M 59 -44.51 22.92 -31.28
C THR M 59 -45.44 24.12 -31.48
N GLU M 60 -45.02 25.13 -32.26
CA GLU M 60 -45.86 26.25 -32.66
C GLU M 60 -47.09 25.78 -33.44
N LEU M 61 -48.12 26.63 -33.49
CA LEU M 61 -49.25 26.49 -34.40
C LEU M 61 -48.83 26.95 -35.80
N LEU M 62 -49.28 26.20 -36.84
CA LEU M 62 -48.71 26.27 -38.18
C LEU M 62 -49.62 27.03 -39.13
N ILE M 63 -50.92 27.13 -38.85
CA ILE M 63 -51.83 27.97 -39.64
C ILE M 63 -51.82 29.42 -39.13
N ARG M 64 -51.88 30.41 -40.03
CA ARG M 64 -51.99 31.78 -39.57
C ARG M 64 -53.24 32.02 -38.71
N LYS M 65 -53.13 32.75 -37.59
CA LYS M 65 -54.20 32.87 -36.61
C LYS M 65 -55.40 33.59 -37.22
N LEU M 66 -55.25 34.82 -37.74
CA LEU M 66 -56.41 35.60 -38.16
C LEU M 66 -57.17 34.90 -39.29
N PRO M 67 -56.52 34.42 -40.35
CA PRO M 67 -57.20 33.63 -41.35
C PRO M 67 -57.97 32.43 -40.84
N PHE M 68 -57.48 31.73 -39.81
CA PHE M 68 -58.25 30.62 -39.24
C PHE M 68 -59.41 31.13 -38.42
N GLN M 69 -59.22 32.19 -37.65
CA GLN M 69 -60.29 32.73 -36.84
C GLN M 69 -61.46 33.19 -37.73
N ARG M 70 -61.19 33.87 -38.86
CA ARG M 70 -62.27 34.34 -39.70
C ARG M 70 -62.99 33.19 -40.40
N LEU M 71 -62.31 32.06 -40.68
CA LEU M 71 -62.99 30.89 -41.20
C LEU M 71 -63.96 30.34 -40.16
N VAL M 72 -63.59 30.18 -38.87
CA VAL M 72 -64.48 29.63 -37.86
C VAL M 72 -65.66 30.54 -37.61
N ARG M 73 -65.53 31.87 -37.71
CA ARG M 73 -66.68 32.75 -37.66
C ARG M 73 -67.61 32.53 -38.84
N GLU M 74 -67.09 32.23 -40.04
CA GLU M 74 -67.91 31.96 -41.21
C GLU M 74 -68.70 30.66 -41.00
N ILE M 75 -68.07 29.59 -40.60
CA ILE M 75 -68.75 28.30 -40.52
C ILE M 75 -69.84 28.30 -39.44
N ALA M 76 -69.74 29.10 -38.37
CA ALA M 76 -70.77 29.14 -37.34
C ALA M 76 -72.00 29.93 -37.76
N GLN M 77 -71.94 30.86 -38.71
CA GLN M 77 -73.11 31.67 -39.04
C GLN M 77 -74.31 30.87 -39.56
N ASP M 78 -74.08 29.71 -40.19
CA ASP M 78 -75.18 28.91 -40.70
C ASP M 78 -75.78 28.03 -39.58
N PHE M 79 -75.19 28.03 -38.38
CA PHE M 79 -75.80 27.44 -37.20
C PHE M 79 -76.58 28.44 -36.35
N LYS M 80 -76.02 29.62 -36.08
CA LYS M 80 -76.81 30.73 -35.57
C LYS M 80 -76.16 32.09 -35.91
N THR M 81 -77.01 33.10 -36.18
CA THR M 81 -76.53 34.45 -36.43
C THR M 81 -76.04 35.08 -35.13
N ASP M 82 -75.03 35.98 -35.24
CA ASP M 82 -74.56 36.82 -34.15
C ASP M 82 -74.13 36.04 -32.90
N LEU M 83 -73.34 34.95 -33.06
CA LEU M 83 -72.48 34.50 -31.98
C LEU M 83 -71.45 35.56 -31.65
N ARG M 84 -70.93 35.44 -30.41
CA ARG M 84 -69.65 35.99 -30.00
C ARG M 84 -68.79 34.81 -29.54
N PHE M 85 -67.51 34.86 -29.90
CA PHE M 85 -66.58 33.82 -29.54
C PHE M 85 -65.63 34.33 -28.46
N GLN M 86 -65.51 33.53 -27.42
CA GLN M 86 -64.51 33.78 -26.40
C GLN M 86 -63.12 33.55 -26.97
N SER M 87 -62.14 34.42 -26.67
CA SER M 87 -60.83 34.35 -27.29
C SER M 87 -60.11 33.00 -27.09
N SER M 88 -60.46 32.26 -26.02
CA SER M 88 -59.86 30.95 -25.79
C SER M 88 -60.55 29.82 -26.54
N ALA M 89 -61.81 30.03 -26.94
CA ALA M 89 -62.51 29.03 -27.73
C ALA M 89 -61.90 28.87 -29.11
N VAL M 90 -61.60 30.00 -29.79
CA VAL M 90 -60.99 29.98 -31.10
C VAL M 90 -59.63 29.29 -31.03
N MET M 91 -58.87 29.48 -29.97
CA MET M 91 -57.62 28.77 -29.82
C MET M 91 -57.84 27.27 -29.62
N ALA M 92 -58.83 26.91 -28.82
CA ALA M 92 -59.06 25.50 -28.54
C ALA M 92 -59.54 24.72 -29.78
N LEU M 93 -60.21 25.40 -30.74
CA LEU M 93 -60.46 24.82 -32.05
C LEU M 93 -59.14 24.58 -32.80
N GLN M 94 -58.30 25.61 -32.92
CA GLN M 94 -57.09 25.53 -33.72
C GLN M 94 -56.18 24.40 -33.21
N GLU M 95 -55.96 24.34 -31.91
CA GLU M 95 -55.16 23.28 -31.32
C GLU M 95 -55.67 21.88 -31.65
N ALA M 96 -56.99 21.72 -31.85
CA ALA M 96 -57.59 20.42 -32.15
C ALA M 96 -57.60 20.12 -33.65
N CYS M 97 -57.73 21.17 -34.48
CA CYS M 97 -57.66 21.04 -35.94
C CYS M 97 -56.31 20.59 -36.41
N GLU M 98 -55.27 21.33 -36.01
CA GLU M 98 -53.93 21.00 -36.43
C GLU M 98 -53.55 19.60 -35.99
N ALA M 99 -53.98 19.20 -34.82
CA ALA M 99 -53.73 17.88 -34.32
C ALA M 99 -54.53 16.78 -35.04
N TYR M 100 -55.60 17.15 -35.75
CA TYR M 100 -56.34 16.20 -36.57
C TYR M 100 -55.71 16.09 -37.96
N LEU M 101 -55.42 17.23 -38.58
CA LEU M 101 -54.83 17.32 -39.90
C LEU M 101 -53.48 16.57 -39.90
N VAL M 102 -52.63 16.87 -38.93
CA VAL M 102 -51.33 16.24 -38.88
C VAL M 102 -51.43 14.76 -38.55
N GLY M 103 -52.43 14.33 -37.82
CA GLY M 103 -52.65 12.89 -37.67
C GLY M 103 -53.09 12.24 -38.99
N LEU M 104 -53.90 12.94 -39.79
CA LEU M 104 -54.33 12.41 -41.07
C LEU M 104 -53.15 12.33 -42.04
N PHE M 105 -52.23 13.30 -42.10
CA PHE M 105 -51.07 13.18 -42.98
C PHE M 105 -50.12 12.05 -42.54
N GLU M 106 -49.96 11.81 -41.24
CA GLU M 106 -49.23 10.67 -40.75
C GLU M 106 -49.86 9.37 -41.28
N ASP M 107 -51.18 9.19 -41.15
CA ASP M 107 -51.88 8.00 -41.60
C ASP M 107 -51.99 7.94 -43.12
N THR M 108 -51.96 9.07 -43.84
CA THR M 108 -52.00 9.13 -45.30
C THR M 108 -50.69 8.70 -45.95
N ASN M 109 -49.56 9.13 -45.41
CA ASN M 109 -48.28 8.76 -45.93
C ASN M 109 -48.15 7.24 -46.00
N LEU M 110 -48.56 6.48 -44.97
CA LEU M 110 -48.52 5.03 -44.91
C LEU M 110 -49.13 4.33 -46.14
N CYS M 111 -50.16 4.96 -46.73
CA CYS M 111 -50.80 4.47 -47.94
C CYS M 111 -49.94 4.72 -49.19
N ALA M 112 -49.32 5.89 -49.30
CA ALA M 112 -48.42 6.16 -50.41
C ALA M 112 -47.23 5.18 -50.41
N ILE M 113 -46.67 4.87 -49.24
CA ILE M 113 -45.63 3.87 -49.10
C ILE M 113 -46.15 2.50 -49.56
N HIS M 114 -47.41 2.18 -49.29
CA HIS M 114 -47.98 0.90 -49.65
C HIS M 114 -48.03 0.72 -51.17
N ALA M 115 -48.31 1.80 -51.90
CA ALA M 115 -48.33 1.75 -53.35
C ALA M 115 -46.96 1.93 -54.02
N LYS M 116 -45.87 1.79 -53.25
CA LYS M 116 -44.50 1.89 -53.75
C LYS M 116 -44.18 3.34 -54.16
N ARG M 117 -45.07 4.30 -53.90
CA ARG M 117 -44.80 5.69 -54.25
C ARG M 117 -44.02 6.40 -53.14
N VAL M 118 -43.71 7.68 -53.41
CA VAL M 118 -43.29 8.64 -52.39
C VAL M 118 -44.34 9.72 -52.24
N THR M 119 -44.96 10.10 -53.36
CA THR M 119 -45.82 11.26 -53.37
C THR M 119 -47.20 10.87 -52.83
N ILE M 120 -47.75 11.63 -51.89
CA ILE M 120 -49.12 11.50 -51.44
C ILE M 120 -50.09 12.14 -52.44
N MET M 121 -51.27 11.52 -52.55
CA MET M 121 -52.24 11.92 -53.53
C MET M 121 -53.64 11.82 -52.93
N PRO M 122 -54.64 12.49 -53.52
CA PRO M 122 -55.95 12.48 -52.93
C PRO M 122 -56.46 11.06 -52.76
N LYS M 123 -56.08 10.11 -53.66
CA LYS M 123 -56.61 8.75 -53.52
C LYS M 123 -56.12 8.08 -52.23
N ASP M 124 -55.05 8.61 -51.64
CA ASP M 124 -54.51 8.13 -50.38
C ASP M 124 -55.27 8.72 -49.20
N ILE M 125 -55.60 10.01 -49.24
CA ILE M 125 -56.43 10.64 -48.23
C ILE M 125 -57.78 9.93 -48.20
N GLN M 126 -58.39 9.73 -49.38
CA GLN M 126 -59.65 9.03 -49.52
C GLN M 126 -59.57 7.65 -48.88
N LEU M 127 -58.48 6.90 -49.07
CA LEU M 127 -58.32 5.58 -48.50
C LEU M 127 -58.20 5.69 -46.98
N ALA M 128 -57.35 6.59 -46.52
CA ALA M 128 -57.13 6.74 -45.09
C ALA M 128 -58.42 7.15 -44.38
N ARG M 129 -59.30 7.96 -44.97
CA ARG M 129 -60.58 8.30 -44.38
C ARG M 129 -61.59 7.15 -44.50
N ARG M 130 -61.75 6.49 -45.65
CA ARG M 130 -62.63 5.34 -45.77
C ARG M 130 -62.29 4.18 -44.83
N ILE M 131 -61.02 3.85 -44.66
CA ILE M 131 -60.64 2.71 -43.85
C ILE M 131 -60.75 3.02 -42.36
N ARG M 132 -60.64 4.32 -42.04
CA ARG M 132 -60.75 4.87 -40.69
C ARG M 132 -62.20 4.96 -40.24
N GLY M 133 -63.11 5.19 -41.21
CA GLY M 133 -64.55 5.20 -40.96
C GLY M 133 -65.15 6.60 -40.83
N GLU M 134 -64.52 7.60 -41.48
CA GLU M 134 -65.06 8.95 -41.57
C GLU M 134 -66.11 9.07 -42.73
N LEU N 22 -69.93 36.24 -44.46
CA LEU N 22 -68.46 36.11 -44.72
C LEU N 22 -68.25 35.60 -46.14
N ARG N 23 -67.09 35.95 -46.74
CA ARG N 23 -66.89 35.89 -48.18
C ARG N 23 -66.52 34.48 -48.67
N ASP N 24 -65.28 34.05 -48.39
CA ASP N 24 -64.66 32.88 -49.02
C ASP N 24 -63.46 32.37 -48.21
N ASN N 25 -63.58 32.44 -46.87
CA ASN N 25 -62.45 32.50 -45.98
C ASN N 25 -61.68 31.18 -45.86
N ILE N 26 -62.19 30.09 -46.43
CA ILE N 26 -61.45 28.83 -46.46
C ILE N 26 -60.19 28.95 -47.34
N GLN N 27 -60.19 29.89 -48.30
CA GLN N 27 -59.01 30.17 -49.10
C GLN N 27 -57.85 30.71 -48.25
N GLY N 28 -58.15 31.19 -47.03
CA GLY N 28 -57.13 31.67 -46.11
C GLY N 28 -56.29 30.54 -45.47
N ILE N 29 -56.68 29.27 -45.63
CA ILE N 29 -55.74 28.20 -45.37
C ILE N 29 -54.87 28.09 -46.62
N THR N 30 -53.89 29.01 -46.72
CA THR N 30 -53.01 29.20 -47.87
C THR N 30 -52.14 27.97 -48.08
N LYS N 31 -51.80 27.69 -49.34
CA LYS N 31 -51.06 26.51 -49.75
C LYS N 31 -49.83 26.22 -48.87
N PRO N 32 -48.87 27.17 -48.65
CA PRO N 32 -47.75 26.93 -47.73
C PRO N 32 -48.08 26.39 -46.35
N ALA N 33 -49.22 26.82 -45.78
CA ALA N 33 -49.61 26.36 -44.47
C ALA N 33 -49.97 24.87 -44.48
N ILE N 34 -50.62 24.42 -45.56
CA ILE N 34 -50.93 23.02 -45.73
C ILE N 34 -49.63 22.22 -45.85
N ARG N 35 -48.63 22.79 -46.54
CA ARG N 35 -47.33 22.15 -46.65
C ARG N 35 -46.64 22.07 -45.30
N ARG N 36 -46.77 23.07 -44.43
CA ARG N 36 -46.22 22.98 -43.10
C ARG N 36 -46.83 21.80 -42.34
N LEU N 37 -48.17 21.73 -42.33
CA LEU N 37 -48.86 20.63 -41.65
C LEU N 37 -48.38 19.30 -42.18
N ALA N 38 -48.31 19.19 -43.51
CA ALA N 38 -47.82 17.99 -44.16
C ALA N 38 -46.40 17.66 -43.69
N ARG N 39 -45.50 18.66 -43.65
CA ARG N 39 -44.11 18.47 -43.29
C ARG N 39 -44.01 17.93 -41.87
N ARG N 40 -44.85 18.41 -40.94
CA ARG N 40 -44.87 17.87 -39.58
C ARG N 40 -45.21 16.37 -39.59
N GLY N 41 -46.16 16.02 -40.45
CA GLY N 41 -46.68 14.68 -40.51
C GLY N 41 -45.74 13.66 -41.13
N GLY N 42 -44.67 14.10 -41.79
CA GLY N 42 -43.62 13.15 -42.19
C GLY N 42 -43.63 12.79 -43.66
N VAL N 43 -44.26 13.65 -44.50
CA VAL N 43 -44.38 13.37 -45.93
C VAL N 43 -43.38 14.16 -46.76
N LYS N 44 -42.81 13.52 -47.82
CA LYS N 44 -41.88 14.19 -48.70
C LYS N 44 -42.58 15.01 -49.80
N ARG N 45 -43.34 14.35 -50.71
CA ARG N 45 -43.80 15.01 -51.94
C ARG N 45 -45.33 15.03 -52.03
N ILE N 46 -45.89 16.20 -52.31
CA ILE N 46 -47.30 16.48 -52.18
C ILE N 46 -47.84 16.84 -53.56
N SER N 47 -48.64 15.95 -54.18
CA SER N 47 -49.29 16.33 -55.44
C SER N 47 -50.19 17.57 -55.33
N GLY N 48 -50.26 18.42 -56.36
CA GLY N 48 -51.04 19.67 -56.38
C GLY N 48 -52.55 19.57 -56.08
N LEU N 49 -53.11 18.36 -56.14
CA LEU N 49 -54.51 18.11 -55.81
C LEU N 49 -54.74 17.87 -54.31
N ILE N 50 -53.68 17.75 -53.51
CA ILE N 50 -53.81 17.64 -52.07
C ILE N 50 -54.33 18.93 -51.42
N TYR N 51 -54.07 20.10 -52.03
CA TYR N 51 -54.40 21.38 -51.41
C TYR N 51 -55.92 21.55 -51.36
N GLU N 52 -56.58 21.34 -52.50
CA GLU N 52 -58.02 21.54 -52.56
C GLU N 52 -58.79 20.41 -51.88
N GLU N 53 -58.18 19.22 -51.75
CA GLU N 53 -58.76 18.13 -50.98
C GLU N 53 -58.69 18.43 -49.49
N THR N 54 -57.54 18.94 -49.01
CA THR N 54 -57.34 19.11 -47.57
C THR N 54 -58.22 20.24 -47.02
N ARG N 55 -58.45 21.30 -47.80
CA ARG N 55 -59.43 22.29 -47.38
C ARG N 55 -60.81 21.65 -47.19
N GLY N 56 -61.18 20.73 -48.07
CA GLY N 56 -62.42 19.98 -47.98
C GLY N 56 -62.55 19.17 -46.69
N VAL N 57 -61.46 18.54 -46.27
CA VAL N 57 -61.44 17.79 -45.02
C VAL N 57 -61.51 18.71 -43.80
N LEU N 58 -60.81 19.83 -43.83
CA LEU N 58 -60.84 20.72 -42.70
C LEU N 58 -62.23 21.37 -42.56
N LYS N 59 -62.87 21.83 -43.66
CA LYS N 59 -64.18 22.43 -43.55
C LYS N 59 -65.22 21.43 -43.01
N VAL N 60 -65.20 20.17 -43.43
CA VAL N 60 -66.08 19.15 -42.83
C VAL N 60 -65.82 18.93 -41.34
N PHE N 61 -64.56 18.93 -40.88
CA PHE N 61 -64.31 18.78 -39.47
C PHE N 61 -64.84 19.96 -38.64
N LEU N 62 -64.60 21.21 -39.07
CA LEU N 62 -65.08 22.41 -38.39
C LEU N 62 -66.60 22.40 -38.25
N GLU N 63 -67.32 22.07 -39.33
CA GLU N 63 -68.75 22.01 -39.27
C GLU N 63 -69.19 21.06 -38.17
N ASN N 64 -68.65 19.84 -38.14
CA ASN N 64 -69.13 18.83 -37.21
C ASN N 64 -68.72 19.08 -35.74
N VAL N 65 -67.82 20.02 -35.45
CA VAL N 65 -67.51 20.32 -34.07
C VAL N 65 -68.19 21.61 -33.66
N ILE N 66 -68.18 22.67 -34.47
CA ILE N 66 -68.81 23.93 -34.10
C ILE N 66 -70.33 23.77 -34.02
N ARG N 67 -70.96 22.83 -34.74
CA ARG N 67 -72.38 22.58 -34.55
C ARG N 67 -72.66 22.11 -33.13
N ASP N 68 -71.93 21.09 -32.65
CA ASP N 68 -72.06 20.67 -31.26
C ASP N 68 -71.78 21.83 -30.29
N ALA N 69 -70.73 22.60 -30.51
CA ALA N 69 -70.40 23.71 -29.64
C ALA N 69 -71.47 24.76 -29.60
N VAL N 70 -72.13 25.05 -30.71
CA VAL N 70 -73.24 25.95 -30.63
C VAL N 70 -74.42 25.31 -29.91
N THR N 71 -74.74 24.02 -30.08
CA THR N 71 -75.83 23.41 -29.30
C THR N 71 -75.59 23.37 -27.79
N TYR N 72 -74.35 23.19 -27.32
CA TYR N 72 -74.02 23.38 -25.92
C TYR N 72 -74.23 24.82 -25.46
N THR N 73 -73.96 25.79 -26.35
CA THR N 73 -74.17 27.20 -26.04
C THR N 73 -75.67 27.49 -25.94
N GLU N 74 -76.47 27.05 -26.91
CA GLU N 74 -77.87 27.38 -26.93
C GLU N 74 -78.59 26.84 -25.70
N HIS N 75 -78.11 25.72 -25.16
CA HIS N 75 -78.74 25.15 -23.99
C HIS N 75 -78.64 26.09 -22.79
N ALA N 76 -77.51 26.78 -22.67
CA ALA N 76 -77.25 27.67 -21.54
C ALA N 76 -77.75 29.11 -21.70
N LYS N 77 -78.41 29.41 -22.82
CA LYS N 77 -78.97 30.72 -23.12
C LYS N 77 -77.91 31.80 -23.30
N ARG N 78 -76.64 31.38 -23.41
CA ARG N 78 -75.57 32.32 -23.76
C ARG N 78 -75.63 32.72 -25.23
N LYS N 79 -74.99 33.86 -25.54
CA LYS N 79 -74.63 34.20 -26.90
C LYS N 79 -73.16 33.87 -27.21
N THR N 80 -72.27 34.14 -26.27
CA THR N 80 -70.85 33.93 -26.46
C THR N 80 -70.54 32.44 -26.35
N VAL N 81 -69.90 31.91 -27.39
CA VAL N 81 -69.36 30.55 -27.32
C VAL N 81 -68.13 30.55 -26.43
N THR N 82 -68.00 29.57 -25.53
CA THR N 82 -66.90 29.58 -24.58
C THR N 82 -66.05 28.32 -24.68
N ALA N 83 -64.86 28.36 -24.10
CA ALA N 83 -63.89 27.31 -24.30
C ALA N 83 -64.42 25.99 -23.79
N MET N 84 -65.21 25.99 -22.72
CA MET N 84 -65.70 24.72 -22.22
C MET N 84 -66.71 24.08 -23.19
N ASP N 85 -67.47 24.91 -23.91
CA ASP N 85 -68.45 24.42 -24.88
C ASP N 85 -67.75 23.64 -25.98
N VAL N 86 -66.68 24.19 -26.55
CA VAL N 86 -65.92 23.51 -27.59
C VAL N 86 -65.18 22.31 -27.00
N VAL N 87 -64.71 22.35 -25.78
CA VAL N 87 -64.07 21.19 -25.21
C VAL N 87 -65.06 20.05 -24.96
N TYR N 88 -66.30 20.34 -24.48
CA TYR N 88 -67.33 19.31 -24.35
C TYR N 88 -67.74 18.76 -25.74
N ALA N 89 -67.78 19.65 -26.75
CA ALA N 89 -68.08 19.27 -28.11
C ALA N 89 -67.05 18.27 -28.64
N LEU N 90 -65.77 18.54 -28.43
CA LEU N 90 -64.74 17.62 -28.81
C LEU N 90 -64.81 16.33 -28.01
N LYS N 91 -65.11 16.40 -26.71
CA LYS N 91 -64.99 15.24 -25.83
C LYS N 91 -65.94 14.12 -26.22
N ARG N 92 -67.11 14.45 -26.79
CA ARG N 92 -68.10 13.46 -27.17
C ARG N 92 -67.81 12.73 -28.47
N GLN N 93 -66.92 13.27 -29.31
CA GLN N 93 -66.57 12.66 -30.59
C GLN N 93 -65.31 11.77 -30.52
N GLY N 94 -64.82 11.46 -29.31
CA GLY N 94 -63.60 10.67 -29.13
C GLY N 94 -62.31 11.49 -29.36
N ARG N 95 -62.42 12.83 -29.40
CA ARG N 95 -61.29 13.69 -29.74
C ARG N 95 -60.92 14.61 -28.57
N THR N 96 -60.77 14.06 -27.35
CA THR N 96 -60.60 14.89 -26.15
C THR N 96 -59.37 15.81 -26.25
N LEU N 97 -59.50 17.07 -25.81
CA LEU N 97 -58.37 17.99 -25.79
C LEU N 97 -57.99 18.36 -24.37
N TYR N 98 -56.73 18.12 -23.98
CA TYR N 98 -56.21 18.60 -22.69
C TYR N 98 -55.53 19.94 -22.91
N GLY N 99 -55.87 20.95 -22.10
CA GLY N 99 -55.17 22.21 -22.15
C GLY N 99 -56.05 23.38 -21.80
N PHE N 100 -57.38 23.23 -21.96
CA PHE N 100 -58.32 24.31 -21.71
C PHE N 100 -59.33 23.98 -20.59
N GLY N 101 -59.10 22.90 -19.82
CA GLY N 101 -59.95 22.51 -18.70
C GLY N 101 -61.01 21.48 -19.11
N GLY N 102 -61.55 20.71 -18.15
CA GLY N 102 -62.58 19.71 -18.42
C GLY N 102 -62.09 18.38 -19.01
N LYS O 15 -112.26 6.08 -12.41
CA LYS O 15 -111.58 5.45 -13.57
C LYS O 15 -110.24 6.16 -13.84
N ALA O 16 -109.14 5.42 -13.69
CA ALA O 16 -107.81 5.88 -14.07
C ALA O 16 -107.66 5.92 -15.59
N VAL O 17 -107.05 7.03 -16.07
CA VAL O 17 -106.56 7.22 -17.45
C VAL O 17 -105.17 6.59 -17.57
N SER O 18 -104.47 6.77 -18.70
CA SER O 18 -103.03 6.50 -18.75
C SER O 18 -102.29 7.62 -19.46
N ARG O 19 -101.07 7.96 -19.01
CA ARG O 19 -100.42 9.17 -19.48
C ARG O 19 -99.99 9.04 -20.95
N SER O 20 -99.76 7.78 -21.39
CA SER O 20 -99.59 7.47 -22.81
C SER O 20 -100.71 8.05 -23.68
N GLN O 21 -101.98 7.96 -23.25
CA GLN O 21 -103.11 8.46 -24.02
C GLN O 21 -103.17 9.99 -24.07
N ARG O 22 -102.71 10.67 -23.02
CA ARG O 22 -102.70 12.13 -23.01
C ARG O 22 -101.60 12.72 -23.92
N ALA O 23 -100.49 12.00 -24.08
CA ALA O 23 -99.47 12.37 -25.05
C ALA O 23 -99.88 11.95 -26.47
N GLY O 24 -100.63 10.85 -26.59
CA GLY O 24 -101.02 10.30 -27.88
C GLY O 24 -100.02 9.24 -28.40
N LEU O 25 -99.41 8.49 -27.47
CA LEU O 25 -98.28 7.60 -27.75
C LEU O 25 -98.63 6.17 -27.44
N GLN O 26 -98.01 5.22 -28.18
CA GLN O 26 -98.20 3.80 -27.93
C GLN O 26 -97.26 3.29 -26.83
N PHE O 27 -96.11 3.94 -26.66
CA PHE O 27 -95.07 3.48 -25.75
C PHE O 27 -95.38 3.90 -24.32
N PRO O 28 -94.76 3.22 -23.33
CA PRO O 28 -95.13 3.41 -21.92
C PRO O 28 -94.51 4.66 -21.29
N VAL O 29 -95.25 5.76 -21.24
CA VAL O 29 -94.74 7.00 -20.68
C VAL O 29 -94.49 6.88 -19.19
N GLY O 30 -95.06 5.93 -18.45
CA GLY O 30 -94.79 5.91 -17.02
C GLY O 30 -93.80 4.83 -16.58
N ARG O 31 -93.44 3.93 -17.50
CA ARG O 31 -92.37 2.97 -17.25
C ARG O 31 -91.07 3.68 -17.53
N ILE O 32 -91.02 4.49 -18.59
CA ILE O 32 -90.06 5.58 -18.64
C ILE O 32 -90.48 6.57 -17.56
N HIS O 33 -89.71 7.60 -17.23
CA HIS O 33 -89.93 8.23 -15.92
C HIS O 33 -89.39 7.38 -14.77
N ARG O 34 -89.97 6.24 -14.46
CA ARG O 34 -89.42 5.35 -13.48
C ARG O 34 -88.02 4.86 -13.88
N HIS O 35 -87.74 4.64 -15.17
CA HIS O 35 -86.42 4.30 -15.64
C HIS O 35 -85.47 5.48 -15.52
N LEU O 36 -85.90 6.65 -15.95
CA LEU O 36 -85.04 7.83 -15.84
C LEU O 36 -84.71 8.19 -14.40
N LYS O 37 -85.66 8.01 -13.49
CA LYS O 37 -85.50 8.26 -12.07
C LYS O 37 -84.48 7.33 -11.44
N SER O 38 -83.91 6.38 -12.20
CA SER O 38 -82.83 5.51 -11.74
C SER O 38 -81.49 5.82 -12.42
N ARG O 39 -81.41 6.94 -13.17
CA ARG O 39 -80.22 7.39 -13.88
C ARG O 39 -80.08 8.92 -13.72
N THR O 40 -79.90 9.42 -12.49
CA THR O 40 -80.35 10.78 -12.19
C THR O 40 -79.50 11.55 -11.17
N THR O 41 -78.20 11.26 -11.02
CA THR O 41 -77.35 11.92 -10.02
C THR O 41 -77.88 11.62 -8.61
N SER O 42 -78.54 12.60 -7.95
CA SER O 42 -79.24 12.46 -6.68
C SER O 42 -80.55 13.27 -6.65
N HIS O 43 -81.16 13.52 -7.84
CA HIS O 43 -82.17 14.57 -8.05
C HIS O 43 -83.30 14.17 -9.02
N GLY O 44 -84.35 14.99 -9.19
CA GLY O 44 -85.59 14.49 -9.78
C GLY O 44 -85.73 14.75 -11.28
N ARG O 45 -86.86 14.33 -11.89
CA ARG O 45 -87.12 14.42 -13.34
C ARG O 45 -88.54 14.85 -13.65
N VAL O 46 -88.64 15.96 -14.34
CA VAL O 46 -89.89 16.59 -14.73
C VAL O 46 -90.79 15.61 -15.47
N GLY O 47 -92.09 15.68 -15.20
CA GLY O 47 -93.08 14.86 -15.88
C GLY O 47 -93.10 15.12 -17.37
N ALA O 48 -92.95 16.37 -17.84
CA ALA O 48 -92.90 16.68 -19.27
C ALA O 48 -91.62 16.17 -19.91
N THR O 49 -90.72 15.48 -19.22
CA THR O 49 -89.62 14.82 -19.91
C THR O 49 -90.07 13.49 -20.49
N ALA O 50 -90.83 12.69 -19.78
CA ALA O 50 -91.25 11.41 -20.30
C ALA O 50 -92.06 11.58 -21.63
N ALA O 51 -92.85 12.62 -21.78
CA ALA O 51 -93.54 12.84 -23.03
C ALA O 51 -92.75 13.43 -24.21
N VAL O 52 -91.40 13.68 -24.19
CA VAL O 52 -90.59 13.95 -25.38
C VAL O 52 -89.29 13.14 -25.27
N TYR O 53 -89.19 12.33 -24.21
CA TYR O 53 -88.28 11.20 -24.12
C TYR O 53 -88.96 10.16 -25.04
N SER O 54 -90.13 9.71 -24.63
CA SER O 54 -90.92 8.91 -25.52
C SER O 54 -91.41 9.82 -26.65
N ALA O 55 -91.80 9.25 -27.78
CA ALA O 55 -91.91 10.00 -29.03
C ALA O 55 -90.59 10.63 -29.47
N ALA O 56 -89.45 10.25 -28.87
CA ALA O 56 -88.14 10.32 -29.51
C ALA O 56 -87.41 9.04 -29.13
N ILE O 57 -88.23 7.95 -28.99
CA ILE O 57 -87.80 6.55 -29.03
C ILE O 57 -88.79 5.75 -29.89
N LEU O 58 -90.08 5.89 -29.64
CA LEU O 58 -91.02 5.81 -30.75
C LEU O 58 -90.71 7.01 -31.68
N GLU O 59 -90.89 6.83 -33.00
CA GLU O 59 -90.31 7.70 -34.03
C GLU O 59 -88.92 7.20 -34.48
N TYR O 60 -88.14 6.46 -33.69
CA TYR O 60 -87.13 5.65 -34.32
C TYR O 60 -87.81 4.36 -34.77
N LEU O 61 -88.61 3.71 -33.93
CA LEU O 61 -89.53 2.77 -34.54
C LEU O 61 -90.56 3.58 -35.36
N THR O 62 -90.92 3.03 -36.55
CA THR O 62 -91.48 3.80 -37.66
C THR O 62 -90.41 4.68 -38.31
N ALA O 63 -89.14 4.30 -38.15
CA ALA O 63 -88.11 4.55 -39.14
C ALA O 63 -87.31 3.24 -39.27
N GLU O 64 -87.04 2.53 -38.18
CA GLU O 64 -86.35 1.23 -38.22
C GLU O 64 -87.28 0.15 -38.79
N VAL O 65 -88.39 -0.15 -38.12
CA VAL O 65 -89.58 -0.67 -38.76
C VAL O 65 -90.19 0.50 -39.54
N LEU O 66 -91.03 0.23 -40.56
CA LEU O 66 -91.39 1.24 -41.58
C LEU O 66 -90.44 1.13 -42.76
N GLU O 67 -89.13 1.39 -42.66
CA GLU O 67 -88.28 1.33 -43.84
C GLU O 67 -88.15 -0.10 -44.37
N LEU O 68 -88.54 -1.10 -43.56
CA LEU O 68 -88.82 -2.48 -44.01
C LEU O 68 -89.98 -2.68 -45.02
N ALA O 69 -90.77 -1.65 -45.32
CA ALA O 69 -91.60 -1.60 -46.52
C ALA O 69 -90.75 -1.88 -47.74
N GLY O 70 -89.56 -1.26 -47.75
CA GLY O 70 -88.62 -1.39 -48.84
C GLY O 70 -87.94 -2.76 -48.89
N ASN O 71 -88.32 -3.71 -48.00
CA ASN O 71 -87.61 -4.98 -47.89
C ASN O 71 -88.55 -6.16 -47.74
N ALA O 72 -89.24 -6.31 -46.61
CA ALA O 72 -90.01 -7.52 -46.38
C ALA O 72 -91.04 -7.75 -47.50
N SER O 73 -91.84 -6.70 -47.79
CA SER O 73 -92.87 -6.75 -48.81
C SER O 73 -92.26 -7.00 -50.19
N LYS O 74 -91.10 -6.41 -50.50
CA LYS O 74 -90.42 -6.62 -51.77
C LYS O 74 -89.95 -8.07 -52.01
N ASP O 75 -89.76 -8.87 -50.94
CA ASP O 75 -89.37 -10.28 -51.07
C ASP O 75 -90.57 -11.24 -51.04
N LEU O 76 -91.81 -10.70 -51.01
CA LEU O 76 -93.05 -11.47 -50.98
C LEU O 76 -93.16 -12.37 -49.74
N LYS O 77 -92.43 -12.06 -48.64
CA LYS O 77 -92.41 -12.85 -47.43
C LYS O 77 -92.98 -12.05 -46.25
N VAL O 78 -93.83 -12.67 -45.42
CA VAL O 78 -94.38 -12.01 -44.23
C VAL O 78 -93.54 -12.43 -42.99
N LYS O 79 -93.66 -11.66 -41.89
CA LYS O 79 -92.85 -11.77 -40.69
C LYS O 79 -91.44 -11.26 -40.94
N ARG O 80 -91.15 -10.01 -40.46
CA ARG O 80 -89.80 -9.40 -40.30
C ARG O 80 -88.88 -10.36 -39.52
N ILE O 81 -87.66 -10.56 -40.08
CA ILE O 81 -86.66 -11.44 -39.52
C ILE O 81 -85.30 -10.78 -39.66
N THR O 82 -84.36 -11.21 -38.84
CA THR O 82 -83.07 -10.56 -38.70
C THR O 82 -82.27 -10.40 -40.01
N PRO O 83 -82.40 -11.17 -41.15
CA PRO O 83 -81.70 -10.80 -42.40
C PRO O 83 -82.20 -9.51 -43.01
N ARG O 84 -83.33 -9.00 -42.52
CA ARG O 84 -83.78 -7.62 -42.71
C ARG O 84 -83.44 -6.81 -41.44
N HIS O 85 -83.83 -5.53 -41.34
CA HIS O 85 -83.16 -4.57 -40.48
C HIS O 85 -81.74 -4.42 -41.00
N LEU O 86 -80.83 -5.42 -40.91
CA LEU O 86 -79.66 -5.43 -41.77
C LEU O 86 -80.21 -5.49 -43.19
N GLN O 87 -79.44 -5.16 -44.22
CA GLN O 87 -80.04 -5.06 -45.56
C GLN O 87 -81.10 -3.95 -45.60
N LEU O 88 -81.10 -3.05 -44.57
CA LEU O 88 -81.84 -1.79 -44.54
C LEU O 88 -81.19 -0.71 -43.66
N ALA O 89 -81.04 -0.96 -42.35
CA ALA O 89 -80.44 -0.06 -41.36
C ALA O 89 -79.02 0.30 -41.81
N ILE O 90 -78.39 -0.59 -42.61
CA ILE O 90 -77.09 -0.37 -43.24
C ILE O 90 -77.31 -0.33 -44.75
N ARG O 91 -78.20 0.61 -45.16
CA ARG O 91 -78.49 0.96 -46.55
C ARG O 91 -79.09 2.37 -46.66
N GLY O 92 -80.12 2.67 -45.85
CA GLY O 92 -80.55 4.06 -45.62
C GLY O 92 -79.49 4.78 -44.79
N ASP O 93 -79.28 6.09 -45.01
CA ASP O 93 -78.04 6.72 -44.54
C ASP O 93 -78.21 8.08 -43.84
N GLU O 94 -79.45 8.52 -43.54
CA GLU O 94 -79.68 9.40 -42.41
C GLU O 94 -79.42 8.63 -41.11
N GLU O 95 -79.91 7.39 -41.08
CA GLU O 95 -79.58 6.40 -40.07
C GLU O 95 -78.18 5.87 -40.38
N LEU O 96 -77.97 4.59 -40.07
CA LEU O 96 -76.63 4.03 -40.05
C LEU O 96 -75.79 4.70 -38.97
N ASP O 97 -75.58 6.04 -39.00
CA ASP O 97 -74.84 6.78 -37.98
C ASP O 97 -75.34 6.46 -36.57
N SER O 98 -76.67 6.28 -36.37
CA SER O 98 -77.21 5.94 -35.06
C SER O 98 -76.79 4.54 -34.63
N LEU O 99 -76.52 3.62 -35.58
CA LEU O 99 -76.37 2.20 -35.22
C LEU O 99 -75.02 1.57 -35.61
N ILE O 100 -74.07 2.40 -36.12
CA ILE O 100 -72.72 1.97 -36.47
C ILE O 100 -72.14 1.13 -35.35
N LYS O 101 -72.44 1.53 -34.11
CA LYS O 101 -71.89 0.93 -32.91
C LYS O 101 -72.45 -0.48 -32.69
N ALA O 102 -73.25 -1.01 -33.64
CA ALA O 102 -73.94 -2.29 -33.42
C ALA O 102 -73.97 -3.19 -34.64
N THR O 103 -73.53 -4.46 -34.40
CA THR O 103 -73.75 -5.60 -35.29
C THR O 103 -75.14 -6.16 -35.03
N ILE O 104 -75.71 -6.79 -36.04
CA ILE O 104 -77.04 -7.37 -35.91
C ILE O 104 -76.86 -8.87 -35.91
N ALA O 105 -77.28 -9.58 -34.89
CA ALA O 105 -76.99 -11.00 -34.87
C ALA O 105 -77.82 -11.69 -35.95
N GLY O 106 -77.19 -12.65 -36.66
CA GLY O 106 -77.87 -13.39 -37.71
C GLY O 106 -78.32 -12.49 -38.86
N GLY O 107 -77.54 -11.45 -39.14
CA GLY O 107 -77.96 -10.49 -40.13
C GLY O 107 -77.11 -10.49 -41.40
N GLY O 108 -75.95 -11.16 -41.43
CA GLY O 108 -75.16 -11.21 -42.67
C GLY O 108 -74.62 -9.85 -43.13
N VAL O 109 -74.59 -9.56 -44.45
CA VAL O 109 -74.09 -8.29 -44.99
C VAL O 109 -74.74 -7.99 -46.34
N ILE O 110 -74.76 -6.71 -46.79
CA ILE O 110 -75.26 -6.42 -48.12
C ILE O 110 -74.28 -6.86 -49.21
N PRO O 111 -74.74 -7.44 -50.36
CA PRO O 111 -73.86 -7.75 -51.48
C PRO O 111 -73.14 -6.55 -52.10
N HIS O 112 -71.92 -6.81 -52.61
CA HIS O 112 -71.14 -5.79 -53.31
C HIS O 112 -70.36 -6.34 -54.51
N ILE O 113 -69.13 -6.81 -54.28
CA ILE O 113 -68.14 -7.06 -55.32
C ILE O 113 -67.62 -5.75 -55.95
N HIS O 114 -66.32 -5.49 -55.76
CA HIS O 114 -65.72 -4.26 -56.23
C HIS O 114 -65.44 -4.37 -57.74
N LYS O 115 -65.47 -3.22 -58.44
CA LYS O 115 -65.52 -3.15 -59.90
C LYS O 115 -64.25 -3.67 -60.60
N SER O 116 -63.15 -3.86 -59.85
CA SER O 116 -61.90 -4.39 -60.38
C SER O 116 -61.78 -5.91 -60.23
N LEU O 117 -62.64 -6.55 -59.43
CA LEU O 117 -62.56 -8.00 -59.24
C LEU O 117 -63.41 -8.76 -60.27
N ILE O 118 -64.56 -8.16 -60.67
CA ILE O 118 -65.41 -8.69 -61.73
C ILE O 118 -64.67 -8.67 -63.08
N GLY O 119 -64.95 -9.68 -63.94
CA GLY O 119 -64.24 -9.86 -65.19
C GLY O 119 -64.40 -8.68 -66.16
N LYS O 120 -63.29 -8.34 -66.84
CA LYS O 120 -63.22 -7.21 -67.76
C LYS O 120 -63.06 -7.70 -69.22
N SER P 32 -90.34 -15.31 -10.84
CA SER P 32 -89.63 -14.07 -11.23
C SER P 32 -90.06 -13.62 -12.63
N ARG P 33 -89.87 -12.31 -12.93
CA ARG P 33 -90.42 -11.72 -14.15
C ARG P 33 -89.58 -10.53 -14.65
N LYS P 34 -89.55 -10.36 -15.99
CA LYS P 34 -88.70 -9.36 -16.64
C LYS P 34 -89.54 -8.39 -17.49
N GLU P 35 -89.11 -7.13 -17.51
CA GLU P 35 -89.74 -6.06 -18.28
C GLU P 35 -88.94 -5.81 -19.56
N SER P 36 -89.68 -5.75 -20.68
CA SER P 36 -89.13 -5.55 -22.02
C SER P 36 -90.09 -4.67 -22.84
N TYR P 37 -89.63 -4.14 -23.97
CA TYR P 37 -90.50 -3.34 -24.82
C TYR P 37 -91.23 -4.19 -25.86
N SER P 38 -91.29 -5.50 -25.64
CA SER P 38 -91.79 -6.46 -26.59
C SER P 38 -93.18 -6.12 -27.06
N ILE P 39 -94.08 -5.55 -26.23
CA ILE P 39 -95.45 -5.36 -26.65
C ILE P 39 -95.62 -4.07 -27.44
N TYR P 40 -94.82 -3.07 -27.11
CA TYR P 40 -94.98 -1.73 -27.69
C TYR P 40 -94.47 -1.74 -29.13
N VAL P 41 -93.42 -2.50 -29.43
CA VAL P 41 -92.91 -2.52 -30.79
C VAL P 41 -93.92 -3.22 -31.68
N TYR P 42 -94.60 -4.25 -31.20
CA TYR P 42 -95.62 -4.93 -31.98
C TYR P 42 -96.82 -4.01 -32.21
N LYS P 43 -97.20 -3.31 -31.18
CA LYS P 43 -98.29 -2.34 -31.26
C LYS P 43 -97.97 -1.21 -32.25
N VAL P 44 -96.69 -0.82 -32.40
CA VAL P 44 -96.29 0.17 -33.39
C VAL P 44 -96.21 -0.48 -34.78
N LEU P 45 -95.72 -1.73 -34.86
CA LEU P 45 -95.68 -2.43 -36.14
C LEU P 45 -97.06 -2.50 -36.78
N LYS P 46 -98.08 -2.91 -36.01
CA LYS P 46 -99.45 -2.95 -36.48
C LYS P 46 -100.06 -1.57 -36.79
N GLN P 47 -99.38 -0.46 -36.42
CA GLN P 47 -99.81 0.87 -36.82
C GLN P 47 -99.33 1.22 -38.23
N VAL P 48 -98.26 0.57 -38.71
CA VAL P 48 -97.55 1.04 -39.90
C VAL P 48 -97.47 0.00 -41.03
N HIS P 49 -97.64 -1.29 -40.70
CA HIS P 49 -97.78 -2.37 -41.67
C HIS P 49 -98.83 -3.38 -41.21
N PRO P 50 -100.14 -3.07 -41.37
CA PRO P 50 -101.20 -3.88 -40.78
C PRO P 50 -101.21 -5.39 -41.05
N ASP P 51 -100.73 -5.80 -42.22
CA ASP P 51 -100.74 -7.20 -42.62
C ASP P 51 -99.56 -8.01 -42.06
N THR P 52 -98.55 -7.30 -41.53
CA THR P 52 -97.23 -7.88 -41.26
C THR P 52 -97.05 -8.33 -39.81
N GLY P 53 -96.01 -9.12 -39.53
CA GLY P 53 -95.61 -9.48 -38.17
C GLY P 53 -94.09 -9.49 -38.03
N ILE P 54 -93.55 -10.08 -36.96
CA ILE P 54 -92.12 -9.97 -36.68
C ILE P 54 -91.63 -11.17 -35.89
N SER P 55 -90.55 -11.81 -36.35
CA SER P 55 -89.99 -13.00 -35.73
C SER P 55 -89.50 -12.81 -34.30
N SER P 56 -89.50 -13.91 -33.51
CA SER P 56 -88.96 -13.91 -32.15
C SER P 56 -87.46 -13.66 -32.10
N LYS P 57 -86.75 -13.97 -33.19
CA LYS P 57 -85.35 -13.62 -33.33
C LYS P 57 -85.17 -12.13 -33.57
N ALA P 58 -86.13 -11.48 -34.23
CA ALA P 58 -86.08 -10.07 -34.58
C ALA P 58 -86.55 -9.20 -33.45
N MET P 59 -87.45 -9.69 -32.59
CA MET P 59 -87.83 -8.97 -31.39
C MET P 59 -86.64 -8.72 -30.48
N GLY P 60 -85.76 -9.71 -30.32
CA GLY P 60 -84.55 -9.53 -29.53
C GLY P 60 -83.74 -8.31 -29.99
N ILE P 61 -83.66 -8.11 -31.29
CA ILE P 61 -82.94 -6.99 -31.83
C ILE P 61 -83.70 -5.71 -31.49
N MET P 62 -84.99 -5.63 -31.81
CA MET P 62 -85.69 -4.37 -31.65
C MET P 62 -85.66 -3.94 -30.18
N ASN P 63 -85.94 -4.87 -29.27
CA ASN P 63 -85.90 -4.60 -27.84
C ASN P 63 -84.52 -4.03 -27.47
N SER P 64 -83.44 -4.57 -28.05
CA SER P 64 -82.07 -4.12 -27.80
C SER P 64 -81.72 -2.76 -28.38
N PHE P 65 -82.20 -2.48 -29.58
CA PHE P 65 -82.05 -1.16 -30.18
C PHE P 65 -82.75 -0.11 -29.31
N VAL P 66 -83.95 -0.42 -28.82
CA VAL P 66 -84.71 0.48 -27.99
C VAL P 66 -83.99 0.71 -26.68
N ASN P 67 -83.48 -0.34 -26.02
CA ASN P 67 -82.69 -0.15 -24.82
C ASN P 67 -81.47 0.74 -25.08
N ASP P 68 -80.73 0.49 -26.17
CA ASP P 68 -79.48 1.19 -26.45
C ASP P 68 -79.70 2.68 -26.65
N ILE P 69 -80.66 3.08 -27.46
CA ILE P 69 -80.98 4.48 -27.68
C ILE P 69 -81.50 5.10 -26.39
N PHE P 70 -82.25 4.34 -25.57
CA PHE P 70 -82.70 4.89 -24.31
C PHE P 70 -81.50 5.21 -23.43
N GLU P 71 -80.60 4.25 -23.25
CA GLU P 71 -79.47 4.45 -22.34
C GLU P 71 -78.54 5.56 -22.83
N ARG P 72 -78.35 5.75 -24.13
CA ARG P 72 -77.62 6.89 -24.65
C ARG P 72 -78.30 8.21 -24.30
N ILE P 73 -79.59 8.36 -24.54
CA ILE P 73 -80.27 9.61 -24.22
C ILE P 73 -80.25 9.89 -22.71
N ALA P 74 -80.68 8.95 -21.91
CA ALA P 74 -80.71 9.14 -20.47
C ALA P 74 -79.32 9.34 -19.87
N GLY P 75 -78.34 8.56 -20.28
CA GLY P 75 -76.99 8.67 -19.75
C GLY P 75 -76.31 9.98 -20.14
N GLU P 76 -76.61 10.52 -21.32
CA GLU P 76 -76.02 11.76 -21.82
C GLU P 76 -76.75 12.97 -21.27
N ALA P 77 -78.05 12.88 -21.07
CA ALA P 77 -78.82 13.92 -20.42
C ALA P 77 -78.35 14.30 -19.02
N SER P 78 -77.80 13.37 -18.25
CA SER P 78 -77.21 13.66 -16.96
C SER P 78 -76.09 14.71 -17.06
N ARG P 79 -75.37 14.76 -18.19
CA ARG P 79 -74.19 15.58 -18.31
C ARG P 79 -74.56 17.01 -18.55
N LEU P 80 -75.62 17.31 -19.31
CA LEU P 80 -76.05 18.69 -19.44
C LEU P 80 -76.52 19.28 -18.11
N ALA P 81 -77.05 18.44 -17.21
CA ALA P 81 -77.39 18.86 -15.87
C ALA P 81 -76.11 19.18 -15.06
N HIS P 82 -75.04 18.40 -15.17
CA HIS P 82 -73.77 18.76 -14.54
C HIS P 82 -73.14 20.04 -15.10
N TYR P 83 -73.08 20.18 -16.41
CA TYR P 83 -72.38 21.28 -17.06
C TYR P 83 -73.02 22.61 -16.71
N ASN P 84 -74.35 22.64 -16.53
CA ASN P 84 -75.02 23.86 -16.15
C ASN P 84 -75.25 23.99 -14.64
N LYS P 85 -74.89 22.95 -13.88
CA LYS P 85 -75.18 22.82 -12.44
C LYS P 85 -76.67 23.13 -12.17
N ARG P 86 -77.50 22.30 -12.80
CA ARG P 86 -78.92 22.16 -12.53
C ARG P 86 -79.17 20.78 -11.89
N SER P 87 -80.22 20.68 -11.09
CA SER P 87 -80.56 19.46 -10.39
C SER P 87 -81.38 18.56 -11.31
N THR P 88 -82.40 19.13 -12.01
CA THR P 88 -83.53 18.35 -12.51
C THR P 88 -83.48 18.19 -14.02
N ILE P 89 -83.69 16.93 -14.46
CA ILE P 89 -83.83 16.58 -15.86
C ILE P 89 -85.19 17.03 -16.35
N THR P 90 -85.28 17.66 -17.53
CA THR P 90 -86.42 18.49 -17.96
C THR P 90 -86.62 18.28 -19.47
N SER P 91 -87.80 18.54 -20.00
CA SER P 91 -87.99 18.47 -21.42
C SER P 91 -86.89 19.22 -22.19
N ARG P 92 -86.64 20.53 -21.97
CA ARG P 92 -85.71 21.31 -22.79
C ARG P 92 -84.29 20.73 -22.75
N GLU P 93 -84.02 19.98 -21.70
CA GLU P 93 -82.75 19.29 -21.62
C GLU P 93 -82.81 18.08 -22.58
N ILE P 94 -83.82 17.20 -22.51
CA ILE P 94 -83.89 16.03 -23.36
C ILE P 94 -83.86 16.48 -24.81
N GLN P 95 -84.57 17.56 -25.16
CA GLN P 95 -84.58 18.08 -26.52
C GLN P 95 -83.16 18.34 -26.99
N THR P 96 -82.26 18.75 -26.11
CA THR P 96 -80.90 19.03 -26.53
C THR P 96 -80.09 17.73 -26.68
N ALA P 97 -80.27 16.76 -25.80
CA ALA P 97 -79.75 15.40 -26.02
C ALA P 97 -80.13 14.74 -27.37
N VAL P 98 -81.36 14.88 -27.84
CA VAL P 98 -81.76 14.38 -29.15
C VAL P 98 -81.58 15.46 -30.22
N ARG P 99 -80.66 16.45 -30.01
CA ARG P 99 -79.99 17.00 -31.16
C ARG P 99 -78.46 16.90 -31.08
N LEU P 100 -77.93 16.28 -30.05
CA LEU P 100 -76.55 15.84 -30.08
C LEU P 100 -76.49 14.43 -30.64
N LEU P 101 -77.33 13.51 -30.15
CA LEU P 101 -77.20 12.09 -30.46
C LEU P 101 -77.76 11.69 -31.83
N LEU P 102 -78.60 12.54 -32.47
CA LEU P 102 -79.22 12.23 -33.75
C LEU P 102 -78.57 13.04 -34.88
N PRO P 103 -78.27 12.37 -36.03
CA PRO P 103 -77.73 13.07 -37.20
C PRO P 103 -78.76 13.75 -38.06
N GLY P 104 -78.33 14.77 -38.80
CA GLY P 104 -78.97 15.22 -40.03
C GLY P 104 -80.47 15.53 -39.90
N GLU P 105 -81.27 15.02 -40.85
CA GLU P 105 -82.71 15.25 -40.89
C GLU P 105 -83.44 14.39 -39.87
N LEU P 106 -82.82 13.30 -39.41
CA LEU P 106 -83.47 12.44 -38.43
C LEU P 106 -83.77 13.24 -37.16
N ALA P 107 -82.83 14.09 -36.76
CA ALA P 107 -82.99 14.97 -35.60
C ALA P 107 -84.15 15.94 -35.81
N LYS P 108 -84.26 16.54 -36.98
CA LYS P 108 -85.25 17.56 -37.22
C LYS P 108 -86.65 16.97 -37.13
N HIS P 109 -86.84 15.67 -37.40
CA HIS P 109 -88.14 15.00 -37.28
C HIS P 109 -88.44 14.59 -35.85
N ALA P 110 -87.49 13.94 -35.16
CA ALA P 110 -87.67 13.57 -33.75
C ALA P 110 -88.00 14.77 -32.89
N VAL P 111 -87.31 15.90 -33.10
CA VAL P 111 -87.55 17.12 -32.35
C VAL P 111 -88.94 17.68 -32.58
N SER P 112 -89.47 17.51 -33.78
CA SER P 112 -90.82 17.93 -34.06
C SER P 112 -91.78 16.97 -33.36
N GLU P 113 -91.59 15.67 -33.53
CA GLU P 113 -92.52 14.67 -33.04
C GLU P 113 -92.69 14.75 -31.52
N GLY P 114 -91.59 14.83 -30.79
CA GLY P 114 -91.67 14.93 -29.34
C GLY P 114 -92.35 16.22 -28.87
N THR P 115 -92.16 17.35 -29.60
CA THR P 115 -92.82 18.59 -29.23
C THR P 115 -94.34 18.45 -29.30
N LYS P 116 -94.86 17.72 -30.31
CA LYS P 116 -96.27 17.47 -30.45
C LYS P 116 -96.78 16.71 -29.22
N ALA P 117 -96.05 15.68 -28.84
CA ALA P 117 -96.43 14.84 -27.72
C ALA P 117 -96.52 15.65 -26.40
N VAL P 118 -95.56 16.51 -26.13
CA VAL P 118 -95.66 17.36 -24.97
C VAL P 118 -96.84 18.34 -25.08
N THR P 119 -97.09 18.92 -26.24
CA THR P 119 -98.17 19.90 -26.36
C THR P 119 -99.53 19.23 -26.11
N LYS P 120 -99.74 17.98 -26.53
CA LYS P 120 -100.95 17.26 -26.18
C LYS P 120 -101.05 16.95 -24.69
N TYR P 121 -99.96 16.48 -24.07
CA TYR P 121 -99.98 16.19 -22.65
C TYR P 121 -100.32 17.44 -21.83
N THR P 122 -99.62 18.58 -22.06
CA THR P 122 -99.78 19.77 -21.24
C THR P 122 -101.13 20.47 -21.48
N SER P 123 -101.84 20.13 -22.57
CA SER P 123 -103.20 20.61 -22.80
C SER P 123 -104.29 19.79 -22.07
N SER P 124 -103.90 18.75 -21.31
CA SER P 124 -104.85 17.91 -20.59
C SER P 124 -104.43 17.66 -19.13
N LYS P 125 -103.11 17.59 -18.87
CA LYS P 125 -102.48 17.46 -17.55
C LYS P 125 -102.86 16.14 -16.84
N HIS Q 40 -64.69 -30.62 -69.71
CA HIS Q 40 -65.14 -29.26 -69.28
C HIS Q 40 -64.52 -28.90 -67.94
N ARG Q 41 -64.06 -27.64 -67.86
CA ARG Q 41 -63.48 -27.03 -66.69
C ARG Q 41 -63.46 -25.51 -66.90
N TYR Q 42 -63.91 -24.78 -65.88
CA TYR Q 42 -64.06 -23.33 -65.89
C TYR Q 42 -62.70 -22.64 -65.95
N ARG Q 43 -62.70 -21.32 -66.07
CA ARG Q 43 -61.47 -20.55 -65.95
C ARG Q 43 -61.19 -20.19 -64.49
N PRO Q 44 -59.93 -20.27 -63.95
CA PRO Q 44 -59.53 -19.61 -62.70
C PRO Q 44 -60.02 -18.16 -62.56
N GLY Q 45 -60.80 -17.92 -61.51
CA GLY Q 45 -61.53 -16.66 -61.37
C GLY Q 45 -63.05 -16.88 -61.34
N THR Q 46 -63.52 -17.84 -62.16
CA THR Q 46 -64.96 -18.07 -62.35
C THR Q 46 -65.59 -18.49 -61.03
N VAL Q 47 -64.93 -19.38 -60.31
CA VAL Q 47 -65.52 -19.98 -59.14
C VAL Q 47 -65.35 -19.06 -57.93
N ALA Q 48 -64.27 -18.29 -57.87
CA ALA Q 48 -64.14 -17.30 -56.82
C ALA Q 48 -65.30 -16.30 -56.87
N LEU Q 49 -65.68 -15.76 -58.03
CA LEU Q 49 -66.80 -14.83 -58.08
C LEU Q 49 -68.12 -15.56 -57.84
N ARG Q 50 -68.20 -16.87 -58.09
CA ARG Q 50 -69.41 -17.63 -57.78
C ARG Q 50 -69.60 -17.73 -56.26
N GLU Q 51 -68.51 -17.91 -55.55
CA GLU Q 51 -68.51 -18.02 -54.08
C GLU Q 51 -68.87 -16.70 -53.41
N ILE Q 52 -68.38 -15.56 -53.90
CA ILE Q 52 -68.81 -14.28 -53.38
C ILE Q 52 -70.34 -14.18 -53.40
N ARG Q 53 -70.96 -14.41 -54.54
CA ARG Q 53 -72.39 -14.23 -54.67
C ARG Q 53 -73.14 -15.22 -53.79
N ARG Q 54 -72.49 -16.25 -53.23
CA ARG Q 54 -73.13 -17.23 -52.37
C ARG Q 54 -73.02 -16.79 -50.91
N TYR Q 55 -71.79 -16.65 -50.43
CA TYR Q 55 -71.59 -16.33 -49.02
C TYR Q 55 -71.92 -14.87 -48.71
N GLN Q 56 -72.14 -14.02 -49.71
CA GLN Q 56 -72.59 -12.65 -49.50
C GLN Q 56 -74.12 -12.55 -49.55
N LYS Q 57 -74.84 -13.69 -49.70
CA LYS Q 57 -76.29 -13.74 -49.73
C LYS Q 57 -76.84 -14.51 -48.52
N SER Q 58 -76.09 -15.49 -47.99
CA SER Q 58 -76.47 -16.17 -46.77
C SER Q 58 -76.07 -15.37 -45.54
N THR Q 59 -76.68 -15.68 -44.37
CA THR Q 59 -76.33 -15.09 -43.08
C THR Q 59 -75.82 -16.13 -42.07
N GLU Q 60 -75.63 -17.39 -42.52
CA GLU Q 60 -75.27 -18.50 -41.65
C GLU Q 60 -73.84 -18.35 -41.11
N LEU Q 61 -73.56 -19.05 -39.99
CA LEU Q 61 -72.24 -19.07 -39.37
C LEU Q 61 -71.23 -19.91 -40.16
N LEU Q 62 -69.98 -19.43 -40.27
CA LEU Q 62 -68.99 -19.93 -41.22
C LEU Q 62 -67.92 -20.78 -40.53
N ILE Q 63 -67.61 -20.55 -39.24
CA ILE Q 63 -66.68 -21.41 -38.53
C ILE Q 63 -67.44 -22.61 -37.94
N ARG Q 64 -66.86 -23.82 -37.92
CA ARG Q 64 -67.53 -24.93 -37.25
C ARG Q 64 -67.76 -24.66 -35.75
N LYS Q 65 -68.88 -25.14 -35.14
CA LYS Q 65 -69.19 -24.90 -33.74
C LYS Q 65 -68.10 -25.45 -32.82
N LEU Q 66 -67.82 -26.76 -32.83
CA LEU Q 66 -66.99 -27.36 -31.79
C LEU Q 66 -65.58 -26.81 -31.85
N PRO Q 67 -64.90 -26.77 -33.00
CA PRO Q 67 -63.59 -26.15 -33.07
C PRO Q 67 -63.47 -24.71 -32.59
N PHE Q 68 -64.48 -23.88 -32.70
CA PHE Q 68 -64.44 -22.57 -32.08
C PHE Q 68 -64.76 -22.62 -30.58
N GLN Q 69 -65.61 -23.54 -30.16
CA GLN Q 69 -65.92 -23.72 -28.76
C GLN Q 69 -64.68 -24.22 -28.01
N ARG Q 70 -63.83 -25.05 -28.59
CA ARG Q 70 -62.59 -25.44 -27.96
C ARG Q 70 -61.66 -24.25 -27.83
N LEU Q 71 -61.59 -23.38 -28.80
CA LEU Q 71 -60.67 -22.26 -28.77
C LEU Q 71 -61.06 -21.28 -27.66
N VAL Q 72 -62.33 -20.90 -27.48
CA VAL Q 72 -62.67 -19.94 -26.44
C VAL Q 72 -62.46 -20.52 -25.05
N ARG Q 73 -62.62 -21.81 -24.83
CA ARG Q 73 -62.24 -22.42 -23.57
C ARG Q 73 -60.74 -22.34 -23.29
N GLU Q 74 -59.88 -22.67 -24.25
CA GLU Q 74 -58.44 -22.61 -24.04
C GLU Q 74 -57.96 -21.19 -23.79
N ILE Q 75 -58.50 -20.19 -24.45
CA ILE Q 75 -58.08 -18.82 -24.17
C ILE Q 75 -58.60 -18.39 -22.80
N ALA Q 76 -59.71 -18.93 -22.32
CA ALA Q 76 -60.30 -18.54 -21.05
C ALA Q 76 -59.52 -19.14 -19.88
N GLN Q 77 -59.14 -20.40 -19.92
CA GLN Q 77 -58.56 -21.05 -18.75
C GLN Q 77 -57.17 -20.51 -18.43
N ASP Q 78 -56.57 -19.68 -19.27
CA ASP Q 78 -55.35 -18.96 -18.92
C ASP Q 78 -55.59 -17.82 -17.94
N PHE Q 79 -56.84 -17.38 -17.74
CA PHE Q 79 -57.16 -16.24 -16.90
C PHE Q 79 -57.96 -16.61 -15.63
N LYS Q 80 -58.75 -17.68 -15.66
CA LYS Q 80 -59.45 -18.16 -14.48
C LYS Q 80 -59.71 -19.66 -14.62
N THR Q 81 -59.14 -20.47 -13.73
CA THR Q 81 -59.22 -21.93 -13.88
C THR Q 81 -60.62 -22.43 -13.54
N ASP Q 82 -61.06 -23.53 -14.19
CA ASP Q 82 -62.34 -24.19 -13.95
C ASP Q 82 -63.55 -23.25 -14.11
N LEU Q 83 -63.56 -22.49 -15.22
CA LEU Q 83 -64.77 -21.84 -15.66
C LEU Q 83 -65.82 -22.83 -16.16
N ARG Q 84 -67.03 -22.30 -16.33
CA ARG Q 84 -68.12 -22.90 -17.07
C ARG Q 84 -68.66 -21.82 -18.00
N PHE Q 85 -69.13 -22.21 -19.21
CA PHE Q 85 -69.83 -21.25 -20.05
C PHE Q 85 -71.30 -21.62 -20.21
N GLN Q 86 -72.20 -20.63 -20.16
CA GLN Q 86 -73.56 -20.81 -20.66
C GLN Q 86 -73.52 -21.05 -22.17
N SER Q 87 -74.41 -21.96 -22.63
CA SER Q 87 -74.49 -22.35 -24.02
C SER Q 87 -74.66 -21.17 -25.00
N SER Q 88 -75.25 -20.05 -24.56
CA SER Q 88 -75.52 -18.90 -25.41
C SER Q 88 -74.44 -17.83 -25.33
N ALA Q 89 -73.53 -17.94 -24.35
CA ALA Q 89 -72.41 -17.03 -24.27
C ALA Q 89 -71.44 -17.25 -25.44
N VAL Q 90 -71.11 -18.52 -25.73
CA VAL Q 90 -70.15 -18.81 -26.76
C VAL Q 90 -70.74 -18.42 -28.12
N MET Q 91 -72.06 -18.49 -28.29
CA MET Q 91 -72.66 -18.02 -29.52
C MET Q 91 -72.47 -16.52 -29.70
N ALA Q 92 -72.63 -15.74 -28.63
CA ALA Q 92 -72.43 -14.32 -28.78
C ALA Q 92 -70.95 -13.98 -29.01
N LEU Q 93 -70.00 -14.86 -28.65
CA LEU Q 93 -68.61 -14.72 -29.06
C LEU Q 93 -68.49 -14.94 -30.56
N GLN Q 94 -69.02 -16.08 -31.04
CA GLN Q 94 -68.89 -16.45 -32.44
C GLN Q 94 -69.54 -15.39 -33.34
N GLU Q 95 -70.76 -14.98 -33.09
CA GLU Q 95 -71.43 -14.00 -33.91
C GLU Q 95 -70.72 -12.65 -33.93
N ALA Q 96 -69.89 -12.36 -32.90
CA ALA Q 96 -69.11 -11.12 -32.84
C ALA Q 96 -67.77 -11.26 -33.57
N CYS Q 97 -67.16 -12.46 -33.48
CA CYS Q 97 -65.90 -12.75 -34.15
C CYS Q 97 -66.04 -12.76 -35.65
N GLU Q 98 -66.98 -13.55 -36.15
CA GLU Q 98 -67.23 -13.58 -37.57
C GLU Q 98 -67.50 -12.17 -38.12
N ALA Q 99 -68.27 -11.39 -37.41
CA ALA Q 99 -68.57 -10.05 -37.85
C ALA Q 99 -67.37 -9.10 -37.76
N TYR Q 100 -66.31 -9.50 -37.04
CA TYR Q 100 -65.09 -8.71 -36.96
C TYR Q 100 -64.17 -9.10 -38.10
N LEU Q 101 -63.93 -10.42 -38.25
CA LEU Q 101 -63.09 -10.98 -39.31
C LEU Q 101 -63.61 -10.48 -40.65
N VAL Q 102 -64.92 -10.61 -40.89
CA VAL Q 102 -65.50 -10.20 -42.15
C VAL Q 102 -65.38 -8.70 -42.40
N GLY Q 103 -65.32 -7.93 -41.35
CA GLY Q 103 -65.10 -6.51 -41.52
C GLY Q 103 -63.64 -6.19 -41.79
N LEU Q 104 -62.73 -6.93 -41.17
CA LEU Q 104 -61.32 -6.74 -41.41
C LEU Q 104 -60.96 -7.06 -42.85
N PHE Q 105 -61.48 -8.18 -43.41
CA PHE Q 105 -61.26 -8.49 -44.79
C PHE Q 105 -61.86 -7.43 -45.72
N GLU Q 106 -63.04 -6.92 -45.42
CA GLU Q 106 -63.66 -5.93 -46.29
C GLU Q 106 -62.81 -4.67 -46.38
N ASP Q 107 -62.22 -4.23 -45.25
CA ASP Q 107 -61.28 -3.12 -45.20
C ASP Q 107 -59.90 -3.48 -45.75
N THR Q 108 -59.48 -4.76 -45.72
CA THR Q 108 -58.22 -5.20 -46.32
C THR Q 108 -58.25 -5.20 -47.84
N ASN Q 109 -59.31 -5.69 -48.44
CA ASN Q 109 -59.43 -5.76 -49.88
C ASN Q 109 -59.29 -4.36 -50.48
N LEU Q 110 -59.82 -3.33 -49.85
CA LEU Q 110 -59.65 -1.92 -50.19
C LEU Q 110 -58.17 -1.51 -50.35
N CYS Q 111 -57.28 -2.10 -49.56
CA CYS Q 111 -55.85 -1.84 -49.67
C CYS Q 111 -55.24 -2.53 -50.90
N ALA Q 112 -55.54 -3.81 -51.09
CA ALA Q 112 -55.02 -4.56 -52.22
C ALA Q 112 -55.46 -3.90 -53.53
N ILE Q 113 -56.73 -3.51 -53.63
CA ILE Q 113 -57.26 -2.85 -54.80
C ILE Q 113 -56.53 -1.54 -55.06
N HIS Q 114 -56.19 -0.80 -54.02
CA HIS Q 114 -55.49 0.46 -54.17
C HIS Q 114 -54.05 0.27 -54.66
N ALA Q 115 -53.42 -0.78 -54.15
CA ALA Q 115 -52.07 -1.20 -54.54
C ALA Q 115 -52.01 -2.03 -55.83
N LYS Q 116 -52.94 -1.80 -56.77
CA LYS Q 116 -52.97 -2.38 -58.11
C LYS Q 116 -53.17 -3.90 -58.14
N ARG Q 117 -52.95 -4.63 -57.05
CA ARG Q 117 -53.23 -6.06 -57.01
C ARG Q 117 -54.73 -6.41 -56.92
N VAL Q 118 -55.06 -7.70 -57.03
CA VAL Q 118 -56.35 -8.22 -56.62
C VAL Q 118 -56.17 -9.25 -55.51
N THR Q 119 -54.98 -9.86 -55.40
CA THR Q 119 -54.66 -10.82 -54.36
C THR Q 119 -54.42 -10.10 -53.03
N ILE Q 120 -55.01 -10.61 -51.91
CA ILE Q 120 -54.63 -10.13 -50.58
C ILE Q 120 -53.43 -10.90 -50.00
N MET Q 121 -52.59 -10.14 -49.28
CA MET Q 121 -51.35 -10.60 -48.72
C MET Q 121 -51.17 -9.97 -47.35
N PRO Q 122 -50.37 -10.58 -46.44
CA PRO Q 122 -50.24 -10.07 -45.09
C PRO Q 122 -49.99 -8.58 -45.02
N LYS Q 123 -49.14 -8.06 -45.92
CA LYS Q 123 -48.76 -6.64 -45.87
C LYS Q 123 -49.96 -5.73 -45.99
N ASP Q 124 -51.11 -6.23 -46.50
CA ASP Q 124 -52.34 -5.46 -46.62
C ASP Q 124 -53.04 -5.36 -45.28
N ILE Q 125 -53.12 -6.49 -44.58
CA ILE Q 125 -53.77 -6.49 -43.28
C ILE Q 125 -53.00 -5.57 -42.33
N GLN Q 126 -51.66 -5.61 -42.33
CA GLN Q 126 -50.88 -4.78 -41.45
C GLN Q 126 -51.14 -3.28 -41.72
N LEU Q 127 -51.55 -2.89 -42.92
CA LEU Q 127 -51.82 -1.50 -43.21
C LEU Q 127 -53.19 -1.15 -42.67
N ALA Q 128 -54.21 -1.93 -43.03
CA ALA Q 128 -55.56 -1.67 -42.58
C ALA Q 128 -55.63 -1.59 -41.06
N ARG Q 129 -55.00 -2.55 -40.38
CA ARG Q 129 -55.06 -2.66 -38.94
C ARG Q 129 -54.23 -1.56 -38.23
N ARG Q 130 -53.31 -0.90 -38.90
CA ARG Q 130 -52.55 0.21 -38.36
C ARG Q 130 -53.36 1.49 -38.48
N ILE Q 131 -54.04 1.74 -39.58
CA ILE Q 131 -54.82 2.96 -39.70
C ILE Q 131 -56.03 2.97 -38.74
N ARG Q 132 -56.66 1.81 -38.51
CA ARG Q 132 -57.70 1.69 -37.50
C ARG Q 132 -57.17 1.63 -36.07
N GLY Q 133 -55.85 1.70 -35.87
CA GLY Q 133 -55.25 1.89 -34.54
C GLY Q 133 -55.25 0.68 -33.61
N GLU Q 134 -55.23 -0.56 -34.12
CA GLU Q 134 -55.36 -1.74 -33.27
C GLU Q 134 -54.03 -2.29 -32.72
N ARG Q 135 -52.93 -2.15 -33.46
CA ARG Q 135 -51.76 -3.02 -33.28
C ARG Q 135 -50.44 -2.25 -33.13
N ALA Q 136 -50.41 -0.99 -33.61
CA ALA Q 136 -49.20 -0.16 -33.60
C ALA Q 136 -49.52 1.33 -33.44
N ASP R 24 -52.78 -28.30 -31.63
CA ASP R 24 -53.30 -27.15 -30.82
C ASP R 24 -54.61 -26.65 -31.42
N ASN R 25 -55.47 -26.12 -30.54
CA ASN R 25 -56.90 -25.93 -30.81
C ASN R 25 -57.14 -24.79 -31.80
N ILE R 26 -56.25 -23.79 -31.84
CA ILE R 26 -56.32 -22.68 -32.79
C ILE R 26 -56.19 -23.15 -34.25
N GLN R 27 -55.49 -24.25 -34.53
CA GLN R 27 -55.37 -24.75 -35.90
C GLN R 27 -56.70 -25.33 -36.41
N GLY R 28 -57.69 -25.48 -35.54
CA GLY R 28 -59.01 -25.89 -35.98
C GLY R 28 -59.81 -24.73 -36.61
N ILE R 29 -59.28 -23.49 -36.63
CA ILE R 29 -59.82 -22.47 -37.51
C ILE R 29 -59.27 -22.69 -38.93
N THR R 30 -59.87 -23.70 -39.58
CA THR R 30 -59.35 -24.38 -40.76
C THR R 30 -59.22 -23.43 -41.94
N LYS R 31 -58.30 -23.73 -42.85
CA LYS R 31 -58.06 -22.96 -44.07
C LYS R 31 -59.36 -22.62 -44.82
N PRO R 32 -60.25 -23.58 -45.20
CA PRO R 32 -61.50 -23.21 -45.89
C PRO R 32 -62.45 -22.29 -45.14
N ALA R 33 -62.42 -22.32 -43.82
CA ALA R 33 -63.22 -21.40 -43.04
C ALA R 33 -62.75 -19.96 -43.25
N ILE R 34 -61.43 -19.75 -43.27
CA ILE R 34 -60.91 -18.44 -43.52
C ILE R 34 -61.34 -18.01 -44.91
N ARG R 35 -61.33 -18.93 -45.89
CA ARG R 35 -61.75 -18.60 -47.24
C ARG R 35 -63.22 -18.18 -47.28
N ARG R 36 -64.11 -18.84 -46.54
CA ARG R 36 -65.50 -18.44 -46.52
C ARG R 36 -65.62 -17.04 -45.94
N LEU R 37 -65.00 -16.77 -44.80
CA LEU R 37 -65.07 -15.46 -44.15
C LEU R 37 -64.61 -14.41 -45.15
N ALA R 38 -63.50 -14.68 -45.81
CA ALA R 38 -62.94 -13.79 -46.79
C ALA R 38 -63.92 -13.61 -47.94
N ARG R 39 -64.55 -14.68 -48.46
CA ARG R 39 -65.46 -14.60 -49.60
C ARG R 39 -66.66 -13.72 -49.27
N ARG R 40 -67.20 -13.79 -48.05
CA ARG R 40 -68.27 -12.87 -47.65
C ARG R 40 -67.77 -11.43 -47.68
N GLY R 41 -66.52 -11.21 -47.31
CA GLY R 41 -65.93 -9.89 -47.35
C GLY R 41 -65.60 -9.39 -48.76
N GLY R 42 -65.59 -10.28 -49.76
CA GLY R 42 -65.59 -9.85 -51.15
C GLY R 42 -64.25 -10.00 -51.86
N VAL R 43 -63.30 -10.74 -51.26
CA VAL R 43 -61.98 -10.90 -51.87
C VAL R 43 -61.90 -12.10 -52.82
N LYS R 44 -61.31 -11.92 -54.01
CA LYS R 44 -61.18 -12.98 -55.00
C LYS R 44 -60.08 -13.98 -54.64
N ARG R 45 -58.86 -13.53 -54.33
CA ARG R 45 -57.69 -14.40 -54.40
C ARG R 45 -56.76 -14.21 -53.19
N ILE R 46 -56.41 -15.29 -52.50
CA ILE R 46 -55.89 -15.22 -51.14
C ILE R 46 -54.47 -15.80 -51.13
N SER R 47 -53.47 -14.97 -50.81
CA SER R 47 -52.11 -15.45 -50.56
C SER R 47 -52.04 -16.50 -49.44
N GLY R 48 -51.19 -17.51 -49.62
CA GLY R 48 -51.08 -18.60 -48.65
C GLY R 48 -50.51 -18.18 -47.30
N LEU R 49 -50.02 -16.94 -47.21
CA LEU R 49 -49.54 -16.37 -45.97
C LEU R 49 -50.69 -15.82 -45.12
N ILE R 50 -51.88 -15.61 -45.67
CA ILE R 50 -52.96 -15.00 -44.95
C ILE R 50 -53.57 -15.94 -43.93
N TYR R 51 -53.49 -17.25 -44.10
CA TYR R 51 -54.10 -18.20 -43.17
C TYR R 51 -53.49 -18.12 -41.76
N GLU R 52 -52.17 -18.27 -41.65
CA GLU R 52 -51.51 -18.25 -40.35
C GLU R 52 -51.42 -16.83 -39.78
N GLU R 53 -51.59 -15.79 -40.60
CA GLU R 53 -51.61 -14.41 -40.14
C GLU R 53 -52.98 -14.06 -39.58
N THR R 54 -54.08 -14.46 -40.25
CA THR R 54 -55.43 -14.14 -39.81
C THR R 54 -55.72 -14.78 -38.45
N ARG R 55 -55.26 -16.02 -38.23
CA ARG R 55 -55.39 -16.64 -36.95
C ARG R 55 -54.84 -15.74 -35.83
N GLY R 56 -53.81 -14.95 -36.12
CA GLY R 56 -53.21 -14.03 -35.18
C GLY R 56 -54.19 -12.96 -34.70
N VAL R 57 -54.98 -12.42 -35.65
CA VAL R 57 -55.90 -11.35 -35.31
C VAL R 57 -57.15 -11.89 -34.61
N LEU R 58 -57.62 -13.08 -34.99
CA LEU R 58 -58.71 -13.70 -34.25
C LEU R 58 -58.27 -14.05 -32.82
N LYS R 59 -57.09 -14.63 -32.65
CA LYS R 59 -56.60 -15.03 -31.35
C LYS R 59 -56.45 -13.83 -30.43
N VAL R 60 -55.94 -12.68 -30.92
CA VAL R 60 -55.86 -11.49 -30.08
C VAL R 60 -57.22 -10.87 -29.78
N PHE R 61 -58.15 -10.86 -30.74
CA PHE R 61 -59.47 -10.31 -30.51
C PHE R 61 -60.23 -11.09 -29.42
N LEU R 62 -60.20 -12.43 -29.45
CA LEU R 62 -60.82 -13.23 -28.44
C LEU R 62 -60.14 -12.98 -27.09
N GLU R 63 -58.82 -12.82 -27.10
CA GLU R 63 -58.12 -12.56 -25.85
C GLU R 63 -58.64 -11.29 -25.20
N ASN R 64 -58.80 -10.22 -25.97
CA ASN R 64 -59.23 -8.95 -25.41
C ASN R 64 -60.70 -8.90 -24.93
N VAL R 65 -61.65 -9.69 -25.48
CA VAL R 65 -63.01 -9.64 -24.94
C VAL R 65 -63.16 -10.70 -23.84
N ILE R 66 -62.43 -11.81 -23.84
CA ILE R 66 -62.58 -12.76 -22.76
C ILE R 66 -61.97 -12.19 -21.47
N ARG R 67 -60.88 -11.42 -21.49
CA ARG R 67 -60.43 -10.74 -20.27
C ARG R 67 -61.52 -9.95 -19.57
N ASP R 68 -62.31 -9.20 -20.33
CA ASP R 68 -63.37 -8.38 -19.79
C ASP R 68 -64.55 -9.23 -19.35
N ALA R 69 -64.94 -10.23 -20.12
CA ALA R 69 -66.03 -11.11 -19.75
C ALA R 69 -65.73 -11.87 -18.47
N VAL R 70 -64.52 -12.36 -18.31
CA VAL R 70 -64.21 -13.00 -17.05
C VAL R 70 -64.06 -11.96 -15.93
N THR R 71 -63.68 -10.72 -16.20
CA THR R 71 -63.70 -9.65 -15.18
C THR R 71 -65.11 -9.37 -14.66
N TYR R 72 -66.10 -9.14 -15.53
CA TYR R 72 -67.46 -8.96 -15.08
C TYR R 72 -68.00 -10.21 -14.36
N THR R 73 -67.52 -11.41 -14.72
CA THR R 73 -67.88 -12.60 -13.99
C THR R 73 -67.31 -12.56 -12.57
N GLU R 74 -65.99 -12.38 -12.42
CA GLU R 74 -65.35 -12.41 -11.12
C GLU R 74 -65.89 -11.35 -10.19
N HIS R 75 -66.37 -10.24 -10.74
CA HIS R 75 -66.97 -9.18 -9.94
C HIS R 75 -68.18 -9.67 -9.17
N ALA R 76 -69.05 -10.42 -9.84
CA ALA R 76 -70.32 -10.83 -9.28
C ALA R 76 -70.24 -12.18 -8.52
N LYS R 77 -69.04 -12.69 -8.31
CA LYS R 77 -68.77 -13.90 -7.55
C LYS R 77 -69.23 -15.18 -8.23
N ARG R 78 -70.18 -15.14 -9.17
CA ARG R 78 -70.53 -16.35 -9.91
C ARG R 78 -69.34 -16.82 -10.74
N LYS R 79 -69.36 -18.11 -11.16
CA LYS R 79 -68.26 -18.69 -11.91
C LYS R 79 -68.67 -19.41 -13.21
N THR R 80 -69.74 -18.94 -13.85
CA THR R 80 -70.02 -19.26 -15.25
C THR R 80 -70.16 -17.96 -16.03
N VAL R 81 -69.48 -17.88 -17.18
CA VAL R 81 -69.65 -16.72 -18.05
C VAL R 81 -71.02 -16.74 -18.75
N THR R 82 -71.84 -15.71 -18.57
CA THR R 82 -73.15 -15.63 -19.20
C THR R 82 -73.11 -14.90 -20.54
N ALA R 83 -74.20 -14.96 -21.30
CA ALA R 83 -74.31 -14.17 -22.51
C ALA R 83 -74.26 -12.68 -22.18
N MET R 84 -74.78 -12.27 -21.05
CA MET R 84 -74.74 -10.85 -20.73
C MET R 84 -73.32 -10.39 -20.48
N ASP R 85 -72.46 -11.26 -19.90
CA ASP R 85 -71.08 -10.89 -19.65
C ASP R 85 -70.33 -10.58 -20.94
N VAL R 86 -70.43 -11.46 -21.93
CA VAL R 86 -69.81 -11.21 -23.22
C VAL R 86 -70.48 -10.07 -23.95
N VAL R 87 -71.77 -9.80 -23.74
CA VAL R 87 -72.38 -8.61 -24.26
C VAL R 87 -71.79 -7.33 -23.67
N TYR R 88 -71.57 -7.32 -22.34
CA TYR R 88 -71.06 -6.14 -21.69
C TYR R 88 -69.60 -5.92 -22.05
N ALA R 89 -68.82 -7.01 -22.14
CA ALA R 89 -67.44 -6.92 -22.60
C ALA R 89 -67.34 -6.32 -24.01
N LEU R 90 -68.16 -6.79 -24.93
CA LEU R 90 -68.18 -6.27 -26.29
C LEU R 90 -68.66 -4.82 -26.32
N LYS R 91 -69.64 -4.46 -25.49
CA LYS R 91 -70.16 -3.11 -25.42
C LYS R 91 -69.07 -2.14 -24.98
N ARG R 92 -68.22 -2.58 -24.03
CA ARG R 92 -67.17 -1.74 -23.47
C ARG R 92 -66.16 -1.28 -24.53
N GLN R 93 -65.83 -2.21 -25.44
CA GLN R 93 -64.80 -1.99 -26.45
C GLN R 93 -65.31 -1.39 -27.77
N GLY R 94 -66.56 -0.92 -27.81
CA GLY R 94 -67.10 -0.24 -28.98
C GLY R 94 -67.58 -1.19 -30.09
N ARG R 95 -67.76 -2.48 -29.74
CA ARG R 95 -68.14 -3.49 -30.72
C ARG R 95 -69.48 -4.13 -30.35
N THR R 96 -70.50 -3.29 -30.09
CA THR R 96 -71.81 -3.69 -29.57
C THR R 96 -72.47 -4.75 -30.44
N LEU R 97 -73.20 -5.69 -29.81
CA LEU R 97 -74.14 -6.47 -30.61
C LEU R 97 -75.55 -6.36 -30.03
N TYR R 98 -76.51 -5.98 -30.90
CA TYR R 98 -77.92 -6.29 -30.69
C TYR R 98 -78.18 -7.72 -31.11
N GLY R 99 -78.75 -8.52 -30.20
CA GLY R 99 -79.14 -9.89 -30.49
C GLY R 99 -79.47 -10.62 -29.20
N PHE R 100 -78.55 -10.48 -28.23
CA PHE R 100 -78.58 -11.31 -27.04
C PHE R 100 -78.99 -10.57 -25.76
N GLY R 101 -79.10 -9.23 -25.80
CA GLY R 101 -79.72 -8.52 -24.68
C GLY R 101 -79.14 -7.13 -24.42
N GLY R 102 -79.81 -6.11 -24.96
CA GLY R 102 -79.29 -4.76 -25.02
C GLY R 102 -79.46 -3.97 -23.73
N LYS S 13 -63.45 15.47 21.18
CA LYS S 13 -62.57 16.66 20.99
C LYS S 13 -61.09 16.30 21.20
N THR S 14 -60.49 15.56 20.26
CA THR S 14 -59.07 15.18 20.28
C THR S 14 -58.39 15.55 18.96
N LYS S 15 -58.30 16.87 18.70
CA LYS S 15 -57.79 17.43 17.45
C LYS S 15 -58.54 16.85 16.25
N ALA S 16 -57.83 16.64 15.13
CA ALA S 16 -58.35 15.92 13.97
C ALA S 16 -57.17 15.31 13.20
N VAL S 17 -57.41 14.21 12.47
CA VAL S 17 -56.35 13.59 11.68
C VAL S 17 -56.92 13.21 10.31
N SER S 18 -56.53 13.98 9.27
CA SER S 18 -57.20 13.94 7.98
C SER S 18 -57.13 12.55 7.36
N ARG S 19 -58.17 12.21 6.58
CA ARG S 19 -58.36 10.86 6.06
C ARG S 19 -57.23 10.48 5.09
N SER S 20 -56.66 11.51 4.43
CA SER S 20 -55.44 11.36 3.63
C SER S 20 -54.25 10.84 4.46
N GLN S 21 -53.92 11.47 5.58
CA GLN S 21 -52.80 11.05 6.40
C GLN S 21 -53.04 9.69 7.05
N ARG S 22 -54.30 9.38 7.35
CA ARG S 22 -54.63 8.06 7.89
C ARG S 22 -54.38 6.98 6.84
N ALA S 23 -54.76 7.25 5.58
CA ALA S 23 -54.59 6.32 4.49
C ALA S 23 -53.12 6.14 4.07
N GLY S 24 -52.34 7.20 4.21
CA GLY S 24 -50.96 7.21 3.71
C GLY S 24 -50.80 7.89 2.36
N LEU S 25 -51.73 8.79 2.00
CA LEU S 25 -51.86 9.32 0.64
C LEU S 25 -51.69 10.83 0.65
N GLN S 26 -51.19 11.39 -0.47
CA GLN S 26 -51.11 12.83 -0.64
C GLN S 26 -52.33 13.42 -1.38
N PHE S 27 -53.20 12.58 -1.93
CA PHE S 27 -54.42 13.06 -2.56
C PHE S 27 -55.57 13.15 -1.55
N PRO S 28 -56.52 14.08 -1.79
CA PRO S 28 -57.53 14.44 -0.79
C PRO S 28 -58.70 13.48 -0.67
N VAL S 29 -58.68 12.59 0.33
CA VAL S 29 -59.72 11.59 0.46
C VAL S 29 -61.09 12.19 0.70
N GLY S 30 -61.16 13.35 1.37
CA GLY S 30 -62.45 13.93 1.67
C GLY S 30 -63.11 14.54 0.44
N ARG S 31 -62.31 15.30 -0.30
CA ARG S 31 -62.78 16.02 -1.44
C ARG S 31 -63.29 15.02 -2.46
N ILE S 32 -62.58 13.94 -2.63
CA ILE S 32 -62.93 12.95 -3.63
C ILE S 32 -64.23 12.26 -3.20
N HIS S 33 -64.41 12.02 -1.91
CA HIS S 33 -65.72 11.40 -1.55
C HIS S 33 -66.82 12.32 -2.04
N ARG S 34 -66.77 13.57 -1.60
CA ARG S 34 -67.82 14.52 -1.92
C ARG S 34 -67.94 14.76 -3.43
N HIS S 35 -66.95 14.39 -4.26
CA HIS S 35 -67.05 14.38 -5.70
C HIS S 35 -67.73 13.13 -6.21
N LEU S 36 -67.50 11.99 -5.61
CA LEU S 36 -68.10 10.75 -6.06
C LEU S 36 -69.59 10.72 -5.80
N LYS S 37 -69.92 11.18 -4.60
CA LYS S 37 -71.35 11.36 -4.31
C LYS S 37 -71.64 12.61 -5.13
N SER S 38 -72.77 12.64 -5.81
CA SER S 38 -73.06 13.71 -6.77
C SER S 38 -72.18 13.69 -8.03
N ARG S 39 -71.67 12.50 -8.35
CA ARG S 39 -71.33 12.12 -9.72
C ARG S 39 -72.49 11.31 -10.26
N THR S 40 -72.42 10.80 -11.51
CA THR S 40 -73.54 10.05 -12.11
C THR S 40 -73.59 8.64 -11.49
N THR S 41 -73.58 8.61 -10.14
CA THR S 41 -73.48 7.40 -9.34
C THR S 41 -74.84 7.06 -8.72
N SER S 42 -74.96 5.83 -8.23
CA SER S 42 -76.11 5.41 -7.44
C SER S 42 -75.90 5.81 -5.96
N HIS S 43 -76.95 5.69 -5.14
CA HIS S 43 -77.16 6.50 -3.95
C HIS S 43 -76.48 5.93 -2.69
N GLY S 44 -75.17 5.65 -2.77
CA GLY S 44 -74.45 5.09 -1.61
C GLY S 44 -72.97 5.02 -1.91
N ARG S 45 -72.19 6.04 -1.50
CA ARG S 45 -70.75 6.08 -1.82
C ARG S 45 -69.92 5.70 -0.58
N VAL S 46 -69.71 4.41 -0.35
CA VAL S 46 -68.93 4.00 0.81
C VAL S 46 -67.58 4.71 0.93
N GLY S 47 -67.20 5.04 2.17
CA GLY S 47 -65.99 5.75 2.49
C GLY S 47 -64.71 4.96 2.19
N ALA S 48 -64.63 3.62 2.37
CA ALA S 48 -63.43 2.86 1.97
C ALA S 48 -63.20 2.92 0.45
N THR S 49 -64.26 3.27 -0.31
CA THR S 49 -64.13 3.39 -1.76
C THR S 49 -63.84 4.83 -2.21
N ALA S 50 -63.35 5.69 -1.35
CA ALA S 50 -62.72 6.93 -1.77
C ALA S 50 -61.21 6.81 -1.45
N ALA S 51 -60.79 5.98 -0.47
CA ALA S 51 -59.38 5.66 -0.32
C ALA S 51 -58.87 4.78 -1.52
N VAL S 52 -59.52 3.68 -2.01
CA VAL S 52 -58.99 2.87 -3.13
C VAL S 52 -59.29 3.59 -4.43
N TYR S 53 -59.27 4.91 -4.39
CA TYR S 53 -59.58 5.73 -5.55
C TYR S 53 -58.80 7.06 -5.55
N SER S 54 -58.47 7.60 -4.39
CA SER S 54 -57.35 8.51 -4.32
C SER S 54 -56.07 7.76 -4.64
N ALA S 55 -55.88 6.53 -4.15
CA ALA S 55 -54.69 5.77 -4.49
C ALA S 55 -54.57 5.53 -6.02
N ALA S 56 -55.58 4.90 -6.64
CA ALA S 56 -55.50 4.56 -8.06
C ALA S 56 -55.84 5.81 -8.88
N ILE S 57 -55.46 7.00 -8.37
CA ILE S 57 -55.33 8.24 -9.12
C ILE S 57 -53.92 8.80 -8.88
N LEU S 58 -53.53 8.96 -7.62
CA LEU S 58 -52.18 9.39 -7.31
C LEU S 58 -51.14 8.47 -7.98
N GLU S 59 -51.41 7.14 -8.15
CA GLU S 59 -50.42 6.22 -8.69
C GLU S 59 -50.06 6.61 -10.12
N TYR S 60 -51.00 7.06 -10.96
CA TYR S 60 -50.62 7.61 -12.26
C TYR S 60 -49.77 8.88 -12.13
N LEU S 61 -50.18 9.82 -11.29
CA LEU S 61 -49.34 10.99 -11.19
C LEU S 61 -47.96 10.70 -10.58
N THR S 62 -47.68 9.50 -10.04
CA THR S 62 -46.30 9.07 -9.93
C THR S 62 -45.88 8.47 -11.25
N ALA S 63 -46.50 7.36 -11.71
CA ALA S 63 -46.03 6.57 -12.84
C ALA S 63 -45.97 7.39 -14.12
N GLU S 64 -46.55 8.61 -14.16
CA GLU S 64 -46.52 9.46 -15.34
C GLU S 64 -45.74 10.75 -15.11
N VAL S 65 -45.41 11.12 -13.89
CA VAL S 65 -44.50 12.25 -13.63
C VAL S 65 -43.06 11.74 -13.50
N LEU S 66 -42.89 10.58 -12.87
CA LEU S 66 -41.63 9.90 -12.63
C LEU S 66 -40.85 9.86 -13.92
N GLU S 67 -41.53 9.45 -15.02
CA GLU S 67 -40.81 9.28 -16.27
C GLU S 67 -40.69 10.56 -17.07
N LEU S 68 -41.53 11.53 -16.75
CA LEU S 68 -41.52 12.81 -17.43
C LEU S 68 -40.41 13.77 -16.98
N ALA S 69 -40.26 13.98 -15.66
CA ALA S 69 -39.08 14.67 -15.16
C ALA S 69 -37.83 13.90 -15.58
N GLY S 70 -37.90 12.53 -15.62
CA GLY S 70 -36.90 11.59 -16.15
C GLY S 70 -36.42 11.99 -17.55
N ASN S 71 -37.20 12.82 -18.29
CA ASN S 71 -36.84 13.34 -19.60
C ASN S 71 -36.61 14.86 -19.67
N ALA S 72 -37.24 15.65 -18.80
CA ALA S 72 -36.82 17.03 -18.61
C ALA S 72 -35.35 17.12 -18.21
N SER S 73 -34.86 16.18 -17.37
CA SER S 73 -33.46 16.03 -16.99
C SER S 73 -32.56 15.88 -18.20
N LYS S 74 -32.97 15.03 -19.16
CA LYS S 74 -32.16 14.68 -20.33
C LYS S 74 -32.00 15.85 -21.29
N ASP S 75 -32.98 16.74 -21.38
CA ASP S 75 -32.83 17.97 -22.16
C ASP S 75 -32.15 19.12 -21.39
N LEU S 76 -31.69 18.84 -20.15
CA LEU S 76 -30.92 19.76 -19.32
C LEU S 76 -31.67 21.04 -18.95
N LYS S 77 -32.96 20.90 -18.61
CA LYS S 77 -33.74 22.07 -18.11
C LYS S 77 -34.28 21.72 -16.71
N VAL S 78 -34.91 22.68 -16.02
CA VAL S 78 -35.43 22.46 -14.67
C VAL S 78 -36.96 22.26 -14.64
N LYS S 79 -37.72 23.08 -15.39
CA LYS S 79 -39.18 23.11 -15.35
C LYS S 79 -39.82 22.39 -16.54
N ARG S 80 -40.71 21.43 -16.24
CA ARG S 80 -41.37 20.54 -17.21
C ARG S 80 -42.40 21.27 -18.10
N ILE S 81 -41.92 21.85 -19.22
CA ILE S 81 -42.83 22.47 -20.16
C ILE S 81 -43.66 21.39 -20.81
N THR S 82 -44.69 21.82 -21.53
CA THR S 82 -45.70 20.91 -22.03
C THR S 82 -45.19 19.78 -22.96
N PRO S 83 -44.25 19.93 -23.93
CA PRO S 83 -43.83 18.82 -24.80
C PRO S 83 -43.24 17.67 -24.04
N ARG S 84 -42.78 17.88 -22.82
CA ARG S 84 -42.14 16.80 -22.10
C ARG S 84 -43.21 15.82 -21.63
N HIS S 85 -44.49 16.24 -21.55
CA HIS S 85 -45.56 15.30 -21.35
C HIS S 85 -45.71 14.42 -22.58
N LEU S 86 -45.88 15.01 -23.76
CA LEU S 86 -46.18 14.27 -24.96
C LEU S 86 -45.12 13.19 -25.21
N GLN S 87 -43.86 13.54 -24.98
CA GLN S 87 -42.74 12.66 -25.23
C GLN S 87 -42.64 11.56 -24.19
N LEU S 88 -43.57 11.47 -23.24
CA LEU S 88 -43.75 10.28 -22.40
C LEU S 88 -45.14 9.66 -22.57
N ALA S 89 -46.17 10.47 -22.34
CA ALA S 89 -47.54 10.05 -22.39
C ALA S 89 -47.80 9.33 -23.73
N ILE S 90 -47.12 9.75 -24.83
CA ILE S 90 -47.22 9.09 -26.15
C ILE S 90 -45.82 8.59 -26.54
N ARG S 91 -45.24 7.79 -25.62
CA ARG S 91 -43.99 7.08 -25.82
C ARG S 91 -43.86 5.83 -24.95
N GLY S 92 -44.27 5.86 -23.67
CA GLY S 92 -44.44 4.66 -22.86
C GLY S 92 -45.60 3.79 -23.36
N ASP S 93 -45.41 2.46 -23.39
CA ASP S 93 -46.31 1.55 -24.11
C ASP S 93 -47.69 1.46 -23.45
N GLU S 94 -47.76 1.56 -22.11
CA GLU S 94 -49.01 1.47 -21.38
C GLU S 94 -49.72 2.82 -21.37
N GLU S 95 -49.00 3.92 -21.23
CA GLU S 95 -49.61 5.25 -21.25
C GLU S 95 -50.26 5.54 -22.61
N LEU S 96 -49.63 5.12 -23.70
CA LEU S 96 -50.14 5.30 -25.04
C LEU S 96 -51.51 4.66 -25.18
N ASP S 97 -51.83 3.60 -24.41
CA ASP S 97 -53.13 2.94 -24.38
C ASP S 97 -54.13 3.65 -23.47
N SER S 98 -53.69 4.13 -22.29
CA SER S 98 -54.56 4.80 -21.34
C SER S 98 -55.02 6.16 -21.86
N LEU S 99 -54.18 6.87 -22.63
CA LEU S 99 -54.45 8.24 -23.04
C LEU S 99 -54.73 8.44 -24.55
N ILE S 100 -55.16 7.38 -25.25
CA ILE S 100 -55.39 7.37 -26.71
C ILE S 100 -56.12 8.63 -27.13
N LYS S 101 -57.12 8.98 -26.32
CA LYS S 101 -58.11 9.99 -26.64
C LYS S 101 -57.53 11.40 -26.53
N ALA S 102 -56.32 11.56 -25.97
CA ALA S 102 -55.88 12.86 -25.53
C ALA S 102 -54.91 13.51 -26.52
N THR S 103 -55.25 14.76 -26.89
CA THR S 103 -54.37 15.71 -27.56
C THR S 103 -53.79 16.61 -26.48
N ILE S 104 -52.46 16.70 -26.41
CA ILE S 104 -51.82 17.56 -25.42
C ILE S 104 -51.62 18.95 -26.02
N ALA S 105 -52.35 19.97 -25.59
CA ALA S 105 -52.27 21.23 -26.31
C ALA S 105 -50.85 21.82 -26.21
N GLY S 106 -50.31 22.32 -27.35
CA GLY S 106 -48.94 22.81 -27.43
C GLY S 106 -47.87 21.75 -27.16
N GLY S 107 -48.26 20.47 -27.22
CA GLY S 107 -47.40 19.35 -26.88
C GLY S 107 -46.50 18.91 -28.04
N GLY S 108 -46.74 19.39 -29.28
CA GLY S 108 -45.92 19.02 -30.43
C GLY S 108 -46.21 17.64 -31.02
N VAL S 109 -45.17 16.89 -31.46
CA VAL S 109 -45.29 15.54 -32.00
C VAL S 109 -43.98 14.77 -31.78
N LEU S 110 -44.06 13.42 -31.66
CA LEU S 110 -42.88 12.60 -31.50
C LEU S 110 -42.13 12.49 -32.83
N PRO S 111 -40.84 12.87 -32.93
CA PRO S 111 -40.19 13.02 -34.24
C PRO S 111 -39.82 11.69 -34.89
N HIS S 112 -40.04 11.60 -36.22
CA HIS S 112 -39.87 10.39 -36.99
C HIS S 112 -39.90 10.70 -38.49
N ILE S 113 -38.86 10.26 -39.23
CA ILE S 113 -38.84 10.20 -40.68
C ILE S 113 -39.01 8.72 -41.06
N HIS S 114 -39.86 8.42 -42.07
CA HIS S 114 -40.08 7.04 -42.46
C HIS S 114 -38.83 6.48 -43.15
N LYS S 115 -38.43 5.25 -42.77
CA LYS S 115 -37.14 4.64 -43.11
C LYS S 115 -36.95 4.46 -44.62
N SER S 116 -38.05 4.49 -45.40
CA SER S 116 -38.02 4.36 -46.85
C SER S 116 -37.83 5.68 -47.60
N LEU S 117 -37.99 6.84 -46.93
CA LEU S 117 -37.91 8.15 -47.56
C LEU S 117 -36.49 8.75 -47.51
N ILE S 118 -35.63 8.25 -46.61
CA ILE S 118 -34.22 8.59 -46.56
C ILE S 118 -33.50 7.85 -47.70
N GLY S 119 -32.57 8.54 -48.38
CA GLY S 119 -31.90 8.01 -49.56
C GLY S 119 -30.73 7.07 -49.24
N LYS S 120 -30.10 6.56 -50.31
CA LYS S 120 -28.95 5.65 -50.30
C LYS S 120 -29.25 4.35 -49.53
N SER T 32 -65.94 34.10 -6.00
CA SER T 32 -66.14 32.78 -5.32
C SER T 32 -65.04 31.80 -5.70
N ARG T 33 -64.83 30.77 -4.87
CA ARG T 33 -63.73 29.81 -5.03
C ARG T 33 -63.99 28.90 -6.24
N LYS T 34 -62.91 28.43 -6.89
CA LYS T 34 -62.98 27.69 -8.15
C LYS T 34 -62.53 26.24 -8.01
N GLU T 35 -61.61 25.92 -7.06
CA GLU T 35 -61.18 24.57 -6.71
C GLU T 35 -60.47 23.80 -7.85
N SER T 36 -59.28 23.21 -7.54
CA SER T 36 -58.53 22.40 -8.50
C SER T 36 -57.61 21.38 -7.82
N TYR T 37 -57.13 20.38 -8.57
CA TYR T 37 -56.18 19.42 -8.03
C TYR T 37 -54.74 19.92 -8.07
N SER T 38 -54.51 21.20 -8.42
CA SER T 38 -53.22 21.73 -8.77
C SER T 38 -52.22 21.52 -7.67
N ILE T 39 -52.61 21.52 -6.38
CA ILE T 39 -51.62 21.38 -5.32
C ILE T 39 -51.18 19.93 -5.10
N TYR T 40 -52.04 18.96 -5.32
CA TYR T 40 -51.65 17.58 -5.07
C TYR T 40 -50.70 17.08 -6.16
N VAL T 41 -50.83 17.52 -7.41
CA VAL T 41 -49.89 17.14 -8.44
C VAL T 41 -48.53 17.75 -8.13
N TYR T 42 -48.49 18.97 -7.60
CA TYR T 42 -47.24 19.60 -7.23
C TYR T 42 -46.62 18.87 -6.05
N LYS T 43 -47.43 18.53 -5.06
CA LYS T 43 -46.97 17.78 -3.91
C LYS T 43 -46.38 16.45 -4.34
N VAL T 44 -46.98 15.76 -5.32
CA VAL T 44 -46.48 14.50 -5.82
C VAL T 44 -45.25 14.69 -6.67
N LEU T 45 -45.10 15.81 -7.37
CA LEU T 45 -43.87 16.06 -8.10
C LEU T 45 -42.68 16.12 -7.17
N LYS T 46 -42.79 16.86 -6.05
CA LYS T 46 -41.73 16.91 -5.04
C LYS T 46 -41.48 15.58 -4.31
N GLN T 47 -42.32 14.56 -4.54
CA GLN T 47 -42.13 13.23 -4.00
C GLN T 47 -41.10 12.48 -4.84
N VAL T 48 -41.08 12.75 -6.18
CA VAL T 48 -40.34 11.91 -7.12
C VAL T 48 -39.15 12.63 -7.78
N HIS T 49 -39.22 13.97 -7.93
CA HIS T 49 -38.13 14.73 -8.52
C HIS T 49 -37.84 15.99 -7.69
N PRO T 50 -37.20 15.90 -6.52
CA PRO T 50 -37.16 17.02 -5.57
C PRO T 50 -36.59 18.35 -6.04
N ASP T 51 -35.89 18.36 -7.16
CA ASP T 51 -35.31 19.56 -7.76
C ASP T 51 -36.23 20.27 -8.77
N THR T 52 -37.22 19.53 -9.31
CA THR T 52 -37.90 19.84 -10.56
C THR T 52 -39.22 20.58 -10.35
N GLY T 53 -39.79 21.12 -11.43
CA GLY T 53 -40.99 21.93 -11.37
C GLY T 53 -41.86 21.79 -12.62
N ILE T 54 -42.94 22.60 -12.67
CA ILE T 54 -43.90 22.56 -13.77
C ILE T 54 -44.16 23.96 -14.25
N SER T 55 -44.21 24.17 -15.58
CA SER T 55 -44.75 25.45 -16.06
C SER T 55 -46.28 25.52 -15.94
N SER T 56 -46.85 26.71 -15.78
CA SER T 56 -48.27 26.85 -15.58
C SER T 56 -49.06 26.18 -16.70
N LYS T 57 -48.70 26.36 -17.99
CA LYS T 57 -49.37 25.71 -19.11
C LYS T 57 -49.31 24.19 -19.04
N ALA T 58 -48.24 23.66 -18.46
CA ALA T 58 -48.08 22.23 -18.26
C ALA T 58 -48.71 21.74 -16.96
N MET T 59 -49.28 22.65 -16.17
CA MET T 59 -50.09 22.26 -15.03
C MET T 59 -51.51 21.91 -15.49
N GLY T 60 -52.05 22.71 -16.40
CA GLY T 60 -53.38 22.50 -16.93
C GLY T 60 -53.57 21.11 -17.52
N ILE T 61 -52.51 20.54 -18.09
CA ILE T 61 -52.52 19.17 -18.57
C ILE T 61 -52.81 18.21 -17.41
N MET T 62 -52.03 18.27 -16.32
CA MET T 62 -52.25 17.35 -15.23
C MET T 62 -53.64 17.58 -14.59
N ASN T 63 -54.03 18.84 -14.44
CA ASN T 63 -55.30 19.22 -13.86
C ASN T 63 -56.48 18.79 -14.73
N SER T 64 -56.26 18.44 -16.00
CA SER T 64 -57.27 17.82 -16.88
C SER T 64 -57.22 16.30 -16.83
N PHE T 65 -56.03 15.75 -17.02
CA PHE T 65 -55.79 14.33 -17.01
C PHE T 65 -56.32 13.70 -15.72
N VAL T 66 -56.04 14.32 -14.57
CA VAL T 66 -56.33 13.66 -13.31
C VAL T 66 -57.83 13.58 -13.07
N ASN T 67 -58.62 14.48 -13.66
CA ASN T 67 -60.06 14.45 -13.50
C ASN T 67 -60.75 13.66 -14.62
N ASP T 68 -60.10 13.50 -15.80
CA ASP T 68 -60.56 12.55 -16.79
C ASP T 68 -60.56 11.12 -16.20
N ILE T 69 -59.44 10.70 -15.62
CA ILE T 69 -59.40 9.37 -15.01
C ILE T 69 -60.36 9.25 -13.81
N PHE T 70 -60.68 10.36 -13.14
CA PHE T 70 -61.71 10.36 -12.11
C PHE T 70 -63.04 9.94 -12.75
N GLU T 71 -63.44 10.65 -13.80
CA GLU T 71 -64.72 10.41 -14.43
C GLU T 71 -64.84 8.99 -14.97
N ARG T 72 -63.80 8.47 -15.62
CA ARG T 72 -63.88 7.14 -16.20
C ARG T 72 -64.10 6.10 -15.13
N ILE T 73 -63.45 6.23 -13.96
CA ILE T 73 -63.65 5.30 -12.85
C ILE T 73 -65.04 5.45 -12.23
N ALA T 74 -65.50 6.68 -12.02
CA ALA T 74 -66.84 6.90 -11.50
C ALA T 74 -67.92 6.34 -12.40
N GLY T 75 -67.84 6.60 -13.70
CA GLY T 75 -68.79 6.11 -14.68
C GLY T 75 -68.84 4.59 -14.76
N GLU T 76 -67.69 3.90 -14.76
CA GLU T 76 -67.66 2.45 -14.87
C GLU T 76 -68.11 1.81 -13.56
N ALA T 77 -67.70 2.36 -12.43
CA ALA T 77 -68.15 1.83 -11.14
C ALA T 77 -69.65 1.99 -10.93
N SER T 78 -70.21 3.08 -11.44
CA SER T 78 -71.65 3.31 -11.42
C SER T 78 -72.38 2.23 -12.22
N ARG T 79 -71.96 1.94 -13.46
CA ARG T 79 -72.58 0.92 -14.27
C ARG T 79 -72.42 -0.45 -13.60
N LEU T 80 -71.30 -0.74 -12.99
CA LEU T 80 -71.11 -2.04 -12.36
C LEU T 80 -72.12 -2.26 -11.25
N ALA T 81 -72.41 -1.24 -10.45
CA ALA T 81 -73.39 -1.37 -9.39
C ALA T 81 -74.77 -1.63 -9.99
N HIS T 82 -75.10 -0.93 -11.08
CA HIS T 82 -76.39 -1.05 -11.73
C HIS T 82 -76.62 -2.43 -12.33
N TYR T 83 -75.63 -2.98 -13.07
CA TYR T 83 -75.74 -4.30 -13.67
C TYR T 83 -76.02 -5.38 -12.61
N ASN T 84 -75.45 -5.23 -11.42
CA ASN T 84 -75.63 -6.19 -10.34
C ASN T 84 -76.75 -5.81 -9.36
N LYS T 85 -77.52 -4.76 -9.70
CA LYS T 85 -78.61 -4.21 -8.90
C LYS T 85 -78.25 -4.05 -7.42
N ARG T 86 -77.09 -3.43 -7.17
CA ARG T 86 -76.72 -2.84 -5.89
C ARG T 86 -77.04 -1.35 -5.88
N SER T 87 -77.00 -0.76 -4.68
CA SER T 87 -77.20 0.67 -4.50
C SER T 87 -75.88 1.34 -4.12
N THR T 88 -75.11 0.71 -3.24
CA THR T 88 -73.83 1.27 -2.80
C THR T 88 -72.75 1.04 -3.84
N ILE T 89 -71.56 1.60 -3.55
CA ILE T 89 -70.35 1.37 -4.33
C ILE T 89 -69.16 1.22 -3.40
N THR T 90 -69.00 0.00 -2.87
CA THR T 90 -67.91 -0.38 -2.00
C THR T 90 -66.59 -0.43 -2.77
N SER T 91 -65.51 -0.75 -2.04
CA SER T 91 -64.19 -0.86 -2.62
C SER T 91 -64.24 -1.77 -3.85
N ARG T 92 -64.88 -2.96 -3.78
CA ARG T 92 -64.84 -3.92 -4.88
C ARG T 92 -65.53 -3.37 -6.14
N GLU T 93 -66.52 -2.49 -5.97
CA GLU T 93 -67.18 -1.87 -7.11
C GLU T 93 -66.23 -0.92 -7.84
N ILE T 94 -65.10 -0.55 -7.23
CA ILE T 94 -64.09 0.29 -7.87
C ILE T 94 -62.91 -0.58 -8.29
N GLN T 95 -62.48 -1.53 -7.48
CA GLN T 95 -61.33 -2.32 -7.87
C GLN T 95 -61.61 -3.03 -9.18
N THR T 96 -62.88 -3.39 -9.43
CA THR T 96 -63.26 -3.96 -10.72
C THR T 96 -63.18 -2.88 -11.78
N ALA T 97 -63.74 -1.70 -11.54
CA ALA T 97 -63.66 -0.63 -12.53
C ALA T 97 -62.23 -0.23 -12.93
N VAL T 98 -61.27 -0.29 -12.02
CA VAL T 98 -59.84 -0.14 -12.34
C VAL T 98 -59.31 -1.34 -13.12
N ARG T 99 -59.70 -2.56 -12.77
CA ARG T 99 -59.18 -3.73 -13.45
C ARG T 99 -59.76 -3.94 -14.86
N LEU T 100 -60.92 -3.36 -15.19
CA LEU T 100 -61.35 -3.19 -16.58
C LEU T 100 -60.49 -2.11 -17.26
N LEU T 101 -60.49 -0.91 -16.68
CA LEU T 101 -60.20 0.32 -17.42
C LEU T 101 -58.71 0.51 -17.72
N LEU T 102 -57.80 -0.02 -16.89
CA LEU T 102 -56.36 0.13 -17.08
C LEU T 102 -55.76 -0.99 -17.92
N PRO T 103 -54.75 -0.68 -18.76
CA PRO T 103 -54.39 -1.53 -19.87
C PRO T 103 -53.55 -2.76 -19.61
N GLY T 104 -52.74 -2.80 -18.56
CA GLY T 104 -51.74 -3.85 -18.57
C GLY T 104 -51.05 -4.05 -17.23
N GLU T 105 -49.73 -3.83 -17.14
CA GLU T 105 -49.07 -3.81 -15.84
C GLU T 105 -49.69 -2.76 -14.93
N LEU T 106 -50.14 -1.63 -15.48
CA LEU T 106 -50.82 -0.59 -14.71
C LEU T 106 -52.04 -1.09 -13.93
N ALA T 107 -52.75 -2.10 -14.43
CA ALA T 107 -53.85 -2.69 -13.68
C ALA T 107 -53.32 -3.40 -12.43
N LYS T 108 -52.37 -4.33 -12.54
CA LYS T 108 -51.91 -5.11 -11.41
C LYS T 108 -51.09 -4.25 -10.45
N HIS T 109 -50.47 -3.16 -10.92
CA HIS T 109 -49.85 -2.20 -10.01
C HIS T 109 -50.89 -1.38 -9.26
N ALA T 110 -51.83 -0.71 -9.96
CA ALA T 110 -52.81 0.12 -9.30
C ALA T 110 -53.66 -0.66 -8.31
N VAL T 111 -54.05 -1.89 -8.61
CA VAL T 111 -54.72 -2.77 -7.67
C VAL T 111 -53.85 -3.11 -6.45
N SER T 112 -52.56 -3.29 -6.63
CA SER T 112 -51.65 -3.57 -5.54
C SER T 112 -51.39 -2.32 -4.71
N GLU T 113 -51.58 -1.13 -5.30
CA GLU T 113 -51.36 0.16 -4.63
C GLU T 113 -52.58 0.57 -3.79
N GLY T 114 -53.76 0.51 -4.38
CA GLY T 114 -54.98 0.80 -3.67
C GLY T 114 -55.26 -0.14 -2.50
N THR T 115 -54.90 -1.42 -2.60
CA THR T 115 -55.07 -2.35 -1.47
C THR T 115 -54.07 -2.08 -0.35
N LYS T 116 -53.04 -1.23 -0.54
CA LYS T 116 -52.26 -0.72 0.57
C LYS T 116 -53.13 0.27 1.31
N ALA T 117 -53.67 1.26 0.59
CA ALA T 117 -54.33 2.40 1.18
C ALA T 117 -55.52 2.01 2.08
N VAL T 118 -56.45 1.23 1.58
CA VAL T 118 -57.55 0.83 2.43
C VAL T 118 -57.07 -0.08 3.58
N THR T 119 -56.05 -0.91 3.38
CA THR T 119 -55.57 -1.77 4.46
C THR T 119 -54.95 -0.92 5.58
N LYS T 120 -54.28 0.17 5.26
CA LYS T 120 -53.78 1.09 6.28
C LYS T 120 -54.93 1.86 6.90
N TYR T 121 -55.86 2.39 6.10
CA TYR T 121 -56.96 3.16 6.62
C TYR T 121 -57.76 2.39 7.66
N THR T 122 -58.05 1.11 7.43
CA THR T 122 -58.84 0.29 8.35
C THR T 122 -57.98 -0.22 9.51
N SER T 123 -56.97 0.58 9.92
CA SER T 123 -56.25 0.37 11.18
C SER T 123 -56.10 1.72 11.94
PB ADP U . 61.21 4.50 26.95
O1B ADP U . 60.13 5.25 26.19
O2B ADP U . 62.52 4.62 26.34
O3B ADP U . 60.87 3.01 27.07
PA ADP U . 60.48 6.05 29.19
O1A ADP U . 59.22 5.35 29.60
O2A ADP U . 60.24 7.38 28.57
O3A ADP U . 61.46 5.13 28.38
O5' ADP U . 61.40 6.24 30.49
C5' ADP U . 61.56 5.19 31.50
C4' ADP U . 61.33 5.77 32.89
O4' ADP U . 62.46 6.56 33.32
C3' ADP U . 60.11 6.71 33.03
O3' ADP U . 59.59 6.63 34.36
C2' ADP U . 60.73 8.09 32.69
O2' ADP U . 59.95 9.12 33.24
C1' ADP U . 62.15 7.94 33.30
N9 ADP U . 63.20 8.63 32.55
C8 ADP U . 63.74 8.22 31.35
N7 ADP U . 64.62 9.06 30.85
C5 ADP U . 64.66 10.07 31.79
C6 ADP U . 65.46 11.22 31.86
N6 ADP U . 66.34 11.50 30.93
N1 ADP U . 65.36 12.02 32.92
C2 ADP U . 64.45 11.71 33.82
N3 ADP U . 63.68 10.63 33.88
C4 ADP U . 63.83 9.81 32.83
PB ADP V . 60.77 9.20 -5.54
O1B ADP V . 59.24 9.33 -5.58
O2B ADP V . 61.34 8.88 -6.88
O3B ADP V . 61.18 8.16 -4.52
PA ADP V . 60.77 11.95 -4.81
O1A ADP V . 59.68 12.41 -5.73
O2A ADP V . 60.30 11.86 -3.38
O3A ADP V . 61.49 10.61 -5.24
O5' ADP V . 62.03 12.91 -4.90
C5' ADP V . 62.80 13.13 -3.72
C4' ADP V . 62.90 14.62 -3.42
O4' ADP V . 63.71 15.30 -4.42
C3' ADP V . 61.59 15.42 -3.41
O3' ADP V . 61.67 16.46 -2.44
C2' ADP V . 61.49 15.97 -4.83
O2' ADP V . 60.78 17.20 -4.84
C1' ADP V . 62.94 16.17 -5.22
N9 ADP V . 63.28 15.91 -6.61
C8 ADP V . 63.59 14.70 -7.18
N7 ADP V . 63.92 14.77 -8.45
C5 ADP V . 63.78 16.11 -8.73
C6 ADP V . 64.02 16.83 -9.91
N6 ADP V . 64.38 16.25 -11.03
N1 ADP V . 63.80 18.15 -9.96
C2 ADP V . 63.35 18.68 -8.83
N3 ADP V . 63.16 18.13 -7.63
C4 ADP V . 63.39 16.83 -7.62
PG ATP W . 28.39 -38.75 18.92
O1G ATP W . 26.97 -38.52 19.36
O2G ATP W . 28.48 -39.40 17.55
O3G ATP W . 29.24 -37.55 19.03
PB ATP W . 29.11 -41.34 19.89
O1B ATP W . 29.98 -41.73 18.71
O2B ATP W . 29.54 -41.78 21.25
O3B ATP W . 29.06 -39.75 19.96
PA ATP W . 26.88 -42.77 20.42
O1A ATP W . 26.30 -42.33 21.69
O2A ATP W . 28.01 -43.76 20.51
O3A ATP W . 27.53 -41.54 19.67
O5' ATP W . 25.72 -43.27 19.40
C5' ATP W . 25.59 -44.73 19.46
C4' ATP W . 24.37 -45.30 18.77
O4' ATP W . 24.12 -46.61 19.33
C3' ATP W . 23.02 -44.63 19.02
O3' ATP W . 22.01 -45.15 18.14
C2' ATP W . 22.76 -45.06 20.47
O2' ATP W . 21.43 -44.84 20.88
C1' ATP W . 23.20 -46.51 20.41
N9 ATP W . 23.86 -46.95 21.65
C8 ATP W . 25.20 -46.74 22.06
N7 ATP W . 25.51 -47.34 23.19
C5 ATP W . 24.30 -47.96 23.54
C6 ATP W . 24.00 -48.76 24.64
N6 ATP W . 24.85 -49.01 25.60
N1 ATP W . 22.75 -49.24 24.76
C2 ATP W . 21.90 -48.94 23.78
N3 ATP W . 22.08 -48.21 22.67
C4 ATP W . 23.31 -47.72 22.62
PB ADP X . 43.17 -10.99 -24.92
O1B ADP X . 42.11 -10.44 -23.98
O2B ADP X . 44.47 -11.05 -24.14
O3B ADP X . 42.86 -12.33 -25.46
PA ADP X . 42.53 -8.85 -26.56
O1A ADP X . 41.14 -9.21 -26.87
O2A ADP X . 42.69 -7.70 -25.62
O3A ADP X . 43.43 -10.09 -26.18
O5' ADP X . 43.26 -8.47 -27.93
C5' ADP X . 44.46 -7.69 -27.94
C4' ADP X . 44.24 -6.40 -28.70
O4' ADP X . 44.28 -6.67 -30.11
C3' ADP X . 42.93 -5.64 -28.51
O3' ADP X . 43.09 -4.25 -28.83
C2' ADP X . 42.02 -6.33 -29.52
O2' ADP X . 40.91 -5.55 -29.89
C1' ADP X . 42.98 -6.56 -30.68
N9 ADP X . 42.75 -7.79 -31.43
C8 ADP X . 42.99 -9.09 -31.00
N7 ADP X . 42.73 -10.00 -31.90
C5 ADP X . 42.31 -9.24 -32.99
C6 ADP X . 41.90 -9.64 -34.25
N6 ADP X . 41.88 -10.89 -34.60
N1 ADP X . 41.52 -8.71 -35.12
C2 ADP X . 41.54 -7.45 -34.71
N3 ADP X . 41.92 -6.94 -33.55
C4 ADP X . 42.33 -7.89 -32.73
PB ADP Y . 28.03 -35.66 -11.44
O1B ADP Y . 27.72 -36.48 -10.24
O2B ADP Y . 29.20 -36.25 -12.19
O3B ADP Y . 28.27 -34.21 -11.11
PA ADP Y . 26.13 -36.88 -13.17
O1A ADP Y . 27.02 -38.07 -13.01
O2A ADP Y . 24.76 -37.15 -12.67
O3A ADP Y . 26.74 -35.61 -12.43
O5' ADP Y . 26.14 -36.35 -14.66
C5' ADP Y . 24.96 -35.83 -15.17
C4' ADP Y . 25.05 -35.82 -16.71
O4' ADP Y . 25.19 -37.17 -17.24
C3' ADP Y . 23.82 -35.30 -17.49
O3' ADP Y . 24.08 -34.90 -18.83
C2' ADP Y . 22.93 -36.54 -17.48
O2' ADP Y . 21.94 -36.50 -18.47
C1' ADP Y . 23.96 -37.58 -17.83
N9 ADP Y . 23.60 -38.91 -17.34
C8 ADP Y . 24.38 -39.74 -16.56
N7 ADP Y . 23.82 -40.89 -16.32
C5 ADP Y . 22.60 -40.81 -16.95
C6 ADP Y . 21.58 -41.75 -17.08
N6 ADP Y . 21.61 -42.91 -16.47
N1 ADP Y . 20.47 -41.39 -17.73
C2 ADP Y . 20.45 -40.17 -18.27
N3 ADP Y . 21.35 -39.20 -18.22
C4 ADP Y . 22.43 -39.59 -17.56
PB ADP Z . 45.93 -21.73 39.65
O1B ADP Z . 45.20 -20.64 38.86
O2B ADP Z . 46.49 -22.71 38.65
O3B ADP Z . 47.06 -21.26 40.54
PA ADP Z . 43.83 -21.83 41.57
O1A ADP Z . 42.51 -21.74 40.88
O2A ADP Z . 44.33 -20.56 42.13
O3A ADP Z . 44.92 -22.46 40.63
O5' ADP Z . 43.77 -22.93 42.73
C5' ADP Z . 43.27 -24.23 42.44
C4' ADP Z . 42.33 -24.74 43.54
O4' ADP Z . 42.99 -24.84 44.84
C3' ADP Z . 41.10 -23.88 43.83
O3' ADP Z . 40.00 -24.67 44.26
C2' ADP Z . 41.60 -22.95 44.93
O2' ADP Z . 40.53 -22.44 45.68
C1' ADP Z . 42.50 -23.89 45.74
N9 ADP Z . 43.65 -23.22 46.36
C8 ADP Z . 44.90 -22.99 45.81
N7 ADP Z . 45.74 -22.43 46.63
C5 ADP Z . 45.01 -22.29 47.80
C6 ADP Z . 45.34 -21.72 49.02
N6 ADP Z . 46.54 -21.25 49.29
N1 ADP Z . 44.41 -21.67 49.99
C2 ADP Z . 43.21 -22.12 49.68
N3 ADP Z . 42.77 -22.67 48.55
C4 ADP Z . 43.73 -22.72 47.63
PB ADP AA . 3.41 45.06 -56.46
O1B ADP AA . 2.41 44.08 -57.10
O2B ADP AA . 4.50 45.48 -57.39
O3B ADP AA . 4.00 44.54 -55.19
PA ADP AA . 1.39 46.49 -55.15
O1A ADP AA . 0.46 47.48 -55.77
O2A ADP AA . 0.83 45.13 -54.82
O3A ADP AA . 2.65 46.41 -56.13
O5' ADP AA . 2.11 47.11 -53.86
C5' ADP AA . 2.75 48.39 -53.99
C4' ADP AA . 3.35 48.80 -52.67
O4' ADP AA . 4.22 49.92 -52.92
C3' ADP AA . 2.39 49.30 -51.59
O3' ADP AA . 2.97 49.27 -50.29
C2' ADP AA . 2.17 50.75 -52.04
O2' ADP AA . 1.75 51.61 -50.98
C1' ADP AA . 3.56 51.12 -52.56
N9 ADP AA . 3.58 52.05 -53.71
C8 ADP AA . 3.97 51.83 -55.02
N7 ADP AA . 3.87 52.92 -55.77
C5 ADP AA . 3.43 53.90 -54.90
C6 ADP AA . 3.15 55.26 -55.07
N6 ADP AA . 3.27 55.87 -56.23
N1 ADP AA . 2.73 55.97 -54.00
C2 ADP AA . 2.58 55.34 -52.84
N3 ADP AA . 2.83 54.06 -52.54
C4 ADP AA . 3.25 53.37 -53.63
ZN ZN BA . 6.63 22.85 62.49
PB ADP CA . -58.89 -23.44 28.47
O1B ADP CA . -60.25 -23.76 27.93
O2B ADP CA . -58.72 -23.53 30.04
O3B ADP CA . -58.38 -22.12 27.91
PA ADP CA . -57.72 -26.10 28.18
O1A ADP CA . -59.01 -26.82 28.22
O2A ADP CA . -56.97 -26.14 29.47
O3A ADP CA . -58.02 -24.59 27.70
O5' ADP CA . -56.75 -26.67 27.03
C5' ADP CA . -57.14 -26.68 25.63
C4' ADP CA . -55.98 -26.90 24.67
O4' ADP CA . -55.23 -28.10 25.02
C3' ADP CA . -56.37 -27.19 23.21
O3' ADP CA . -55.87 -26.24 22.31
C2' ADP CA . -55.72 -28.53 22.78
O2' ADP CA . -55.15 -28.52 21.51
C1' ADP CA . -54.70 -28.76 23.89
N9 ADP CA . -54.58 -30.16 24.29
C8 ADP CA . -55.44 -30.90 25.10
N7 ADP CA . -55.05 -32.13 25.36
C5 ADP CA . -53.83 -32.16 24.71
C6 ADP CA . -52.90 -33.21 24.62
N6 ADP CA . -53.09 -34.38 25.20
N1 ADP CA . -51.77 -32.97 23.91
C2 ADP CA . -51.64 -31.78 23.31
N3 ADP CA . -52.44 -30.71 23.32
C4 ADP CA . -53.53 -30.98 24.05
#